data_9KY7
#
_entry.id   9KY7
#
_cell.length_a   1.00
_cell.length_b   1.00
_cell.length_c   1.00
_cell.angle_alpha   90.00
_cell.angle_beta   90.00
_cell.angle_gamma   90.00
#
_symmetry.space_group_name_H-M   'P 1'
#
loop_
_entity.id
_entity.type
_entity.pdbx_description
1 polymer 'Outer mitochondrial transmembrane helix translocase'
2 polymer 'An unknown peptide substrate'
3 non-polymer "ADENOSINE-5'-TRIPHOSPHATE"
4 non-polymer 'MAGNESIUM ION'
#
loop_
_entity_poly.entity_id
_entity_poly.type
_entity_poly.pdbx_seq_one_letter_code
_entity_poly.pdbx_strand_id
1 'polypeptide(L)'
;DVESGPLSGKSRESKAKQSLQWEKLVKRSPALAEVTLDAYERTILSSIVTPDEINITFQDIGGLDPLISDLHESVIYPLM
MPEVYSNSPLLQAPSGVLLYGPPGCGKTMLAKALAKESGANFISIRMSSIMDKWYGESNKIVDAMFSLANKLQPCIIFID
QIDSFLRERSSTDHEVTATLKAEFMTLWDGLLNNGRVMIIGATNRINDIDDAFLRRLPKRFLVSLPGSDQRYKILSVLLK
DTKLDEDEFDLQLIADNTKGFSGSDLKELCREAALDAAKEYIKQKRQLIDSGTIDVNDTSSLKIRPLKTKDFTKKLRMDA
TSTLSSQPLD
;
A,B,C,D,E,F,G,H,I,J,K
2 'polypeptide(L)'
;(UNK)(UNK)(UNK)(UNK)(UNK)(UNK)(UNK)(UNK)(UNK)(UNK)(UNK)(UNK)(UNK)(UNK)(UNK)(UNK)
(UNK)(UNK)(UNK)(UNK)(UNK)(UNK)(UNK)(UNK)
;
L
#
loop_
_chem_comp.id
_chem_comp.type
_chem_comp.name
_chem_comp.formula
ATP non-polymer ADENOSINE-5'-TRIPHOSPHATE 'C10 H16 N5 O13 P3'
MG non-polymer 'MAGNESIUM ION' 'Mg 2'
#
# COMPACT_ATOMS: atom_id res chain seq x y z
N SER A 11 -16.35 15.94 -16.63
CA SER A 11 -17.68 16.43 -16.28
C SER A 11 -18.76 15.61 -16.97
N ARG A 12 -19.98 15.65 -16.41
CA ARG A 12 -21.09 14.92 -17.00
C ARG A 12 -21.47 15.49 -18.36
N GLU A 13 -21.44 16.81 -18.50
CA GLU A 13 -21.78 17.45 -19.77
C GLU A 13 -20.78 17.09 -20.86
N SER A 14 -19.49 17.01 -20.51
CA SER A 14 -18.47 16.64 -21.48
C SER A 14 -18.68 15.22 -21.98
N LYS A 15 -18.97 14.28 -21.07
CA LYS A 15 -19.22 12.91 -21.47
C LYS A 15 -20.50 12.79 -22.28
N ALA A 16 -21.52 13.59 -21.95
CA ALA A 16 -22.74 13.62 -22.74
C ALA A 16 -22.47 14.13 -24.15
N LYS A 17 -21.62 15.16 -24.28
CA LYS A 17 -21.26 15.66 -25.60
C LYS A 17 -20.47 14.62 -26.39
N GLN A 18 -19.57 13.89 -25.72
CA GLN A 18 -18.83 12.83 -26.39
C GLN A 18 -19.76 11.73 -26.89
N SER A 19 -20.73 11.34 -26.06
CA SER A 19 -21.71 10.33 -26.48
C SER A 19 -22.57 10.86 -27.62
N LEU A 20 -22.91 12.14 -27.59
CA LEU A 20 -23.67 12.77 -28.68
C LEU A 20 -22.91 12.66 -30.00
N GLN A 21 -21.65 13.08 -29.99
CA GLN A 21 -20.84 13.06 -31.22
C GLN A 21 -20.61 11.63 -31.69
N TRP A 22 -20.34 10.71 -30.77
CA TRP A 22 -20.13 9.32 -31.16
C TRP A 22 -21.39 8.72 -31.77
N GLU A 23 -22.55 9.02 -31.18
CA GLU A 23 -23.81 8.52 -31.72
C GLU A 23 -24.00 9.04 -33.13
N LYS A 24 -23.78 10.35 -33.32
CA LYS A 24 -23.97 10.93 -34.65
C LYS A 24 -23.02 10.31 -35.68
N LEU A 25 -21.76 10.06 -35.29
CA LEU A 25 -20.81 9.49 -36.23
C LEU A 25 -21.12 8.05 -36.57
N VAL A 26 -21.54 7.23 -35.59
CA VAL A 26 -21.94 5.87 -35.94
C VAL A 26 -23.25 5.86 -36.72
N LYS A 27 -24.12 6.87 -36.52
CA LYS A 27 -25.29 7.01 -37.37
C LYS A 27 -24.90 7.29 -38.81
N ARG A 28 -23.90 8.16 -39.01
CA ARG A 28 -23.42 8.42 -40.36
C ARG A 28 -22.62 7.23 -40.90
N SER A 29 -21.72 6.69 -40.10
CA SER A 29 -20.83 5.59 -40.52
C SER A 29 -21.13 4.35 -39.68
N PRO A 30 -21.86 3.39 -40.22
CA PRO A 30 -22.20 2.19 -39.43
C PRO A 30 -20.99 1.33 -39.07
N ALA A 31 -19.88 1.47 -39.78
CA ALA A 31 -18.70 0.65 -39.52
C ALA A 31 -17.90 1.13 -38.30
N LEU A 32 -18.27 2.25 -37.70
CA LEU A 32 -17.52 2.81 -36.59
C LEU A 32 -17.87 2.18 -35.24
N ALA A 33 -18.83 1.26 -35.21
CA ALA A 33 -19.21 0.63 -33.95
C ALA A 33 -18.07 -0.22 -33.38
N GLU A 34 -17.33 -0.92 -34.25
CA GLU A 34 -16.23 -1.75 -33.79
C GLU A 34 -15.02 -0.93 -33.34
N VAL A 35 -14.95 0.34 -33.74
CA VAL A 35 -13.79 1.17 -33.41
C VAL A 35 -13.84 1.55 -31.94
N THR A 36 -12.74 1.31 -31.23
CA THR A 36 -12.60 1.66 -29.83
C THR A 36 -11.85 2.97 -29.69
N LEU A 37 -12.14 3.69 -28.61
CA LEU A 37 -11.61 5.03 -28.38
C LEU A 37 -10.87 5.08 -27.05
N ASP A 38 -9.75 5.80 -27.03
CA ASP A 38 -9.03 6.11 -25.81
C ASP A 38 -9.73 7.26 -25.09
N ALA A 39 -9.38 7.45 -23.82
CA ALA A 39 -9.96 8.55 -23.05
C ALA A 39 -9.61 9.90 -23.64
N TYR A 40 -8.33 10.08 -24.02
CA TYR A 40 -7.93 11.29 -24.72
C TYR A 40 -8.60 11.37 -26.10
N GLU A 41 -8.81 10.22 -26.74
CA GLU A 41 -9.52 10.18 -28.02
C GLU A 41 -10.96 10.65 -27.85
N ARG A 42 -11.62 10.26 -26.74
CA ARG A 42 -12.96 10.76 -26.49
C ARG A 42 -12.95 12.24 -26.14
N THR A 43 -11.90 12.71 -25.46
CA THR A 43 -11.77 14.14 -25.20
C THR A 43 -11.66 14.93 -26.50
N ILE A 44 -10.92 14.37 -27.47
CA ILE A 44 -10.86 14.99 -28.80
C ILE A 44 -12.22 14.90 -29.49
N LEU A 45 -12.90 13.75 -29.36
CA LEU A 45 -14.20 13.55 -29.99
C LEU A 45 -15.24 14.52 -29.47
N SER A 46 -15.05 15.02 -28.26
CA SER A 46 -15.93 16.07 -27.73
C SER A 46 -15.91 17.33 -28.57
N SER A 47 -14.82 17.58 -29.30
CA SER A 47 -14.69 18.75 -30.16
C SER A 47 -15.12 18.51 -31.59
N ILE A 48 -15.62 17.32 -31.91
CA ILE A 48 -16.01 16.98 -33.28
C ILE A 48 -17.36 17.61 -33.58
N VAL A 49 -17.46 18.33 -34.69
CA VAL A 49 -18.71 18.92 -35.13
C VAL A 49 -19.29 18.03 -36.23
N THR A 50 -20.57 18.22 -36.50
CA THR A 50 -21.32 17.42 -37.46
C THR A 50 -22.02 18.32 -38.47
N PRO A 51 -22.35 17.79 -39.65
CA PRO A 51 -23.09 18.61 -40.63
C PRO A 51 -24.49 19.01 -40.17
N ASP A 52 -25.05 18.35 -39.15
CA ASP A 52 -26.40 18.69 -38.70
C ASP A 52 -26.45 20.06 -38.06
N GLU A 53 -25.46 20.41 -37.23
CA GLU A 53 -25.48 21.68 -36.54
C GLU A 53 -25.05 22.85 -37.42
N ILE A 54 -24.47 22.57 -38.59
CA ILE A 54 -24.06 23.62 -39.52
C ILE A 54 -25.16 23.81 -40.54
N ASN A 55 -25.58 25.07 -40.73
CA ASN A 55 -26.68 25.40 -41.63
C ASN A 55 -26.23 26.15 -42.87
N ILE A 56 -24.95 26.10 -43.22
CA ILE A 56 -24.41 26.80 -44.37
C ILE A 56 -24.00 25.78 -45.42
N THR A 57 -24.56 25.93 -46.63
CA THR A 57 -24.33 25.03 -47.74
C THR A 57 -23.26 25.62 -48.66
N PHE A 58 -22.65 24.76 -49.49
CA PHE A 58 -21.76 25.24 -50.53
C PHE A 58 -22.48 26.13 -51.52
N GLN A 59 -23.79 25.90 -51.73
CA GLN A 59 -24.59 26.80 -52.55
C GLN A 59 -24.72 28.18 -51.91
N ASP A 60 -24.70 28.24 -50.57
CA ASP A 60 -24.73 29.50 -49.86
C ASP A 60 -23.44 30.30 -49.99
N ILE A 61 -22.36 29.68 -50.46
CA ILE A 61 -21.08 30.36 -50.67
C ILE A 61 -21.14 31.00 -52.05
N GLY A 62 -21.65 32.23 -52.10
CA GLY A 62 -21.76 32.98 -53.34
C GLY A 62 -20.49 33.76 -53.63
N GLY A 63 -20.23 33.98 -54.91
CA GLY A 63 -19.07 34.73 -55.35
C GLY A 63 -17.77 33.96 -55.36
N LEU A 64 -17.78 32.67 -55.01
CA LEU A 64 -16.59 31.85 -54.99
C LEU A 64 -16.74 30.59 -55.85
N ASP A 65 -17.61 30.64 -56.86
CA ASP A 65 -17.85 29.47 -57.73
C ASP A 65 -16.54 28.84 -58.26
N PRO A 66 -15.65 29.62 -58.95
CA PRO A 66 -14.40 28.95 -59.35
C PRO A 66 -13.61 28.42 -58.16
N LEU A 67 -13.60 29.16 -57.05
CA LEU A 67 -12.94 28.67 -55.84
C LEU A 67 -13.65 27.45 -55.29
N ILE A 68 -14.99 27.43 -55.34
CA ILE A 68 -15.74 26.26 -54.90
C ILE A 68 -15.43 25.05 -55.78
N SER A 69 -15.36 25.26 -57.10
CA SER A 69 -15.07 24.16 -58.01
C SER A 69 -13.66 23.62 -57.79
N ASP A 70 -12.68 24.50 -57.62
CA ASP A 70 -11.31 24.06 -57.37
C ASP A 70 -11.18 23.34 -56.03
N LEU A 71 -11.87 23.86 -55.00
CA LEU A 71 -11.87 23.22 -53.69
C LEU A 71 -12.50 21.84 -53.77
N HIS A 72 -13.61 21.71 -54.50
CA HIS A 72 -14.21 20.40 -54.70
C HIS A 72 -13.25 19.45 -55.38
N GLU A 73 -12.67 19.89 -56.51
CA GLU A 73 -11.85 19.02 -57.35
C GLU A 73 -10.57 18.58 -56.62
N SER A 74 -10.04 19.42 -55.72
CA SER A 74 -8.80 19.10 -55.04
C SER A 74 -8.98 18.56 -53.63
N VAL A 75 -10.19 18.63 -53.06
CA VAL A 75 -10.37 18.22 -51.67
C VAL A 75 -11.45 17.15 -51.55
N ILE A 76 -12.62 17.41 -52.11
CA ILE A 76 -13.79 16.57 -51.84
C ILE A 76 -13.62 15.21 -52.49
N TYR A 77 -13.54 15.21 -53.82
CA TYR A 77 -13.44 13.95 -54.57
C TYR A 77 -12.19 13.11 -54.28
N PRO A 78 -10.96 13.67 -54.21
CA PRO A 78 -9.82 12.77 -53.90
C PRO A 78 -9.82 12.25 -52.47
N LEU A 79 -10.61 12.84 -51.58
CA LEU A 79 -10.74 12.31 -50.23
C LEU A 79 -11.97 11.42 -50.06
N MET A 80 -13.02 11.66 -50.83
CA MET A 80 -14.24 10.85 -50.72
C MET A 80 -14.30 9.72 -51.74
N MET A 81 -13.60 9.87 -52.86
CA MET A 81 -13.54 8.79 -53.86
C MET A 81 -12.09 8.35 -54.06
N PRO A 82 -11.56 7.47 -53.20
CA PRO A 82 -10.28 6.83 -53.50
C PRO A 82 -10.30 6.00 -54.78
N GLU A 83 -11.43 5.39 -55.12
CA GLU A 83 -11.46 4.47 -56.25
C GLU A 83 -11.33 5.20 -57.59
N VAL A 84 -11.80 6.44 -57.67
CA VAL A 84 -11.68 7.20 -58.91
C VAL A 84 -10.25 7.67 -59.12
N TYR A 85 -9.57 8.06 -58.04
CA TYR A 85 -8.21 8.59 -58.11
C TYR A 85 -7.15 7.55 -57.81
N SER A 86 -7.51 6.27 -57.73
CA SER A 86 -6.57 5.22 -57.36
C SER A 86 -5.57 4.90 -58.46
N ASN A 87 -5.74 5.44 -59.67
CA ASN A 87 -4.81 5.15 -60.76
C ASN A 87 -3.42 5.70 -60.47
N SER A 88 -3.35 6.92 -59.91
CA SER A 88 -2.07 7.55 -59.63
C SER A 88 -2.04 8.00 -58.17
N PRO A 89 -0.95 7.72 -57.45
CA PRO A 89 -0.80 8.25 -56.09
C PRO A 89 -0.81 9.77 -56.02
N LEU A 90 -0.39 10.44 -57.09
CA LEU A 90 -0.41 11.90 -57.14
C LEU A 90 -1.82 12.47 -57.21
N LEU A 91 -2.83 11.63 -57.47
CA LEU A 91 -4.20 12.09 -57.52
C LEU A 91 -4.88 12.12 -56.16
N GLN A 92 -4.16 11.77 -55.09
CA GLN A 92 -4.74 11.71 -53.76
C GLN A 92 -4.93 13.11 -53.17
N ALA A 93 -5.65 13.17 -52.06
CA ALA A 93 -5.90 14.42 -51.38
C ALA A 93 -4.62 14.95 -50.73
N PRO A 94 -4.49 16.27 -50.62
CA PRO A 94 -3.30 16.84 -49.99
C PRO A 94 -3.30 16.63 -48.48
N SER A 95 -2.10 16.76 -47.90
CA SER A 95 -1.97 16.62 -46.45
C SER A 95 -2.65 17.77 -45.72
N GLY A 96 -2.61 18.97 -46.29
CA GLY A 96 -3.23 20.12 -45.66
C GLY A 96 -3.72 21.10 -46.70
N VAL A 97 -4.72 21.89 -46.30
CA VAL A 97 -5.29 22.92 -47.16
C VAL A 97 -5.42 24.21 -46.34
N LEU A 98 -4.87 25.30 -46.88
CA LEU A 98 -4.89 26.59 -46.20
C LEU A 98 -5.81 27.55 -46.94
N LEU A 99 -6.73 28.15 -46.20
CA LEU A 99 -7.66 29.16 -46.73
C LEU A 99 -7.25 30.51 -46.13
N TYR A 100 -6.37 31.22 -46.84
CA TYR A 100 -5.84 32.49 -46.37
C TYR A 100 -6.36 33.63 -47.23
N GLY A 101 -6.47 34.81 -46.62
CA GLY A 101 -6.95 35.99 -47.28
C GLY A 101 -7.30 37.09 -46.30
N PRO A 102 -7.86 38.19 -46.81
CA PRO A 102 -8.26 39.29 -45.92
C PRO A 102 -9.44 38.88 -45.06
N PRO A 103 -9.60 39.47 -43.88
CA PRO A 103 -10.70 39.08 -43.00
C PRO A 103 -12.06 39.46 -43.57
N GLY A 104 -13.06 38.67 -43.19
CA GLY A 104 -14.42 38.88 -43.63
C GLY A 104 -14.75 38.34 -45.00
N CYS A 105 -13.81 37.66 -45.65
CA CYS A 105 -14.04 37.15 -47.00
C CYS A 105 -14.75 35.80 -47.01
N GLY A 106 -14.85 35.13 -45.88
CA GLY A 106 -15.61 33.90 -45.80
C GLY A 106 -14.80 32.63 -45.72
N LYS A 107 -13.67 32.67 -45.01
CA LYS A 107 -12.90 31.45 -44.78
C LYS A 107 -13.63 30.53 -43.80
N THR A 108 -14.17 31.10 -42.73
CA THR A 108 -14.90 30.29 -41.75
C THR A 108 -16.15 29.68 -42.37
N MET A 109 -16.90 30.46 -43.16
CA MET A 109 -18.07 29.91 -43.82
C MET A 109 -17.69 28.88 -44.88
N LEU A 110 -16.50 29.03 -45.49
CA LEU A 110 -15.97 27.98 -46.35
C LEU A 110 -15.74 26.70 -45.56
N ALA A 111 -15.22 26.81 -44.34
CA ALA A 111 -15.02 25.64 -43.50
C ALA A 111 -16.35 25.00 -43.10
N LYS A 112 -17.36 25.81 -42.79
CA LYS A 112 -18.67 25.27 -42.45
C LYS A 112 -19.31 24.55 -43.64
N ALA A 113 -19.21 25.13 -44.84
CA ALA A 113 -19.74 24.47 -46.03
C ALA A 113 -18.99 23.18 -46.32
N LEU A 114 -17.67 23.19 -46.10
CA LEU A 114 -16.87 21.99 -46.27
C LEU A 114 -17.27 20.91 -45.28
N ALA A 115 -17.56 21.29 -44.04
CA ALA A 115 -18.02 20.33 -43.04
C ALA A 115 -19.39 19.78 -43.39
N LYS A 116 -20.28 20.62 -43.92
CA LYS A 116 -21.65 20.19 -44.18
C LYS A 116 -21.74 19.30 -45.42
N GLU A 117 -21.30 19.81 -46.57
CA GLU A 117 -21.61 19.13 -47.83
C GLU A 117 -20.76 17.88 -48.01
N SER A 118 -19.49 17.91 -47.60
CA SER A 118 -18.67 16.71 -47.67
C SER A 118 -19.17 15.65 -46.71
N GLY A 119 -19.63 16.06 -45.53
CA GLY A 119 -20.14 15.14 -44.55
C GLY A 119 -19.09 14.37 -43.78
N ALA A 120 -17.81 14.72 -43.93
CA ALA A 120 -16.74 13.98 -43.27
C ALA A 120 -16.79 14.18 -41.77
N ASN A 121 -16.11 13.28 -41.06
CA ASN A 121 -15.93 13.44 -39.62
C ASN A 121 -15.07 14.67 -39.38
N PHE A 122 -15.70 15.76 -38.93
CA PHE A 122 -15.06 17.06 -38.86
C PHE A 122 -14.60 17.33 -37.44
N ILE A 123 -13.30 17.48 -37.25
CA ILE A 123 -12.76 17.89 -35.96
C ILE A 123 -12.45 19.38 -36.03
N SER A 124 -13.45 20.20 -35.71
CA SER A 124 -13.27 21.66 -35.64
C SER A 124 -12.75 21.96 -34.24
N ILE A 125 -11.44 21.91 -34.10
CA ILE A 125 -10.82 21.91 -32.78
C ILE A 125 -10.06 23.21 -32.58
N ARG A 126 -9.97 23.65 -31.32
CA ARG A 126 -9.42 24.95 -30.96
C ARG A 126 -8.22 24.78 -30.04
N MET A 127 -7.45 25.86 -29.91
CA MET A 127 -6.26 25.83 -29.07
C MET A 127 -6.61 25.68 -27.60
N SER A 128 -7.75 26.22 -27.17
CA SER A 128 -8.13 26.13 -25.77
C SER A 128 -8.40 24.69 -25.34
N SER A 129 -9.03 23.90 -26.23
CA SER A 129 -9.27 22.50 -25.92
C SER A 129 -7.97 21.71 -25.91
N ILE A 130 -7.03 22.07 -26.78
CA ILE A 130 -5.74 21.38 -26.82
C ILE A 130 -4.92 21.72 -25.58
N MET A 131 -4.89 22.99 -25.21
CA MET A 131 -4.03 23.46 -24.12
C MET A 131 -4.54 22.95 -22.78
N ASP A 132 -3.63 22.41 -21.98
CA ASP A 132 -3.96 21.91 -20.66
C ASP A 132 -2.84 22.29 -19.69
N LYS A 133 -3.22 22.50 -18.44
CA LYS A 133 -2.24 22.95 -17.44
C LYS A 133 -1.34 21.81 -17.00
N TRP A 134 -1.86 20.58 -16.95
CA TRP A 134 -1.08 19.46 -16.46
C TRP A 134 0.00 19.07 -17.47
N TYR A 135 1.08 18.47 -16.95
CA TYR A 135 2.25 18.17 -17.76
C TYR A 135 1.95 17.00 -18.71
N GLY A 136 2.24 17.19 -19.99
CA GLY A 136 2.09 16.16 -20.98
C GLY A 136 0.69 15.93 -21.48
N GLU A 137 -0.27 16.70 -21.00
CA GLU A 137 -1.65 16.46 -21.40
C GLU A 137 -1.95 16.95 -22.80
N SER A 138 -1.38 18.10 -23.18
CA SER A 138 -1.65 18.66 -24.50
C SER A 138 -1.05 17.81 -25.61
N ASN A 139 0.16 17.27 -25.38
CA ASN A 139 0.78 16.40 -26.38
C ASN A 139 -0.01 15.11 -26.55
N LYS A 140 -0.49 14.53 -25.46
CA LYS A 140 -1.35 13.35 -25.56
C LYS A 140 -2.66 13.70 -26.26
N ILE A 141 -3.16 14.91 -26.03
CA ILE A 141 -4.38 15.37 -26.70
C ILE A 141 -4.17 15.44 -28.21
N VAL A 142 -3.02 15.97 -28.64
CA VAL A 142 -2.72 16.05 -30.07
C VAL A 142 -2.52 14.65 -30.66
N ASP A 143 -1.84 13.77 -29.92
CA ASP A 143 -1.64 12.40 -30.39
C ASP A 143 -2.96 11.68 -30.55
N ALA A 144 -3.88 11.84 -29.59
CA ALA A 144 -5.19 11.22 -29.71
C ALA A 144 -6.03 11.86 -30.80
N MET A 145 -5.84 13.17 -31.05
CA MET A 145 -6.49 13.82 -32.18
C MET A 145 -6.10 13.15 -33.49
N PHE A 146 -4.80 12.96 -33.70
CA PHE A 146 -4.33 12.36 -34.93
C PHE A 146 -4.70 10.89 -35.02
N SER A 147 -4.69 10.18 -33.88
CA SER A 147 -5.08 8.78 -33.88
C SER A 147 -6.57 8.61 -34.18
N LEU A 148 -7.42 9.49 -33.64
CA LEU A 148 -8.85 9.44 -33.95
C LEU A 148 -9.10 9.81 -35.41
N ALA A 149 -8.34 10.77 -35.94
CA ALA A 149 -8.45 11.09 -37.37
C ALA A 149 -8.03 9.90 -38.23
N ASN A 150 -7.04 9.14 -37.76
CA ASN A 150 -6.66 7.92 -38.46
C ASN A 150 -7.75 6.86 -38.38
N LYS A 151 -8.43 6.77 -37.23
CA LYS A 151 -9.47 5.75 -37.05
C LYS A 151 -10.68 6.04 -37.92
N LEU A 152 -11.15 7.30 -37.91
CA LEU A 152 -12.27 7.72 -38.77
C LEU A 152 -11.54 8.17 -40.01
N GLN A 153 -11.43 7.32 -41.02
CA GLN A 153 -10.56 7.60 -42.18
C GLN A 153 -11.02 8.81 -43.01
N PRO A 154 -12.31 9.00 -43.36
CA PRO A 154 -12.68 10.27 -44.00
C PRO A 154 -12.76 11.40 -43.00
N CYS A 155 -11.63 12.01 -42.65
CA CYS A 155 -11.56 13.03 -41.61
C CYS A 155 -10.92 14.31 -42.14
N ILE A 156 -11.53 15.44 -41.79
CA ILE A 156 -10.92 16.75 -41.96
C ILE A 156 -10.86 17.42 -40.60
N ILE A 157 -9.68 17.90 -40.22
CA ILE A 157 -9.47 18.60 -38.96
C ILE A 157 -9.36 20.09 -39.25
N PHE A 158 -10.20 20.89 -38.60
CA PHE A 158 -10.23 22.33 -38.81
C PHE A 158 -9.72 23.04 -37.57
N ILE A 159 -8.80 23.99 -37.77
CA ILE A 159 -8.28 24.84 -36.71
C ILE A 159 -8.48 26.28 -37.18
N ASP A 160 -9.53 26.93 -36.68
CA ASP A 160 -9.80 28.31 -37.05
C ASP A 160 -8.74 29.24 -36.45
N GLN A 161 -8.40 30.29 -37.21
CA GLN A 161 -7.33 31.22 -36.86
C GLN A 161 -6.03 30.49 -36.58
N ILE A 162 -5.61 29.68 -37.56
CA ILE A 162 -4.49 28.77 -37.38
C ILE A 162 -3.14 29.48 -37.37
N ASP A 163 -3.09 30.77 -37.70
CA ASP A 163 -1.83 31.51 -37.64
C ASP A 163 -1.34 31.63 -36.20
N SER A 164 -2.26 31.84 -35.25
CA SER A 164 -1.88 31.89 -33.84
C SER A 164 -1.37 30.53 -33.37
N PHE A 165 -2.02 29.45 -33.81
CA PHE A 165 -1.59 28.11 -33.40
C PHE A 165 -0.30 27.71 -34.09
N LEU A 166 -0.19 27.99 -35.39
CA LEU A 166 0.99 27.60 -36.18
C LEU A 166 1.96 28.75 -36.35
N ARG A 167 2.14 29.55 -35.30
CA ARG A 167 3.03 30.70 -35.38
C ARG A 167 4.49 30.30 -35.53
N GLU A 168 5.32 31.26 -35.91
CA GLU A 168 6.73 31.00 -36.11
C GLU A 168 7.38 30.53 -34.81
N ARG A 169 8.08 29.41 -34.88
CA ARG A 169 8.74 28.86 -33.70
C ARG A 169 9.92 29.74 -33.29
N SER A 170 10.16 29.80 -31.99
CA SER A 170 11.25 30.59 -31.45
C SER A 170 11.60 30.07 -30.07
N SER A 171 12.79 30.47 -29.59
CA SER A 171 13.19 30.12 -28.22
C SER A 171 12.35 30.87 -27.20
N THR A 172 11.76 31.99 -27.60
CA THR A 172 10.94 32.78 -26.68
C THR A 172 9.60 32.10 -26.43
N ASP A 173 9.22 31.16 -27.29
CA ASP A 173 7.96 30.44 -27.11
C ASP A 173 7.98 29.64 -25.82
N HIS A 174 6.79 29.47 -25.23
CA HIS A 174 6.68 28.69 -24.01
C HIS A 174 6.98 27.22 -24.29
N GLU A 175 7.44 26.52 -23.25
CA GLU A 175 7.86 25.12 -23.39
C GLU A 175 6.71 24.24 -23.86
N VAL A 176 5.54 24.37 -23.22
CA VAL A 176 4.42 23.47 -23.49
C VAL A 176 3.91 23.66 -24.92
N THR A 177 3.75 24.91 -25.35
CA THR A 177 3.23 25.14 -26.69
C THR A 177 4.27 24.81 -27.77
N ALA A 178 5.56 24.98 -27.48
CA ALA A 178 6.59 24.58 -28.43
C ALA A 178 6.62 23.06 -28.60
N THR A 179 6.53 22.32 -27.49
CA THR A 179 6.45 20.87 -27.57
C THR A 179 5.17 20.43 -28.27
N LEU A 180 4.07 21.15 -28.03
CA LEU A 180 2.81 20.91 -28.73
C LEU A 180 2.96 21.08 -30.23
N LYS A 181 3.61 22.16 -30.66
CA LYS A 181 3.82 22.41 -32.08
C LYS A 181 4.74 21.37 -32.69
N ALA A 182 5.75 20.92 -31.93
CA ALA A 182 6.62 19.86 -32.42
C ALA A 182 5.86 18.55 -32.61
N GLU A 183 4.98 18.21 -31.67
CA GLU A 183 4.19 16.99 -31.81
C GLU A 183 3.21 17.08 -32.98
N PHE A 184 2.58 18.25 -33.16
CA PHE A 184 1.69 18.43 -34.31
C PHE A 184 2.48 18.36 -35.62
N MET A 185 3.70 18.91 -35.62
CA MET A 185 4.59 18.81 -36.77
C MET A 185 4.91 17.34 -37.08
N THR A 186 5.22 16.56 -36.04
CA THR A 186 5.56 15.15 -36.23
C THR A 186 4.37 14.36 -36.78
N LEU A 187 3.18 14.59 -36.21
CA LEU A 187 2.03 13.79 -36.61
C LEU A 187 1.42 14.26 -37.92
N TRP A 188 1.71 15.49 -38.34
CA TRP A 188 1.18 15.97 -39.62
C TRP A 188 1.80 15.21 -40.79
N ASP A 189 3.12 15.08 -40.80
CA ASP A 189 3.81 14.27 -41.81
C ASP A 189 5.01 13.63 -41.13
N GLY A 190 4.86 12.40 -40.67
CA GLY A 190 5.93 11.71 -39.99
C GLY A 190 6.14 10.33 -40.59
N LEU A 191 6.86 9.46 -39.86
CA LEU A 191 7.13 8.13 -40.41
C LEU A 191 5.88 7.28 -40.41
N LEU A 192 5.12 7.31 -39.32
CA LEU A 192 3.80 6.67 -39.32
C LEU A 192 2.84 7.51 -40.15
N ASN A 193 2.77 7.22 -41.44
CA ASN A 193 1.96 8.01 -42.35
C ASN A 193 0.48 7.86 -42.03
N ASN A 194 -0.22 8.98 -42.02
CA ASN A 194 -1.65 8.98 -41.74
C ASN A 194 -2.42 8.41 -42.94
N GLY A 195 -3.69 8.11 -42.70
CA GLY A 195 -4.55 7.63 -43.76
C GLY A 195 -5.08 8.78 -44.59
N ARG A 196 -6.40 8.83 -44.78
CA ARG A 196 -7.01 9.94 -45.49
C ARG A 196 -7.26 11.10 -44.54
N VAL A 197 -6.21 11.55 -43.84
CA VAL A 197 -6.30 12.61 -42.85
C VAL A 197 -5.78 13.89 -43.46
N MET A 198 -6.58 14.96 -43.38
CA MET A 198 -6.21 16.24 -43.95
C MET A 198 -6.63 17.34 -42.98
N ILE A 199 -5.66 18.08 -42.47
CA ILE A 199 -5.90 19.17 -41.52
C ILE A 199 -5.94 20.48 -42.28
N ILE A 200 -7.03 21.23 -42.09
CA ILE A 200 -7.32 22.44 -42.86
C ILE A 200 -7.33 23.62 -41.91
N GLY A 201 -6.63 24.68 -42.27
CA GLY A 201 -6.58 25.90 -41.48
C GLY A 201 -7.09 27.09 -42.26
N ALA A 202 -7.80 27.98 -41.57
CA ALA A 202 -8.27 29.23 -42.13
C ALA A 202 -7.65 30.38 -41.33
N THR A 203 -7.09 31.35 -42.04
CA THR A 203 -6.33 32.41 -41.38
C THR A 203 -6.33 33.67 -42.24
N ASN A 204 -5.87 34.76 -41.62
CA ASN A 204 -5.66 36.02 -42.31
C ASN A 204 -4.20 36.40 -42.46
N ARG A 205 -3.31 35.78 -41.69
CA ARG A 205 -1.88 36.07 -41.73
C ARG A 205 -1.14 34.79 -42.12
N ILE A 206 -1.00 34.59 -43.43
CA ILE A 206 -0.27 33.42 -43.92
C ILE A 206 1.21 33.53 -43.60
N ASN A 207 1.75 34.75 -43.64
CA ASN A 207 3.17 34.95 -43.37
C ASN A 207 3.52 34.70 -41.90
N ASP A 208 2.53 34.77 -41.00
CA ASP A 208 2.78 34.46 -39.59
C ASP A 208 2.98 32.97 -39.36
N ILE A 209 2.57 32.14 -40.31
CA ILE A 209 2.68 30.69 -40.16
C ILE A 209 4.10 30.27 -40.45
N ASP A 210 4.65 29.39 -39.60
CA ASP A 210 6.00 28.88 -39.78
C ASP A 210 6.11 28.11 -41.09
N ASP A 211 7.30 28.21 -41.72
CA ASP A 211 7.52 27.53 -43.00
C ASP A 211 7.41 26.01 -42.87
N ALA A 212 7.78 25.48 -41.70
CA ALA A 212 7.59 24.05 -41.45
C ALA A 212 6.11 23.69 -41.41
N PHE A 213 5.27 24.62 -40.96
CA PHE A 213 3.82 24.41 -41.05
C PHE A 213 3.29 24.82 -42.42
N LEU A 214 3.99 25.71 -43.13
CA LEU A 214 3.60 26.06 -44.49
C LEU A 214 3.73 24.87 -45.42
N ARG A 215 4.79 24.08 -45.27
CA ARG A 215 4.97 22.86 -46.06
C ARG A 215 3.88 21.83 -45.81
N ARG A 216 3.20 21.89 -44.67
CA ARG A 216 2.19 20.90 -44.32
C ARG A 216 0.79 21.29 -44.75
N LEU A 217 0.64 22.43 -45.42
CA LEU A 217 -0.57 22.82 -46.13
C LEU A 217 -0.18 23.10 -47.57
N PRO A 218 0.16 22.06 -48.35
CA PRO A 218 0.72 22.29 -49.69
C PRO A 218 -0.22 22.98 -50.66
N LYS A 219 -1.52 22.73 -50.56
CA LYS A 219 -2.51 23.40 -51.40
C LYS A 219 -3.07 24.60 -50.64
N ARG A 220 -2.90 25.77 -51.22
CA ARG A 220 -3.38 26.98 -50.59
C ARG A 220 -4.54 27.59 -51.33
N PHE A 221 -5.37 28.32 -50.61
CA PHE A 221 -6.54 28.98 -51.18
C PHE A 221 -6.52 30.45 -50.82
N LEU A 222 -6.39 31.30 -51.84
CA LEU A 222 -6.41 32.75 -51.66
C LEU A 222 -7.85 33.22 -51.88
N VAL A 223 -8.65 33.14 -50.82
CA VAL A 223 -9.99 33.74 -50.84
C VAL A 223 -9.80 35.25 -50.70
N SER A 224 -9.87 35.94 -51.84
CA SER A 224 -9.47 37.34 -51.89
C SER A 224 -10.69 38.25 -51.80
N LEU A 225 -10.43 39.55 -51.92
CA LEU A 225 -11.51 40.53 -51.91
C LEU A 225 -12.37 40.34 -53.16
N PRO A 226 -13.69 40.24 -53.02
CA PRO A 226 -14.55 40.00 -54.20
C PRO A 226 -14.49 41.14 -55.20
N GLY A 227 -14.54 40.79 -56.47
CA GLY A 227 -14.66 41.78 -57.53
C GLY A 227 -16.09 42.21 -57.71
N SER A 228 -16.33 43.00 -58.77
CA SER A 228 -17.66 43.51 -59.04
C SER A 228 -18.64 42.37 -59.32
N ASP A 229 -18.24 41.43 -60.18
CA ASP A 229 -19.08 40.26 -60.45
C ASP A 229 -19.20 39.39 -59.20
N GLN A 230 -18.10 39.21 -58.47
CA GLN A 230 -18.15 38.41 -57.25
C GLN A 230 -19.02 39.07 -56.18
N ARG A 231 -18.92 40.39 -56.05
CA ARG A 231 -19.79 41.09 -55.10
C ARG A 231 -21.26 40.99 -55.52
N TYR A 232 -21.53 41.07 -56.83
CA TYR A 232 -22.89 40.91 -57.31
C TYR A 232 -23.43 39.52 -57.01
N LYS A 233 -22.59 38.49 -57.18
CA LYS A 233 -23.00 37.13 -56.84
C LYS A 233 -23.25 36.97 -55.34
N ILE A 234 -22.40 37.62 -54.52
CA ILE A 234 -22.59 37.57 -53.07
C ILE A 234 -23.92 38.21 -52.68
N LEU A 235 -24.21 39.38 -53.25
CA LEU A 235 -25.48 40.06 -52.97
C LEU A 235 -26.66 39.24 -53.43
N SER A 236 -26.56 38.61 -54.60
CA SER A 236 -27.65 37.79 -55.11
C SER A 236 -27.89 36.57 -54.22
N VAL A 237 -26.81 35.94 -53.75
CA VAL A 237 -26.94 34.72 -52.96
C VAL A 237 -27.50 35.04 -51.58
N LEU A 238 -26.95 36.05 -50.91
CA LEU A 238 -27.33 36.28 -49.52
C LEU A 238 -28.67 36.98 -49.37
N LEU A 239 -29.18 37.62 -50.42
CA LEU A 239 -30.46 38.30 -50.37
C LEU A 239 -31.61 37.43 -50.88
N LYS A 240 -31.48 36.12 -50.78
CA LYS A 240 -32.54 35.22 -51.22
C LYS A 240 -33.72 35.27 -50.25
N ASP A 241 -34.82 34.62 -50.65
CA ASP A 241 -36.13 34.61 -50.00
C ASP A 241 -36.52 35.98 -49.44
N THR A 242 -36.31 37.03 -50.23
CA THR A 242 -36.65 38.40 -49.86
C THR A 242 -37.43 39.05 -50.98
N LYS A 243 -38.48 39.79 -50.63
CA LYS A 243 -39.31 40.43 -51.63
C LYS A 243 -38.56 41.62 -52.24
N LEU A 244 -38.39 41.60 -53.56
CA LEU A 244 -37.71 42.67 -54.28
C LEU A 244 -38.59 43.17 -55.41
N ASP A 245 -38.75 44.49 -55.51
CA ASP A 245 -39.51 45.08 -56.59
C ASP A 245 -38.66 45.06 -57.86
N GLU A 246 -39.21 44.48 -58.93
CA GLU A 246 -38.42 44.28 -60.15
C GLU A 246 -38.04 45.60 -60.80
N ASP A 247 -38.97 46.56 -60.82
CA ASP A 247 -38.68 47.83 -61.47
C ASP A 247 -37.76 48.70 -60.63
N GLU A 248 -37.95 48.71 -59.31
CA GLU A 248 -37.19 49.61 -58.45
C GLU A 248 -35.77 49.12 -58.21
N PHE A 249 -35.58 47.81 -58.06
CA PHE A 249 -34.28 47.28 -57.69
C PHE A 249 -33.29 47.34 -58.85
N ASP A 250 -32.03 47.64 -58.52
CA ASP A 250 -30.92 47.64 -59.47
C ASP A 250 -29.70 47.07 -58.73
N LEU A 251 -29.50 45.76 -58.85
CA LEU A 251 -28.45 45.10 -58.07
C LEU A 251 -27.06 45.41 -58.62
N GLN A 252 -26.94 45.66 -59.91
CA GLN A 252 -25.63 45.96 -60.49
C GLN A 252 -25.08 47.28 -59.96
N LEU A 253 -25.93 48.28 -59.79
CA LEU A 253 -25.49 49.56 -59.22
C LEU A 253 -25.06 49.38 -57.77
N ILE A 254 -25.77 48.53 -57.01
CA ILE A 254 -25.38 48.25 -55.64
C ILE A 254 -24.03 47.56 -55.59
N ALA A 255 -23.81 46.59 -56.49
CA ALA A 255 -22.54 45.88 -56.54
C ALA A 255 -21.39 46.82 -56.92
N ASP A 256 -21.63 47.72 -57.87
CA ASP A 256 -20.59 48.66 -58.28
C ASP A 256 -20.33 49.73 -57.24
N ASN A 257 -21.33 50.06 -56.42
CA ASN A 257 -21.16 51.10 -55.41
C ASN A 257 -20.21 50.66 -54.31
N THR A 258 -20.29 49.40 -53.90
CA THR A 258 -19.45 48.88 -52.83
C THR A 258 -18.06 48.59 -53.40
N LYS A 259 -17.13 49.51 -53.19
CA LYS A 259 -15.77 49.37 -53.68
C LYS A 259 -14.85 48.97 -52.53
N GLY A 260 -14.11 47.88 -52.72
CA GLY A 260 -13.22 47.38 -51.69
C GLY A 260 -13.95 46.89 -50.46
N PHE A 261 -15.11 46.26 -50.64
CA PHE A 261 -15.92 45.79 -49.53
C PHE A 261 -15.83 44.27 -49.42
N SER A 262 -15.58 43.78 -48.21
CA SER A 262 -15.48 42.35 -47.96
C SER A 262 -16.88 41.74 -47.87
N GLY A 263 -16.93 40.41 -47.74
CA GLY A 263 -18.20 39.73 -47.60
C GLY A 263 -18.93 40.08 -46.33
N SER A 264 -18.18 40.24 -45.23
CA SER A 264 -18.79 40.64 -43.96
C SER A 264 -19.38 42.05 -44.05
N ASP A 265 -18.67 42.97 -44.73
CA ASP A 265 -19.19 44.31 -44.91
C ASP A 265 -20.46 44.31 -45.76
N LEU A 266 -20.48 43.50 -46.82
CA LEU A 266 -21.67 43.38 -47.65
C LEU A 266 -22.84 42.81 -46.85
N LYS A 267 -22.58 41.79 -46.03
CA LYS A 267 -23.63 41.20 -45.20
C LYS A 267 -24.17 42.21 -44.21
N GLU A 268 -23.28 42.99 -43.57
CA GLU A 268 -23.72 44.01 -42.63
C GLU A 268 -24.54 45.10 -43.32
N LEU A 269 -24.11 45.52 -44.52
CA LEU A 269 -24.85 46.53 -45.27
C LEU A 269 -26.24 46.04 -45.65
N CYS A 270 -26.33 44.79 -46.13
CA CYS A 270 -27.63 44.23 -46.51
C CYS A 270 -28.52 44.04 -45.30
N ARG A 271 -27.95 43.61 -44.17
CA ARG A 271 -28.75 43.46 -42.95
C ARG A 271 -29.28 44.81 -42.47
N GLU A 272 -28.44 45.85 -42.54
CA GLU A 272 -28.90 47.19 -42.18
C GLU A 272 -30.00 47.68 -43.10
N ALA A 273 -29.86 47.43 -44.41
CA ALA A 273 -30.89 47.85 -45.36
C ALA A 273 -32.20 47.12 -45.11
N ALA A 274 -32.13 45.80 -44.87
CA ALA A 274 -33.34 45.02 -44.61
C ALA A 274 -34.00 45.45 -43.31
N LEU A 275 -33.22 45.72 -42.26
CA LEU A 275 -33.78 46.18 -40.99
C LEU A 275 -34.42 47.55 -41.14
N ASP A 276 -33.80 48.45 -41.91
CA ASP A 276 -34.39 49.76 -42.15
C ASP A 276 -35.69 49.64 -42.96
N ALA A 277 -35.74 48.69 -43.89
CA ALA A 277 -36.96 48.46 -44.65
C ALA A 277 -38.08 47.91 -43.76
N ALA A 278 -37.74 47.00 -42.86
CA ALA A 278 -38.73 46.35 -42.02
C ALA A 278 -39.03 47.10 -40.71
N LYS A 279 -38.33 48.21 -40.46
CA LYS A 279 -38.55 48.97 -39.22
C LYS A 279 -39.98 49.48 -39.12
N GLU A 280 -40.54 49.94 -40.23
CA GLU A 280 -41.89 50.49 -40.21
C GLU A 280 -42.89 49.42 -39.81
N TYR A 281 -42.75 48.23 -40.38
CA TYR A 281 -43.67 47.15 -40.08
C TYR A 281 -43.60 46.75 -38.62
N ILE A 282 -42.38 46.69 -38.05
CA ILE A 282 -42.21 46.33 -36.65
C ILE A 282 -42.91 47.33 -35.74
N LYS A 283 -42.82 48.62 -36.08
CA LYS A 283 -43.46 49.64 -35.27
C LYS A 283 -44.96 49.42 -35.28
N GLN A 284 -45.52 49.09 -36.43
CA GLN A 284 -46.96 48.84 -36.52
C GLN A 284 -47.38 47.64 -35.68
N LYS A 285 -46.57 46.58 -35.69
CA LYS A 285 -46.88 45.41 -34.88
C LYS A 285 -46.92 45.77 -33.41
N ARG A 286 -45.96 46.56 -32.97
CA ARG A 286 -45.91 46.99 -31.58
C ARG A 286 -47.12 47.84 -31.20
N GLN A 287 -47.52 48.73 -32.10
CA GLN A 287 -48.68 49.59 -31.84
C GLN A 287 -49.94 48.75 -31.60
N ARG A 305 -43.38 46.56 -47.82
CA ARG A 305 -42.21 47.34 -48.22
C ARG A 305 -41.11 46.42 -48.74
N PRO A 306 -40.95 46.39 -50.07
CA PRO A 306 -39.84 45.65 -50.65
C PRO A 306 -38.53 46.44 -50.57
N LEU A 307 -37.43 45.70 -50.55
CA LEU A 307 -36.11 46.32 -50.49
C LEU A 307 -35.81 47.00 -51.83
N LYS A 308 -35.18 48.18 -51.75
CA LYS A 308 -34.92 48.98 -52.93
C LYS A 308 -33.47 49.47 -52.91
N THR A 309 -33.06 50.07 -54.03
CA THR A 309 -31.69 50.56 -54.17
C THR A 309 -31.44 51.78 -53.28
N LYS A 310 -32.48 52.53 -52.94
CA LYS A 310 -32.32 53.73 -52.14
C LYS A 310 -31.80 53.41 -50.74
N ASP A 311 -32.28 52.33 -50.14
CA ASP A 311 -31.80 51.93 -48.82
C ASP A 311 -30.35 51.48 -48.87
N PHE A 312 -29.93 50.83 -49.94
CA PHE A 312 -28.54 50.42 -50.08
C PHE A 312 -27.63 51.62 -50.28
N THR A 313 -28.05 52.58 -51.11
CA THR A 313 -27.21 53.75 -51.37
C THR A 313 -27.17 54.70 -50.19
N LYS A 314 -28.25 54.77 -49.40
CA LYS A 314 -28.28 55.67 -48.26
C LYS A 314 -27.31 55.24 -47.17
N LYS A 315 -27.19 53.93 -46.95
CA LYS A 315 -26.30 53.42 -45.91
C LYS A 315 -24.84 53.73 -46.21
N LEU A 316 -24.45 53.61 -47.48
CA LEU A 316 -23.08 53.95 -47.87
C LEU A 316 -22.85 55.46 -47.77
N ARG A 317 -21.63 55.82 -47.37
CA ARG A 317 -21.28 57.23 -47.22
C ARG A 317 -20.56 57.75 -48.46
N GLY B 5 4.62 -0.14 -12.96
CA GLY B 5 3.45 0.40 -13.60
C GLY B 5 3.71 1.72 -14.31
N PRO B 6 3.93 1.66 -15.62
CA PRO B 6 4.17 2.91 -16.38
C PRO B 6 2.94 3.78 -16.53
N LEU B 7 1.74 3.20 -16.38
CA LEU B 7 0.45 3.86 -16.57
C LEU B 7 0.24 4.37 -18.00
N SER B 8 1.16 4.05 -18.91
CA SER B 8 0.99 4.40 -20.31
C SER B 8 0.44 3.25 -21.13
N GLY B 9 0.74 2.02 -20.74
CA GLY B 9 0.11 0.85 -21.33
C GLY B 9 -1.17 0.50 -20.59
N LYS B 10 -1.26 -0.74 -20.11
CA LYS B 10 -2.38 -1.26 -19.31
C LYS B 10 -3.72 -1.17 -20.03
N SER B 11 -3.73 -0.96 -21.35
CA SER B 11 -4.94 -0.93 -22.15
C SER B 11 -4.89 -2.06 -23.15
N ARG B 12 -6.08 -2.51 -23.57
CA ARG B 12 -6.16 -3.64 -24.49
C ARG B 12 -5.54 -3.30 -25.85
N GLU B 13 -5.84 -2.10 -26.37
CA GLU B 13 -5.24 -1.70 -27.64
C GLU B 13 -3.73 -1.49 -27.50
N SER B 14 -3.29 -0.90 -26.38
CA SER B 14 -1.86 -0.67 -26.18
C SER B 14 -1.11 -1.99 -26.02
N LYS B 15 -1.67 -2.91 -25.22
CA LYS B 15 -1.02 -4.21 -25.03
C LYS B 15 -1.02 -5.01 -26.33
N ALA B 16 -2.10 -4.93 -27.11
CA ALA B 16 -2.13 -5.60 -28.40
C ALA B 16 -1.09 -5.04 -29.35
N LYS B 17 -0.93 -3.71 -29.38
CA LYS B 17 0.09 -3.09 -30.22
C LYS B 17 1.49 -3.51 -29.78
N GLN B 18 1.73 -3.57 -28.46
CA GLN B 18 3.03 -3.98 -27.95
C GLN B 18 3.34 -5.42 -28.30
N SER B 19 2.36 -6.31 -28.16
CA SER B 19 2.56 -7.71 -28.54
C SER B 19 2.80 -7.85 -30.04
N LEU B 20 2.07 -7.07 -30.84
CA LEU B 20 2.27 -7.10 -32.29
C LEU B 20 3.67 -6.66 -32.67
N GLN B 21 4.14 -5.57 -32.06
CA GLN B 21 5.49 -5.08 -32.35
C GLN B 21 6.54 -6.07 -31.89
N TRP B 22 6.35 -6.69 -30.72
CA TRP B 22 7.31 -7.68 -30.24
C TRP B 22 7.35 -8.90 -31.15
N GLU B 23 6.18 -9.35 -31.62
CA GLU B 23 6.15 -10.47 -32.54
C GLU B 23 6.86 -10.14 -33.85
N LYS B 24 6.65 -8.92 -34.36
CA LYS B 24 7.36 -8.50 -35.57
C LYS B 24 8.86 -8.45 -35.35
N LEU B 25 9.30 -7.96 -34.19
CA LEU B 25 10.73 -7.90 -33.88
C LEU B 25 11.33 -9.30 -33.78
N VAL B 26 10.62 -10.23 -33.14
CA VAL B 26 11.13 -11.60 -33.01
C VAL B 26 11.17 -12.28 -34.37
N LYS B 27 10.17 -12.02 -35.22
CA LYS B 27 10.20 -12.57 -36.58
C LYS B 27 11.37 -12.00 -37.39
N ARG B 28 11.64 -10.71 -37.25
CA ARG B 28 12.78 -10.13 -37.96
C ARG B 28 14.09 -10.63 -37.38
N SER B 29 14.23 -10.57 -36.07
CA SER B 29 15.45 -11.04 -35.40
C SER B 29 15.09 -12.21 -34.48
N PRO B 30 15.37 -13.45 -34.87
CA PRO B 30 15.02 -14.59 -34.01
C PRO B 30 15.76 -14.64 -32.68
N ALA B 31 16.89 -13.93 -32.55
CA ALA B 31 17.65 -13.94 -31.31
C ALA B 31 16.98 -13.17 -30.18
N LEU B 32 15.92 -12.41 -30.47
CA LEU B 32 15.26 -11.61 -29.45
C LEU B 32 14.29 -12.40 -28.59
N ALA B 33 14.05 -13.67 -28.92
CA ALA B 33 13.08 -14.47 -28.17
C ALA B 33 13.54 -14.75 -26.75
N GLU B 34 14.84 -14.77 -26.50
CA GLU B 34 15.39 -14.97 -25.16
C GLU B 34 15.49 -13.68 -24.36
N VAL B 35 15.09 -12.55 -24.93
CA VAL B 35 15.22 -11.25 -24.27
C VAL B 35 13.96 -10.98 -23.46
N THR B 36 14.14 -10.64 -22.19
CA THR B 36 13.05 -10.33 -21.28
C THR B 36 12.95 -8.81 -21.12
N LEU B 37 11.73 -8.28 -21.21
CA LEU B 37 11.48 -6.86 -21.15
C LEU B 37 10.70 -6.50 -19.89
N ASP B 38 11.02 -5.35 -19.31
CA ASP B 38 10.28 -4.83 -18.17
C ASP B 38 8.99 -4.18 -18.64
N ALA B 39 8.13 -3.80 -17.68
CA ALA B 39 6.86 -3.17 -18.02
C ALA B 39 7.08 -1.83 -18.71
N TYR B 40 8.05 -1.04 -18.23
CA TYR B 40 8.38 0.22 -18.88
C TYR B 40 8.94 0.00 -20.28
N GLU B 41 9.79 -1.02 -20.44
CA GLU B 41 10.31 -1.35 -21.76
C GLU B 41 9.20 -1.84 -22.68
N ARG B 42 8.24 -2.59 -22.14
CA ARG B 42 7.08 -2.98 -22.94
C ARG B 42 6.26 -1.77 -23.35
N THR B 43 6.16 -0.76 -22.47
CA THR B 43 5.49 0.48 -22.84
C THR B 43 6.22 1.18 -23.97
N ILE B 44 7.55 1.21 -23.92
CA ILE B 44 8.35 1.80 -25.00
C ILE B 44 8.18 1.01 -26.30
N LEU B 45 7.93 -0.30 -26.19
CA LEU B 45 7.80 -1.17 -27.36
C LEU B 45 6.71 -0.71 -28.32
N SER B 46 5.70 0.01 -27.83
CA SER B 46 4.61 0.47 -28.69
C SER B 46 5.06 1.54 -29.68
N SER B 47 6.20 2.18 -29.45
CA SER B 47 6.70 3.22 -30.33
C SER B 47 7.65 2.68 -31.39
N ILE B 48 7.79 1.37 -31.50
CA ILE B 48 8.74 0.76 -32.42
C ILE B 48 8.10 0.65 -33.80
N VAL B 49 8.83 1.11 -34.82
CA VAL B 49 8.35 1.11 -36.20
C VAL B 49 9.08 0.01 -36.95
N THR B 50 8.33 -0.97 -37.42
CA THR B 50 8.88 -2.06 -38.22
C THR B 50 8.95 -1.66 -39.69
N PRO B 51 9.83 -2.30 -40.47
CA PRO B 51 9.94 -1.94 -41.90
C PRO B 51 8.67 -2.15 -42.70
N ASP B 52 7.79 -3.07 -42.28
CA ASP B 52 6.56 -3.28 -43.03
C ASP B 52 5.60 -2.10 -42.93
N GLU B 53 5.71 -1.29 -41.88
CA GLU B 53 4.83 -0.13 -41.74
C GLU B 53 5.24 1.01 -42.68
N ILE B 54 6.50 1.06 -43.08
CA ILE B 54 7.00 2.14 -43.92
C ILE B 54 6.90 1.73 -45.38
N ASN B 55 6.30 2.59 -46.20
CA ASN B 55 6.17 2.30 -47.64
C ASN B 55 7.15 3.09 -48.48
N ILE B 56 8.13 3.71 -47.84
CA ILE B 56 9.12 4.53 -48.54
C ILE B 56 10.49 3.88 -48.37
N THR B 57 11.16 3.61 -49.49
CA THR B 57 12.51 3.08 -49.50
C THR B 57 13.48 4.16 -49.99
N PHE B 58 14.74 3.78 -50.14
CA PHE B 58 15.76 4.74 -50.56
C PHE B 58 15.62 5.13 -52.02
N GLN B 59 14.99 4.28 -52.84
CA GLN B 59 14.78 4.61 -54.24
C GLN B 59 13.66 5.63 -54.44
N ASP B 60 12.86 5.91 -53.41
CA ASP B 60 11.80 6.90 -53.49
C ASP B 60 12.27 8.29 -53.09
N ILE B 61 13.56 8.46 -52.81
CA ILE B 61 14.13 9.76 -52.46
C ILE B 61 15.05 10.18 -53.60
N GLY B 62 14.79 11.34 -54.18
CA GLY B 62 15.59 11.81 -55.29
C GLY B 62 16.29 13.12 -54.98
N GLY B 63 17.28 13.47 -55.80
CA GLY B 63 18.00 14.72 -55.67
C GLY B 63 18.95 14.80 -54.51
N LEU B 64 19.09 13.74 -53.73
CA LEU B 64 19.95 13.74 -52.55
C LEU B 64 20.92 12.55 -52.58
N ASP B 65 21.28 12.10 -53.78
CA ASP B 65 22.11 10.90 -53.97
C ASP B 65 23.42 10.90 -53.18
N PRO B 66 24.24 11.96 -53.17
CA PRO B 66 25.43 11.92 -52.31
C PRO B 66 25.10 11.99 -50.82
N LEU B 67 23.98 12.61 -50.43
CA LEU B 67 23.57 12.56 -49.03
C LEU B 67 23.18 11.15 -48.63
N ILE B 68 22.44 10.42 -49.49
CA ILE B 68 22.12 9.03 -49.22
C ILE B 68 23.38 8.18 -49.15
N SER B 69 24.33 8.40 -50.07
CA SER B 69 25.57 7.63 -50.05
C SER B 69 26.37 7.89 -48.78
N ASP B 70 26.50 9.16 -48.38
CA ASP B 70 27.22 9.49 -47.16
C ASP B 70 26.51 8.95 -45.93
N LEU B 71 25.17 9.04 -45.90
CA LEU B 71 24.41 8.51 -44.78
C LEU B 71 24.59 7.00 -44.67
N HIS B 72 24.55 6.30 -45.80
CA HIS B 72 24.83 4.86 -45.82
C HIS B 72 26.20 4.56 -45.24
N GLU B 73 27.25 5.08 -45.89
CA GLU B 73 28.62 4.75 -45.53
C GLU B 73 29.02 5.23 -44.14
N SER B 74 28.31 6.21 -43.57
CA SER B 74 28.67 6.74 -42.27
C SER B 74 27.72 6.32 -41.16
N VAL B 75 26.58 5.69 -41.47
CA VAL B 75 25.61 5.34 -40.45
C VAL B 75 25.30 3.85 -40.52
N ILE B 76 24.85 3.38 -41.69
CA ILE B 76 24.27 2.05 -41.79
C ILE B 76 25.34 0.97 -41.75
N TYR B 77 26.33 1.10 -42.64
CA TYR B 77 27.43 0.12 -42.67
C TYR B 77 28.24 0.07 -41.39
N PRO B 78 28.64 1.20 -40.76
CA PRO B 78 29.29 1.08 -39.44
C PRO B 78 28.42 0.45 -38.37
N LEU B 79 27.10 0.64 -38.44
CA LEU B 79 26.21 0.09 -37.42
C LEU B 79 25.80 -1.35 -37.71
N MET B 80 25.40 -1.66 -38.93
CA MET B 80 24.88 -2.97 -39.27
C MET B 80 25.95 -3.96 -39.71
N MET B 81 27.19 -3.51 -39.88
CA MET B 81 28.30 -4.39 -40.23
C MET B 81 29.48 -4.11 -39.29
N PRO B 82 29.41 -4.57 -38.04
CA PRO B 82 30.54 -4.38 -37.13
C PRO B 82 31.75 -5.20 -37.52
N GLU B 83 31.56 -6.35 -38.17
CA GLU B 83 32.70 -7.20 -38.53
C GLU B 83 33.55 -6.57 -39.62
N VAL B 84 32.96 -5.72 -40.47
CA VAL B 84 33.73 -5.05 -41.50
C VAL B 84 34.54 -3.90 -40.90
N TYR B 85 33.97 -3.19 -39.93
CA TYR B 85 34.58 -2.01 -39.35
C TYR B 85 35.31 -2.28 -38.03
N SER B 86 35.46 -3.55 -37.64
CA SER B 86 36.05 -3.87 -36.35
C SER B 86 37.56 -3.73 -36.33
N ASN B 87 38.20 -3.41 -37.46
CA ASN B 87 39.66 -3.35 -37.49
C ASN B 87 40.21 -2.16 -36.70
N SER B 88 39.48 -1.05 -36.66
CA SER B 88 39.98 0.18 -36.07
C SER B 88 38.99 0.70 -35.04
N PRO B 89 39.47 1.36 -33.99
CA PRO B 89 38.55 1.94 -32.99
C PRO B 89 37.86 3.22 -33.44
N LEU B 90 38.15 3.72 -34.64
CA LEU B 90 37.53 4.93 -35.17
C LEU B 90 36.53 4.64 -36.28
N LEU B 91 36.02 3.40 -36.38
CA LEU B 91 35.12 3.02 -37.46
C LEU B 91 33.73 2.62 -36.97
N GLN B 92 33.39 3.03 -35.75
CA GLN B 92 32.08 2.71 -35.21
C GLN B 92 31.03 3.69 -35.68
N ALA B 93 29.76 3.32 -35.56
CA ALA B 93 28.68 4.22 -35.92
C ALA B 93 28.64 5.42 -34.96
N PRO B 94 28.11 6.56 -35.41
CA PRO B 94 28.02 7.72 -34.52
C PRO B 94 27.04 7.48 -33.38
N SER B 95 27.29 8.15 -32.26
CA SER B 95 26.36 8.10 -31.13
C SER B 95 25.06 8.82 -31.47
N GLY B 96 25.10 9.80 -32.38
CA GLY B 96 23.90 10.50 -32.79
C GLY B 96 24.03 10.97 -34.22
N VAL B 97 22.87 11.19 -34.85
CA VAL B 97 22.80 11.65 -36.22
C VAL B 97 21.72 12.74 -36.29
N LEU B 98 22.04 13.86 -36.91
CA LEU B 98 21.12 14.97 -37.03
C LEU B 98 20.87 15.29 -38.50
N LEU B 99 19.59 15.38 -38.87
CA LEU B 99 19.16 15.84 -40.19
C LEU B 99 18.54 17.22 -40.02
N TYR B 100 19.20 18.24 -40.56
CA TYR B 100 18.75 19.61 -40.37
C TYR B 100 18.77 20.35 -41.71
N GLY B 101 17.95 21.38 -41.79
CA GLY B 101 17.83 22.19 -42.98
C GLY B 101 16.47 22.83 -43.11
N PRO B 102 16.19 23.41 -44.28
CA PRO B 102 14.85 23.95 -44.51
C PRO B 102 13.81 22.85 -44.55
N PRO B 103 12.57 23.16 -44.20
CA PRO B 103 11.51 22.13 -44.26
C PRO B 103 11.20 21.72 -45.68
N GLY B 104 10.76 20.48 -45.83
CA GLY B 104 10.39 19.98 -47.14
C GLY B 104 11.56 19.60 -48.03
N CYS B 105 12.70 19.25 -47.44
CA CYS B 105 13.89 18.91 -48.21
C CYS B 105 14.20 17.43 -48.24
N GLY B 106 13.53 16.61 -47.43
CA GLY B 106 13.70 15.17 -47.53
C GLY B 106 14.30 14.49 -46.31
N LYS B 107 14.05 15.01 -45.11
CA LYS B 107 14.57 14.40 -43.90
C LYS B 107 13.63 13.35 -43.32
N THR B 108 12.32 13.63 -43.33
CA THR B 108 11.35 12.65 -42.83
C THR B 108 11.36 11.38 -43.68
N MET B 109 11.42 11.53 -45.00
CA MET B 109 11.50 10.34 -45.84
C MET B 109 12.86 9.65 -45.70
N LEU B 110 13.92 10.40 -45.39
CA LEU B 110 15.20 9.77 -45.12
C LEU B 110 15.12 8.90 -43.87
N ALA B 111 14.42 9.38 -42.84
CA ALA B 111 14.21 8.56 -41.65
C ALA B 111 13.29 7.37 -41.96
N LYS B 112 12.33 7.55 -42.86
CA LYS B 112 11.49 6.45 -43.31
C LYS B 112 12.32 5.36 -44.00
N ALA B 113 13.23 5.78 -44.88
CA ALA B 113 14.10 4.84 -45.57
C ALA B 113 15.08 4.18 -44.60
N LEU B 114 15.49 4.89 -43.56
CA LEU B 114 16.31 4.29 -42.51
C LEU B 114 15.53 3.24 -41.74
N ALA B 115 14.25 3.50 -41.47
CA ALA B 115 13.43 2.50 -40.79
C ALA B 115 13.12 1.32 -41.70
N LYS B 116 13.13 1.53 -43.01
CA LYS B 116 12.73 0.49 -43.96
C LYS B 116 13.89 -0.40 -44.39
N GLU B 117 15.03 0.19 -44.77
CA GLU B 117 16.07 -0.55 -45.48
C GLU B 117 17.40 -0.64 -44.74
N SER B 118 17.57 0.04 -43.60
CA SER B 118 18.85 -0.05 -42.89
C SER B 118 19.01 -1.40 -42.20
N GLY B 119 17.91 -1.95 -41.67
CA GLY B 119 17.93 -3.23 -41.00
C GLY B 119 17.94 -3.19 -39.50
N ALA B 120 18.19 -2.02 -38.90
CA ALA B 120 18.19 -1.91 -37.45
C ALA B 120 16.76 -1.86 -36.92
N ASN B 121 16.59 -2.35 -35.69
CA ASN B 121 15.33 -2.16 -34.99
C ASN B 121 15.11 -0.67 -34.77
N PHE B 122 13.91 -0.19 -35.09
CA PHE B 122 13.67 1.24 -35.19
C PHE B 122 12.66 1.67 -34.12
N ILE B 123 13.03 2.69 -33.36
CA ILE B 123 12.15 3.26 -32.34
C ILE B 123 11.91 4.72 -32.72
N SER B 124 10.66 5.06 -33.06
CA SER B 124 10.29 6.43 -33.40
C SER B 124 9.47 6.96 -32.23
N ILE B 125 10.17 7.55 -31.26
CA ILE B 125 9.52 8.06 -30.06
C ILE B 125 8.93 9.44 -30.34
N ARG B 126 7.69 9.64 -29.92
CA ARG B 126 7.10 10.96 -29.85
C ARG B 126 7.07 11.41 -28.39
N MET B 127 7.22 12.71 -28.17
CA MET B 127 7.41 13.23 -26.82
C MET B 127 6.15 13.05 -25.96
N SER B 128 4.98 12.89 -26.59
CA SER B 128 3.73 12.69 -25.84
C SER B 128 3.78 11.42 -25.00
N SER B 129 4.29 10.33 -25.58
CA SER B 129 4.44 9.10 -24.81
C SER B 129 5.45 9.27 -23.69
N ILE B 130 6.53 10.00 -23.95
CA ILE B 130 7.54 10.25 -22.93
C ILE B 130 7.01 11.19 -21.85
N MET B 131 6.31 12.25 -22.27
CA MET B 131 5.72 13.21 -21.33
C MET B 131 4.62 12.54 -20.51
N ASP B 132 4.89 12.31 -19.23
CA ASP B 132 3.91 11.73 -18.32
C ASP B 132 3.71 12.67 -17.14
N LYS B 133 2.45 12.81 -16.72
CA LYS B 133 2.15 13.76 -15.65
C LYS B 133 2.62 13.25 -14.28
N TRP B 134 2.73 11.94 -14.12
CA TRP B 134 3.10 11.37 -12.83
C TRP B 134 4.59 11.61 -12.56
N TYR B 135 4.93 11.62 -11.27
CA TYR B 135 6.28 11.99 -10.86
C TYR B 135 7.27 10.88 -11.15
N GLY B 136 8.35 11.22 -11.84
CA GLY B 136 9.43 10.28 -12.11
C GLY B 136 9.17 9.28 -13.21
N GLU B 137 7.98 9.30 -13.82
CA GLU B 137 7.66 8.32 -14.84
C GLU B 137 8.31 8.62 -16.19
N SER B 138 8.51 9.90 -16.50
CA SER B 138 9.16 10.27 -17.77
C SER B 138 10.62 9.82 -17.79
N ASN B 139 11.33 9.99 -16.68
CA ASN B 139 12.71 9.56 -16.59
C ASN B 139 12.82 8.04 -16.67
N LYS B 140 11.91 7.33 -16.02
CA LYS B 140 11.88 5.88 -16.13
C LYS B 140 11.55 5.44 -17.55
N ILE B 141 10.70 6.20 -18.24
CA ILE B 141 10.38 5.92 -19.64
C ILE B 141 11.62 6.08 -20.52
N VAL B 142 12.38 7.15 -20.29
CA VAL B 142 13.62 7.37 -21.06
C VAL B 142 14.64 6.27 -20.78
N ASP B 143 14.77 5.88 -19.50
CA ASP B 143 15.69 4.82 -19.14
C ASP B 143 15.28 3.49 -19.78
N ALA B 144 13.99 3.19 -19.78
CA ALA B 144 13.49 1.98 -20.42
C ALA B 144 13.72 2.01 -21.92
N MET B 145 13.55 3.19 -22.54
CA MET B 145 13.84 3.33 -23.96
C MET B 145 15.28 3.01 -24.27
N PHE B 146 16.21 3.57 -23.48
CA PHE B 146 17.62 3.32 -23.74
C PHE B 146 18.00 1.87 -23.47
N SER B 147 17.43 1.27 -22.41
CA SER B 147 17.71 -0.13 -22.11
C SER B 147 17.16 -1.06 -23.18
N LEU B 148 15.95 -0.76 -23.68
CA LEU B 148 15.38 -1.55 -24.76
C LEU B 148 16.18 -1.42 -26.05
N ALA B 149 16.65 -0.21 -26.35
CA ALA B 149 17.50 -0.01 -27.52
C ALA B 149 18.82 -0.77 -27.36
N ASN B 150 19.33 -0.86 -26.14
CA ASN B 150 20.53 -1.65 -25.90
C ASN B 150 20.24 -3.15 -26.03
N LYS B 151 19.05 -3.58 -25.64
CA LYS B 151 18.70 -4.99 -25.74
C LYS B 151 18.56 -5.43 -27.19
N LEU B 152 17.82 -4.67 -28.00
CA LEU B 152 17.78 -4.87 -29.44
C LEU B 152 19.00 -4.15 -30.01
N GLN B 153 20.14 -4.86 -29.99
CA GLN B 153 21.46 -4.23 -30.09
C GLN B 153 21.64 -3.33 -31.31
N PRO B 154 21.29 -3.72 -32.56
CA PRO B 154 21.26 -2.72 -33.62
C PRO B 154 19.98 -1.91 -33.56
N CYS B 155 20.06 -0.67 -33.09
CA CYS B 155 18.85 0.12 -32.84
C CYS B 155 19.07 1.56 -33.25
N ILE B 156 17.98 2.21 -33.66
CA ILE B 156 17.95 3.64 -33.97
C ILE B 156 16.76 4.25 -33.26
N ILE B 157 17.00 5.25 -32.43
CA ILE B 157 15.95 5.99 -31.75
C ILE B 157 15.71 7.28 -32.51
N PHE B 158 14.50 7.46 -33.02
CA PHE B 158 14.17 8.60 -33.87
C PHE B 158 13.33 9.61 -33.11
N ILE B 159 13.75 10.87 -33.13
CA ILE B 159 12.98 11.98 -32.58
C ILE B 159 12.76 12.97 -33.71
N ASP B 160 11.60 12.89 -34.36
CA ASP B 160 11.23 13.93 -35.31
C ASP B 160 10.98 15.24 -34.58
N GLN B 161 11.41 16.34 -35.20
CA GLN B 161 11.37 17.68 -34.61
C GLN B 161 12.12 17.69 -33.28
N ILE B 162 13.41 17.35 -33.37
CA ILE B 162 14.26 17.20 -32.20
C ILE B 162 14.61 18.53 -31.55
N ASP B 163 14.29 19.64 -32.22
CA ASP B 163 14.61 20.96 -31.70
C ASP B 163 13.90 21.25 -30.40
N SER B 164 12.62 20.89 -30.32
CA SER B 164 11.87 21.10 -29.08
C SER B 164 12.19 20.05 -28.03
N PHE B 165 12.48 18.83 -28.46
CA PHE B 165 12.88 17.77 -27.53
C PHE B 165 14.20 18.11 -26.86
N LEU B 166 15.17 18.61 -27.64
CA LEU B 166 16.50 18.91 -27.16
C LEU B 166 16.76 20.41 -27.12
N ARG B 167 15.76 21.18 -26.71
CA ARG B 167 15.89 22.63 -26.70
C ARG B 167 16.91 23.08 -25.66
N GLU B 168 17.31 24.35 -25.77
CA GLU B 168 18.32 24.89 -24.86
C GLU B 168 17.77 24.94 -23.44
N ARG B 169 18.52 24.35 -22.51
CA ARG B 169 18.09 24.30 -21.12
C ARG B 169 18.11 25.70 -20.51
N SER B 170 17.06 26.01 -19.76
CA SER B 170 16.96 27.31 -19.14
C SER B 170 16.37 27.18 -17.75
N SER B 171 16.37 28.27 -16.99
CA SER B 171 15.78 28.27 -15.66
C SER B 171 14.26 28.22 -15.72
N THR B 172 13.66 28.72 -16.80
CA THR B 172 12.21 28.70 -16.96
C THR B 172 11.68 27.33 -17.37
N ASP B 173 12.58 26.37 -17.62
CA ASP B 173 12.17 25.02 -18.02
C ASP B 173 11.54 24.28 -16.86
N HIS B 174 10.51 23.47 -17.13
CA HIS B 174 9.87 22.70 -16.08
C HIS B 174 10.86 21.71 -15.46
N GLU B 175 10.64 21.41 -14.18
CA GLU B 175 11.56 20.53 -13.47
C GLU B 175 11.56 19.12 -14.07
N VAL B 176 10.37 18.61 -14.41
CA VAL B 176 10.28 17.27 -14.97
C VAL B 176 10.95 17.21 -16.34
N THR B 177 10.75 18.24 -17.16
CA THR B 177 11.40 18.32 -18.46
C THR B 177 12.92 18.46 -18.33
N ALA B 178 13.37 19.26 -17.36
CA ALA B 178 14.80 19.41 -17.13
C ALA B 178 15.45 18.10 -16.72
N THR B 179 14.81 17.36 -15.80
CA THR B 179 15.33 16.06 -15.43
C THR B 179 15.23 15.07 -16.59
N LEU B 180 14.20 15.19 -17.43
CA LEU B 180 14.07 14.35 -18.61
C LEU B 180 15.25 14.54 -19.56
N LYS B 181 15.59 15.81 -19.83
CA LYS B 181 16.69 16.09 -20.74
C LYS B 181 18.03 15.71 -20.11
N ALA B 182 18.18 15.89 -18.80
CA ALA B 182 19.39 15.47 -18.11
C ALA B 182 19.56 13.95 -18.18
N GLU B 183 18.48 13.21 -17.98
CA GLU B 183 18.53 11.75 -18.09
C GLU B 183 18.83 11.32 -19.51
N PHE B 184 18.29 12.03 -20.50
CA PHE B 184 18.59 11.73 -21.89
C PHE B 184 20.07 11.97 -22.20
N MET B 185 20.65 13.05 -21.67
CA MET B 185 22.07 13.30 -21.89
C MET B 185 22.93 12.27 -21.16
N THR B 186 22.48 11.82 -19.99
CA THR B 186 23.24 10.84 -19.23
C THR B 186 23.25 9.49 -19.94
N LEU B 187 22.09 9.02 -20.38
CA LEU B 187 22.03 7.71 -21.05
C LEU B 187 22.60 7.77 -22.46
N TRP B 188 22.48 8.92 -23.13
CA TRP B 188 23.03 9.07 -24.47
C TRP B 188 24.54 8.94 -24.48
N ASP B 189 25.20 9.58 -23.51
CA ASP B 189 26.65 9.48 -23.38
C ASP B 189 27.00 9.66 -21.90
N GLY B 190 27.18 8.55 -21.20
CA GLY B 190 27.51 8.59 -19.79
C GLY B 190 28.56 7.57 -19.40
N LEU B 191 28.54 7.14 -18.14
CA LEU B 191 29.50 6.13 -17.70
C LEU B 191 29.26 4.79 -18.37
N LEU B 192 28.00 4.37 -18.45
CA LEU B 192 27.64 3.11 -19.08
C LEU B 192 27.48 3.35 -20.58
N ASN B 193 28.43 2.85 -21.36
CA ASN B 193 28.38 3.03 -22.81
C ASN B 193 27.25 2.22 -23.41
N ASN B 194 26.55 2.82 -24.37
CA ASN B 194 25.51 2.12 -25.10
C ASN B 194 26.14 1.11 -26.07
N GLY B 195 25.32 0.21 -26.57
CA GLY B 195 25.78 -0.76 -27.54
C GLY B 195 25.81 -0.17 -28.93
N ARG B 196 25.22 -0.86 -29.90
CA ARG B 196 25.09 -0.30 -31.24
C ARG B 196 23.82 0.56 -31.31
N VAL B 197 23.74 1.56 -30.44
CA VAL B 197 22.57 2.41 -30.29
C VAL B 197 22.92 3.82 -30.73
N MET B 198 22.11 4.38 -31.61
CA MET B 198 22.28 5.76 -32.05
C MET B 198 20.92 6.45 -32.01
N ILE B 199 20.95 7.77 -31.84
CA ILE B 199 19.74 8.58 -31.79
C ILE B 199 19.76 9.50 -33.00
N ILE B 200 18.71 9.42 -33.82
CA ILE B 200 18.62 10.17 -35.06
C ILE B 200 17.47 11.17 -34.94
N GLY B 201 17.73 12.40 -35.34
CA GLY B 201 16.71 13.44 -35.28
C GLY B 201 16.64 14.25 -36.55
N ALA B 202 15.42 14.61 -36.93
CA ALA B 202 15.16 15.48 -38.07
C ALA B 202 14.53 16.77 -37.54
N THR B 203 15.10 17.91 -37.93
CA THR B 203 14.65 19.19 -37.40
C THR B 203 14.93 20.29 -38.42
N ASN B 204 14.29 21.43 -38.20
CA ASN B 204 14.50 22.62 -39.03
C ASN B 204 15.23 23.74 -38.31
N ARG B 205 15.31 23.70 -36.98
CA ARG B 205 15.99 24.71 -36.19
C ARG B 205 17.13 24.03 -35.43
N ILE B 206 18.30 23.97 -36.07
CA ILE B 206 19.47 23.38 -35.43
C ILE B 206 19.96 24.26 -34.28
N ASN B 207 19.79 25.59 -34.41
CA ASN B 207 20.26 26.49 -33.37
C ASN B 207 19.42 26.40 -32.10
N ASP B 208 18.15 25.97 -32.22
CA ASP B 208 17.32 25.79 -31.05
C ASP B 208 17.75 24.59 -30.20
N ILE B 209 18.50 23.66 -30.79
CA ILE B 209 18.97 22.50 -30.05
C ILE B 209 20.02 22.93 -29.03
N ASP B 210 19.99 22.29 -27.86
CA ASP B 210 20.98 22.57 -26.83
C ASP B 210 22.38 22.20 -27.30
N ASP B 211 23.38 22.97 -26.86
CA ASP B 211 24.75 22.75 -27.29
C ASP B 211 25.27 21.39 -26.85
N ALA B 212 24.98 20.99 -25.61
CA ALA B 212 25.37 19.66 -25.15
C ALA B 212 24.59 18.58 -25.89
N PHE B 213 23.32 18.82 -26.18
CA PHE B 213 22.54 17.89 -26.99
C PHE B 213 23.04 17.85 -28.43
N LEU B 214 23.40 19.01 -28.99
CA LEU B 214 23.95 19.04 -30.34
C LEU B 214 25.30 18.33 -30.41
N ARG B 215 26.05 18.35 -29.30
CA ARG B 215 27.31 17.61 -29.24
C ARG B 215 27.07 16.12 -29.37
N ARG B 216 25.99 15.61 -28.78
CA ARG B 216 25.66 14.19 -28.87
C ARG B 216 25.15 13.79 -30.26
N LEU B 217 24.96 14.75 -31.16
CA LEU B 217 24.66 14.46 -32.57
C LEU B 217 25.85 14.89 -33.42
N PRO B 218 26.94 14.12 -33.47
CA PRO B 218 28.12 14.60 -34.19
C PRO B 218 28.01 14.48 -35.69
N LYS B 219 27.34 13.46 -36.20
CA LYS B 219 27.17 13.27 -37.65
C LYS B 219 25.93 14.04 -38.08
N ARG B 220 26.14 15.27 -38.52
CA ARG B 220 25.04 16.15 -38.91
C ARG B 220 24.94 16.21 -40.43
N PHE B 221 23.75 15.93 -40.96
CA PHE B 221 23.48 15.98 -42.39
C PHE B 221 22.66 17.21 -42.70
N LEU B 222 23.16 18.05 -43.59
CA LEU B 222 22.50 19.29 -43.99
C LEU B 222 21.70 19.01 -45.25
N VAL B 223 20.38 19.05 -45.14
CA VAL B 223 19.48 18.82 -46.26
C VAL B 223 18.92 20.19 -46.64
N SER B 224 19.59 20.85 -47.59
CA SER B 224 19.22 22.20 -47.99
C SER B 224 18.21 22.16 -49.12
N LEU B 225 17.85 23.34 -49.61
CA LEU B 225 16.93 23.44 -50.74
C LEU B 225 17.56 22.84 -51.98
N PRO B 226 16.80 22.05 -52.75
CA PRO B 226 17.41 21.33 -53.88
C PRO B 226 17.83 22.26 -55.01
N GLY B 227 18.91 21.86 -55.69
CA GLY B 227 19.38 22.56 -56.87
C GLY B 227 18.60 22.15 -58.10
N SER B 228 19.06 22.67 -59.25
CA SER B 228 18.37 22.40 -60.51
C SER B 228 18.42 20.92 -60.86
N ASP B 229 19.60 20.31 -60.78
CA ASP B 229 19.72 18.87 -61.00
C ASP B 229 18.98 18.09 -59.92
N GLN B 230 19.08 18.55 -58.67
CA GLN B 230 18.36 17.89 -57.58
C GLN B 230 16.85 17.98 -57.77
N ARG B 231 16.34 19.14 -58.17
CA ARG B 231 14.91 19.28 -58.41
C ARG B 231 14.46 18.45 -59.61
N TYR B 232 15.30 18.34 -60.63
CA TYR B 232 14.99 17.47 -61.76
C TYR B 232 14.89 16.02 -61.32
N LYS B 233 15.83 15.58 -60.47
CA LYS B 233 15.79 14.21 -59.95
C LYS B 233 14.55 13.99 -59.09
N ILE B 234 14.18 14.98 -58.28
CA ILE B 234 12.99 14.87 -57.45
C ILE B 234 11.74 14.77 -58.31
N LEU B 235 11.67 15.57 -59.38
CA LEU B 235 10.52 15.50 -60.28
C LEU B 235 10.47 14.15 -60.99
N SER B 236 11.63 13.61 -61.38
CA SER B 236 11.66 12.29 -62.01
C SER B 236 11.21 11.20 -61.04
N VAL B 237 11.58 11.33 -59.76
CA VAL B 237 11.16 10.35 -58.76
C VAL B 237 9.66 10.47 -58.50
N LEU B 238 9.13 11.68 -58.47
CA LEU B 238 7.72 11.90 -58.18
C LEU B 238 6.81 11.58 -59.35
N LEU B 239 7.35 11.35 -60.54
CA LEU B 239 6.56 11.13 -61.74
C LEU B 239 6.84 9.76 -62.36
N LYS B 240 6.96 8.75 -61.49
CA LYS B 240 7.20 7.40 -61.97
C LYS B 240 5.85 6.77 -62.23
N ASP B 241 5.79 5.81 -63.15
CA ASP B 241 4.54 5.12 -63.47
C ASP B 241 3.40 6.07 -63.81
N THR B 242 3.71 7.14 -64.54
CA THR B 242 2.67 8.09 -64.95
C THR B 242 2.93 8.40 -66.41
N LYS B 243 1.89 8.81 -67.14
CA LYS B 243 2.06 9.04 -68.57
C LYS B 243 2.66 10.38 -68.90
N LEU B 244 3.88 10.39 -69.42
CA LEU B 244 4.51 11.64 -69.84
C LEU B 244 4.72 11.59 -71.34
N ASP B 245 4.27 12.63 -72.04
CA ASP B 245 4.43 12.70 -73.48
C ASP B 245 5.92 12.82 -73.85
N GLU B 246 6.33 12.09 -74.88
CA GLU B 246 7.74 12.07 -75.26
C GLU B 246 8.19 13.42 -75.80
N ASP B 247 7.39 14.01 -76.68
CA ASP B 247 7.78 15.29 -77.30
C ASP B 247 7.40 16.48 -76.43
N GLU B 248 6.22 16.43 -75.79
CA GLU B 248 5.69 17.60 -75.11
C GLU B 248 6.39 17.87 -73.77
N PHE B 249 6.74 16.82 -73.04
CA PHE B 249 7.29 16.99 -71.70
C PHE B 249 8.71 17.54 -71.76
N ASP B 250 8.95 18.62 -71.00
CA ASP B 250 10.28 19.20 -70.82
C ASP B 250 10.48 19.36 -69.32
N LEU B 251 10.99 18.31 -68.67
CA LEU B 251 11.15 18.35 -67.22
C LEU B 251 12.25 19.32 -66.80
N GLN B 252 13.22 19.57 -67.69
CA GLN B 252 14.30 20.50 -67.36
C GLN B 252 13.77 21.91 -67.14
N LEU B 253 12.87 22.38 -68.00
CA LEU B 253 12.31 23.72 -67.86
C LEU B 253 11.49 23.85 -66.58
N ILE B 254 10.73 22.80 -66.23
CA ILE B 254 10.00 22.80 -64.98
C ILE B 254 10.96 22.83 -63.80
N ALA B 255 12.12 22.18 -63.95
CA ALA B 255 13.13 22.22 -62.89
C ALA B 255 13.71 23.62 -62.71
N ASP B 256 14.05 24.29 -63.81
CA ASP B 256 14.64 25.63 -63.68
C ASP B 256 13.61 26.65 -63.21
N ASN B 257 12.36 26.53 -63.65
CA ASN B 257 11.34 27.50 -63.27
C ASN B 257 10.95 27.41 -61.79
N THR B 258 11.33 26.32 -61.12
CA THR B 258 11.00 26.12 -59.70
C THR B 258 12.16 26.58 -58.82
N LYS B 259 12.35 27.91 -58.78
CA LYS B 259 13.43 28.48 -57.99
C LYS B 259 13.08 28.52 -56.51
N GLY B 260 14.00 28.04 -55.67
CA GLY B 260 13.80 28.03 -54.23
C GLY B 260 12.63 27.16 -53.82
N PHE B 261 12.50 25.98 -54.42
CA PHE B 261 11.26 25.23 -54.44
C PHE B 261 11.52 23.87 -53.78
N SER B 262 10.80 23.59 -52.70
CA SER B 262 11.13 22.43 -51.87
C SER B 262 10.55 21.13 -52.43
N GLY B 263 11.01 20.02 -51.85
CA GLY B 263 10.54 18.71 -52.28
C GLY B 263 9.07 18.49 -52.00
N SER B 264 8.58 18.99 -50.87
CA SER B 264 7.14 18.96 -50.61
C SER B 264 6.39 19.84 -51.59
N ASP B 265 6.97 21.00 -51.91
CA ASP B 265 6.39 21.85 -52.94
C ASP B 265 6.43 21.17 -54.30
N LEU B 266 7.49 20.40 -54.57
CA LEU B 266 7.57 19.64 -55.81
C LEU B 266 6.49 18.54 -55.85
N LYS B 267 6.20 17.94 -54.71
CA LYS B 267 5.13 16.95 -54.65
C LYS B 267 3.81 17.66 -54.92
N GLU B 268 3.60 18.81 -54.30
CA GLU B 268 2.35 19.55 -54.51
C GLU B 268 2.17 19.94 -55.97
N LEU B 269 3.24 20.39 -56.62
CA LEU B 269 3.16 20.77 -58.03
C LEU B 269 2.85 19.56 -58.90
N CYS B 270 3.50 18.42 -58.62
CA CYS B 270 3.22 17.20 -59.38
C CYS B 270 1.80 16.72 -59.16
N ARG B 271 1.30 16.80 -57.92
CA ARG B 271 -0.07 16.34 -57.65
C ARG B 271 -1.10 17.27 -58.28
N GLU B 272 -0.82 18.58 -58.33
CA GLU B 272 -1.74 19.50 -58.99
C GLU B 272 -1.72 19.30 -60.50
N ALA B 273 -0.54 19.04 -61.07
CA ALA B 273 -0.46 18.74 -62.50
C ALA B 273 -1.21 17.46 -62.83
N ALA B 274 -1.07 16.43 -62.00
CA ALA B 274 -1.83 15.20 -62.20
C ALA B 274 -3.32 15.45 -62.08
N LEU B 275 -3.74 16.27 -61.12
CA LEU B 275 -5.15 16.55 -60.91
C LEU B 275 -5.75 17.25 -62.13
N ASP B 276 -5.14 18.35 -62.58
CA ASP B 276 -5.73 19.07 -63.70
C ASP B 276 -5.40 18.46 -65.05
N ALA B 277 -4.57 17.41 -65.09
CA ALA B 277 -4.44 16.62 -66.31
C ALA B 277 -5.44 15.48 -66.39
N ALA B 278 -5.76 14.85 -65.26
CA ALA B 278 -6.70 13.74 -65.22
C ALA B 278 -8.10 14.16 -64.76
N LYS B 279 -8.37 15.47 -64.71
CA LYS B 279 -9.71 15.96 -64.43
C LYS B 279 -10.74 15.38 -65.39
N GLU B 280 -10.42 15.37 -66.69
CA GLU B 280 -11.35 14.82 -67.68
C GLU B 280 -11.58 13.32 -67.45
N TYR B 281 -10.52 12.58 -67.16
CA TYR B 281 -10.64 11.14 -66.95
C TYR B 281 -11.47 10.83 -65.70
N ILE B 282 -11.23 11.55 -64.60
CA ILE B 282 -12.00 11.29 -63.39
C ILE B 282 -13.44 11.77 -63.55
N LYS B 283 -13.67 12.81 -64.36
CA LYS B 283 -15.05 13.22 -64.66
C LYS B 283 -15.77 12.15 -65.46
N GLN B 284 -15.10 11.54 -66.43
CA GLN B 284 -15.70 10.43 -67.17
C GLN B 284 -15.94 9.23 -66.27
N LYS B 285 -15.04 8.99 -65.31
CA LYS B 285 -15.26 7.92 -64.34
C LYS B 285 -16.47 8.19 -63.47
N ARG B 286 -16.64 9.44 -63.02
CA ARG B 286 -17.82 9.79 -62.22
C ARG B 286 -19.09 9.74 -63.05
N GLN B 287 -19.04 10.21 -64.28
CA GLN B 287 -20.21 10.23 -65.16
C GLN B 287 -20.50 8.82 -65.69
N ARG B 305 -5.12 12.09 -71.42
CA ARG B 305 -4.26 13.27 -71.31
C ARG B 305 -2.98 12.96 -70.56
N PRO B 306 -1.87 12.84 -71.29
CA PRO B 306 -0.57 12.67 -70.64
C PRO B 306 -0.11 13.96 -69.99
N LEU B 307 0.74 13.81 -68.98
CA LEU B 307 1.29 14.98 -68.29
C LEU B 307 2.33 15.65 -69.17
N LYS B 308 2.17 16.96 -69.38
CA LYS B 308 3.04 17.72 -70.27
C LYS B 308 3.60 18.92 -69.52
N THR B 309 4.49 19.64 -70.21
CA THR B 309 5.09 20.84 -69.63
C THR B 309 4.08 21.97 -69.51
N LYS B 310 3.06 21.98 -70.37
CA LYS B 310 2.06 23.06 -70.35
C LYS B 310 1.26 23.03 -69.05
N ASP B 311 0.89 21.84 -68.59
CA ASP B 311 0.10 21.74 -67.35
C ASP B 311 0.96 22.07 -66.13
N PHE B 312 2.21 21.67 -66.15
CA PHE B 312 3.11 22.01 -65.04
C PHE B 312 3.36 23.51 -64.97
N THR B 313 3.54 24.15 -66.12
CA THR B 313 3.75 25.59 -66.15
C THR B 313 2.46 26.36 -65.90
N LYS B 314 1.30 25.75 -66.12
CA LYS B 314 0.04 26.40 -65.81
C LYS B 314 -0.13 26.62 -64.31
N LYS B 315 0.20 25.60 -63.52
CA LYS B 315 0.14 25.74 -62.06
C LYS B 315 1.27 26.61 -61.54
N LEU B 316 2.43 26.57 -62.18
CA LEU B 316 3.55 27.41 -61.78
C LEU B 316 3.32 28.86 -62.22
N ARG B 317 4.06 29.76 -61.59
CA ARG B 317 3.99 31.18 -61.92
C ARG B 317 5.37 31.77 -62.14
N GLY C 5 8.45 -2.05 1.97
CA GLY C 5 9.74 -2.13 1.29
C GLY C 5 9.86 -1.16 0.13
N PRO C 6 10.88 -1.38 -0.75
CA PRO C 6 11.03 -0.40 -1.82
C PRO C 6 10.24 -0.74 -3.06
N LEU C 7 10.44 0.01 -4.13
CA LEU C 7 9.75 -0.27 -5.38
C LEU C 7 10.77 -0.33 -6.51
N SER C 8 10.56 -1.21 -7.49
CA SER C 8 11.45 -1.35 -8.66
C SER C 8 12.73 -2.12 -8.39
N GLY C 9 12.90 -2.60 -7.17
CA GLY C 9 14.05 -3.42 -6.86
C GLY C 9 13.61 -4.87 -6.81
N LYS C 10 12.32 -5.11 -7.02
CA LYS C 10 11.78 -6.46 -6.91
C LYS C 10 11.76 -7.28 -8.21
N SER C 11 12.10 -6.65 -9.33
CA SER C 11 12.13 -7.36 -10.60
C SER C 11 13.22 -8.40 -10.57
N ARG C 12 13.01 -9.53 -11.24
CA ARG C 12 13.99 -10.60 -11.24
C ARG C 12 15.29 -10.17 -11.93
N GLU C 13 15.18 -9.45 -13.05
CA GLU C 13 16.37 -8.92 -13.70
C GLU C 13 17.06 -7.90 -12.80
N SER C 14 16.28 -7.06 -12.12
CA SER C 14 16.87 -6.09 -11.20
C SER C 14 17.57 -6.78 -10.03
N LYS C 15 16.94 -7.81 -9.47
CA LYS C 15 17.57 -8.53 -8.36
C LYS C 15 18.84 -9.26 -8.82
N ALA C 16 18.83 -9.80 -10.04
CA ALA C 16 20.02 -10.42 -10.60
C ALA C 16 21.14 -9.40 -10.77
N LYS C 17 20.79 -8.19 -11.24
CA LYS C 17 21.78 -7.12 -11.37
C LYS C 17 22.35 -6.73 -10.01
N GLN C 18 21.48 -6.65 -8.99
CA GLN C 18 21.94 -6.32 -7.65
C GLN C 18 22.89 -7.39 -7.11
N SER C 19 22.55 -8.67 -7.31
CA SER C 19 23.41 -9.75 -6.87
C SER C 19 24.75 -9.73 -7.60
N LEU C 20 24.73 -9.44 -8.91
CA LEU C 20 25.96 -9.34 -9.68
C LEU C 20 26.85 -8.21 -9.18
N GLN C 21 26.25 -7.04 -8.92
CA GLN C 21 27.02 -5.90 -8.43
C GLN C 21 27.58 -6.17 -7.04
N TRP C 22 26.79 -6.80 -6.16
CA TRP C 22 27.27 -7.11 -4.83
C TRP C 22 28.40 -8.14 -4.87
N GLU C 23 28.29 -9.14 -5.76
CA GLU C 23 29.36 -10.11 -5.91
C GLU C 23 30.63 -9.45 -6.41
N LYS C 24 30.52 -8.54 -7.38
CA LYS C 24 31.70 -7.82 -7.86
C LYS C 24 32.32 -6.97 -6.77
N LEU C 25 31.49 -6.30 -5.96
CA LEU C 25 32.00 -5.47 -4.87
C LEU C 25 32.70 -6.31 -3.82
N VAL C 26 32.13 -7.49 -3.49
CA VAL C 26 32.76 -8.36 -2.50
C VAL C 26 34.05 -8.94 -3.03
N LYS C 27 34.10 -9.28 -4.32
CA LYS C 27 35.34 -9.78 -4.91
C LYS C 27 36.42 -8.71 -4.93
N ARG C 28 36.05 -7.46 -5.23
CA ARG C 28 37.04 -6.39 -5.23
C ARG C 28 37.49 -6.05 -3.82
N SER C 29 36.56 -5.99 -2.88
CA SER C 29 36.87 -5.72 -1.47
C SER C 29 36.44 -6.90 -0.62
N PRO C 30 37.36 -7.80 -0.24
CA PRO C 30 36.96 -8.98 0.54
C PRO C 30 36.38 -8.67 1.90
N ALA C 31 36.71 -7.51 2.49
CA ALA C 31 36.16 -7.12 3.78
C ALA C 31 34.70 -6.72 3.71
N LEU C 32 34.15 -6.59 2.50
CA LEU C 32 32.77 -6.15 2.32
C LEU C 32 31.75 -7.27 2.49
N ALA C 33 32.19 -8.50 2.70
CA ALA C 33 31.27 -9.63 2.80
C ALA C 33 30.47 -9.59 4.09
N GLU C 34 31.02 -9.00 5.15
CA GLU C 34 30.33 -8.94 6.43
C GLU C 34 29.30 -7.83 6.51
N VAL C 35 29.22 -6.97 5.50
CA VAL C 35 28.29 -5.85 5.51
C VAL C 35 26.91 -6.33 5.09
N THR C 36 25.91 -6.06 5.93
CA THR C 36 24.52 -6.38 5.63
C THR C 36 23.82 -5.13 5.11
N LEU C 37 22.85 -5.33 4.22
CA LEU C 37 22.19 -4.23 3.54
C LEU C 37 20.67 -4.35 3.68
N ASP C 38 20.02 -3.19 3.76
CA ASP C 38 18.57 -3.14 3.72
C ASP C 38 18.09 -3.33 2.28
N ALA C 39 16.77 -3.51 2.13
CA ALA C 39 16.20 -3.69 0.81
C ALA C 39 16.33 -2.43 -0.04
N TYR C 40 16.20 -1.26 0.59
CA TYR C 40 16.42 0.00 -0.12
C TYR C 40 17.86 0.12 -0.59
N GLU C 41 18.82 -0.25 0.27
CA GLU C 41 20.23 -0.24 -0.13
C GLU C 41 20.49 -1.27 -1.23
N ARG C 42 19.79 -2.41 -1.18
CA ARG C 42 19.88 -3.37 -2.28
C ARG C 42 19.36 -2.76 -3.58
N THR C 43 18.29 -1.98 -3.51
CA THR C 43 17.78 -1.30 -4.69
C THR C 43 18.81 -0.30 -5.24
N ILE C 44 19.49 0.43 -4.35
CA ILE C 44 20.54 1.34 -4.79
C ILE C 44 21.72 0.56 -5.38
N LEU C 45 21.95 -0.67 -4.92
CA LEU C 45 23.09 -1.47 -5.36
C LEU C 45 23.09 -1.76 -6.86
N SER C 46 21.94 -1.63 -7.53
CA SER C 46 21.89 -1.81 -8.98
C SER C 46 22.53 -0.66 -9.73
N SER C 47 22.82 0.46 -9.06
CA SER C 47 23.48 1.61 -9.67
C SER C 47 24.99 1.57 -9.51
N ILE C 48 25.54 0.49 -8.97
CA ILE C 48 26.97 0.38 -8.73
C ILE C 48 27.68 0.15 -10.06
N VAL C 49 28.70 0.95 -10.32
CA VAL C 49 29.53 0.81 -11.52
C VAL C 49 30.90 0.28 -11.07
N THR C 50 31.23 -0.91 -11.52
CA THR C 50 32.48 -1.58 -11.20
C THR C 50 33.53 -1.27 -12.26
N PRO C 51 34.82 -1.41 -11.92
CA PRO C 51 35.87 -1.13 -12.92
C PRO C 51 35.80 -1.97 -14.18
N ASP C 52 35.27 -3.19 -14.10
CA ASP C 52 35.17 -4.02 -15.31
C ASP C 52 34.08 -3.53 -16.26
N GLU C 53 33.16 -2.69 -15.79
CA GLU C 53 32.15 -2.10 -16.65
C GLU C 53 32.64 -0.88 -17.39
N ILE C 54 33.83 -0.37 -17.07
CA ILE C 54 34.38 0.83 -17.67
C ILE C 54 35.59 0.45 -18.50
N ASN C 55 35.59 0.85 -19.77
CA ASN C 55 36.70 0.61 -20.68
C ASN C 55 37.61 1.83 -20.82
N ILE C 56 37.43 2.85 -20.00
CA ILE C 56 38.10 4.13 -20.18
C ILE C 56 39.15 4.28 -19.07
N THR C 57 40.37 4.57 -19.48
CA THR C 57 41.52 4.65 -18.58
C THR C 57 41.93 6.10 -18.41
N PHE C 58 42.60 6.41 -17.29
CA PHE C 58 43.17 7.74 -17.10
C PHE C 58 44.21 8.07 -18.17
N GLN C 59 44.92 7.06 -18.67
CA GLN C 59 45.84 7.27 -19.78
C GLN C 59 45.12 7.37 -21.13
N ASP C 60 43.83 7.08 -21.17
CA ASP C 60 43.02 7.26 -22.37
C ASP C 60 42.47 8.68 -22.48
N ILE C 61 42.81 9.55 -21.54
CA ILE C 61 42.35 10.94 -21.54
C ILE C 61 43.51 11.82 -21.95
N GLY C 62 43.29 12.66 -22.97
CA GLY C 62 44.32 13.55 -23.45
C GLY C 62 44.02 15.00 -23.15
N GLY C 63 45.07 15.82 -23.06
CA GLY C 63 44.92 17.25 -22.88
C GLY C 63 44.51 17.68 -21.49
N LEU C 64 44.40 16.76 -20.54
CA LEU C 64 44.00 17.09 -19.18
C LEU C 64 45.02 16.62 -18.14
N ASP C 65 46.29 16.49 -18.55
CA ASP C 65 47.34 16.01 -17.65
C ASP C 65 47.51 16.84 -16.37
N PRO C 66 47.60 18.18 -16.41
CA PRO C 66 47.63 18.88 -15.11
C PRO C 66 46.31 18.77 -14.36
N LEU C 67 45.19 18.76 -15.08
CA LEU C 67 43.90 18.54 -14.42
C LEU C 67 43.82 17.16 -13.81
N ILE C 68 44.32 16.14 -14.52
CA ILE C 68 44.33 14.77 -13.98
C ILE C 68 45.22 14.70 -12.74
N SER C 69 46.40 15.33 -12.79
CA SER C 69 47.30 15.30 -11.64
C SER C 69 46.71 16.01 -10.44
N ASP C 70 46.08 17.18 -10.65
CA ASP C 70 45.44 17.89 -9.55
C ASP C 70 44.27 17.10 -8.99
N LEU C 71 43.46 16.49 -9.87
CA LEU C 71 42.35 15.67 -9.43
C LEU C 71 42.83 14.49 -8.60
N HIS C 72 43.91 13.83 -9.04
CA HIS C 72 44.51 12.75 -8.28
C HIS C 72 44.93 13.23 -6.90
N GLU C 73 45.85 14.20 -6.85
CA GLU C 73 46.47 14.61 -5.60
C GLU C 73 45.48 15.23 -4.62
N SER C 74 44.37 15.80 -5.11
CA SER C 74 43.43 16.45 -4.22
C SER C 74 42.14 15.67 -4.02
N VAL C 75 41.94 14.55 -4.72
CA VAL C 75 40.69 13.82 -4.64
C VAL C 75 40.95 12.35 -4.32
N ILE C 76 41.77 11.70 -5.13
CA ILE C 76 41.86 10.24 -5.08
C ILE C 76 42.75 9.80 -3.92
N TYR C 77 43.95 10.34 -3.85
CA TYR C 77 44.89 9.96 -2.79
C TYR C 77 44.39 10.30 -1.39
N PRO C 78 43.82 11.49 -1.10
CA PRO C 78 43.22 11.68 0.23
C PRO C 78 42.06 10.73 0.52
N LEU C 79 41.25 10.40 -0.48
CA LEU C 79 40.12 9.50 -0.25
C LEU C 79 40.55 8.05 -0.12
N MET C 80 41.47 7.59 -0.97
CA MET C 80 41.83 6.18 -1.01
C MET C 80 43.03 5.84 -0.13
N MET C 81 43.82 6.83 0.27
CA MET C 81 44.98 6.61 1.15
C MET C 81 44.89 7.55 2.33
N PRO C 82 43.96 7.30 3.27
CA PRO C 82 43.87 8.18 4.45
C PRO C 82 45.01 7.99 5.42
N GLU C 83 45.76 6.88 5.33
CA GLU C 83 46.90 6.66 6.21
C GLU C 83 48.00 7.69 5.96
N VAL C 84 48.22 8.04 4.69
CA VAL C 84 49.23 9.05 4.35
C VAL C 84 48.80 10.43 4.86
N TYR C 85 47.52 10.75 4.72
CA TYR C 85 47.01 12.08 5.04
C TYR C 85 46.50 12.19 6.47
N SER C 86 46.65 11.15 7.29
CA SER C 86 46.13 11.15 8.65
C SER C 86 46.93 12.04 9.59
N ASN C 87 48.08 12.58 9.17
CA ASN C 87 48.88 13.42 10.05
C ASN C 87 48.18 14.72 10.38
N SER C 88 47.44 15.28 9.42
CA SER C 88 46.73 16.54 9.62
C SER C 88 45.26 16.37 9.26
N PRO C 89 44.36 17.03 10.00
CA PRO C 89 42.93 16.94 9.67
C PRO C 89 42.53 17.73 8.44
N LEU C 90 43.35 18.68 8.00
CA LEU C 90 43.03 19.47 6.80
C LEU C 90 43.40 18.75 5.51
N LEU C 91 44.04 17.58 5.59
CA LEU C 91 44.44 16.82 4.41
C LEU C 91 43.37 15.82 3.97
N GLN C 92 42.12 16.04 4.36
CA GLN C 92 41.06 15.08 4.06
C GLN C 92 40.54 15.25 2.64
N ALA C 93 39.79 14.25 2.19
CA ALA C 93 39.16 14.29 0.88
C ALA C 93 38.04 15.34 0.86
N PRO C 94 37.76 15.93 -0.30
CA PRO C 94 36.66 16.90 -0.38
C PRO C 94 35.31 16.23 -0.15
N SER C 95 34.37 17.02 0.39
CA SER C 95 33.01 16.53 0.55
C SER C 95 32.34 16.30 -0.81
N GLY C 96 32.63 17.15 -1.79
CA GLY C 96 32.10 16.98 -3.12
C GLY C 96 33.08 17.49 -4.16
N VAL C 97 32.90 17.01 -5.38
CA VAL C 97 33.73 17.41 -6.51
C VAL C 97 32.81 17.71 -7.69
N LEU C 98 33.00 18.87 -8.32
CA LEU C 98 32.21 19.26 -9.48
C LEU C 98 33.13 19.34 -10.69
N LEU C 99 32.77 18.62 -11.75
CA LEU C 99 33.45 18.70 -13.03
C LEU C 99 32.53 19.48 -13.97
N TYR C 100 32.86 20.76 -14.19
CA TYR C 100 32.01 21.65 -14.96
C TYR C 100 32.81 22.26 -16.10
N GLY C 101 32.09 22.61 -17.17
CA GLY C 101 32.71 23.20 -18.33
C GLY C 101 31.85 23.03 -19.57
N PRO C 102 32.37 23.48 -20.71
CA PRO C 102 31.65 23.25 -21.96
C PRO C 102 31.55 21.77 -22.27
N PRO C 103 30.48 21.34 -22.95
CA PRO C 103 30.30 19.91 -23.20
C PRO C 103 31.34 19.35 -24.16
N GLY C 104 31.66 18.07 -23.97
CA GLY C 104 32.58 17.36 -24.83
C GLY C 104 34.04 17.48 -24.47
N CYS C 105 34.37 18.16 -23.37
CA CYS C 105 35.77 18.36 -23.00
C CYS C 105 36.34 17.23 -22.15
N GLY C 106 35.50 16.29 -21.69
CA GLY C 106 36.00 15.12 -21.00
C GLY C 106 35.64 15.00 -19.54
N LYS C 107 34.51 15.59 -19.14
CA LYS C 107 34.06 15.45 -17.76
C LYS C 107 33.60 14.02 -17.48
N THR C 108 32.78 13.47 -18.38
CA THR C 108 32.39 12.07 -18.25
C THR C 108 33.58 11.14 -18.46
N MET C 109 34.57 11.56 -19.25
CA MET C 109 35.81 10.81 -19.37
C MET C 109 36.52 10.72 -18.03
N LEU C 110 36.64 11.84 -17.33
CA LEU C 110 37.28 11.85 -16.02
C LEU C 110 36.47 11.03 -15.01
N ALA C 111 35.14 11.08 -15.11
CA ALA C 111 34.30 10.28 -14.22
C ALA C 111 34.48 8.79 -14.48
N LYS C 112 34.59 8.40 -15.75
CA LYS C 112 34.86 7.00 -16.08
C LYS C 112 36.22 6.56 -15.58
N ALA C 113 37.22 7.43 -15.72
CA ALA C 113 38.56 7.12 -15.20
C ALA C 113 38.56 6.98 -13.69
N LEU C 114 37.76 7.82 -13.01
CA LEU C 114 37.58 7.68 -11.56
C LEU C 114 36.88 6.39 -11.21
N ALA C 115 35.91 5.98 -12.03
CA ALA C 115 35.21 4.72 -11.78
C ALA C 115 36.12 3.52 -11.97
N LYS C 116 37.09 3.61 -12.88
CA LYS C 116 37.96 2.47 -13.17
C LYS C 116 39.19 2.42 -12.27
N GLU C 117 39.96 3.50 -12.21
CA GLU C 117 41.25 3.47 -11.52
C GLU C 117 41.30 3.94 -10.06
N SER C 118 40.31 4.70 -9.60
CA SER C 118 40.40 5.22 -8.24
C SER C 118 40.43 4.10 -7.22
N GLY C 119 39.65 3.05 -7.46
CA GLY C 119 39.57 1.95 -6.51
C GLY C 119 38.44 2.18 -5.56
N ALA C 120 37.82 3.34 -5.64
CA ALA C 120 36.66 3.63 -4.80
C ALA C 120 35.44 2.93 -5.33
N ASN C 121 34.56 2.51 -4.44
CA ASN C 121 33.30 1.93 -4.89
C ASN C 121 32.57 3.06 -5.58
N PHE C 122 31.91 2.78 -6.68
CA PHE C 122 31.29 3.86 -7.44
C PHE C 122 29.81 3.67 -7.63
N ILE C 123 29.01 4.68 -7.30
CA ILE C 123 27.58 4.60 -7.57
C ILE C 123 27.30 5.65 -8.63
N SER C 124 26.83 5.24 -9.80
CA SER C 124 26.46 6.20 -10.82
C SER C 124 24.96 6.21 -10.80
N ILE C 125 24.39 7.17 -10.10
CA ILE C 125 22.94 7.18 -9.93
C ILE C 125 22.33 8.18 -10.90
N ARG C 126 21.20 7.80 -11.49
CA ARG C 126 20.44 8.67 -12.37
C ARG C 126 19.10 8.97 -11.71
N MET C 127 18.55 10.14 -12.05
CA MET C 127 17.38 10.63 -11.33
C MET C 127 16.13 9.83 -11.64
N SER C 128 16.17 8.96 -12.65
CA SER C 128 15.08 7.99 -12.84
C SER C 128 15.02 7.01 -11.69
N SER C 129 16.17 6.57 -11.19
CA SER C 129 16.19 5.63 -10.07
C SER C 129 15.84 6.32 -8.77
N ILE C 130 16.25 7.57 -8.61
CA ILE C 130 15.97 8.30 -7.37
C ILE C 130 14.48 8.63 -7.27
N MET C 131 13.90 9.10 -8.36
CA MET C 131 12.49 9.52 -8.35
C MET C 131 11.57 8.31 -8.24
N ASP C 132 10.51 8.46 -7.48
CA ASP C 132 9.49 7.43 -7.34
C ASP C 132 8.14 8.10 -7.19
N LYS C 133 7.13 7.54 -7.87
CA LYS C 133 5.79 8.10 -7.79
C LYS C 133 5.24 7.97 -6.39
N TRP C 134 5.49 6.86 -5.71
CA TRP C 134 4.92 6.63 -4.39
C TRP C 134 5.49 7.62 -3.38
N TYR C 135 4.68 7.90 -2.36
CA TYR C 135 5.04 8.94 -1.40
C TYR C 135 6.17 8.50 -0.50
N GLY C 136 7.18 9.36 -0.35
CA GLY C 136 8.26 9.14 0.57
C GLY C 136 9.26 8.09 0.19
N GLU C 137 9.09 7.44 -0.97
CA GLU C 137 10.05 6.41 -1.38
C GLU C 137 11.33 7.03 -1.91
N SER C 138 11.26 8.23 -2.49
CA SER C 138 12.44 8.86 -3.06
C SER C 138 13.38 9.37 -1.97
N ASN C 139 12.83 9.89 -0.87
CA ASN C 139 13.67 10.30 0.26
C ASN C 139 14.36 9.09 0.88
N LYS C 140 13.65 7.98 0.99
CA LYS C 140 14.25 6.73 1.46
C LYS C 140 15.31 6.23 0.48
N ILE C 141 15.11 6.46 -0.82
CA ILE C 141 16.12 6.09 -1.81
C ILE C 141 17.38 6.91 -1.62
N VAL C 142 17.24 8.21 -1.37
CA VAL C 142 18.40 9.07 -1.11
C VAL C 142 19.12 8.64 0.15
N ASP C 143 18.35 8.35 1.21
CA ASP C 143 18.95 7.90 2.47
C ASP C 143 19.66 6.57 2.30
N ALA C 144 19.08 5.65 1.53
CA ALA C 144 19.71 4.37 1.27
C ALA C 144 20.98 4.54 0.46
N MET C 145 20.99 5.45 -0.52
CA MET C 145 22.19 5.71 -1.30
C MET C 145 23.31 6.23 -0.41
N PHE C 146 23.00 7.17 0.48
CA PHE C 146 24.02 7.71 1.38
C PHE C 146 24.51 6.67 2.38
N SER C 147 23.60 5.86 2.92
CA SER C 147 24.00 4.84 3.88
C SER C 147 24.81 3.73 3.20
N LEU C 148 24.46 3.37 1.96
CA LEU C 148 25.25 2.41 1.21
C LEU C 148 26.64 2.95 0.91
N ALA C 149 26.74 4.22 0.54
CA ALA C 149 28.05 4.83 0.33
C ALA C 149 28.85 4.86 1.61
N ASN C 150 28.19 5.04 2.75
CA ASN C 150 28.88 4.98 4.03
C ASN C 150 29.37 3.57 4.34
N LYS C 151 28.56 2.55 4.01
CA LYS C 151 28.97 1.18 4.28
C LYS C 151 30.14 0.74 3.40
N LEU C 152 30.08 1.04 2.10
CA LEU C 152 31.24 0.85 1.23
C LEU C 152 32.13 2.07 1.44
N GLN C 153 32.90 2.02 2.53
CA GLN C 153 33.48 3.22 3.14
C GLN C 153 34.26 4.12 2.18
N PRO C 154 35.14 3.62 1.29
CA PRO C 154 35.66 4.54 0.25
C PRO C 154 34.76 4.56 -1.00
N CYS C 155 33.66 5.30 -0.92
CA CYS C 155 32.68 5.35 -2.00
C CYS C 155 32.72 6.70 -2.70
N ILE C 156 32.35 6.67 -3.98
CA ILE C 156 32.12 7.88 -4.77
C ILE C 156 30.73 7.79 -5.38
N ILE C 157 29.88 8.74 -5.04
CA ILE C 157 28.54 8.84 -5.65
C ILE C 157 28.64 9.78 -6.83
N PHE C 158 28.39 9.26 -8.03
CA PHE C 158 28.45 10.05 -9.24
C PHE C 158 27.04 10.36 -9.73
N ILE C 159 26.79 11.64 -9.99
CA ILE C 159 25.53 12.12 -10.55
C ILE C 159 25.88 12.90 -11.81
N ASP C 160 25.76 12.26 -12.96
CA ASP C 160 25.91 12.99 -14.22
C ASP C 160 24.75 13.94 -14.41
N GLN C 161 25.03 15.08 -15.05
CA GLN C 161 24.06 16.15 -15.25
C GLN C 161 23.46 16.61 -13.93
N ILE C 162 24.36 16.97 -13.00
CA ILE C 162 23.96 17.30 -11.63
C ILE C 162 23.23 18.63 -11.53
N ASP C 163 23.22 19.43 -12.59
CA ASP C 163 22.51 20.71 -12.55
C ASP C 163 21.00 20.52 -12.45
N SER C 164 20.48 19.40 -12.94
CA SER C 164 19.05 19.13 -12.79
C SER C 164 18.73 18.53 -11.43
N PHE C 165 19.60 17.64 -10.94
CA PHE C 165 19.43 17.07 -9.61
C PHE C 165 19.55 18.16 -8.54
N LEU C 166 20.56 19.02 -8.68
CA LEU C 166 20.84 20.08 -7.71
C LEU C 166 20.40 21.43 -8.22
N ARG C 167 19.26 21.50 -8.92
CA ARG C 167 18.75 22.76 -9.43
C ARG C 167 18.41 23.71 -8.30
N GLU C 168 18.49 25.01 -8.59
CA GLU C 168 18.21 26.02 -7.59
C GLU C 168 16.78 25.91 -7.09
N ARG C 169 16.62 25.83 -5.78
CA ARG C 169 15.32 25.61 -5.18
C ARG C 169 14.41 26.80 -5.42
N SER C 170 13.13 26.52 -5.70
CA SER C 170 12.13 27.53 -5.98
C SER C 170 10.83 27.16 -5.28
N SER C 171 9.97 28.17 -5.10
CA SER C 171 8.66 27.93 -4.52
C SER C 171 7.76 27.11 -5.44
N THR C 172 8.05 27.08 -6.74
CA THR C 172 7.29 26.31 -7.70
C THR C 172 7.83 24.89 -7.87
N ASP C 173 8.85 24.50 -7.11
CA ASP C 173 9.36 23.15 -7.16
C ASP C 173 8.32 22.16 -6.65
N HIS C 174 8.37 20.95 -7.19
CA HIS C 174 7.48 19.89 -6.71
C HIS C 174 7.81 19.53 -5.27
N GLU C 175 6.77 19.15 -4.52
CA GLU C 175 6.95 18.83 -3.11
C GLU C 175 7.87 17.63 -2.93
N VAL C 176 7.70 16.60 -3.74
CA VAL C 176 8.58 15.44 -3.67
C VAL C 176 9.99 15.82 -4.09
N THR C 177 10.13 16.63 -5.14
CA THR C 177 11.44 17.07 -5.60
C THR C 177 12.14 17.94 -4.55
N ALA C 178 11.39 18.87 -3.94
CA ALA C 178 11.97 19.74 -2.94
C ALA C 178 12.38 18.96 -1.69
N THR C 179 11.54 18.03 -1.25
CA THR C 179 11.88 17.22 -0.08
C THR C 179 13.08 16.32 -0.37
N LEU C 180 13.14 15.77 -1.59
CA LEU C 180 14.30 14.98 -2.02
C LEU C 180 15.58 15.81 -1.99
N LYS C 181 15.53 17.03 -2.53
CA LYS C 181 16.71 17.88 -2.56
C LYS C 181 17.13 18.28 -1.15
N ALA C 182 16.17 18.56 -0.27
CA ALA C 182 16.50 18.88 1.11
C ALA C 182 17.11 17.68 1.84
N GLU C 183 16.59 16.48 1.58
CA GLU C 183 17.16 15.28 2.21
C GLU C 183 18.57 15.01 1.73
N PHE C 184 18.82 15.18 0.42
CA PHE C 184 20.17 15.04 -0.11
C PHE C 184 21.10 16.09 0.48
N MET C 185 20.61 17.30 0.67
CA MET C 185 21.41 18.36 1.26
C MET C 185 21.75 18.04 2.70
N THR C 186 20.78 17.50 3.45
CA THR C 186 21.02 17.16 4.84
C THR C 186 22.03 16.02 4.97
N LEU C 187 21.84 14.96 4.18
CA LEU C 187 22.75 13.82 4.28
C LEU C 187 24.13 14.13 3.72
N TRP C 188 24.22 15.09 2.79
CA TRP C 188 25.52 15.46 2.24
C TRP C 188 26.39 16.12 3.29
N ASP C 189 25.82 17.05 4.07
CA ASP C 189 26.56 17.70 5.15
C ASP C 189 25.54 18.04 6.24
N GLY C 190 25.44 17.17 7.24
CA GLY C 190 24.53 17.38 8.34
C GLY C 190 25.15 17.11 9.69
N LEU C 191 24.33 16.70 10.67
CA LEU C 191 24.86 16.36 11.98
C LEU C 191 25.73 15.11 11.93
N LEU C 192 25.24 14.06 11.30
CA LEU C 192 25.95 12.79 11.19
C LEU C 192 26.94 12.90 10.03
N ASN C 193 28.22 13.00 10.33
CA ASN C 193 29.24 13.10 9.30
C ASN C 193 29.36 11.78 8.54
N ASN C 194 29.50 11.89 7.22
CA ASN C 194 29.73 10.72 6.40
C ASN C 194 31.16 10.21 6.58
N GLY C 195 31.40 9.01 6.08
CA GLY C 195 32.73 8.45 6.12
C GLY C 195 33.60 8.99 5.01
N ARG C 196 34.31 8.11 4.30
CA ARG C 196 35.07 8.52 3.11
C ARG C 196 34.15 8.53 1.89
N VAL C 197 33.08 9.32 1.99
CA VAL C 197 32.05 9.42 0.97
C VAL C 197 32.19 10.76 0.27
N MET C 198 32.32 10.72 -1.05
CA MET C 198 32.46 11.92 -1.86
C MET C 198 31.47 11.86 -3.01
N ILE C 199 30.75 12.95 -3.23
CA ILE C 199 29.77 13.04 -4.32
C ILE C 199 30.40 13.83 -5.45
N ILE C 200 30.56 13.19 -6.59
CA ILE C 200 31.18 13.80 -7.78
C ILE C 200 30.08 14.05 -8.80
N GLY C 201 30.05 15.25 -9.35
CA GLY C 201 29.05 15.62 -10.33
C GLY C 201 29.67 16.26 -11.55
N ALA C 202 29.04 15.99 -12.70
CA ALA C 202 29.44 16.57 -13.98
C ALA C 202 28.28 17.37 -14.53
N THR C 203 28.58 18.57 -15.05
CA THR C 203 27.53 19.44 -15.53
C THR C 203 28.09 20.40 -16.57
N ASN C 204 27.20 20.96 -17.39
CA ASN C 204 27.53 22.04 -18.30
C ASN C 204 27.06 23.40 -17.81
N ARG C 205 26.03 23.42 -16.97
CA ARG C 205 25.44 24.65 -16.44
C ARG C 205 25.71 24.69 -14.94
N ILE C 206 26.85 25.26 -14.55
CA ILE C 206 27.19 25.37 -13.15
C ILE C 206 26.27 26.37 -12.44
N ASN C 207 25.82 27.40 -13.15
CA ASN C 207 24.97 28.42 -12.54
C ASN C 207 23.59 27.90 -12.18
N ASP C 208 23.12 26.84 -12.84
CA ASP C 208 21.83 26.26 -12.48
C ASP C 208 21.90 25.45 -11.19
N ILE C 209 23.10 25.10 -10.72
CA ILE C 209 23.24 24.42 -9.43
C ILE C 209 22.93 25.40 -8.31
N ASP C 210 22.25 24.91 -7.28
CA ASP C 210 21.92 25.73 -6.12
C ASP C 210 23.19 26.19 -5.41
N ASP C 211 23.12 27.35 -4.78
CA ASP C 211 24.27 27.89 -4.06
C ASP C 211 24.60 27.02 -2.87
N ALA C 212 23.57 26.49 -2.20
CA ALA C 212 23.82 25.58 -1.10
C ALA C 212 24.30 24.21 -1.59
N PHE C 213 23.99 23.85 -2.84
CA PHE C 213 24.52 22.62 -3.40
C PHE C 213 25.91 22.82 -4.00
N LEU C 214 26.17 24.00 -4.57
CA LEU C 214 27.54 24.35 -4.95
C LEU C 214 28.43 24.49 -3.72
N ARG C 215 27.83 24.71 -2.56
CA ARG C 215 28.59 24.77 -1.32
C ARG C 215 29.12 23.40 -1.00
N ARG C 216 28.30 22.37 -1.24
CA ARG C 216 28.71 21.00 -0.95
C ARG C 216 29.59 20.41 -2.03
N LEU C 217 29.88 21.16 -3.10
CA LEU C 217 30.88 20.78 -4.08
C LEU C 217 32.03 21.78 -4.03
N PRO C 218 32.86 21.74 -3.00
CA PRO C 218 33.86 22.80 -2.84
C PRO C 218 35.05 22.67 -3.79
N LYS C 219 35.40 21.46 -4.20
CA LYS C 219 36.48 21.24 -5.16
C LYS C 219 35.87 21.23 -6.56
N ARG C 220 36.16 22.24 -7.35
CA ARG C 220 35.59 22.40 -8.68
C ARG C 220 36.69 22.36 -9.73
N PHE C 221 36.49 21.53 -10.75
CA PHE C 221 37.45 21.40 -11.85
C PHE C 221 36.81 21.93 -13.11
N LEU C 222 37.45 22.91 -13.73
CA LEU C 222 36.97 23.51 -14.98
C LEU C 222 37.56 22.75 -16.15
N VAL C 223 36.79 21.85 -16.74
CA VAL C 223 37.20 21.16 -17.96
C VAL C 223 36.76 22.06 -19.12
N SER C 224 37.59 23.04 -19.41
CA SER C 224 37.26 24.05 -20.41
C SER C 224 37.57 23.54 -21.82
N LEU C 225 37.32 24.39 -22.81
CA LEU C 225 37.59 24.02 -24.19
C LEU C 225 39.10 23.86 -24.40
N PRO C 226 39.52 22.82 -25.12
CA PRO C 226 40.95 22.55 -25.26
C PRO C 226 41.67 23.62 -26.05
N GLY C 227 42.94 23.83 -25.70
CA GLY C 227 43.82 24.70 -26.45
C GLY C 227 44.51 23.94 -27.57
N SER C 228 45.48 24.62 -28.20
CA SER C 228 46.19 24.03 -29.34
C SER C 228 47.00 22.82 -28.90
N ASP C 229 47.79 22.96 -27.82
CA ASP C 229 48.52 21.82 -27.28
C ASP C 229 47.57 20.77 -26.73
N GLN C 230 46.49 21.21 -26.10
CA GLN C 230 45.49 20.26 -25.61
C GLN C 230 44.82 19.50 -26.76
N ARG C 231 44.52 20.20 -27.85
CA ARG C 231 43.98 19.52 -29.04
C ARG C 231 44.98 18.54 -29.62
N TYR C 232 46.26 18.92 -29.62
CA TYR C 232 47.32 18.02 -30.08
C TYR C 232 47.33 16.73 -29.25
N LYS C 233 47.29 16.87 -27.92
CA LYS C 233 47.30 15.69 -27.05
C LYS C 233 46.04 14.85 -27.23
N ILE C 234 44.88 15.51 -27.36
CA ILE C 234 43.63 14.78 -27.52
C ILE C 234 43.62 14.00 -28.82
N LEU C 235 44.07 14.63 -29.92
CA LEU C 235 44.08 13.95 -31.21
C LEU C 235 45.13 12.84 -31.24
N SER C 236 46.25 13.03 -30.55
CA SER C 236 47.23 11.96 -30.44
C SER C 236 46.67 10.77 -29.66
N VAL C 237 45.88 11.04 -28.62
CA VAL C 237 45.27 9.97 -27.84
C VAL C 237 44.22 9.24 -28.66
N LEU C 238 43.38 9.98 -29.39
CA LEU C 238 42.31 9.36 -30.17
C LEU C 238 42.86 8.50 -31.30
N LEU C 239 43.94 8.96 -31.93
CA LEU C 239 44.54 8.24 -33.05
C LEU C 239 45.51 7.14 -32.62
N LYS C 240 45.53 6.78 -31.34
CA LYS C 240 46.38 5.70 -30.89
C LYS C 240 45.86 4.36 -31.40
N ASP C 241 46.79 3.38 -31.50
CA ASP C 241 46.58 2.06 -32.10
C ASP C 241 45.86 2.13 -33.44
N THR C 242 46.06 3.22 -34.17
CA THR C 242 45.51 3.44 -35.50
C THR C 242 46.65 3.86 -36.42
N LYS C 243 46.74 3.22 -37.59
CA LYS C 243 47.87 3.45 -38.49
C LYS C 243 47.85 4.88 -39.02
N LEU C 244 49.01 5.54 -38.93
CA LEU C 244 49.18 6.89 -39.42
C LEU C 244 50.42 6.95 -40.31
N ASP C 245 50.40 7.86 -41.28
CA ASP C 245 51.53 8.00 -42.18
C ASP C 245 52.73 8.60 -41.45
N GLU C 246 53.92 8.08 -41.76
CA GLU C 246 55.12 8.54 -41.09
C GLU C 246 55.55 9.92 -41.59
N ASP C 247 55.47 10.14 -42.90
CA ASP C 247 55.95 11.38 -43.51
C ASP C 247 54.86 12.22 -44.14
N GLU C 248 53.77 11.61 -44.59
CA GLU C 248 52.69 12.34 -45.25
C GLU C 248 51.61 12.81 -44.28
N PHE C 249 51.78 12.60 -42.98
CA PHE C 249 50.81 13.00 -41.98
C PHE C 249 51.44 14.01 -41.04
N ASP C 250 50.78 15.16 -40.91
CA ASP C 250 51.18 16.19 -39.94
C ASP C 250 49.97 16.47 -39.05
N LEU C 251 50.18 16.38 -37.73
CA LEU C 251 49.10 16.51 -36.77
C LEU C 251 49.06 17.89 -36.14
N GLN C 252 50.18 18.64 -36.18
CA GLN C 252 50.18 20.00 -35.66
C GLN C 252 49.25 20.90 -36.46
N LEU C 253 49.16 20.68 -37.77
CA LEU C 253 48.24 21.45 -38.60
C LEU C 253 46.79 21.19 -38.17
N ILE C 254 46.45 19.93 -37.90
CA ILE C 254 45.10 19.58 -37.45
C ILE C 254 44.82 20.20 -36.09
N ALA C 255 45.80 20.17 -35.19
CA ALA C 255 45.61 20.74 -33.86
C ALA C 255 45.43 22.25 -33.92
N ASP C 256 46.19 22.93 -34.77
CA ASP C 256 46.10 24.38 -34.86
C ASP C 256 44.83 24.83 -35.57
N ASN C 257 44.42 24.12 -36.62
CA ASN C 257 43.29 24.55 -37.41
C ASN C 257 41.94 24.11 -36.86
N THR C 258 41.92 23.33 -35.78
CA THR C 258 40.67 22.94 -35.13
C THR C 258 40.32 23.89 -33.99
N LYS C 259 40.24 25.18 -34.30
CA LYS C 259 39.95 26.18 -33.29
C LYS C 259 38.53 26.06 -32.77
N GLY C 260 38.38 26.12 -31.45
CA GLY C 260 37.07 25.99 -30.84
C GLY C 260 36.46 24.61 -30.99
N PHE C 261 37.28 23.56 -30.88
CA PHE C 261 36.83 22.18 -31.03
C PHE C 261 36.97 21.46 -29.70
N SER C 262 35.88 20.82 -29.26
CA SER C 262 35.91 20.02 -28.06
C SER C 262 36.51 18.65 -28.36
N GLY C 263 36.63 17.82 -27.32
CA GLY C 263 37.14 16.47 -27.51
C GLY C 263 36.20 15.60 -28.32
N SER C 264 34.89 15.80 -28.14
CA SER C 264 33.91 15.07 -28.93
C SER C 264 33.98 15.47 -30.41
N ASP C 265 34.20 16.75 -30.69
CA ASP C 265 34.35 17.20 -32.07
C ASP C 265 35.59 16.59 -32.71
N LEU C 266 36.69 16.51 -31.96
CA LEU C 266 37.90 15.88 -32.48
C LEU C 266 37.70 14.38 -32.68
N LYS C 267 36.93 13.74 -31.79
CA LYS C 267 36.59 12.32 -31.97
C LYS C 267 35.79 12.11 -33.26
N GLU C 268 34.80 12.96 -33.49
CA GLU C 268 33.99 12.84 -34.70
C GLU C 268 34.82 13.11 -35.95
N LEU C 269 35.72 14.09 -35.89
CA LEU C 269 36.61 14.37 -37.02
C LEU C 269 37.52 13.20 -37.32
N CYS C 270 38.09 12.58 -36.27
CA CYS C 270 38.95 11.41 -36.46
C CYS C 270 38.15 10.23 -37.01
N ARG C 271 36.92 10.05 -36.52
CA ARG C 271 36.08 8.96 -37.02
C ARG C 271 35.75 9.15 -38.50
N GLU C 272 35.39 10.38 -38.89
CA GLU C 272 35.10 10.66 -40.29
C GLU C 272 36.34 10.47 -41.16
N ALA C 273 37.51 10.92 -40.66
CA ALA C 273 38.75 10.76 -41.42
C ALA C 273 39.11 9.30 -41.61
N ALA C 274 39.00 8.49 -40.56
CA ALA C 274 39.26 7.07 -40.68
C ALA C 274 38.25 6.41 -41.62
N LEU C 275 36.99 6.84 -41.56
CA LEU C 275 35.95 6.24 -42.40
C LEU C 275 36.21 6.50 -43.87
N ASP C 276 36.44 7.76 -44.25
CA ASP C 276 36.67 8.01 -45.67
C ASP C 276 38.10 7.75 -46.10
N ALA C 277 38.99 7.39 -45.17
CA ALA C 277 40.31 6.87 -45.56
C ALA C 277 40.27 5.37 -45.80
N ALA C 278 39.47 4.63 -45.03
CA ALA C 278 39.36 3.19 -45.17
C ALA C 278 38.10 2.76 -45.91
N LYS C 279 37.40 3.70 -46.56
CA LYS C 279 36.24 3.35 -47.37
C LYS C 279 36.59 2.35 -48.47
N GLU C 280 37.79 2.48 -49.07
CA GLU C 280 38.21 1.54 -50.09
C GLU C 280 38.36 0.13 -49.52
N TYR C 281 38.98 0.02 -48.34
CA TYR C 281 39.13 -1.27 -47.69
C TYR C 281 37.78 -1.85 -47.28
N ILE C 282 36.87 -0.98 -46.84
CA ILE C 282 35.52 -1.44 -46.47
C ILE C 282 34.79 -1.96 -47.71
N LYS C 283 34.91 -1.27 -48.84
CA LYS C 283 34.29 -1.74 -50.08
C LYS C 283 34.88 -3.06 -50.53
N GLN C 284 36.20 -3.23 -50.38
CA GLN C 284 36.82 -4.51 -50.72
C GLN C 284 36.34 -5.62 -49.79
N LYS C 285 36.17 -5.31 -48.50
CA LYS C 285 35.75 -6.32 -47.53
C LYS C 285 34.28 -6.68 -47.70
N ARG C 286 33.47 -5.76 -48.22
CA ARG C 286 32.04 -6.03 -48.38
C ARG C 286 31.78 -7.06 -49.46
N GLN C 287 32.65 -7.16 -50.46
CA GLN C 287 32.49 -8.12 -51.53
C GLN C 287 32.75 -9.54 -51.06
N LYS C 303 44.39 -3.78 -47.14
CA LYS C 303 44.70 -3.24 -45.82
C LYS C 303 44.26 -1.78 -45.71
N ILE C 304 44.19 -1.29 -44.48
CA ILE C 304 43.81 0.10 -44.23
C ILE C 304 44.99 1.01 -44.58
N ARG C 305 44.67 2.05 -45.34
CA ARG C 305 45.69 3.00 -45.73
C ARG C 305 46.14 3.86 -44.55
N PRO C 306 47.45 4.22 -44.49
CA PRO C 306 47.87 5.13 -43.42
C PRO C 306 47.14 6.46 -43.52
N LEU C 307 46.80 7.02 -42.36
CA LEU C 307 46.07 8.28 -42.31
C LEU C 307 46.99 9.43 -42.69
N LYS C 308 46.49 10.30 -43.57
CA LYS C 308 47.25 11.45 -44.06
C LYS C 308 46.60 12.74 -43.60
N THR C 309 47.39 13.80 -43.52
CA THR C 309 46.86 15.10 -43.09
C THR C 309 45.92 15.69 -44.13
N LYS C 310 46.09 15.31 -45.40
CA LYS C 310 45.18 15.77 -46.44
C LYS C 310 43.75 15.29 -46.19
N ASP C 311 43.62 14.08 -45.64
CA ASP C 311 42.29 13.57 -45.28
C ASP C 311 41.65 14.42 -44.20
N PHE C 312 42.44 14.84 -43.21
CA PHE C 312 41.90 15.67 -42.13
C PHE C 312 41.56 17.08 -42.64
N THR C 313 42.35 17.60 -43.58
CA THR C 313 42.01 18.89 -44.18
C THR C 313 40.76 18.77 -45.05
N LYS C 314 40.50 17.60 -45.61
CA LYS C 314 39.30 17.40 -46.42
C LYS C 314 38.04 17.53 -45.57
N LYS C 315 38.04 16.94 -44.37
CA LYS C 315 36.88 16.95 -43.49
C LYS C 315 36.81 18.19 -42.61
N LEU C 316 37.79 19.08 -42.68
CA LEU C 316 37.81 20.30 -41.88
C LEU C 316 37.37 21.48 -42.73
N ARG C 317 36.40 22.24 -42.22
CA ARG C 317 35.92 23.42 -42.95
C ARG C 317 36.93 24.56 -42.90
N MET C 318 37.78 24.59 -41.88
CA MET C 318 38.83 25.60 -41.70
C MET C 318 38.27 27.02 -41.66
N GLY D 5 1.60 -0.98 15.17
CA GLY D 5 3.01 -0.67 15.07
C GLY D 5 3.42 -0.20 13.68
N PRO D 6 4.45 0.63 13.62
CA PRO D 6 4.93 1.10 12.31
C PRO D 6 5.54 -0.02 11.50
N LEU D 7 5.24 -0.02 10.20
CA LEU D 7 5.83 -1.03 9.31
C LEU D 7 7.30 -0.75 9.05
N SER D 8 7.70 0.52 9.06
CA SER D 8 9.11 0.87 8.98
C SER D 8 9.75 0.78 10.36
N GLY D 9 11.06 0.55 10.37
CA GLY D 9 11.79 0.37 11.61
C GLY D 9 11.73 -1.02 12.19
N LYS D 10 11.20 -1.99 11.46
CA LYS D 10 11.13 -3.36 11.92
C LYS D 10 12.38 -4.16 11.59
N SER D 11 13.36 -3.55 10.93
CA SER D 11 14.59 -4.25 10.56
C SER D 11 15.42 -4.59 11.79
N ARG D 12 16.20 -5.67 11.68
CA ARG D 12 17.03 -6.11 12.79
C ARG D 12 18.11 -5.07 13.12
N GLU D 13 18.72 -4.50 12.10
CA GLU D 13 19.73 -3.46 12.30
C GLU D 13 19.07 -2.22 12.84
N SER D 14 17.83 -1.97 12.44
CA SER D 14 17.10 -0.83 12.97
C SER D 14 16.87 -1.03 14.45
N LYS D 15 16.44 -2.22 14.84
CA LYS D 15 16.21 -2.49 16.26
C LYS D 15 17.51 -2.39 17.05
N ALA D 16 18.63 -2.84 16.48
CA ALA D 16 19.92 -2.70 17.14
C ALA D 16 20.29 -1.23 17.33
N LYS D 17 20.04 -0.40 16.31
CA LYS D 17 20.32 1.03 16.42
C LYS D 17 19.44 1.67 17.47
N GLN D 18 18.15 1.29 17.53
CA GLN D 18 17.25 1.83 18.54
C GLN D 18 17.69 1.43 19.94
N SER D 19 18.12 0.17 20.12
CA SER D 19 18.61 -0.27 21.43
C SER D 19 19.88 0.47 21.82
N LEU D 20 20.78 0.70 20.86
CA LEU D 20 22.01 1.43 21.12
C LEU D 20 21.71 2.87 21.55
N GLN D 21 20.78 3.54 20.84
CA GLN D 21 20.42 4.90 21.18
C GLN D 21 19.74 4.97 22.54
N TRP D 22 18.86 4.00 22.84
CA TRP D 22 18.20 3.98 24.14
C TRP D 22 19.21 3.75 25.27
N GLU D 23 20.17 2.85 25.06
CA GLU D 23 21.19 2.61 26.07
C GLU D 23 22.04 3.85 26.31
N LYS D 24 22.40 4.56 25.22
CA LYS D 24 23.16 5.80 25.38
C LYS D 24 22.35 6.86 26.13
N LEU D 25 21.06 6.98 25.82
CA LEU D 25 20.21 7.95 26.49
C LEU D 25 20.05 7.62 27.97
N VAL D 26 19.91 6.34 28.30
CA VAL D 26 19.77 5.92 29.69
C VAL D 26 21.09 6.14 30.44
N LYS D 27 22.22 5.89 29.78
CA LYS D 27 23.51 6.15 30.40
C LYS D 27 23.71 7.64 30.67
N ARG D 28 23.28 8.50 29.76
CA ARG D 28 23.40 9.94 29.98
C ARG D 28 22.40 10.42 31.01
N SER D 29 21.18 9.92 30.95
CA SER D 29 20.13 10.30 31.90
C SER D 29 19.63 9.04 32.60
N PRO D 30 20.12 8.77 33.81
CA PRO D 30 19.68 7.56 34.52
C PRO D 30 18.19 7.50 34.81
N ALA D 31 17.52 8.65 34.91
CA ALA D 31 16.08 8.66 35.17
C ALA D 31 15.26 8.17 33.98
N LEU D 32 15.88 8.05 32.81
CA LEU D 32 15.19 7.62 31.60
C LEU D 32 14.84 6.14 31.61
N ALA D 33 15.41 5.35 32.53
CA ALA D 33 15.18 3.92 32.54
C ALA D 33 13.75 3.55 32.91
N GLU D 34 13.04 4.43 33.59
CA GLU D 34 11.65 4.18 33.97
C GLU D 34 10.66 4.54 32.88
N VAL D 35 11.12 5.06 31.76
CA VAL D 35 10.25 5.51 30.68
C VAL D 35 10.02 4.36 29.70
N THR D 36 8.75 4.05 29.44
CA THR D 36 8.36 3.01 28.49
C THR D 36 7.89 3.67 27.20
N LEU D 37 8.36 3.16 26.06
CA LEU D 37 8.11 3.76 24.76
C LEU D 37 7.20 2.87 23.93
N ASP D 38 6.39 3.52 23.10
CA ASP D 38 5.59 2.80 22.12
C ASP D 38 6.48 2.33 20.96
N ALA D 39 5.92 1.47 20.12
CA ALA D 39 6.66 0.98 18.95
C ALA D 39 6.98 2.12 18.00
N TYR D 40 6.05 3.05 17.81
CA TYR D 40 6.30 4.23 16.99
C TYR D 40 7.40 5.09 17.60
N GLU D 41 7.35 5.30 18.92
CA GLU D 41 8.40 6.06 19.60
C GLU D 41 9.74 5.33 19.55
N ARG D 42 9.71 4.00 19.60
CA ARG D 42 10.93 3.23 19.42
C ARG D 42 11.50 3.42 18.03
N THR D 43 10.63 3.52 17.01
CA THR D 43 11.09 3.82 15.66
C THR D 43 11.72 5.20 15.59
N ILE D 44 11.09 6.19 16.26
CA ILE D 44 11.66 7.54 16.31
C ILE D 44 13.02 7.55 17.03
N LEU D 45 13.22 6.62 17.97
CA LEU D 45 14.45 6.56 18.75
C LEU D 45 15.69 6.37 17.89
N SER D 46 15.54 5.84 16.68
CA SER D 46 16.69 5.65 15.79
C SER D 46 17.25 6.97 15.26
N SER D 47 16.53 8.07 15.46
CA SER D 47 16.97 9.37 14.97
C SER D 47 17.60 10.22 16.06
N ILE D 48 17.75 9.64 17.24
CA ILE D 48 18.41 10.36 18.34
C ILE D 48 19.88 10.53 18.03
N VAL D 49 20.42 11.72 18.26
CA VAL D 49 21.85 11.94 18.08
C VAL D 49 22.47 12.19 19.43
N THR D 50 23.39 11.33 19.82
CA THR D 50 24.08 11.48 21.09
C THR D 50 25.26 12.43 20.99
N PRO D 51 25.77 12.91 22.13
CA PRO D 51 26.96 13.77 22.11
C PRO D 51 28.14 13.06 21.48
N ASP D 52 28.25 11.75 21.69
CA ASP D 52 29.38 10.99 21.17
C ASP D 52 29.45 11.03 19.65
N GLU D 53 28.31 10.96 18.99
CA GLU D 53 28.27 10.96 17.54
C GLU D 53 28.69 12.30 16.94
N ILE D 54 28.93 13.28 17.79
CA ILE D 54 29.27 14.62 17.31
C ILE D 54 30.69 14.95 17.75
N ASN D 55 31.53 15.37 16.81
CA ASN D 55 32.89 15.81 17.10
C ASN D 55 33.03 17.32 17.04
N ILE D 56 31.92 18.05 16.94
CA ILE D 56 31.95 19.51 16.83
C ILE D 56 31.56 20.11 18.17
N THR D 57 32.42 20.97 18.69
CA THR D 57 32.26 21.65 19.97
C THR D 57 32.10 23.14 19.71
N PHE D 58 31.38 23.83 20.61
CA PHE D 58 31.16 25.27 20.48
C PHE D 58 32.47 26.06 20.38
N GLN D 59 33.57 25.53 20.93
CA GLN D 59 34.88 26.14 20.75
C GLN D 59 35.43 25.95 19.34
N ASP D 60 34.87 25.02 18.57
CA ASP D 60 35.27 24.84 17.17
C ASP D 60 34.47 25.71 16.21
N ILE D 61 33.64 26.61 16.73
CA ILE D 61 32.89 27.56 15.91
C ILE D 61 33.54 28.93 16.10
N GLY D 62 34.12 29.46 15.03
CA GLY D 62 34.76 30.75 15.05
C GLY D 62 33.89 31.82 14.41
N GLY D 63 34.09 33.06 14.84
CA GLY D 63 33.38 34.19 14.26
C GLY D 63 31.93 34.31 14.66
N LEU D 64 31.46 33.49 15.60
CA LEU D 64 30.06 33.52 16.04
C LEU D 64 29.94 33.63 17.54
N ASP D 65 30.97 34.18 18.20
CA ASP D 65 30.96 34.28 19.67
C ASP D 65 29.81 35.10 20.23
N PRO D 66 29.47 36.30 19.70
CA PRO D 66 28.21 36.93 20.17
C PRO D 66 26.98 36.10 19.85
N LEU D 67 26.95 35.46 18.68
CA LEU D 67 25.82 34.60 18.34
C LEU D 67 25.77 33.38 19.25
N ILE D 68 26.93 32.78 19.55
CA ILE D 68 26.98 31.64 20.45
C ILE D 68 26.52 32.03 21.85
N SER D 69 26.97 33.19 22.34
CA SER D 69 26.56 33.64 23.68
C SER D 69 25.07 33.93 23.74
N ASP D 70 24.53 34.59 22.71
CA ASP D 70 23.10 34.86 22.68
C ASP D 70 22.29 33.56 22.60
N LEU D 71 22.76 32.61 21.77
CA LEU D 71 22.10 31.32 21.66
C LEU D 71 22.10 30.59 22.99
N HIS D 72 23.23 30.61 23.70
CA HIS D 72 23.31 30.00 25.02
C HIS D 72 22.31 30.65 25.97
N GLU D 73 22.46 31.96 26.20
CA GLU D 73 21.67 32.66 27.21
C GLU D 73 20.18 32.70 26.90
N SER D 74 19.78 32.54 25.64
CA SER D 74 18.37 32.58 25.30
C SER D 74 17.77 31.23 24.96
N VAL D 75 18.58 30.17 24.83
CA VAL D 75 18.09 28.89 24.38
C VAL D 75 18.47 27.79 25.35
N ILE D 76 19.78 27.67 25.63
CA ILE D 76 20.28 26.48 26.31
C ILE D 76 20.05 26.58 27.81
N TYR D 77 20.45 27.70 28.41
CA TYR D 77 20.27 27.89 29.85
C TYR D 77 18.81 27.88 30.28
N PRO D 78 17.87 28.57 29.60
CA PRO D 78 16.45 28.39 29.98
C PRO D 78 15.95 26.96 29.81
N LEU D 79 16.39 26.26 28.77
CA LEU D 79 15.92 24.90 28.54
C LEU D 79 16.55 23.90 29.51
N MET D 80 17.86 24.02 29.75
CA MET D 80 18.58 23.04 30.55
C MET D 80 18.64 23.38 32.03
N MET D 81 18.43 24.64 32.39
CA MET D 81 18.45 25.08 33.79
C MET D 81 17.18 25.85 34.09
N PRO D 82 16.04 25.15 34.22
CA PRO D 82 14.78 25.86 34.51
C PRO D 82 14.68 26.33 35.94
N GLU D 83 15.49 25.81 36.86
CA GLU D 83 15.42 26.24 38.24
C GLU D 83 15.91 27.67 38.41
N VAL D 84 16.88 28.08 37.60
CA VAL D 84 17.38 29.46 37.67
C VAL D 84 16.35 30.42 37.12
N TYR D 85 15.68 30.04 36.03
CA TYR D 85 14.71 30.91 35.35
C TYR D 85 13.29 30.73 35.85
N SER D 86 13.09 29.94 36.90
CA SER D 86 11.76 29.69 37.43
C SER D 86 11.15 30.88 38.14
N ASN D 87 11.96 31.90 38.44
CA ASN D 87 11.46 33.05 39.19
C ASN D 87 10.37 33.78 38.41
N SER D 88 10.53 33.90 37.09
CA SER D 88 9.54 34.57 36.26
C SER D 88 9.07 33.65 35.16
N PRO D 89 7.77 33.66 34.84
CA PRO D 89 7.28 32.78 33.76
C PRO D 89 7.70 33.22 32.37
N LEU D 90 8.19 34.45 32.21
CA LEU D 90 8.64 34.94 30.91
C LEU D 90 10.08 34.57 30.61
N LEU D 91 10.77 33.87 31.51
CA LEU D 91 12.15 33.46 31.33
C LEU D 91 12.26 32.04 30.78
N GLN D 92 11.20 31.51 30.18
CA GLN D 92 11.21 30.15 29.69
C GLN D 92 11.94 30.05 28.34
N ALA D 93 12.28 28.82 27.97
CA ALA D 93 12.90 28.58 26.68
C ALA D 93 11.87 28.74 25.56
N PRO D 94 12.31 29.19 24.38
CA PRO D 94 11.37 29.32 23.26
C PRO D 94 10.90 27.96 22.76
N SER D 95 9.68 27.96 22.21
CA SER D 95 9.13 26.72 21.65
C SER D 95 9.88 26.30 20.40
N GLY D 96 10.43 27.24 19.66
CA GLY D 96 11.17 26.93 18.45
C GLY D 96 12.34 27.86 18.28
N VAL D 97 13.37 27.37 17.56
CA VAL D 97 14.56 28.14 17.27
C VAL D 97 14.92 27.91 15.82
N LEU D 98 15.17 29.00 15.08
CA LEU D 98 15.50 28.92 13.67
C LEU D 98 16.87 29.52 13.42
N LEU D 99 17.74 28.77 12.76
CA LEU D 99 19.05 29.26 12.33
C LEU D 99 19.04 29.39 10.82
N TYR D 100 19.05 30.63 10.33
CA TYR D 100 18.90 30.89 8.91
C TYR D 100 20.00 31.83 8.43
N GLY D 101 20.28 31.75 7.14
CA GLY D 101 21.30 32.56 6.53
C GLY D 101 21.85 31.92 5.26
N PRO D 102 22.88 32.54 4.68
CA PRO D 102 23.51 31.93 3.52
C PRO D 102 24.20 30.64 3.89
N PRO D 103 24.31 29.70 2.95
CA PRO D 103 24.89 28.39 3.27
C PRO D 103 26.37 28.49 3.61
N GLY D 104 26.81 27.57 4.47
CA GLY D 104 28.22 27.48 4.85
C GLY D 104 28.65 28.36 6.00
N CYS D 105 27.73 29.07 6.63
CA CYS D 105 28.10 30.02 7.67
C CYS D 105 28.13 29.39 9.07
N GLY D 106 27.70 28.14 9.22
CA GLY D 106 27.86 27.46 10.48
C GLY D 106 26.59 27.08 11.22
N LYS D 107 25.45 27.11 10.51
CA LYS D 107 24.20 26.70 11.13
C LYS D 107 24.22 25.23 11.51
N THR D 108 24.72 24.37 10.62
CA THR D 108 24.84 22.96 10.94
C THR D 108 25.88 22.71 12.02
N MET D 109 26.97 23.48 12.04
CA MET D 109 27.95 23.34 13.12
C MET D 109 27.38 23.80 14.45
N LEU D 110 26.56 24.86 14.44
CA LEU D 110 25.88 25.28 15.66
C LEU D 110 24.91 24.21 16.14
N ALA D 111 24.21 23.55 15.21
CA ALA D 111 23.34 22.44 15.59
C ALA D 111 24.13 21.28 16.17
N LYS D 112 25.30 20.98 15.59
CA LYS D 112 26.17 19.93 16.12
C LYS D 112 26.64 20.26 17.53
N ALA D 113 27.04 21.53 17.75
CA ALA D 113 27.48 21.94 19.07
C ALA D 113 26.32 21.93 20.07
N LEU D 114 25.11 22.22 19.59
CA LEU D 114 23.93 22.07 20.45
C LEU D 114 23.70 20.60 20.81
N ALA D 115 23.94 19.70 19.86
CA ALA D 115 23.76 18.27 20.13
C ALA D 115 24.82 17.77 21.10
N LYS D 116 26.02 18.36 21.07
CA LYS D 116 27.10 17.84 21.89
C LYS D 116 27.13 18.46 23.28
N GLU D 117 27.08 19.79 23.35
CA GLU D 117 27.29 20.50 24.61
C GLU D 117 26.04 20.90 25.40
N SER D 118 24.88 21.02 24.76
CA SER D 118 23.71 21.51 25.49
C SER D 118 23.32 20.56 26.61
N GLY D 119 23.43 19.26 26.35
CA GLY D 119 23.06 18.28 27.35
C GLY D 119 21.61 17.88 27.17
N ALA D 120 20.93 18.53 26.24
CA ALA D 120 19.57 18.16 25.94
C ALA D 120 19.54 16.95 25.04
N ASN D 121 18.53 16.10 25.17
CA ASN D 121 18.40 14.97 24.29
C ASN D 121 18.18 15.55 22.90
N PHE D 122 18.76 14.94 21.89
CA PHE D 122 18.66 15.53 20.56
C PHE D 122 18.07 14.57 19.55
N ILE D 123 17.06 14.99 18.81
CA ILE D 123 16.53 14.14 17.75
C ILE D 123 16.84 14.88 16.47
N SER D 124 17.68 14.31 15.61
CA SER D 124 17.94 14.94 14.33
C SER D 124 17.11 14.15 13.38
N ILE D 125 15.89 14.61 13.14
CA ILE D 125 14.97 13.84 12.32
C ILE D 125 15.11 14.29 10.87
N ARG D 126 15.01 13.34 9.95
CA ARG D 126 15.01 13.62 8.53
C ARG D 126 13.66 13.24 7.93
N MET D 127 13.35 13.81 6.77
CA MET D 127 12.05 13.59 6.16
C MET D 127 11.88 12.19 5.58
N SER D 128 12.98 11.45 5.37
CA SER D 128 12.86 10.07 4.93
C SER D 128 12.21 9.21 6.01
N SER D 129 12.55 9.45 7.28
CA SER D 129 11.93 8.69 8.36
C SER D 129 10.50 9.14 8.61
N ILE D 130 10.21 10.44 8.45
CA ILE D 130 8.87 10.95 8.68
C ILE D 130 7.92 10.48 7.59
N MET D 131 8.33 10.57 6.33
CA MET D 131 7.47 10.17 5.23
C MET D 131 7.25 8.66 5.23
N ASP D 132 6.04 8.25 4.86
CA ASP D 132 5.69 6.85 4.71
C ASP D 132 4.58 6.73 3.69
N LYS D 133 4.69 5.75 2.80
CA LYS D 133 3.68 5.56 1.76
C LYS D 133 2.37 5.02 2.31
N TRP D 134 2.40 4.36 3.46
CA TRP D 134 1.18 3.82 4.04
C TRP D 134 0.33 4.93 4.65
N TYR D 135 -0.98 4.68 4.71
CA TYR D 135 -1.93 5.71 5.11
C TYR D 135 -1.86 5.95 6.61
N GLY D 136 -1.68 7.22 7.00
CA GLY D 136 -1.70 7.61 8.39
C GLY D 136 -0.44 7.30 9.17
N GLU D 137 0.59 6.76 8.52
CA GLU D 137 1.81 6.40 9.23
C GLU D 137 2.66 7.62 9.58
N SER D 138 2.67 8.62 8.70
CA SER D 138 3.49 9.82 8.92
C SER D 138 2.94 10.65 10.09
N ASN D 139 1.62 10.76 10.19
CA ASN D 139 1.02 11.49 11.31
C ASN D 139 1.34 10.82 12.63
N LYS D 140 1.25 9.48 12.67
CA LYS D 140 1.63 8.75 13.88
C LYS D 140 3.12 8.86 14.16
N ILE D 141 3.95 8.96 13.11
CA ILE D 141 5.38 9.14 13.30
C ILE D 141 5.67 10.49 13.96
N VAL D 142 5.02 11.55 13.50
CA VAL D 142 5.21 12.86 14.11
C VAL D 142 4.65 12.90 15.53
N ASP D 143 3.51 12.24 15.75
CA ASP D 143 2.95 12.14 17.09
C ASP D 143 3.91 11.43 18.04
N ALA D 144 4.52 10.35 17.56
CA ALA D 144 5.49 9.62 18.37
C ALA D 144 6.75 10.44 18.61
N MET D 145 7.13 11.25 17.64
CA MET D 145 8.31 12.11 17.76
C MET D 145 8.09 13.13 18.86
N PHE D 146 6.92 13.75 18.86
CA PHE D 146 6.60 14.74 19.88
C PHE D 146 6.42 14.08 21.26
N SER D 147 5.80 12.90 21.29
CA SER D 147 5.62 12.19 22.56
C SER D 147 6.96 11.75 23.15
N LEU D 148 7.88 11.28 22.30
CA LEU D 148 9.20 10.89 22.77
C LEU D 148 10.00 12.09 23.24
N ALA D 149 9.87 13.22 22.54
CA ALA D 149 10.52 14.45 23.00
C ALA D 149 9.95 14.91 24.33
N ASN D 150 8.65 14.71 24.54
CA ASN D 150 8.06 15.04 25.84
C ASN D 150 8.53 14.09 26.93
N LYS D 151 8.70 12.80 26.59
CA LYS D 151 9.14 11.83 27.58
C LYS D 151 10.59 12.07 28.00
N LEU D 152 11.48 12.30 27.03
CA LEU D 152 12.84 12.74 27.32
C LEU D 152 12.75 14.24 27.51
N GLN D 153 12.39 14.66 28.73
CA GLN D 153 11.82 15.99 28.95
C GLN D 153 12.70 17.15 28.45
N PRO D 154 14.04 17.14 28.67
CA PRO D 154 14.81 18.22 28.04
C PRO D 154 15.24 17.75 26.65
N CYS D 155 14.38 17.88 25.63
CA CYS D 155 14.65 17.38 24.30
C CYS D 155 14.72 18.52 23.28
N ILE D 156 15.51 18.29 22.24
CA ILE D 156 15.60 19.18 21.09
C ILE D 156 15.30 18.36 19.84
N ILE D 157 14.36 18.83 19.02
CA ILE D 157 14.02 18.19 17.76
C ILE D 157 14.65 19.03 16.66
N PHE D 158 15.61 18.46 15.94
CA PHE D 158 16.28 19.17 14.86
C PHE D 158 15.83 18.65 13.51
N ILE D 159 15.45 19.58 12.62
CA ILE D 159 15.09 19.27 11.25
C ILE D 159 15.98 20.12 10.36
N ASP D 160 17.00 19.51 9.77
CA ASP D 160 17.86 20.23 8.85
C ASP D 160 17.13 20.48 7.53
N GLN D 161 17.44 21.62 6.91
CA GLN D 161 16.75 22.10 5.70
C GLN D 161 15.24 22.16 5.95
N ILE D 162 14.87 22.87 7.02
CA ILE D 162 13.50 22.89 7.49
C ILE D 162 12.55 23.64 6.57
N ASP D 163 13.07 24.34 5.56
CA ASP D 163 12.22 25.06 4.62
C ASP D 163 11.41 24.13 3.73
N SER D 164 11.74 22.84 3.69
CA SER D 164 10.99 21.87 2.90
C SER D 164 9.89 21.20 3.72
N PHE D 165 10.22 20.79 4.95
CA PHE D 165 9.21 20.21 5.83
C PHE D 165 8.16 21.25 6.19
N LEU D 166 8.59 22.46 6.55
CA LEU D 166 7.67 23.54 6.93
C LEU D 166 7.43 24.50 5.78
N ARG D 167 7.38 23.99 4.55
CA ARG D 167 7.14 24.84 3.40
C ARG D 167 5.73 25.42 3.44
N GLU D 168 5.52 26.50 2.68
CA GLU D 168 4.23 27.14 2.65
C GLU D 168 3.17 26.19 2.16
N ARG D 169 2.05 26.14 2.87
CA ARG D 169 0.97 25.25 2.52
C ARG D 169 0.22 25.77 1.29
N SER D 170 -0.28 24.83 0.49
CA SER D 170 -1.00 25.18 -0.73
C SER D 170 -1.95 24.04 -1.07
N SER D 171 -2.91 24.34 -1.96
CA SER D 171 -3.85 23.32 -2.41
C SER D 171 -3.16 22.26 -3.26
N THR D 172 -2.03 22.60 -3.89
CA THR D 172 -1.27 21.64 -4.68
C THR D 172 -0.45 20.69 -3.84
N ASP D 173 -0.37 20.91 -2.53
CA ASP D 173 0.39 20.01 -1.65
C ASP D 173 -0.30 18.65 -1.58
N HIS D 174 0.50 17.62 -1.31
CA HIS D 174 -0.03 16.28 -1.14
C HIS D 174 -0.93 16.22 0.09
N GLU D 175 -1.96 15.38 0.02
CA GLU D 175 -2.90 15.26 1.13
C GLU D 175 -2.20 14.75 2.38
N VAL D 176 -1.35 13.74 2.24
CA VAL D 176 -0.61 13.22 3.38
C VAL D 176 0.39 14.26 3.88
N THR D 177 1.04 14.98 2.96
CA THR D 177 1.97 16.04 3.35
C THR D 177 1.25 17.17 4.09
N ALA D 178 0.08 17.59 3.59
CA ALA D 178 -0.68 18.66 4.25
C ALA D 178 -1.16 18.22 5.62
N THR D 179 -1.67 16.99 5.74
CA THR D 179 -2.11 16.49 7.03
C THR D 179 -0.93 16.36 7.99
N LEU D 180 0.23 15.95 7.48
CA LEU D 180 1.43 15.84 8.29
C LEU D 180 1.87 17.20 8.82
N LYS D 181 1.86 18.22 7.96
CA LYS D 181 2.23 19.55 8.39
C LYS D 181 1.22 20.10 9.40
N ALA D 182 -0.06 19.81 9.21
CA ALA D 182 -1.08 20.24 10.18
C ALA D 182 -0.88 19.55 11.53
N GLU D 183 -0.55 18.27 11.51
CA GLU D 183 -0.31 17.54 12.76
C GLU D 183 0.93 18.08 13.47
N PHE D 184 1.99 18.39 12.71
CA PHE D 184 3.18 19.00 13.30
C PHE D 184 2.85 20.37 13.89
N MET D 185 2.01 21.15 13.20
CA MET D 185 1.58 22.44 13.72
C MET D 185 0.80 22.30 15.02
N THR D 186 -0.09 21.30 15.07
CA THR D 186 -0.91 21.09 16.25
C THR D 186 -0.07 20.65 17.44
N LEU D 187 0.83 19.69 17.24
CA LEU D 187 1.65 19.19 18.34
C LEU D 187 2.72 20.19 18.75
N TRP D 188 3.15 21.05 17.83
CA TRP D 188 4.16 22.05 18.16
C TRP D 188 3.64 23.05 19.17
N ASP D 189 2.43 23.58 18.93
CA ASP D 189 1.83 24.55 19.83
C ASP D 189 0.31 24.39 19.72
N GLY D 190 -0.27 23.64 20.64
CA GLY D 190 -1.70 23.40 20.64
C GLY D 190 -2.30 23.44 22.02
N LEU D 191 -3.36 22.66 22.25
CA LEU D 191 -3.97 22.60 23.57
C LEU D 191 -3.04 21.94 24.57
N LEU D 192 -2.51 20.77 24.22
CA LEU D 192 -1.59 20.04 25.10
C LEU D 192 -0.22 20.66 24.98
N ASN D 193 0.15 21.48 25.96
CA ASN D 193 1.45 22.13 25.96
C ASN D 193 2.56 21.10 26.13
N ASN D 194 3.62 21.26 25.35
CA ASN D 194 4.77 20.38 25.48
C ASN D 194 5.56 20.72 26.75
N GLY D 195 6.46 19.82 27.11
CA GLY D 195 7.33 20.06 28.25
C GLY D 195 8.49 20.97 27.88
N ARG D 196 9.70 20.60 28.27
CA ARG D 196 10.87 21.34 27.83
C ARG D 196 11.30 20.86 26.45
N VAL D 197 10.39 20.94 25.48
CA VAL D 197 10.62 20.45 24.13
C VAL D 197 10.81 21.65 23.21
N MET D 198 11.91 21.63 22.46
CA MET D 198 12.23 22.70 21.53
C MET D 198 12.50 22.11 20.15
N ILE D 199 11.98 22.74 19.12
CA ILE D 199 12.22 22.34 17.74
C ILE D 199 13.19 23.37 17.14
N ILE D 200 14.39 22.91 16.81
CA ILE D 200 15.44 23.76 16.25
C ILE D 200 15.56 23.46 14.76
N GLY D 201 15.58 24.49 13.95
CA GLY D 201 15.65 24.32 12.51
C GLY D 201 16.78 25.13 11.90
N ALA D 202 17.39 24.54 10.87
CA ALA D 202 18.41 25.20 10.07
C ALA D 202 17.95 25.24 8.62
N THR D 203 18.06 26.42 8.00
CA THR D 203 17.57 26.58 6.65
C THR D 203 18.36 27.67 5.94
N ASN D 204 18.34 27.62 4.60
CA ASN D 204 18.91 28.66 3.78
C ASN D 204 17.86 29.60 3.21
N ARG D 205 16.64 29.09 2.98
CA ARG D 205 15.53 29.89 2.43
C ARG D 205 14.58 30.21 3.58
N ILE D 206 14.75 31.41 4.15
CA ILE D 206 13.92 31.84 5.27
C ILE D 206 12.49 32.07 4.81
N ASN D 207 12.30 32.62 3.61
CA ASN D 207 10.98 33.00 3.14
C ASN D 207 10.16 31.84 2.61
N ASP D 208 10.75 30.65 2.47
CA ASP D 208 10.02 29.49 2.00
C ASP D 208 9.27 28.77 3.12
N ILE D 209 9.51 29.15 4.36
CA ILE D 209 8.83 28.54 5.50
C ILE D 209 7.46 29.18 5.68
N ASP D 210 6.48 28.36 6.03
CA ASP D 210 5.11 28.85 6.23
C ASP D 210 5.06 29.83 7.39
N ASP D 211 4.16 30.79 7.27
CA ASP D 211 4.02 31.83 8.31
C ASP D 211 3.58 31.22 9.63
N ALA D 212 2.67 30.24 9.59
CA ALA D 212 2.26 29.56 10.82
C ALA D 212 3.36 28.69 11.40
N PHE D 213 4.36 28.32 10.59
CA PHE D 213 5.52 27.59 11.09
C PHE D 213 6.65 28.53 11.51
N LEU D 214 6.83 29.63 10.78
CA LEU D 214 7.78 30.65 11.22
C LEU D 214 7.35 31.29 12.52
N ARG D 215 6.05 31.36 12.77
CA ARG D 215 5.53 31.83 14.06
C ARG D 215 5.94 30.89 15.18
N ARG D 216 5.95 29.58 14.91
CA ARG D 216 6.38 28.59 15.89
C ARG D 216 7.90 28.55 16.06
N LEU D 217 8.64 29.30 15.26
CA LEU D 217 10.07 29.50 15.48
C LEU D 217 10.31 30.96 15.84
N PRO D 218 9.99 31.37 17.08
CA PRO D 218 10.07 32.81 17.40
C PRO D 218 11.48 33.31 17.61
N LYS D 219 12.39 32.46 18.08
CA LYS D 219 13.79 32.84 18.25
C LYS D 219 14.54 32.52 16.95
N ARG D 220 14.99 33.57 16.26
CA ARG D 220 15.65 33.42 14.97
C ARG D 220 17.06 33.94 15.06
N PHE D 221 18.02 33.13 14.60
CA PHE D 221 19.43 33.49 14.58
C PHE D 221 19.86 33.63 13.12
N LEU D 222 20.38 34.81 12.77
CA LEU D 222 20.84 35.08 11.41
C LEU D 222 22.33 34.77 11.36
N VAL D 223 22.67 33.57 10.87
CA VAL D 223 24.07 33.19 10.67
C VAL D 223 24.44 33.67 9.27
N SER D 224 24.83 34.94 9.19
CA SER D 224 25.12 35.57 7.91
C SER D 224 26.57 35.32 7.51
N LEU D 225 26.97 35.91 6.38
CA LEU D 225 28.33 35.74 5.89
C LEU D 225 29.32 36.41 6.83
N PRO D 226 30.48 35.81 7.05
CA PRO D 226 31.43 36.35 8.03
C PRO D 226 32.07 37.64 7.55
N GLY D 227 32.34 38.53 8.50
CA GLY D 227 33.12 39.72 8.25
C GLY D 227 34.61 39.44 8.33
N SER D 228 35.40 40.50 8.26
CA SER D 228 36.85 40.35 8.24
C SER D 228 37.36 39.73 9.55
N ASP D 229 36.93 40.27 10.69
CA ASP D 229 37.31 39.68 11.97
C ASP D 229 36.68 38.31 12.16
N GLN D 230 35.44 38.15 11.70
CA GLN D 230 34.79 36.84 11.75
C GLN D 230 35.53 35.83 10.89
N ARG D 231 36.00 36.25 9.72
CA ARG D 231 36.78 35.34 8.87
C ARG D 231 38.13 35.04 9.49
N TYR D 232 38.73 36.01 10.18
CA TYR D 232 39.98 35.73 10.90
C TYR D 232 39.76 34.67 11.97
N LYS D 233 38.66 34.78 12.72
CA LYS D 233 38.35 33.80 13.75
C LYS D 233 38.07 32.42 13.13
N ILE D 234 37.34 32.39 12.01
CA ILE D 234 37.05 31.12 11.34
C ILE D 234 38.34 30.48 10.84
N LEU D 235 39.23 31.27 10.24
CA LEU D 235 40.50 30.74 9.75
C LEU D 235 41.38 30.26 10.90
N SER D 236 41.38 30.99 12.02
CA SER D 236 42.16 30.56 13.18
C SER D 236 41.63 29.26 13.75
N VAL D 237 40.31 29.09 13.76
CA VAL D 237 39.73 27.82 14.21
C VAL D 237 40.09 26.70 13.24
N LEU D 238 39.97 26.94 11.93
CA LEU D 238 40.26 25.91 10.94
C LEU D 238 41.74 25.55 10.93
N LEU D 239 42.62 26.54 11.09
CA LEU D 239 44.05 26.31 11.08
C LEU D 239 44.61 25.97 12.45
N LYS D 240 43.74 25.74 13.44
CA LYS D 240 44.20 25.25 14.73
C LYS D 240 44.75 23.84 14.58
N ASP D 241 45.62 23.46 15.53
CA ASP D 241 46.36 22.18 15.57
C ASP D 241 47.07 21.87 14.25
N THR D 242 47.31 22.88 13.42
CA THR D 242 48.05 22.75 12.18
C THR D 242 49.22 23.73 12.23
N LYS D 243 50.42 23.24 11.95
CA LYS D 243 51.62 24.05 12.08
C LYS D 243 51.63 25.16 11.04
N LEU D 244 51.95 26.38 11.48
CA LEU D 244 52.07 27.54 10.62
C LEU D 244 53.42 28.20 10.85
N ASP D 245 53.90 28.90 9.82
CA ASP D 245 55.18 29.57 9.92
C ASP D 245 55.11 30.72 10.92
N GLU D 246 56.16 30.86 11.74
CA GLU D 246 56.16 31.87 12.78
C GLU D 246 56.42 33.28 12.25
N ASP D 247 56.98 33.40 11.05
CA ASP D 247 57.31 34.71 10.48
C ASP D 247 56.59 34.99 9.18
N GLU D 248 56.59 34.04 8.23
CA GLU D 248 56.03 34.31 6.91
C GLU D 248 54.50 34.31 6.92
N PHE D 249 53.88 33.56 7.84
CA PHE D 249 52.43 33.46 7.84
C PHE D 249 51.79 34.76 8.35
N ASP D 250 50.78 35.23 7.63
CA ASP D 250 50.03 36.42 8.00
C ASP D 250 48.55 36.10 7.78
N LEU D 251 47.86 35.76 8.86
CA LEU D 251 46.44 35.39 8.75
C LEU D 251 45.55 36.59 8.48
N GLN D 252 46.03 37.80 8.81
CA GLN D 252 45.23 39.00 8.59
C GLN D 252 45.02 39.26 7.10
N LEU D 253 46.05 39.03 6.29
CA LEU D 253 45.92 39.21 4.84
C LEU D 253 44.90 38.23 4.26
N ILE D 254 44.95 36.97 4.71
CA ILE D 254 44.00 35.97 4.22
C ILE D 254 42.59 36.33 4.66
N ALA D 255 42.42 36.80 5.89
CA ALA D 255 41.10 37.20 6.37
C ALA D 255 40.56 38.39 5.60
N ASP D 256 41.42 39.35 5.28
CA ASP D 256 40.98 40.56 4.58
C ASP D 256 40.70 40.34 3.10
N ASN D 257 41.45 39.46 2.47
CA ASN D 257 41.32 39.25 1.03
C ASN D 257 40.31 38.17 0.65
N THR D 258 39.67 37.54 1.62
CA THR D 258 38.61 36.56 1.34
C THR D 258 37.24 37.22 1.35
N LYS D 259 37.06 38.25 0.52
CA LYS D 259 35.78 38.96 0.49
C LYS D 259 34.69 38.06 -0.07
N GLY D 260 33.57 38.02 0.64
CA GLY D 260 32.46 37.16 0.24
C GLY D 260 32.75 35.67 0.36
N PHE D 261 33.50 35.27 1.39
CA PHE D 261 33.84 33.86 1.59
C PHE D 261 33.06 33.32 2.78
N SER D 262 32.37 32.22 2.58
CA SER D 262 31.67 31.55 3.67
C SER D 262 32.64 30.70 4.48
N GLY D 263 32.13 30.11 5.56
CA GLY D 263 32.96 29.24 6.38
C GLY D 263 33.39 27.98 5.65
N SER D 264 32.49 27.41 4.83
CA SER D 264 32.85 26.23 4.05
C SER D 264 33.86 26.57 2.97
N ASP D 265 33.75 27.74 2.36
CA ASP D 265 34.74 28.17 1.38
C ASP D 265 36.11 28.35 2.04
N LEU D 266 36.13 28.91 3.25
CA LEU D 266 37.39 29.04 3.98
C LEU D 266 37.94 27.67 4.38
N LYS D 267 37.06 26.73 4.72
CA LYS D 267 37.50 25.36 5.02
C LYS D 267 38.14 24.70 3.80
N GLU D 268 37.52 24.88 2.63
CA GLU D 268 38.09 24.31 1.41
C GLU D 268 39.41 24.98 1.04
N LEU D 269 39.50 26.30 1.25
CA LEU D 269 40.75 27.01 1.01
C LEU D 269 41.86 26.52 1.93
N CYS D 270 41.54 26.31 3.21
CA CYS D 270 42.53 25.78 4.16
C CYS D 270 42.95 24.36 3.78
N ARG D 271 41.99 23.54 3.36
CA ARG D 271 42.30 22.18 2.94
C ARG D 271 43.22 22.16 1.73
N GLU D 272 42.91 22.99 0.73
CA GLU D 272 43.75 23.09 -0.46
C GLU D 272 45.15 23.59 -0.11
N ALA D 273 45.23 24.64 0.73
CA ALA D 273 46.53 25.21 1.09
C ALA D 273 47.37 24.21 1.84
N ALA D 274 46.75 23.45 2.77
CA ALA D 274 47.48 22.40 3.47
C ALA D 274 47.93 21.31 2.51
N LEU D 275 47.09 20.98 1.52
CA LEU D 275 47.45 19.94 0.56
C LEU D 275 48.67 20.33 -0.26
N ASP D 276 48.67 21.54 -0.84
CA ASP D 276 49.83 21.93 -1.64
C ASP D 276 51.03 22.32 -0.78
N ALA D 277 50.81 22.61 0.51
CA ALA D 277 51.95 22.84 1.39
C ALA D 277 52.63 21.54 1.78
N ALA D 278 51.85 20.47 1.95
CA ALA D 278 52.39 19.18 2.32
C ALA D 278 52.67 18.26 1.13
N LYS D 279 52.44 18.76 -0.09
CA LYS D 279 52.64 17.93 -1.27
C LYS D 279 53.97 17.21 -1.23
N GLU D 280 55.04 17.89 -0.82
CA GLU D 280 56.32 17.23 -0.67
C GLU D 280 56.24 16.06 0.31
N TYR D 281 55.47 16.22 1.40
CA TYR D 281 55.35 15.14 2.38
C TYR D 281 54.56 13.96 1.82
N ILE D 282 53.49 14.22 1.07
CA ILE D 282 52.80 13.12 0.40
C ILE D 282 53.68 12.47 -0.66
N LYS D 283 54.50 13.27 -1.36
CA LYS D 283 55.43 12.70 -2.33
C LYS D 283 56.44 11.78 -1.66
N GLN D 284 56.94 12.17 -0.48
CA GLN D 284 57.87 11.33 0.25
C GLN D 284 57.19 10.07 0.79
N LYS D 285 55.97 10.20 1.30
CA LYS D 285 55.30 9.06 1.90
C LYS D 285 54.73 8.07 0.88
N ARG D 286 54.44 8.55 -0.32
CA ARG D 286 53.92 7.65 -1.36
C ARG D 286 55.00 6.68 -1.82
N GLN D 287 56.25 7.13 -1.87
CA GLN D 287 57.35 6.22 -2.19
C GLN D 287 57.53 5.16 -1.10
N LEU D 288 57.41 5.57 0.16
CA LEU D 288 57.51 4.60 1.26
C LEU D 288 56.30 3.67 1.28
N ILE D 289 55.11 4.21 1.01
CA ILE D 289 53.89 3.40 1.02
C ILE D 289 53.42 3.15 -0.41
N LEU D 302 59.52 12.97 6.46
CA LEU D 302 59.99 13.86 7.51
C LEU D 302 58.80 14.45 8.28
N LYS D 303 58.61 15.76 8.15
CA LYS D 303 57.54 16.47 8.82
C LYS D 303 56.77 17.30 7.81
N ILE D 304 55.50 17.55 8.12
CA ILE D 304 54.68 18.43 7.28
C ILE D 304 55.17 19.87 7.44
N ARG D 305 55.40 20.53 6.32
CA ARG D 305 55.91 21.90 6.34
C ARG D 305 54.87 22.83 6.94
N PRO D 306 55.25 23.71 7.86
CA PRO D 306 54.31 24.72 8.39
C PRO D 306 53.71 25.57 7.28
N LEU D 307 52.42 25.86 7.39
CA LEU D 307 51.71 26.59 6.36
C LEU D 307 52.19 28.04 6.28
N LYS D 308 52.25 28.55 5.05
CA LYS D 308 52.72 29.90 4.78
C LYS D 308 51.60 30.73 4.17
N THR D 309 51.80 32.05 4.19
CA THR D 309 50.83 32.95 3.57
C THR D 309 50.77 32.73 2.06
N LYS D 310 51.92 32.47 1.43
CA LYS D 310 51.98 32.32 -0.01
C LYS D 310 51.09 31.18 -0.50
N ASP D 311 51.04 30.08 0.27
CA ASP D 311 50.19 28.95 -0.09
C ASP D 311 48.72 29.38 -0.17
N PHE D 312 48.31 30.31 0.68
CA PHE D 312 46.98 30.89 0.55
C PHE D 312 46.90 31.90 -0.58
N THR D 313 48.01 32.56 -0.94
CA THR D 313 47.96 33.53 -2.03
C THR D 313 47.75 32.87 -3.38
N LYS D 314 48.32 31.67 -3.59
CA LYS D 314 48.15 31.01 -4.89
C LYS D 314 46.69 30.64 -5.13
N LYS D 315 45.97 30.23 -4.10
CA LYS D 315 44.59 29.78 -4.25
C LYS D 315 43.57 30.85 -3.83
N LEU D 316 43.98 32.10 -3.70
CA LEU D 316 43.07 33.21 -3.51
C LEU D 316 43.21 34.22 -4.63
N ARG D 317 42.20 35.07 -4.77
CA ARG D 317 42.17 36.11 -5.79
C ARG D 317 42.29 37.46 -5.12
N MET D 318 43.27 38.25 -5.55
CA MET D 318 43.55 39.53 -4.92
C MET D 318 43.25 40.68 -5.88
N GLY E 5 -12.24 -4.45 17.14
CA GLY E 5 -10.80 -4.31 17.25
C GLY E 5 -10.28 -3.00 16.68
N PRO E 6 -10.33 -1.93 17.49
CA PRO E 6 -9.81 -0.63 17.02
C PRO E 6 -8.32 -0.63 16.74
N LEU E 7 -7.55 -1.50 17.39
CA LEU E 7 -6.11 -1.68 17.19
C LEU E 7 -5.30 -0.42 17.52
N SER E 8 -5.85 0.50 18.30
CA SER E 8 -5.14 1.71 18.67
C SER E 8 -4.98 1.87 20.17
N GLY E 9 -6.02 1.58 20.95
CA GLY E 9 -5.98 1.69 22.39
C GLY E 9 -5.67 0.40 23.12
N LYS E 10 -5.13 -0.61 22.43
CA LYS E 10 -4.81 -1.88 23.06
C LYS E 10 -3.54 -1.81 23.90
N SER E 11 -2.77 -0.74 23.80
CA SER E 11 -1.55 -0.60 24.58
C SER E 11 -1.88 -0.37 26.05
N ARG E 12 -0.95 -0.75 26.93
CA ARG E 12 -1.13 -0.56 28.35
C ARG E 12 -1.12 0.92 28.72
N GLU E 13 -0.21 1.69 28.13
CA GLU E 13 -0.16 3.13 28.39
C GLU E 13 -1.41 3.82 27.87
N SER E 14 -1.87 3.43 26.69
CA SER E 14 -3.10 4.01 26.14
C SER E 14 -4.31 3.66 27.01
N LYS E 15 -4.37 2.41 27.48
CA LYS E 15 -5.47 2.00 28.36
C LYS E 15 -5.45 2.77 29.68
N ALA E 16 -4.25 2.98 30.24
CA ALA E 16 -4.15 3.77 31.47
C ALA E 16 -4.57 5.21 31.24
N LYS E 17 -4.19 5.80 30.11
CA LYS E 17 -4.60 7.16 29.78
C LYS E 17 -6.12 7.24 29.62
N GLN E 18 -6.71 6.26 28.96
CA GLN E 18 -8.17 6.24 28.78
C GLN E 18 -8.88 6.10 30.12
N SER E 19 -8.35 5.25 31.01
CA SER E 19 -8.95 5.09 32.33
C SER E 19 -8.85 6.39 33.14
N LEU E 20 -7.70 7.07 33.04
CA LEU E 20 -7.54 8.35 33.72
C LEU E 20 -8.53 9.39 33.20
N GLN E 21 -8.68 9.47 31.87
CA GLN E 21 -9.62 10.43 31.29
C GLN E 21 -11.05 10.12 31.68
N TRP E 22 -11.42 8.84 31.69
CA TRP E 22 -12.76 8.44 32.11
C TRP E 22 -12.99 8.76 33.58
N GLU E 23 -11.99 8.55 34.43
CA GLU E 23 -12.11 8.90 35.84
C GLU E 23 -12.33 10.39 36.02
N LYS E 24 -11.57 11.22 35.27
CA LYS E 24 -11.75 12.66 35.34
C LYS E 24 -13.15 13.07 34.87
N LEU E 25 -13.62 12.45 33.78
CA LEU E 25 -14.95 12.78 33.26
C LEU E 25 -16.05 12.40 34.25
N VAL E 26 -15.92 11.23 34.89
CA VAL E 26 -16.92 10.80 35.86
C VAL E 26 -16.88 11.68 37.10
N LYS E 27 -15.68 12.08 37.53
CA LYS E 27 -15.58 12.97 38.68
C LYS E 27 -16.19 14.34 38.39
N ARG E 28 -15.98 14.85 37.17
CA ARG E 28 -16.59 16.12 36.81
C ARG E 28 -18.11 15.99 36.68
N SER E 29 -18.58 14.96 35.99
CA SER E 29 -20.01 14.72 35.80
C SER E 29 -20.40 13.39 36.42
N PRO E 30 -21.02 13.40 37.61
CA PRO E 30 -21.40 12.13 38.25
C PRO E 30 -22.43 11.32 37.47
N ALA E 31 -23.21 11.96 36.60
CA ALA E 31 -24.20 11.25 35.80
C ALA E 31 -23.57 10.43 34.68
N LEU E 32 -22.27 10.57 34.44
CA LEU E 32 -21.60 9.88 33.35
C LEU E 32 -21.15 8.47 33.72
N ALA E 33 -21.34 8.06 34.98
CA ALA E 33 -20.87 6.75 35.41
C ALA E 33 -21.69 5.61 34.80
N GLU E 34 -22.96 5.88 34.48
CA GLU E 34 -23.82 4.85 33.91
C GLU E 34 -23.64 4.68 32.40
N VAL E 35 -22.85 5.53 31.76
CA VAL E 35 -22.67 5.47 30.32
C VAL E 35 -21.64 4.40 30.00
N THR E 36 -22.02 3.44 29.15
CA THR E 36 -21.13 2.39 28.69
C THR E 36 -20.58 2.74 27.32
N LEU E 37 -19.33 2.36 27.08
CA LEU E 37 -18.62 2.72 25.85
C LEU E 37 -18.11 1.46 25.17
N ASP E 38 -18.08 1.49 23.83
CA ASP E 38 -17.40 0.45 23.07
C ASP E 38 -15.89 0.64 23.17
N ALA E 39 -15.16 -0.34 22.63
CA ALA E 39 -13.71 -0.23 22.58
C ALA E 39 -13.28 0.93 21.69
N TYR E 40 -14.04 1.19 20.63
CA TYR E 40 -13.76 2.32 19.75
C TYR E 40 -13.95 3.64 20.48
N GLU E 41 -15.05 3.79 21.22
CA GLU E 41 -15.26 4.98 22.02
C GLU E 41 -14.21 5.10 23.13
N ARG E 42 -13.76 3.95 23.65
CA ARG E 42 -12.67 3.97 24.62
C ARG E 42 -11.38 4.50 24.01
N THR E 43 -11.11 4.14 22.75
CA THR E 43 -9.93 4.69 22.08
C THR E 43 -10.07 6.18 21.83
N ILE E 44 -11.29 6.63 21.51
CA ILE E 44 -11.51 8.07 21.37
C ILE E 44 -11.34 8.78 22.70
N LEU E 45 -11.63 8.09 23.81
CA LEU E 45 -11.54 8.67 25.14
C LEU E 45 -10.12 9.13 25.50
N SER E 46 -9.10 8.62 24.82
CA SER E 46 -7.74 9.08 25.05
C SER E 46 -7.50 10.50 24.55
N SER E 47 -8.38 11.02 23.70
CA SER E 47 -8.27 12.39 23.20
C SER E 47 -9.07 13.38 24.04
N ILE E 48 -9.66 12.94 25.14
CA ILE E 48 -10.43 13.84 26.00
C ILE E 48 -9.49 14.77 26.73
N VAL E 49 -9.79 16.07 26.68
CA VAL E 49 -9.01 17.09 27.37
C VAL E 49 -9.86 17.65 28.50
N THR E 50 -9.35 17.57 29.72
CA THR E 50 -10.01 18.05 30.92
C THR E 50 -9.44 19.40 31.32
N PRO E 51 -10.19 20.20 32.10
CA PRO E 51 -9.69 21.53 32.48
C PRO E 51 -8.40 21.52 33.29
N ASP E 52 -8.07 20.43 33.99
CA ASP E 52 -6.84 20.39 34.75
C ASP E 52 -5.60 20.31 33.85
N GLU E 53 -5.75 19.82 32.62
CA GLU E 53 -4.64 19.79 31.68
C GLU E 53 -4.42 21.11 30.97
N ILE E 54 -5.30 22.09 31.17
CA ILE E 54 -5.20 23.38 30.52
C ILE E 54 -4.97 24.45 31.57
N ASN E 55 -3.92 25.25 31.38
CA ASN E 55 -3.59 26.34 32.29
C ASN E 55 -3.99 27.70 31.73
N ILE E 56 -4.74 27.73 30.63
CA ILE E 56 -5.11 28.98 29.96
C ILE E 56 -6.56 29.31 30.28
N THR E 57 -6.79 30.50 30.81
CA THR E 57 -8.09 31.00 31.23
C THR E 57 -8.50 32.14 30.30
N PHE E 58 -9.80 32.38 30.17
CA PHE E 58 -10.30 33.49 29.36
C PHE E 58 -9.75 34.85 29.81
N GLN E 59 -9.37 34.97 31.08
CA GLN E 59 -8.70 36.18 31.54
C GLN E 59 -7.25 36.26 31.06
N ASP E 60 -6.68 35.15 30.62
CA ASP E 60 -5.32 35.12 30.09
C ASP E 60 -5.26 35.47 28.61
N ILE E 61 -6.41 35.77 27.98
CA ILE E 61 -6.47 36.18 26.58
C ILE E 61 -6.79 37.67 26.58
N GLY E 62 -5.84 38.48 26.10
CA GLY E 62 -6.03 39.90 26.01
C GLY E 62 -6.34 40.35 24.59
N GLY E 63 -6.96 41.53 24.48
CA GLY E 63 -7.25 42.09 23.19
C GLY E 63 -8.39 41.44 22.44
N LEU E 64 -9.12 40.52 23.07
CA LEU E 64 -10.20 39.80 22.42
C LEU E 64 -11.47 39.86 23.27
N ASP E 65 -11.64 40.92 24.06
CA ASP E 65 -12.80 41.04 24.94
C ASP E 65 -14.14 41.00 24.21
N PRO E 66 -14.40 41.77 23.13
CA PRO E 66 -15.69 41.60 22.46
C PRO E 66 -15.81 40.26 21.75
N LEU E 67 -14.71 39.72 21.22
CA LEU E 67 -14.74 38.39 20.63
C LEU E 67 -15.03 37.34 21.68
N ILE E 68 -14.43 37.46 22.87
CA ILE E 68 -14.69 36.51 23.95
C ILE E 68 -16.14 36.60 24.40
N SER E 69 -16.67 37.83 24.53
CA SER E 69 -18.06 38.00 24.95
C SER E 69 -19.03 37.42 23.93
N ASP E 70 -18.78 37.68 22.63
CA ASP E 70 -19.63 37.13 21.59
C ASP E 70 -19.54 35.61 21.56
N LEU E 71 -18.34 35.05 21.70
CA LEU E 71 -18.16 33.61 21.73
C LEU E 71 -18.92 32.99 22.90
N HIS E 72 -18.83 33.62 24.08
CA HIS E 72 -19.60 33.17 25.23
C HIS E 72 -21.10 33.16 24.93
N GLU E 73 -21.65 34.35 24.65
CA GLU E 73 -23.10 34.51 24.52
C GLU E 73 -23.68 33.75 23.33
N SER E 74 -22.88 33.38 22.34
CA SER E 74 -23.41 32.67 21.18
C SER E 74 -22.98 31.22 21.11
N VAL E 75 -22.09 30.76 21.99
CA VAL E 75 -21.56 29.40 21.90
C VAL E 75 -21.74 28.67 23.22
N ILE E 76 -21.23 29.26 24.31
CA ILE E 76 -21.09 28.52 25.55
C ILE E 76 -22.41 28.50 26.31
N TYR E 77 -22.99 29.68 26.53
CA TYR E 77 -24.29 29.76 27.20
C TYR E 77 -25.41 29.06 26.43
N PRO E 78 -25.54 29.16 25.10
CA PRO E 78 -26.54 28.32 24.42
C PRO E 78 -26.30 26.82 24.60
N LEU E 79 -25.05 26.38 24.71
CA LEU E 79 -24.75 24.96 24.83
C LEU E 79 -24.83 24.46 26.27
N MET E 80 -24.20 25.18 27.20
CA MET E 80 -24.12 24.74 28.58
C MET E 80 -25.31 25.14 29.43
N MET E 81 -26.17 26.03 28.94
CA MET E 81 -27.36 26.46 29.65
C MET E 81 -28.57 26.34 28.73
N PRO E 82 -29.01 25.11 28.45
CA PRO E 82 -30.18 24.95 27.56
C PRO E 82 -31.49 25.32 28.20
N GLU E 83 -31.56 25.37 29.53
CA GLU E 83 -32.78 25.80 30.21
C GLU E 83 -33.08 27.26 29.92
N VAL E 84 -32.04 28.10 29.87
CA VAL E 84 -32.21 29.52 29.57
C VAL E 84 -32.63 29.72 28.11
N TYR E 85 -32.08 28.91 27.21
CA TYR E 85 -32.24 29.09 25.77
C TYR E 85 -33.31 28.19 25.18
N SER E 86 -34.08 27.48 26.01
CA SER E 86 -35.08 26.53 25.54
C SER E 86 -36.41 27.17 25.21
N ASN E 87 -36.55 28.50 25.37
CA ASN E 87 -37.81 29.16 25.04
C ASN E 87 -38.09 29.09 23.55
N SER E 88 -37.05 29.21 22.73
CA SER E 88 -37.19 29.18 21.28
C SER E 88 -36.26 28.14 20.68
N PRO E 89 -36.63 27.53 19.56
CA PRO E 89 -35.73 26.59 18.90
C PRO E 89 -34.63 27.25 18.07
N LEU E 90 -34.62 28.58 18.00
CA LEU E 90 -33.58 29.32 17.31
C LEU E 90 -32.48 29.80 18.25
N LEU E 91 -32.52 29.43 19.51
CA LEU E 91 -31.54 29.86 20.50
C LEU E 91 -30.52 28.77 20.83
N GLN E 92 -30.47 27.69 20.04
CA GLN E 92 -29.55 26.60 20.33
C GLN E 92 -28.12 26.98 19.94
N ALA E 93 -27.18 26.18 20.44
CA ALA E 93 -25.78 26.35 20.10
C ALA E 93 -25.55 25.98 18.64
N PRO E 94 -24.57 26.61 17.97
CA PRO E 94 -24.29 26.25 16.58
C PRO E 94 -23.73 24.85 16.46
N SER E 95 -23.98 24.22 15.31
CA SER E 95 -23.45 22.89 15.05
C SER E 95 -21.94 22.90 14.93
N GLY E 96 -21.36 24.02 14.52
CA GLY E 96 -19.92 24.14 14.40
C GLY E 96 -19.46 25.55 14.64
N VAL E 97 -18.22 25.69 15.06
CA VAL E 97 -17.59 26.98 15.29
C VAL E 97 -16.21 26.98 14.66
N LEU E 98 -15.92 27.98 13.84
CA LEU E 98 -14.62 28.10 13.18
C LEU E 98 -13.91 29.33 13.71
N LEU E 99 -12.69 29.14 14.21
CA LEU E 99 -11.80 30.23 14.59
C LEU E 99 -10.74 30.34 13.51
N TYR E 100 -10.77 31.43 12.75
CA TYR E 100 -9.86 31.60 11.62
C TYR E 100 -9.24 32.99 11.65
N GLY E 101 -8.06 33.09 11.06
CA GLY E 101 -7.33 34.33 11.02
C GLY E 101 -5.84 34.09 10.85
N PRO E 102 -5.04 35.14 11.01
CA PRO E 102 -3.59 34.98 10.95
C PRO E 102 -3.10 34.15 12.12
N PRO E 103 -2.00 33.41 11.95
CA PRO E 103 -1.46 32.62 13.06
C PRO E 103 -0.95 33.51 14.19
N GLY E 104 -1.09 33.01 15.42
CA GLY E 104 -0.62 33.70 16.59
C GLY E 104 -1.56 34.74 17.16
N CYS E 105 -2.76 34.90 16.60
CA CYS E 105 -3.69 35.90 17.07
C CYS E 105 -4.51 35.45 18.28
N GLY E 106 -4.52 34.16 18.59
CA GLY E 106 -5.17 33.69 19.80
C GLY E 106 -6.28 32.68 19.59
N LYS E 107 -6.25 31.95 18.47
CA LYS E 107 -7.25 30.93 18.22
C LYS E 107 -7.09 29.74 19.17
N THR E 108 -5.85 29.27 19.33
CA THR E 108 -5.61 28.16 20.24
C THR E 108 -5.76 28.59 21.70
N MET E 109 -5.51 29.87 22.00
CA MET E 109 -5.82 30.38 23.33
C MET E 109 -7.31 30.32 23.61
N LEU E 110 -8.14 30.69 22.62
CA LEU E 110 -9.59 30.59 22.78
C LEU E 110 -10.02 29.13 22.91
N ALA E 111 -9.38 28.23 22.17
CA ALA E 111 -9.69 26.81 22.30
C ALA E 111 -9.33 26.27 23.68
N LYS E 112 -8.18 26.70 24.22
CA LYS E 112 -7.79 26.30 25.57
C LYS E 112 -8.75 26.84 26.62
N ALA E 113 -9.18 28.09 26.45
CA ALA E 113 -10.14 28.67 27.38
C ALA E 113 -11.49 27.96 27.31
N LEU E 114 -11.89 27.55 26.10
CA LEU E 114 -13.11 26.75 25.96
C LEU E 114 -12.94 25.38 26.62
N ALA E 115 -11.74 24.80 26.53
CA ALA E 115 -11.50 23.52 27.18
C ALA E 115 -11.53 23.64 28.69
N LYS E 116 -11.11 24.80 29.23
CA LYS E 116 -11.00 24.94 30.67
C LYS E 116 -12.29 25.45 31.32
N GLU E 117 -12.80 26.59 30.88
CA GLU E 117 -13.83 27.31 31.63
C GLU E 117 -15.25 27.13 31.08
N SER E 118 -15.41 26.54 29.91
CA SER E 118 -16.73 26.38 29.32
C SER E 118 -17.56 25.34 30.06
N GLY E 119 -16.90 24.32 30.60
CA GLY E 119 -17.60 23.27 31.32
C GLY E 119 -18.05 22.14 30.44
N ALA E 120 -17.84 22.26 29.13
CA ALA E 120 -18.17 21.18 28.22
C ALA E 120 -17.08 20.16 28.16
N ASN E 121 -17.44 18.89 27.97
CA ASN E 121 -16.43 17.85 27.81
C ASN E 121 -15.71 18.19 26.52
N PHE E 122 -14.40 18.04 26.48
CA PHE E 122 -13.65 18.45 25.31
C PHE E 122 -12.89 17.32 24.67
N ILE E 123 -13.04 17.12 23.37
CA ILE E 123 -12.22 16.13 22.70
C ILE E 123 -11.31 16.91 21.78
N SER E 124 -10.01 16.86 22.03
CA SER E 124 -9.07 17.54 21.14
C SER E 124 -8.49 16.43 20.33
N ILE E 125 -9.08 16.16 19.18
CA ILE E 125 -8.67 15.02 18.37
C ILE E 125 -7.68 15.50 17.32
N ARG E 126 -6.69 14.68 17.03
CA ARG E 126 -5.74 14.92 15.96
C ARG E 126 -5.90 13.87 14.88
N MET E 127 -5.39 14.17 13.69
CA MET E 127 -5.55 13.25 12.57
C MET E 127 -4.68 12.01 12.69
N SER E 128 -3.69 12.00 13.59
CA SER E 128 -2.95 10.77 13.84
C SER E 128 -3.82 9.73 14.55
N SER E 129 -4.73 10.18 15.40
CA SER E 129 -5.66 9.27 16.07
C SER E 129 -6.85 8.90 15.20
N ILE E 130 -7.06 9.60 14.09
CA ILE E 130 -8.17 9.31 13.18
C ILE E 130 -7.71 8.46 12.00
N MET E 131 -6.60 8.85 11.36
CA MET E 131 -6.07 8.06 10.24
C MET E 131 -5.59 6.70 10.72
N ASP E 132 -5.89 5.67 9.93
CA ASP E 132 -5.43 4.32 10.22
C ASP E 132 -5.24 3.59 8.90
N LYS E 133 -4.12 2.87 8.78
CA LYS E 133 -3.82 2.16 7.55
C LYS E 133 -4.75 0.98 7.33
N TRP E 134 -5.27 0.39 8.41
CA TRP E 134 -6.17 -0.74 8.29
C TRP E 134 -7.49 -0.31 7.67
N TYR E 135 -8.11 -1.21 6.92
CA TYR E 135 -9.28 -0.85 6.14
C TYR E 135 -10.49 -0.59 7.04
N GLY E 136 -11.14 0.55 6.83
CA GLY E 136 -12.37 0.89 7.51
C GLY E 136 -12.21 1.38 8.94
N GLU E 137 -10.99 1.48 9.45
CA GLU E 137 -10.78 1.83 10.84
C GLU E 137 -11.06 3.31 11.12
N SER E 138 -10.71 4.18 10.18
CA SER E 138 -10.84 5.61 10.40
C SER E 138 -12.31 6.02 10.53
N ASN E 139 -13.18 5.41 9.73
CA ASN E 139 -14.59 5.77 9.77
C ASN E 139 -15.26 5.27 11.04
N LYS E 140 -14.88 4.07 11.50
CA LYS E 140 -15.36 3.61 12.80
C LYS E 140 -14.83 4.48 13.92
N ILE E 141 -13.60 5.00 13.77
CA ILE E 141 -13.04 5.94 14.75
C ILE E 141 -13.88 7.21 14.79
N VAL E 142 -14.26 7.74 13.62
CA VAL E 142 -15.06 8.97 13.57
C VAL E 142 -16.46 8.72 14.13
N ASP E 143 -17.06 7.58 13.80
CA ASP E 143 -18.37 7.23 14.34
C ASP E 143 -18.33 7.09 15.85
N ALA E 144 -17.26 6.49 16.38
CA ALA E 144 -17.09 6.39 17.82
C ALA E 144 -16.90 7.76 18.45
N MET E 145 -16.22 8.66 17.74
CA MET E 145 -15.99 10.02 18.22
C MET E 145 -17.29 10.76 18.36
N PHE E 146 -18.14 10.65 17.35
CA PHE E 146 -19.44 11.32 17.37
C PHE E 146 -20.38 10.69 18.40
N SER E 147 -20.37 9.36 18.51
CA SER E 147 -21.23 8.69 19.48
C SER E 147 -20.78 8.98 20.91
N LEU E 148 -19.48 9.06 21.15
CA LEU E 148 -18.97 9.43 22.46
C LEU E 148 -19.32 10.87 22.81
N ALA E 149 -19.21 11.77 21.83
CA ALA E 149 -19.61 13.16 22.06
C ALA E 149 -21.11 13.26 22.36
N ASN E 150 -21.91 12.42 21.71
CA ASN E 150 -23.34 12.39 22.02
C ASN E 150 -23.60 11.81 23.40
N LYS E 151 -22.80 10.82 23.82
CA LYS E 151 -22.95 10.24 25.14
C LYS E 151 -22.55 11.22 26.24
N LEU E 152 -21.41 11.88 26.08
CA LEU E 152 -21.01 12.97 26.96
C LEU E 152 -21.69 14.22 26.44
N GLN E 153 -22.99 14.34 26.75
CA GLN E 153 -23.92 15.18 25.97
C GLN E 153 -23.47 16.62 25.76
N PRO E 154 -22.97 17.36 26.77
CA PRO E 154 -22.37 18.67 26.42
C PRO E 154 -20.90 18.54 26.02
N CYS E 155 -20.67 18.15 24.77
CA CYS E 155 -19.31 17.87 24.29
C CYS E 155 -18.90 18.87 23.22
N ILE E 156 -17.59 19.12 23.17
CA ILE E 156 -16.97 19.91 22.11
C ILE E 156 -15.89 19.04 21.47
N ILE E 157 -15.99 18.82 20.17
CA ILE E 157 -14.98 18.11 19.40
C ILE E 157 -14.10 19.16 18.73
N PHE E 158 -12.88 19.33 19.25
CA PHE E 158 -11.97 20.32 18.70
C PHE E 158 -10.99 19.64 17.76
N ILE E 159 -10.79 20.24 16.58
CA ILE E 159 -9.83 19.77 15.59
C ILE E 159 -8.94 20.95 15.22
N ASP E 160 -7.73 20.98 15.78
CA ASP E 160 -6.79 22.03 15.43
C ASP E 160 -6.25 21.82 14.02
N GLN E 161 -5.99 22.93 13.33
CA GLN E 161 -5.59 22.95 11.93
C GLN E 161 -6.60 22.18 11.07
N ILE E 162 -7.86 22.61 11.16
CA ILE E 162 -8.97 21.89 10.55
C ILE E 162 -9.01 22.03 9.04
N ASP E 163 -8.17 22.91 8.46
CA ASP E 163 -8.15 23.07 7.01
C ASP E 163 -7.65 21.81 6.31
N SER E 164 -6.71 21.08 6.93
CA SER E 164 -6.24 19.83 6.34
C SER E 164 -7.27 18.73 6.50
N PHE E 165 -7.91 18.66 7.67
CA PHE E 165 -8.92 17.63 7.92
C PHE E 165 -10.13 17.83 7.02
N LEU E 166 -10.60 19.07 6.89
CA LEU E 166 -11.79 19.38 6.10
C LEU E 166 -11.43 20.05 4.79
N ARG E 167 -10.36 19.58 4.14
CA ARG E 167 -9.92 20.18 2.88
C ARG E 167 -10.94 19.93 1.77
N GLU E 168 -10.82 20.71 0.70
CA GLU E 168 -11.74 20.60 -0.41
C GLU E 168 -11.59 19.23 -1.09
N ARG E 169 -12.71 18.54 -1.26
CA ARG E 169 -12.71 17.20 -1.82
C ARG E 169 -12.35 17.24 -3.31
N SER E 170 -11.66 16.20 -3.75
CA SER E 170 -11.19 16.12 -5.13
C SER E 170 -11.08 14.66 -5.53
N SER E 171 -10.94 14.43 -6.83
CA SER E 171 -10.75 13.08 -7.35
C SER E 171 -9.38 12.51 -6.98
N THR E 172 -8.42 13.37 -6.63
CA THR E 172 -7.11 12.92 -6.20
C THR E 172 -7.06 12.54 -4.73
N ASP E 173 -8.19 12.67 -4.03
CA ASP E 173 -8.24 12.31 -2.61
C ASP E 173 -8.17 10.82 -2.41
N HIS E 174 -7.48 10.39 -1.37
CA HIS E 174 -7.41 8.96 -1.07
C HIS E 174 -8.80 8.42 -0.78
N GLU E 175 -9.00 7.13 -1.07
CA GLU E 175 -10.30 6.50 -0.83
C GLU E 175 -10.65 6.52 0.65
N VAL E 176 -9.69 6.21 1.51
CA VAL E 176 -9.92 6.27 2.95
C VAL E 176 -10.16 7.71 3.39
N THR E 177 -9.39 8.65 2.83
CA THR E 177 -9.54 10.06 3.22
C THR E 177 -10.90 10.61 2.80
N ALA E 178 -11.30 10.36 1.56
CA ALA E 178 -12.59 10.86 1.09
C ALA E 178 -13.75 10.20 1.81
N THR E 179 -13.64 8.89 2.06
CA THR E 179 -14.66 8.17 2.82
C THR E 179 -14.76 8.71 4.25
N LEU E 180 -13.62 8.98 4.87
CA LEU E 180 -13.58 9.57 6.21
C LEU E 180 -14.25 10.94 6.23
N LYS E 181 -13.94 11.77 5.23
CA LYS E 181 -14.50 13.11 5.18
C LYS E 181 -16.01 13.07 4.95
N ALA E 182 -16.48 12.14 4.12
CA ALA E 182 -17.91 12.00 3.89
C ALA E 182 -18.63 11.48 5.13
N GLU E 183 -17.98 10.59 5.89
CA GLU E 183 -18.59 10.10 7.13
C GLU E 183 -18.66 11.21 8.18
N PHE E 184 -17.61 12.03 8.26
CA PHE E 184 -17.65 13.20 9.15
C PHE E 184 -18.75 14.16 8.70
N MET E 185 -18.92 14.32 7.40
CA MET E 185 -20.02 15.13 6.86
C MET E 185 -21.37 14.58 7.31
N THR E 186 -21.56 13.27 7.21
CA THR E 186 -22.84 12.65 7.55
C THR E 186 -23.13 12.76 9.04
N LEU E 187 -22.14 12.45 9.87
CA LEU E 187 -22.35 12.48 11.32
C LEU E 187 -22.44 13.89 11.88
N TRP E 188 -21.84 14.86 11.18
CA TRP E 188 -21.91 16.24 11.64
C TRP E 188 -23.34 16.78 11.54
N ASP E 189 -24.01 16.54 10.41
CA ASP E 189 -25.40 16.94 10.23
C ASP E 189 -26.02 15.97 9.22
N GLY E 190 -26.69 14.94 9.74
CA GLY E 190 -27.37 13.95 8.94
C GLY E 190 -28.79 13.74 9.42
N LEU E 191 -29.29 12.52 9.20
CA LEU E 191 -30.62 12.18 9.68
C LEU E 191 -30.66 12.14 11.21
N LEU E 192 -29.72 11.44 11.82
CA LEU E 192 -29.66 11.32 13.28
C LEU E 192 -29.08 12.61 13.84
N ASN E 193 -29.95 13.44 14.41
CA ASN E 193 -29.51 14.72 14.94
C ASN E 193 -28.64 14.52 16.17
N ASN E 194 -27.54 15.26 16.23
CA ASN E 194 -26.68 15.22 17.39
C ASN E 194 -27.34 15.94 18.57
N GLY E 195 -26.82 15.68 19.76
CA GLY E 195 -27.31 16.34 20.95
C GLY E 195 -26.69 17.71 21.11
N ARG E 196 -26.16 18.01 22.29
CA ARG E 196 -25.42 19.24 22.49
C ARG E 196 -23.97 19.06 22.07
N VAL E 197 -23.75 18.62 20.83
CA VAL E 197 -22.42 18.34 20.30
C VAL E 197 -22.07 19.44 19.31
N MET E 198 -20.91 20.07 19.56
CA MET E 198 -20.44 21.15 18.70
C MET E 198 -19.00 20.89 18.30
N ILE E 199 -18.70 20.97 17.02
CA ILE E 199 -17.35 20.75 16.53
C ILE E 199 -16.71 22.12 16.31
N ILE E 200 -15.67 22.41 17.08
CA ILE E 200 -14.97 23.69 17.02
C ILE E 200 -13.66 23.49 16.26
N GLY E 201 -13.39 24.36 15.30
CA GLY E 201 -12.19 24.26 14.49
C GLY E 201 -11.38 25.54 14.53
N ALA E 202 -10.06 25.38 14.50
CA ALA E 202 -9.13 26.50 14.43
C ALA E 202 -8.22 26.29 13.23
N THR E 203 -8.07 27.33 12.40
CA THR E 203 -7.28 27.21 11.19
C THR E 203 -6.77 28.59 10.78
N ASN E 204 -5.77 28.58 9.91
CA ASN E 204 -5.26 29.80 9.29
C ASN E 204 -5.76 29.99 7.86
N ARG E 205 -6.06 28.89 7.16
CA ARG E 205 -6.52 28.92 5.78
C ARG E 205 -7.99 28.51 5.76
N ILE E 206 -8.87 29.49 5.91
CA ILE E 206 -10.31 29.23 5.87
C ILE E 206 -10.73 28.82 4.47
N ASN E 207 -10.11 29.39 3.43
CA ASN E 207 -10.48 29.08 2.05
C ASN E 207 -10.14 27.64 1.67
N ASP E 208 -9.23 26.98 2.38
CA ASP E 208 -8.89 25.59 2.10
C ASP E 208 -9.95 24.62 2.60
N ILE E 209 -10.88 25.07 3.44
CA ILE E 209 -11.93 24.20 3.97
C ILE E 209 -12.99 24.00 2.89
N ASP E 210 -13.54 22.78 2.83
CA ASP E 210 -14.58 22.46 1.88
C ASP E 210 -15.83 23.30 2.16
N ASP E 211 -16.58 23.61 1.11
CA ASP E 211 -17.78 24.42 1.26
C ASP E 211 -18.82 23.70 2.06
N ALA E 212 -18.96 22.40 1.85
CA ALA E 212 -19.90 21.63 2.66
C ALA E 212 -19.45 21.55 4.13
N PHE E 213 -18.15 21.55 4.37
CA PHE E 213 -17.63 21.59 5.74
C PHE E 213 -17.71 22.99 6.34
N LEU E 214 -17.45 24.03 5.54
CA LEU E 214 -17.63 25.39 6.01
C LEU E 214 -19.09 25.70 6.30
N ARG E 215 -20.01 25.02 5.61
CA ARG E 215 -21.42 25.10 5.94
C ARG E 215 -21.69 24.58 7.35
N ARG E 216 -21.04 23.47 7.72
CA ARG E 216 -21.21 22.88 9.05
C ARG E 216 -20.50 23.67 10.14
N LEU E 217 -19.79 24.73 9.80
CA LEU E 217 -19.24 25.68 10.77
C LEU E 217 -19.90 27.03 10.55
N PRO E 218 -21.17 27.17 10.95
CA PRO E 218 -21.89 28.41 10.63
C PRO E 218 -21.45 29.61 11.46
N LYS E 219 -21.01 29.40 12.69
CA LYS E 219 -20.50 30.47 13.54
C LYS E 219 -19.01 30.61 13.29
N ARG E 220 -18.60 31.72 12.68
CA ARG E 220 -17.22 31.98 12.32
C ARG E 220 -16.70 33.17 13.10
N PHE E 221 -15.58 32.98 13.80
CA PHE E 221 -14.92 34.04 14.56
C PHE E 221 -13.61 34.39 13.86
N LEU E 222 -13.46 35.65 13.49
CA LEU E 222 -12.23 36.12 12.84
C LEU E 222 -11.31 36.68 13.90
N VAL E 223 -10.28 35.91 14.25
CA VAL E 223 -9.25 36.36 15.19
C VAL E 223 -8.17 37.01 14.34
N SER E 224 -8.34 38.30 14.06
CA SER E 224 -7.45 39.03 13.17
C SER E 224 -6.23 39.53 13.94
N LEU E 225 -5.35 40.22 13.22
CA LEU E 225 -4.15 40.79 13.84
C LEU E 225 -4.55 41.89 14.83
N PRO E 226 -3.91 41.95 16.00
CA PRO E 226 -4.31 42.92 17.01
C PRO E 226 -4.04 44.36 16.59
N GLY E 227 -4.93 45.26 17.01
CA GLY E 227 -4.73 46.68 16.86
C GLY E 227 -3.86 47.22 17.99
N SER E 228 -3.70 48.55 17.98
CA SER E 228 -2.86 49.21 18.99
C SER E 228 -3.41 49.01 20.39
N ASP E 229 -4.72 49.22 20.57
CA ASP E 229 -5.35 48.93 21.86
C ASP E 229 -5.30 47.44 22.18
N GLN E 230 -5.55 46.60 21.16
CA GLN E 230 -5.45 45.15 21.37
C GLN E 230 -4.03 44.73 21.70
N ARG E 231 -3.04 45.36 21.07
CA ARG E 231 -1.65 45.06 21.40
C ARG E 231 -1.34 45.50 22.83
N TYR E 232 -1.88 46.64 23.26
CA TYR E 232 -1.71 47.08 24.64
C TYR E 232 -2.30 46.06 25.61
N LYS E 233 -3.51 45.56 25.31
CA LYS E 233 -4.14 44.58 26.19
C LYS E 233 -3.37 43.26 26.23
N ILE E 234 -2.86 42.82 25.07
CA ILE E 234 -2.07 41.59 25.02
C ILE E 234 -0.77 41.75 25.81
N LEU E 235 -0.11 42.90 25.66
CA LEU E 235 1.11 43.16 26.42
C LEU E 235 0.84 43.22 27.92
N SER E 236 -0.27 43.84 28.31
CA SER E 236 -0.63 43.91 29.72
C SER E 236 -0.92 42.54 30.30
N VAL E 237 -1.60 41.68 29.53
CA VAL E 237 -1.87 40.32 29.98
C VAL E 237 -0.58 39.52 30.09
N LEU E 238 0.30 39.62 29.07
CA LEU E 238 1.54 38.87 29.08
C LEU E 238 2.49 39.34 30.17
N LEU E 239 2.55 40.65 30.40
CA LEU E 239 3.44 41.21 31.41
C LEU E 239 2.81 41.24 32.80
N LYS E 240 1.68 40.55 32.99
CA LYS E 240 1.13 40.40 34.31
C LYS E 240 2.03 39.52 35.16
N ASP E 241 1.93 39.69 36.49
CA ASP E 241 2.76 39.03 37.52
C ASP E 241 4.26 39.16 37.24
N THR E 242 4.66 40.12 36.43
CA THR E 242 6.05 40.43 36.14
C THR E 242 6.31 41.87 36.57
N LYS E 243 7.44 42.09 37.25
CA LYS E 243 7.72 43.41 37.81
C LYS E 243 7.96 44.43 36.70
N LEU E 244 7.27 45.57 36.81
CA LEU E 244 7.34 46.64 35.84
C LEU E 244 7.78 47.91 36.54
N ASP E 245 8.57 48.72 35.85
CA ASP E 245 9.06 49.96 36.44
C ASP E 245 7.90 50.94 36.62
N GLU E 246 7.89 51.64 37.74
CA GLU E 246 6.79 52.55 38.04
C GLU E 246 6.84 53.80 37.17
N ASP E 247 8.03 54.32 36.91
CA ASP E 247 8.20 55.56 36.17
C ASP E 247 8.78 55.39 34.78
N GLU E 248 9.75 54.49 34.60
CA GLU E 248 10.46 54.33 33.34
C GLU E 248 9.89 53.21 32.48
N PHE E 249 8.60 52.93 32.60
CA PHE E 249 7.92 51.97 31.74
C PHE E 249 6.72 52.62 31.09
N ASP E 250 6.60 52.46 29.77
CA ASP E 250 5.48 53.00 28.99
C ASP E 250 4.98 51.90 28.08
N LEU E 251 3.91 51.22 28.50
CA LEU E 251 3.35 50.14 27.70
C LEU E 251 2.65 50.66 26.45
N GLN E 252 2.16 51.90 26.48
CA GLN E 252 1.49 52.47 25.33
C GLN E 252 2.45 52.66 24.16
N LEU E 253 3.65 53.18 24.43
CA LEU E 253 4.63 53.38 23.36
C LEU E 253 5.04 52.06 22.76
N ILE E 254 5.17 51.02 23.59
CA ILE E 254 5.43 49.67 23.10
C ILE E 254 4.26 49.18 22.25
N ALA E 255 3.03 49.55 22.63
CA ALA E 255 1.86 49.10 21.90
C ALA E 255 1.83 49.67 20.48
N ASP E 256 2.13 50.94 20.34
CA ASP E 256 2.20 51.55 19.03
C ASP E 256 3.46 51.09 18.30
N ASN E 257 4.47 50.67 19.05
CA ASN E 257 5.73 50.24 18.43
C ASN E 257 5.60 48.91 17.71
N THR E 258 4.72 48.02 18.19
CA THR E 258 4.59 46.68 17.62
C THR E 258 3.59 46.67 16.46
N LYS E 259 3.97 47.35 15.38
CA LYS E 259 3.10 47.41 14.21
C LYS E 259 3.11 46.08 13.47
N GLY E 260 1.92 45.57 13.19
CA GLY E 260 1.80 44.27 12.52
C GLY E 260 2.32 43.11 13.32
N PHE E 261 2.13 43.14 14.64
CA PHE E 261 2.62 42.11 15.54
C PHE E 261 1.47 41.25 16.02
N SER E 262 1.62 39.94 15.89
CA SER E 262 0.66 39.00 16.42
C SER E 262 0.89 38.80 17.92
N GLY E 263 0.01 38.01 18.54
CA GLY E 263 0.17 37.72 19.96
C GLY E 263 1.40 36.88 20.24
N SER E 264 1.73 35.96 19.34
CA SER E 264 2.93 35.15 19.52
C SER E 264 4.19 36.00 19.38
N ASP E 265 4.19 36.96 18.46
CA ASP E 265 5.32 37.88 18.34
C ASP E 265 5.47 38.73 19.60
N LEU E 266 4.35 39.17 20.17
CA LEU E 266 4.41 39.92 21.43
C LEU E 266 4.91 39.06 22.57
N LYS E 267 4.51 37.78 22.62
CA LYS E 267 5.00 36.88 23.64
C LYS E 267 6.51 36.66 23.51
N GLU E 268 6.99 36.47 22.28
CA GLU E 268 8.43 36.29 22.06
C GLU E 268 9.20 37.55 22.44
N LEU E 269 8.68 38.72 22.07
CA LEU E 269 9.34 39.97 22.42
C LEU E 269 9.37 40.19 23.92
N CYS E 270 8.28 39.85 24.62
CA CYS E 270 8.26 39.95 26.08
C CYS E 270 9.23 38.98 26.72
N ARG E 271 9.31 37.76 26.19
CA ARG E 271 10.26 36.77 26.73
C ARG E 271 11.70 37.24 26.54
N GLU E 272 12.02 37.78 25.36
CA GLU E 272 13.37 38.29 25.12
C GLU E 272 13.68 39.50 25.99
N ALA E 273 12.68 40.38 26.19
CA ALA E 273 12.89 41.55 27.05
C ALA E 273 13.11 41.14 28.50
N ALA E 274 12.35 40.17 28.99
CA ALA E 274 12.55 39.68 30.35
C ALA E 274 13.90 38.99 30.49
N LEU E 275 14.32 38.25 29.46
CA LEU E 275 15.64 37.63 29.49
C LEU E 275 16.76 38.66 29.53
N ASP E 276 16.64 39.72 28.73
CA ASP E 276 17.65 40.77 28.73
C ASP E 276 17.64 41.55 30.04
N ALA E 277 16.46 41.69 30.66
CA ALA E 277 16.39 42.37 31.95
C ALA E 277 17.04 41.54 33.05
N ALA E 278 16.79 40.22 33.06
CA ALA E 278 17.26 39.35 34.12
C ALA E 278 18.57 38.64 33.78
N LYS E 279 19.24 39.04 32.69
CA LYS E 279 20.54 38.46 32.37
C LYS E 279 21.52 38.59 33.53
N GLU E 280 21.56 39.77 34.16
CA GLU E 280 22.44 39.96 35.31
C GLU E 280 22.01 39.09 36.49
N TYR E 281 20.70 38.95 36.73
CA TYR E 281 20.26 38.18 37.89
C TYR E 281 20.56 36.70 37.72
N ILE E 282 20.31 36.15 36.53
CA ILE E 282 20.69 34.76 36.25
C ILE E 282 22.22 34.59 36.25
N LYS E 283 22.98 35.59 35.81
CA LYS E 283 24.43 35.48 35.88
C LYS E 283 24.90 35.42 37.34
N GLN E 284 24.27 36.20 38.22
CA GLN E 284 24.58 36.10 39.65
C GLN E 284 24.12 34.76 40.23
N LYS E 285 22.99 34.25 39.76
CA LYS E 285 22.46 33.00 40.29
C LYS E 285 23.32 31.81 39.89
N ARG E 286 23.92 31.87 38.71
CA ARG E 286 24.76 30.77 38.24
C ARG E 286 26.03 30.60 39.06
N GLN E 287 26.48 31.65 39.75
CA GLN E 287 27.60 31.51 40.68
C GLN E 287 27.22 30.61 41.85
N LEU E 288 25.99 30.73 42.34
CA LEU E 288 25.52 29.90 43.43
C LEU E 288 25.26 28.46 42.97
N SER E 301 21.73 41.20 39.88
CA SER E 301 21.96 41.71 41.22
C SER E 301 21.28 40.83 42.27
N LEU E 302 20.70 41.47 43.29
CA LEU E 302 20.02 40.71 44.34
C LEU E 302 18.74 40.08 43.84
N LYS E 303 17.94 40.86 43.10
CA LYS E 303 16.66 40.38 42.58
C LYS E 303 16.54 40.77 41.12
N ILE E 304 15.42 40.38 40.51
CA ILE E 304 15.15 40.73 39.12
C ILE E 304 14.74 42.19 39.05
N ARG E 305 15.46 42.97 38.25
CA ARG E 305 15.11 44.38 38.07
C ARG E 305 13.80 44.49 37.29
N PRO E 306 12.99 45.51 37.59
CA PRO E 306 11.74 45.69 36.85
C PRO E 306 12.01 46.03 35.39
N LEU E 307 11.08 45.59 34.53
CA LEU E 307 11.23 45.77 33.09
C LEU E 307 11.09 47.25 32.74
N LYS E 308 11.88 47.67 31.74
CA LYS E 308 11.87 49.07 31.34
C LYS E 308 11.51 49.27 29.89
N THR E 309 11.05 50.46 29.55
CA THR E 309 10.66 50.78 28.18
C THR E 309 11.84 50.67 27.23
N LYS E 310 13.01 51.17 27.63
CA LYS E 310 14.20 51.11 26.77
C LYS E 310 14.60 49.67 26.49
N ASP E 311 14.41 48.80 27.48
CA ASP E 311 14.74 47.38 27.32
C ASP E 311 13.89 46.79 26.22
N PHE E 312 12.60 47.09 26.24
CA PHE E 312 11.72 46.61 25.17
C PHE E 312 12.12 47.21 23.83
N THR E 313 12.37 48.52 23.77
CA THR E 313 12.71 49.17 22.50
C THR E 313 14.07 48.74 21.96
N LYS E 314 14.80 47.92 22.70
CA LYS E 314 16.04 47.39 22.15
C LYS E 314 15.67 46.25 21.18
N LYS E 315 14.40 45.79 21.22
CA LYS E 315 13.96 44.73 20.33
C LYS E 315 13.12 45.24 19.17
N LEU E 316 12.41 46.36 19.34
CA LEU E 316 11.69 46.94 18.23
C LEU E 316 12.66 47.56 17.22
N ARG E 317 12.18 47.68 15.97
CA ARG E 317 13.03 48.15 14.88
C ARG E 317 13.17 49.67 14.83
N MET E 318 12.31 50.37 15.57
CA MET E 318 12.36 51.83 15.62
C MET E 318 12.63 52.46 14.26
N GLY F 5 -21.80 -14.63 11.61
CA GLY F 5 -22.04 -13.25 11.98
C GLY F 5 -20.76 -12.44 12.14
N PRO F 6 -20.85 -11.12 11.93
CA PRO F 6 -19.66 -10.27 12.04
C PRO F 6 -19.45 -9.78 13.47
N LEU F 7 -18.43 -8.95 13.67
CA LEU F 7 -18.12 -8.41 14.98
C LEU F 7 -19.00 -7.22 15.36
N SER F 8 -19.74 -6.65 14.42
CA SER F 8 -20.56 -5.47 14.72
C SER F 8 -21.75 -5.82 15.60
N GLY F 9 -22.38 -6.97 15.34
CA GLY F 9 -23.58 -7.36 16.07
C GLY F 9 -23.35 -8.07 17.38
N LYS F 10 -22.10 -8.21 17.82
CA LYS F 10 -21.81 -8.91 19.07
C LYS F 10 -21.81 -8.00 20.29
N SER F 11 -21.91 -6.69 20.10
CA SER F 11 -21.92 -5.77 21.23
C SER F 11 -23.28 -5.80 21.93
N ARG F 12 -23.25 -5.55 23.24
CA ARG F 12 -24.47 -5.62 24.05
C ARG F 12 -25.41 -4.46 23.72
N GLU F 13 -24.90 -3.24 23.69
CA GLU F 13 -25.76 -2.10 23.40
C GLU F 13 -26.16 -2.08 21.92
N SER F 14 -25.31 -2.62 21.04
CA SER F 14 -25.71 -2.77 19.64
C SER F 14 -26.87 -3.75 19.52
N LYS F 15 -26.82 -4.86 20.26
CA LYS F 15 -27.92 -5.82 20.25
C LYS F 15 -29.18 -5.21 20.83
N ALA F 16 -29.05 -4.40 21.89
CA ALA F 16 -30.21 -3.71 22.47
C ALA F 16 -30.83 -2.75 21.47
N LYS F 17 -29.99 -1.99 20.75
CA LYS F 17 -30.50 -1.08 19.72
C LYS F 17 -31.19 -1.85 18.59
N GLN F 18 -30.62 -2.98 18.18
CA GLN F 18 -31.24 -3.79 17.13
C GLN F 18 -32.58 -4.34 17.59
N SER F 19 -32.67 -4.80 18.83
CA SER F 19 -33.95 -5.29 19.36
C SER F 19 -34.98 -4.18 19.43
N LEU F 20 -34.56 -2.98 19.85
CA LEU F 20 -35.48 -1.85 19.92
C LEU F 20 -35.99 -1.47 18.53
N GLN F 21 -35.11 -1.43 17.54
CA GLN F 21 -35.53 -1.07 16.19
C GLN F 21 -36.41 -2.15 15.58
N TRP F 22 -36.13 -3.42 15.87
CA TRP F 22 -37.00 -4.49 15.39
C TRP F 22 -38.38 -4.40 16.03
N GLU F 23 -38.44 -4.06 17.33
CA GLU F 23 -39.72 -3.88 17.99
C GLU F 23 -40.49 -2.72 17.37
N LYS F 24 -39.80 -1.63 17.05
CA LYS F 24 -40.46 -0.50 16.40
C LYS F 24 -40.97 -0.87 15.01
N LEU F 25 -40.18 -1.65 14.26
CA LEU F 25 -40.60 -2.09 12.93
C LEU F 25 -41.82 -3.00 13.00
N VAL F 26 -41.84 -3.92 13.97
CA VAL F 26 -42.99 -4.82 14.12
C VAL F 26 -44.22 -4.04 14.57
N LYS F 27 -44.03 -3.04 15.44
CA LYS F 27 -45.14 -2.21 15.87
C LYS F 27 -45.71 -1.40 14.69
N ARG F 28 -44.85 -0.90 13.81
CA ARG F 28 -45.34 -0.16 12.65
C ARG F 28 -45.96 -1.11 11.63
N SER F 29 -45.30 -2.23 11.37
CA SER F 29 -45.80 -3.22 10.41
C SER F 29 -46.06 -4.53 11.13
N PRO F 30 -47.32 -4.85 11.44
CA PRO F 30 -47.61 -6.11 12.15
C PRO F 30 -47.29 -7.36 11.36
N ALA F 31 -47.18 -7.26 10.03
CA ALA F 31 -46.84 -8.42 9.21
C ALA F 31 -45.38 -8.81 9.32
N LEU F 32 -44.56 -8.02 10.00
CA LEU F 32 -43.13 -8.26 10.14
C LEU F 32 -42.79 -9.26 11.23
N ALA F 33 -43.79 -9.74 11.98
CA ALA F 33 -43.51 -10.66 13.09
C ALA F 33 -43.01 -12.01 12.58
N GLU F 34 -43.57 -12.51 11.48
CA GLU F 34 -43.18 -13.80 10.95
C GLU F 34 -41.82 -13.77 10.25
N VAL F 35 -41.32 -12.58 9.92
CA VAL F 35 -40.07 -12.47 9.17
C VAL F 35 -38.91 -12.66 10.13
N THR F 36 -38.00 -13.58 9.80
CA THR F 36 -36.78 -13.80 10.55
C THR F 36 -35.59 -13.30 9.73
N LEU F 37 -34.48 -13.05 10.43
CA LEU F 37 -33.31 -12.43 9.83
C LEU F 37 -32.06 -13.22 10.14
N ASP F 38 -31.08 -13.14 9.24
CA ASP F 38 -29.75 -13.67 9.50
C ASP F 38 -29.00 -12.73 10.45
N ALA F 39 -27.82 -13.17 10.90
CA ALA F 39 -27.04 -12.37 11.84
C ALA F 39 -26.61 -11.05 11.22
N TYR F 40 -26.12 -11.11 9.98
CA TYR F 40 -25.70 -9.90 9.28
C TYR F 40 -26.87 -8.95 9.06
N GLU F 41 -28.06 -9.50 8.78
CA GLU F 41 -29.26 -8.68 8.70
C GLU F 41 -29.58 -8.03 10.04
N ARG F 42 -29.32 -8.72 11.14
CA ARG F 42 -29.53 -8.09 12.43
C ARG F 42 -28.55 -6.94 12.64
N THR F 43 -27.29 -7.10 12.24
CA THR F 43 -26.38 -5.96 12.34
C THR F 43 -26.84 -4.80 11.46
N ILE F 44 -27.40 -5.09 10.28
CA ILE F 44 -27.93 -4.04 9.42
C ILE F 44 -29.13 -3.35 10.08
N LEU F 45 -29.87 -4.10 10.91
CA LEU F 45 -31.05 -3.55 11.59
C LEU F 45 -30.72 -2.34 12.46
N SER F 46 -29.48 -2.24 12.95
CA SER F 46 -29.10 -1.11 13.78
C SER F 46 -29.00 0.20 13.01
N SER F 47 -28.97 0.14 11.68
CA SER F 47 -28.90 1.34 10.85
C SER F 47 -30.27 1.77 10.34
N ILE F 48 -31.35 1.27 10.92
CA ILE F 48 -32.70 1.57 10.48
C ILE F 48 -33.25 2.73 11.28
N VAL F 49 -33.77 3.74 10.60
CA VAL F 49 -34.26 4.95 11.24
C VAL F 49 -35.78 4.86 11.33
N THR F 50 -36.28 4.83 12.56
CA THR F 50 -37.71 4.85 12.87
C THR F 50 -38.23 6.27 12.69
N PRO F 51 -39.48 6.43 12.23
CA PRO F 51 -40.05 7.78 12.06
C PRO F 51 -40.06 8.64 13.32
N ASP F 52 -40.17 8.06 14.52
CA ASP F 52 -40.13 8.87 15.73
C ASP F 52 -38.73 9.40 16.03
N GLU F 53 -37.68 8.82 15.42
CA GLU F 53 -36.33 9.35 15.58
C GLU F 53 -36.13 10.66 14.82
N ILE F 54 -36.97 10.93 13.82
CA ILE F 54 -36.84 12.12 13.00
C ILE F 54 -37.85 13.17 13.50
N ASN F 55 -37.36 14.39 13.72
CA ASN F 55 -38.20 15.51 14.13
C ASN F 55 -38.53 16.45 12.99
N ILE F 56 -38.23 16.06 11.75
CA ILE F 56 -38.40 16.93 10.59
C ILE F 56 -39.62 16.48 9.81
N THR F 57 -40.54 17.41 9.58
CA THR F 57 -41.77 17.19 8.83
C THR F 57 -41.58 17.78 7.43
N PHE F 58 -42.30 17.21 6.45
CA PHE F 58 -42.29 17.76 5.10
C PHE F 58 -42.74 19.22 5.07
N GLN F 59 -43.61 19.63 5.99
CA GLN F 59 -43.98 21.03 6.10
C GLN F 59 -42.86 21.88 6.70
N ASP F 60 -41.91 21.28 7.40
CA ASP F 60 -40.79 22.04 7.95
C ASP F 60 -39.80 22.49 6.89
N ILE F 61 -39.86 21.92 5.68
CA ILE F 61 -39.01 22.33 4.58
C ILE F 61 -39.73 23.40 3.78
N GLY F 62 -39.08 24.54 3.57
CA GLY F 62 -39.67 25.65 2.85
C GLY F 62 -39.00 25.86 1.51
N GLY F 63 -39.77 26.43 0.57
CA GLY F 63 -39.26 26.79 -0.73
C GLY F 63 -39.07 25.65 -1.70
N LEU F 64 -39.31 24.41 -1.28
CA LEU F 64 -39.12 23.24 -2.12
C LEU F 64 -40.44 22.56 -2.43
N ASP F 65 -41.55 23.32 -2.36
CA ASP F 65 -42.88 22.75 -2.59
C ASP F 65 -43.05 22.13 -3.97
N PRO F 66 -42.63 22.74 -5.08
CA PRO F 66 -42.63 21.97 -6.34
C PRO F 66 -41.74 20.75 -6.31
N LEU F 67 -40.55 20.86 -5.69
CA LEU F 67 -39.67 19.71 -5.58
C LEU F 67 -40.27 18.63 -4.68
N ILE F 68 -40.89 19.05 -3.57
CA ILE F 68 -41.53 18.09 -2.67
C ILE F 68 -42.68 17.37 -3.37
N SER F 69 -43.49 18.12 -4.12
CA SER F 69 -44.61 17.51 -4.84
C SER F 69 -44.12 16.55 -5.93
N ASP F 70 -43.09 16.94 -6.68
CA ASP F 70 -42.54 16.06 -7.70
C ASP F 70 -41.95 14.81 -7.07
N LEU F 71 -41.23 14.96 -5.95
CA LEU F 71 -40.68 13.81 -5.24
C LEU F 71 -41.80 12.89 -4.77
N HIS F 72 -42.89 13.47 -4.25
CA HIS F 72 -44.02 12.66 -3.81
C HIS F 72 -44.59 11.84 -4.96
N GLU F 73 -45.11 12.51 -5.99
CA GLU F 73 -45.82 11.80 -7.06
C GLU F 73 -44.90 10.90 -7.89
N SER F 74 -43.59 11.14 -7.90
CA SER F 74 -42.70 10.32 -8.70
C SER F 74 -41.93 9.27 -7.89
N VAL F 75 -41.96 9.35 -6.56
CA VAL F 75 -41.10 8.51 -5.74
C VAL F 75 -41.92 7.79 -4.68
N ILE F 76 -42.69 8.55 -3.89
CA ILE F 76 -43.29 7.99 -2.68
C ILE F 76 -44.57 7.23 -3.00
N TYR F 77 -45.49 7.88 -3.71
CA TYR F 77 -46.75 7.23 -4.04
C TYR F 77 -46.61 5.97 -4.90
N PRO F 78 -45.74 5.91 -5.93
CA PRO F 78 -45.52 4.61 -6.59
C PRO F 78 -44.95 3.55 -5.65
N LEU F 79 -44.11 3.94 -4.69
CA LEU F 79 -43.52 2.96 -3.79
C LEU F 79 -44.49 2.54 -2.69
N MET F 80 -45.25 3.50 -2.13
CA MET F 80 -46.11 3.21 -1.00
C MET F 80 -47.54 2.85 -1.38
N MET F 81 -47.95 3.13 -2.60
CA MET F 81 -49.30 2.78 -3.07
C MET F 81 -49.19 2.04 -4.40
N PRO F 82 -48.72 0.78 -4.37
CA PRO F 82 -48.63 0.02 -5.61
C PRO F 82 -49.97 -0.43 -6.16
N GLU F 83 -51.01 -0.46 -5.32
CA GLU F 83 -52.34 -0.82 -5.79
C GLU F 83 -52.89 0.22 -6.75
N VAL F 84 -52.61 1.51 -6.48
CA VAL F 84 -53.08 2.57 -7.36
C VAL F 84 -52.33 2.55 -8.68
N TYR F 85 -51.02 2.32 -8.64
CA TYR F 85 -50.17 2.37 -9.81
C TYR F 85 -50.03 1.02 -10.52
N SER F 86 -50.74 -0.02 -10.05
CA SER F 86 -50.60 -1.36 -10.60
C SER F 86 -51.30 -1.53 -11.95
N ASN F 87 -52.09 -0.55 -12.38
CA ASN F 87 -52.77 -0.66 -13.67
C ASN F 87 -51.76 -0.68 -14.83
N SER F 88 -50.73 0.16 -14.75
CA SER F 88 -49.70 0.21 -15.77
C SER F 88 -48.37 -0.24 -15.19
N PRO F 89 -47.63 -1.12 -15.87
CA PRO F 89 -46.34 -1.58 -15.33
C PRO F 89 -45.22 -0.56 -15.44
N LEU F 90 -45.46 0.59 -16.07
CA LEU F 90 -44.46 1.64 -16.19
C LEU F 90 -44.57 2.69 -15.09
N LEU F 91 -45.45 2.47 -14.10
CA LEU F 91 -45.68 3.43 -13.04
C LEU F 91 -44.96 3.07 -11.74
N GLN F 92 -43.99 2.18 -11.82
CA GLN F 92 -43.29 1.73 -10.62
C GLN F 92 -42.34 2.78 -10.08
N ALA F 93 -41.99 2.68 -8.81
CA ALA F 93 -41.04 3.59 -8.21
C ALA F 93 -39.64 3.37 -8.82
N PRO F 94 -38.84 4.43 -8.92
CA PRO F 94 -37.49 4.27 -9.46
C PRO F 94 -36.60 3.45 -8.52
N SER F 95 -35.64 2.75 -9.12
CA SER F 95 -34.71 1.96 -8.32
C SER F 95 -33.77 2.84 -7.50
N GLY F 96 -33.54 4.06 -7.94
CA GLY F 96 -32.66 4.96 -7.22
C GLY F 96 -33.14 6.39 -7.29
N VAL F 97 -32.83 7.16 -6.26
CA VAL F 97 -33.17 8.58 -6.18
C VAL F 97 -31.94 9.34 -5.73
N LEU F 98 -31.57 10.37 -6.48
CA LEU F 98 -30.41 11.19 -6.15
C LEU F 98 -30.85 12.61 -5.83
N LEU F 99 -30.46 13.10 -4.67
CA LEU F 99 -30.65 14.49 -4.29
C LEU F 99 -29.27 15.16 -4.32
N TYR F 100 -29.04 15.98 -5.33
CA TYR F 100 -27.73 16.61 -5.52
C TYR F 100 -27.90 18.11 -5.65
N GLY F 101 -26.85 18.84 -5.27
CA GLY F 101 -26.86 20.28 -5.34
C GLY F 101 -25.83 20.88 -4.39
N PRO F 102 -25.81 22.21 -4.31
CA PRO F 102 -24.93 22.86 -3.34
C PRO F 102 -25.35 22.52 -1.92
N PRO F 103 -24.39 22.49 -0.98
CA PRO F 103 -24.71 22.11 0.39
C PRO F 103 -25.61 23.13 1.07
N GLY F 104 -26.45 22.62 1.99
CA GLY F 104 -27.31 23.47 2.78
C GLY F 104 -28.65 23.79 2.17
N CYS F 105 -28.99 23.22 1.01
CA CYS F 105 -30.22 23.58 0.33
C CYS F 105 -31.41 22.70 0.74
N GLY F 106 -31.18 21.63 1.49
CA GLY F 106 -32.29 20.87 2.04
C GLY F 106 -32.36 19.41 1.62
N LYS F 107 -31.26 18.85 1.13
CA LYS F 107 -31.24 17.44 0.75
C LYS F 107 -31.41 16.54 1.97
N THR F 108 -30.69 16.85 3.05
CA THR F 108 -30.84 16.07 4.28
C THR F 108 -32.20 16.28 4.91
N MET F 109 -32.77 17.49 4.79
CA MET F 109 -34.13 17.71 5.25
C MET F 109 -35.13 16.90 4.45
N LEU F 110 -34.92 16.81 3.13
CA LEU F 110 -35.79 15.98 2.30
C LEU F 110 -35.68 14.51 2.68
N ALA F 111 -34.46 14.04 2.98
CA ALA F 111 -34.30 12.66 3.42
C ALA F 111 -34.95 12.42 4.78
N LYS F 112 -34.84 13.39 5.69
CA LYS F 112 -35.51 13.26 6.99
C LYS F 112 -37.03 13.22 6.83
N ALA F 113 -37.57 14.07 5.96
CA ALA F 113 -39.01 14.06 5.72
C ALA F 113 -39.44 12.77 5.03
N LEU F 114 -38.58 12.20 4.19
CA LEU F 114 -38.86 10.87 3.63
C LEU F 114 -38.88 9.81 4.71
N ALA F 115 -37.96 9.91 5.68
CA ALA F 115 -37.91 8.95 6.77
C ALA F 115 -39.13 9.06 7.68
N LYS F 116 -39.70 10.25 7.83
CA LYS F 116 -40.81 10.40 8.78
C LYS F 116 -42.20 10.38 8.17
N GLU F 117 -42.36 10.85 6.94
CA GLU F 117 -43.70 10.96 6.38
C GLU F 117 -44.03 9.92 5.32
N SER F 118 -43.03 9.41 4.58
CA SER F 118 -43.33 8.55 3.44
C SER F 118 -43.93 7.22 3.87
N GLY F 119 -43.54 6.73 5.04
CA GLY F 119 -44.04 5.46 5.55
C GLY F 119 -43.22 4.25 5.17
N ALA F 120 -42.21 4.41 4.32
CA ALA F 120 -41.30 3.31 4.02
C ALA F 120 -40.36 3.05 5.18
N ASN F 121 -40.00 1.78 5.34
CA ASN F 121 -38.93 1.45 6.28
C ASN F 121 -37.63 2.06 5.78
N PHE F 122 -36.95 2.77 6.67
CA PHE F 122 -35.83 3.62 6.28
C PHE F 122 -34.52 3.05 6.81
N ILE F 123 -33.56 2.85 5.91
CA ILE F 123 -32.23 2.39 6.28
C ILE F 123 -31.25 3.51 5.92
N SER F 124 -30.90 4.33 6.89
CA SER F 124 -29.91 5.38 6.73
C SER F 124 -28.60 4.84 7.28
N ILE F 125 -27.89 4.09 6.45
CA ILE F 125 -26.69 3.37 6.86
C ILE F 125 -25.46 4.16 6.43
N ARG F 126 -24.49 4.27 7.33
CA ARG F 126 -23.23 4.91 7.02
C ARG F 126 -22.20 3.88 6.56
N MET F 127 -21.13 4.38 5.94
CA MET F 127 -20.19 3.49 5.26
C MET F 127 -19.27 2.81 6.27
N SER F 128 -19.13 3.35 7.49
CA SER F 128 -18.36 2.69 8.52
C SER F 128 -18.98 1.35 8.90
N SER F 129 -20.31 1.31 9.03
CA SER F 129 -21.01 0.06 9.33
C SER F 129 -21.05 -0.88 8.14
N ILE F 130 -20.76 -0.40 6.94
CA ILE F 130 -20.62 -1.25 5.77
C ILE F 130 -19.20 -1.80 5.67
N MET F 131 -18.21 -0.94 5.85
CA MET F 131 -16.82 -1.35 5.79
C MET F 131 -16.46 -2.22 6.98
N ASP F 132 -15.65 -3.26 6.73
CA ASP F 132 -15.14 -4.12 7.78
C ASP F 132 -13.71 -4.51 7.44
N LYS F 133 -12.86 -4.59 8.47
CA LYS F 133 -11.46 -4.92 8.25
C LYS F 133 -11.25 -6.38 7.86
N TRP F 134 -12.25 -7.23 8.08
CA TRP F 134 -12.09 -8.65 7.81
C TRP F 134 -12.46 -8.97 6.36
N TYR F 135 -12.03 -10.16 5.92
CA TYR F 135 -12.22 -10.55 4.53
C TYR F 135 -13.67 -10.88 4.24
N GLY F 136 -14.22 -10.28 3.18
CA GLY F 136 -15.53 -10.61 2.68
C GLY F 136 -16.69 -10.19 3.56
N GLU F 137 -16.45 -9.48 4.66
CA GLU F 137 -17.53 -9.09 5.55
C GLU F 137 -18.34 -7.92 5.00
N SER F 138 -17.71 -7.02 4.24
CA SER F 138 -18.45 -5.90 3.66
C SER F 138 -19.44 -6.38 2.61
N ASN F 139 -19.03 -7.36 1.79
CA ASN F 139 -19.92 -7.91 0.77
C ASN F 139 -21.12 -8.60 1.42
N LYS F 140 -20.88 -9.36 2.48
CA LYS F 140 -21.98 -10.00 3.21
C LYS F 140 -22.86 -8.96 3.90
N ILE F 141 -22.27 -7.86 4.37
CA ILE F 141 -23.04 -6.80 5.01
C ILE F 141 -23.98 -6.15 4.01
N VAL F 142 -23.49 -5.86 2.80
CA VAL F 142 -24.35 -5.25 1.78
C VAL F 142 -25.38 -6.26 1.27
N ASP F 143 -25.01 -7.54 1.17
CA ASP F 143 -25.97 -8.57 0.78
C ASP F 143 -27.11 -8.67 1.80
N ALA F 144 -26.77 -8.62 3.09
CA ALA F 144 -27.79 -8.62 4.13
C ALA F 144 -28.59 -7.33 4.13
N MET F 145 -27.97 -6.23 3.73
CA MET F 145 -28.67 -4.95 3.65
C MET F 145 -29.76 -5.02 2.59
N PHE F 146 -29.42 -5.56 1.43
CA PHE F 146 -30.40 -5.69 0.36
C PHE F 146 -31.45 -6.75 0.69
N SER F 147 -31.04 -7.85 1.33
CA SER F 147 -32.00 -8.88 1.70
C SER F 147 -32.99 -8.38 2.76
N LEU F 148 -32.50 -7.60 3.72
CA LEU F 148 -33.39 -7.02 4.72
C LEU F 148 -34.32 -5.99 4.11
N ALA F 149 -33.80 -5.16 3.19
CA ALA F 149 -34.67 -4.21 2.50
C ALA F 149 -35.73 -4.92 1.65
N ASN F 150 -35.40 -6.10 1.13
CA ASN F 150 -36.41 -6.88 0.42
C ASN F 150 -37.41 -7.51 1.38
N LYS F 151 -36.96 -7.91 2.57
CA LYS F 151 -37.86 -8.52 3.54
C LYS F 151 -38.87 -7.51 4.06
N LEU F 152 -38.43 -6.32 4.48
CA LEU F 152 -39.31 -5.17 4.79
C LEU F 152 -39.56 -4.67 3.41
N GLN F 153 -40.65 -5.05 2.77
CA GLN F 153 -40.82 -4.84 1.33
C GLN F 153 -40.87 -3.38 0.89
N PRO F 154 -41.66 -2.47 1.53
CA PRO F 154 -41.45 -1.04 1.23
C PRO F 154 -40.28 -0.51 2.02
N CYS F 155 -39.13 -0.29 1.36
CA CYS F 155 -37.92 0.09 2.06
C CYS F 155 -37.17 1.15 1.29
N ILE F 156 -36.42 1.97 2.02
CA ILE F 156 -35.52 2.96 1.44
C ILE F 156 -34.15 2.79 2.08
N ILE F 157 -33.14 2.57 1.24
CA ILE F 157 -31.75 2.48 1.69
C ILE F 157 -31.12 3.84 1.40
N PHE F 158 -31.00 4.68 2.42
CA PHE F 158 -30.44 6.01 2.26
C PHE F 158 -28.98 6.01 2.64
N ILE F 159 -28.14 6.56 1.77
CA ILE F 159 -26.71 6.72 2.01
C ILE F 159 -26.40 8.20 1.85
N ASP F 160 -26.22 8.93 2.94
CA ASP F 160 -25.85 10.33 2.85
C ASP F 160 -24.44 10.42 2.31
N GLN F 161 -24.10 11.52 1.63
CA GLN F 161 -22.79 11.66 1.04
C GLN F 161 -22.50 10.46 0.18
N ILE F 162 -23.41 10.16 -0.73
CA ILE F 162 -23.29 8.98 -1.57
C ILE F 162 -22.15 9.05 -2.57
N ASP F 163 -21.43 10.17 -2.62
CA ASP F 163 -20.28 10.27 -3.51
C ASP F 163 -19.06 9.46 -3.03
N SER F 164 -18.85 9.35 -1.72
CA SER F 164 -17.74 8.54 -1.20
C SER F 164 -17.91 7.07 -1.50
N PHE F 165 -18.98 6.46 -1.13
CA PHE F 165 -19.41 5.17 -1.64
C PHE F 165 -19.81 5.41 -3.07
N LEU F 166 -19.97 4.38 -3.88
CA LEU F 166 -20.49 4.63 -5.22
C LEU F 166 -19.65 5.66 -5.96
N ARG F 167 -18.34 5.63 -5.76
CA ARG F 167 -17.47 6.60 -6.41
C ARG F 167 -17.03 5.98 -7.71
N GLU F 168 -16.45 6.79 -8.59
CA GLU F 168 -15.98 6.29 -9.87
C GLU F 168 -14.91 5.22 -9.66
N ARG F 169 -15.10 4.06 -10.29
CA ARG F 169 -14.20 2.94 -10.10
C ARG F 169 -12.84 3.23 -10.74
N SER F 170 -11.79 2.68 -10.13
CA SER F 170 -10.44 2.87 -10.62
C SER F 170 -9.61 1.64 -10.24
N SER F 171 -8.47 1.50 -10.94
CA SER F 171 -7.55 0.40 -10.63
C SER F 171 -6.83 0.62 -9.31
N THR F 172 -6.81 1.85 -8.79
CA THR F 172 -6.21 2.14 -7.51
C THR F 172 -7.14 1.89 -6.33
N ASP F 173 -8.38 1.47 -6.59
CA ASP F 173 -9.32 1.16 -5.52
C ASP F 173 -8.86 -0.06 -4.74
N HIS F 174 -9.24 -0.10 -3.46
CA HIS F 174 -8.97 -1.26 -2.64
C HIS F 174 -9.76 -2.46 -3.16
N GLU F 175 -9.19 -3.65 -3.02
CA GLU F 175 -9.84 -4.86 -3.52
C GLU F 175 -11.17 -5.10 -2.81
N VAL F 176 -11.20 -4.90 -1.49
CA VAL F 176 -12.44 -5.05 -0.74
C VAL F 176 -13.43 -3.96 -1.15
N THR F 177 -12.94 -2.73 -1.37
CA THR F 177 -13.80 -1.65 -1.84
C THR F 177 -14.35 -1.94 -3.24
N ALA F 178 -13.51 -2.45 -4.13
CA ALA F 178 -13.97 -2.76 -5.49
C ALA F 178 -15.01 -3.86 -5.48
N THR F 179 -14.77 -4.93 -4.72
CA THR F 179 -15.76 -6.00 -4.61
C THR F 179 -17.03 -5.51 -3.92
N LEU F 180 -16.89 -4.57 -2.99
CA LEU F 180 -18.04 -3.98 -2.30
C LEU F 180 -18.92 -3.22 -3.27
N LYS F 181 -18.31 -2.37 -4.11
CA LYS F 181 -19.07 -1.61 -5.09
C LYS F 181 -19.68 -2.52 -6.14
N ALA F 182 -18.95 -3.56 -6.56
CA ALA F 182 -19.50 -4.52 -7.53
C ALA F 182 -20.69 -5.27 -6.95
N GLU F 183 -20.61 -5.66 -5.67
CA GLU F 183 -21.73 -6.35 -5.03
C GLU F 183 -22.93 -5.43 -4.88
N PHE F 184 -22.69 -4.15 -4.56
CA PHE F 184 -23.77 -3.18 -4.49
C PHE F 184 -24.44 -3.01 -5.86
N MET F 185 -23.62 -2.98 -6.92
CA MET F 185 -24.17 -2.92 -8.29
C MET F 185 -24.99 -4.14 -8.61
N THR F 186 -24.50 -5.33 -8.25
CA THR F 186 -25.20 -6.56 -8.58
C THR F 186 -26.53 -6.66 -7.85
N LEU F 187 -26.56 -6.31 -6.56
CA LEU F 187 -27.81 -6.39 -5.81
C LEU F 187 -28.76 -5.26 -6.16
N TRP F 188 -28.23 -4.11 -6.57
CA TRP F 188 -29.07 -2.97 -6.92
C TRP F 188 -29.89 -3.27 -8.18
N ASP F 189 -29.24 -3.74 -9.23
CA ASP F 189 -29.90 -4.07 -10.50
C ASP F 189 -29.17 -5.26 -11.10
N GLY F 190 -29.68 -6.46 -10.82
CA GLY F 190 -29.07 -7.68 -11.32
C GLY F 190 -30.11 -8.68 -11.80
N LEU F 191 -29.77 -9.97 -11.73
CA LEU F 191 -30.72 -11.00 -12.11
C LEU F 191 -31.91 -11.06 -11.17
N LEU F 192 -31.63 -11.11 -9.86
CA LEU F 192 -32.69 -11.20 -8.85
C LEU F 192 -33.26 -9.80 -8.63
N ASN F 193 -34.46 -9.57 -9.15
CA ASN F 193 -35.09 -8.26 -9.01
C ASN F 193 -35.47 -8.00 -7.56
N ASN F 194 -35.20 -6.78 -7.10
CA ASN F 194 -35.62 -6.37 -5.78
C ASN F 194 -37.13 -6.13 -5.75
N GLY F 195 -37.67 -6.04 -4.54
CA GLY F 195 -39.08 -5.73 -4.39
C GLY F 195 -39.31 -4.24 -4.49
N ARG F 196 -40.03 -3.67 -3.52
CA ARG F 196 -40.16 -2.22 -3.45
C ARG F 196 -38.96 -1.63 -2.72
N VAL F 197 -37.76 -1.92 -3.21
CA VAL F 197 -36.51 -1.45 -2.62
C VAL F 197 -35.97 -0.33 -3.48
N MET F 198 -35.71 0.82 -2.86
CA MET F 198 -35.20 1.99 -3.55
C MET F 198 -34.05 2.57 -2.74
N ILE F 199 -32.96 2.93 -3.41
CA ILE F 199 -31.79 3.51 -2.75
C ILE F 199 -31.80 5.00 -3.03
N ILE F 200 -31.91 5.80 -1.97
CA ILE F 200 -31.95 7.26 -2.07
C ILE F 200 -30.57 7.79 -1.68
N GLY F 201 -30.03 8.66 -2.51
CA GLY F 201 -28.70 9.23 -2.28
C GLY F 201 -28.74 10.74 -2.17
N ALA F 202 -27.93 11.28 -1.28
CA ALA F 202 -27.76 12.71 -1.12
C ALA F 202 -26.27 13.03 -1.24
N THR F 203 -25.93 14.01 -2.07
CA THR F 203 -24.53 14.33 -2.32
C THR F 203 -24.42 15.76 -2.82
N ASN F 204 -23.20 16.28 -2.79
CA ASN F 204 -22.88 17.57 -3.38
C ASN F 204 -22.12 17.44 -4.70
N ARG F 205 -21.28 16.42 -4.83
CA ARG F 205 -20.48 16.19 -6.03
C ARG F 205 -21.13 15.04 -6.80
N ILE F 206 -22.05 15.38 -7.70
CA ILE F 206 -22.71 14.38 -8.53
C ILE F 206 -21.73 13.78 -9.53
N ASN F 207 -20.73 14.55 -9.96
CA ASN F 207 -19.75 14.06 -10.93
C ASN F 207 -18.86 12.98 -10.34
N ASP F 208 -18.72 12.93 -9.01
CA ASP F 208 -17.89 11.90 -8.39
C ASP F 208 -18.54 10.52 -8.44
N ILE F 209 -19.85 10.46 -8.63
CA ILE F 209 -20.55 9.17 -8.70
C ILE F 209 -20.23 8.50 -10.02
N ASP F 210 -20.05 7.18 -9.98
CA ASP F 210 -19.73 6.40 -11.17
C ASP F 210 -20.92 6.41 -12.13
N ASP F 211 -20.61 6.25 -13.42
CA ASP F 211 -21.66 6.22 -14.45
C ASP F 211 -22.59 5.03 -14.24
N ALA F 212 -22.03 3.87 -13.90
CA ALA F 212 -22.86 2.70 -13.63
C ALA F 212 -23.66 2.84 -12.35
N PHE F 213 -23.23 3.70 -11.42
CA PHE F 213 -24.01 3.98 -10.22
C PHE F 213 -24.98 5.14 -10.42
N LEU F 214 -24.59 6.13 -11.23
CA LEU F 214 -25.51 7.21 -11.58
C LEU F 214 -26.67 6.67 -12.40
N ARG F 215 -26.42 5.64 -13.22
CA ARG F 215 -27.49 4.98 -13.95
C ARG F 215 -28.50 4.33 -13.01
N ARG F 216 -28.02 3.71 -11.93
CA ARG F 216 -28.89 3.08 -10.95
C ARG F 216 -29.66 4.10 -10.12
N LEU F 217 -29.34 5.39 -10.24
CA LEU F 217 -30.15 6.46 -9.67
C LEU F 217 -30.80 7.24 -10.80
N PRO F 218 -31.88 6.73 -11.40
CA PRO F 218 -32.44 7.41 -12.58
C PRO F 218 -33.18 8.69 -12.25
N LYS F 219 -33.91 8.73 -11.14
CA LYS F 219 -34.60 9.94 -10.72
C LYS F 219 -33.63 10.82 -9.94
N ARG F 220 -33.42 12.05 -10.43
CA ARG F 220 -32.48 12.98 -9.84
C ARG F 220 -33.19 14.28 -9.51
N PHE F 221 -33.01 14.77 -8.29
CA PHE F 221 -33.59 16.02 -7.84
C PHE F 221 -32.46 17.01 -7.59
N LEU F 222 -32.49 18.15 -8.27
CA LEU F 222 -31.49 19.19 -8.11
C LEU F 222 -32.00 20.17 -7.05
N VAL F 223 -31.47 20.06 -5.84
CA VAL F 223 -31.80 20.98 -4.76
C VAL F 223 -30.77 22.10 -4.85
N SER F 224 -31.05 23.08 -5.71
CA SER F 224 -30.11 24.15 -5.98
C SER F 224 -30.25 25.26 -4.94
N LEU F 225 -29.47 26.33 -5.12
CA LEU F 225 -29.50 27.45 -4.19
C LEU F 225 -30.86 28.14 -4.27
N PRO F 226 -31.41 28.57 -3.12
CA PRO F 226 -32.75 29.17 -3.13
C PRO F 226 -32.77 30.53 -3.83
N GLY F 227 -33.87 30.80 -4.52
CA GLY F 227 -34.12 32.11 -5.08
C GLY F 227 -34.72 33.04 -4.05
N SER F 228 -35.16 34.20 -4.53
CA SER F 228 -35.71 35.21 -3.62
C SER F 228 -36.99 34.73 -2.95
N ASP F 229 -37.93 34.20 -3.74
CA ASP F 229 -39.14 33.63 -3.18
C ASP F 229 -38.84 32.38 -2.37
N GLN F 230 -37.90 31.56 -2.86
CA GLN F 230 -37.49 30.37 -2.12
C GLN F 230 -36.88 30.74 -0.77
N ARG F 231 -36.02 31.76 -0.75
CA ARG F 231 -35.43 32.20 0.50
C ARG F 231 -36.49 32.81 1.42
N TYR F 232 -37.48 33.48 0.83
CA TYR F 232 -38.61 33.99 1.62
C TYR F 232 -39.36 32.87 2.32
N LYS F 233 -39.64 31.79 1.59
CA LYS F 233 -40.33 30.65 2.20
C LYS F 233 -39.47 29.96 3.24
N ILE F 234 -38.16 29.84 2.99
CA ILE F 234 -37.27 29.20 3.96
C ILE F 234 -37.20 30.02 5.24
N LEU F 235 -37.10 31.34 5.11
CA LEU F 235 -37.09 32.20 6.30
C LEU F 235 -38.44 32.19 7.01
N SER F 236 -39.54 32.06 6.26
CA SER F 236 -40.85 31.99 6.88
C SER F 236 -41.01 30.70 7.70
N VAL F 237 -40.55 29.58 7.16
CA VAL F 237 -40.67 28.32 7.90
C VAL F 237 -39.61 28.18 8.98
N LEU F 238 -38.50 28.92 8.88
CA LEU F 238 -37.50 28.92 9.94
C LEU F 238 -37.94 29.77 11.12
N LEU F 239 -38.62 30.88 10.85
CA LEU F 239 -39.09 31.80 11.88
C LEU F 239 -40.47 31.43 12.41
N LYS F 240 -40.93 30.21 12.16
CA LYS F 240 -42.19 29.75 12.73
C LYS F 240 -42.05 29.53 14.23
N ASP F 241 -43.20 29.42 14.90
CA ASP F 241 -43.37 29.39 16.35
C ASP F 241 -42.45 30.37 17.08
N THR F 242 -42.33 31.57 16.52
CA THR F 242 -41.47 32.62 17.04
C THR F 242 -42.24 33.95 16.97
N LYS F 243 -42.11 34.76 18.02
CA LYS F 243 -42.76 36.06 18.05
C LYS F 243 -42.05 37.02 17.12
N LEU F 244 -42.80 37.66 16.23
CA LEU F 244 -42.28 38.63 15.28
C LEU F 244 -43.10 39.91 15.34
N ASP F 245 -42.42 41.05 15.26
CA ASP F 245 -43.11 42.34 15.31
C ASP F 245 -43.85 42.58 13.99
N GLU F 246 -45.16 42.79 14.08
CA GLU F 246 -45.97 42.95 12.87
C GLU F 246 -45.59 44.23 12.12
N ASP F 247 -45.39 45.33 12.84
CA ASP F 247 -45.15 46.62 12.19
C ASP F 247 -43.74 46.75 11.65
N GLU F 248 -42.75 46.24 12.39
CA GLU F 248 -41.35 46.49 12.04
C GLU F 248 -40.75 45.42 11.14
N PHE F 249 -41.05 44.15 11.41
CA PHE F 249 -40.44 43.07 10.65
C PHE F 249 -41.02 43.01 9.24
N ASP F 250 -40.16 43.14 8.24
CA ASP F 250 -40.52 42.98 6.83
C ASP F 250 -39.60 41.88 6.30
N LEU F 251 -40.16 40.69 6.14
CA LEU F 251 -39.35 39.53 5.76
C LEU F 251 -38.93 39.60 4.29
N GLN F 252 -39.62 40.40 3.48
CA GLN F 252 -39.31 40.47 2.05
C GLN F 252 -37.92 41.04 1.80
N LEU F 253 -37.56 42.12 2.51
CA LEU F 253 -36.24 42.71 2.32
C LEU F 253 -35.15 41.75 2.78
N ILE F 254 -35.37 41.09 3.92
CA ILE F 254 -34.39 40.14 4.43
C ILE F 254 -34.20 38.98 3.45
N ALA F 255 -35.30 38.54 2.83
CA ALA F 255 -35.18 37.56 1.75
C ALA F 255 -34.44 38.14 0.55
N ASP F 256 -34.57 39.44 0.31
CA ASP F 256 -33.95 40.06 -0.86
C ASP F 256 -32.44 40.13 -0.74
N ASN F 257 -31.94 40.58 0.41
CA ASN F 257 -30.50 40.76 0.58
C ASN F 257 -29.69 39.50 0.92
N THR F 258 -30.35 38.38 1.15
CA THR F 258 -29.60 37.14 1.36
C THR F 258 -29.35 36.43 0.02
N LYS F 259 -28.70 37.16 -0.89
CA LYS F 259 -28.30 36.60 -2.16
C LYS F 259 -27.18 35.58 -1.96
N GLY F 260 -27.36 34.39 -2.53
CA GLY F 260 -26.40 33.32 -2.38
C GLY F 260 -26.51 32.54 -1.09
N PHE F 261 -27.46 32.89 -0.21
CA PHE F 261 -27.62 32.20 1.05
C PHE F 261 -28.33 30.88 0.86
N SER F 262 -27.76 29.81 1.42
CA SER F 262 -28.44 28.53 1.44
C SER F 262 -29.39 28.47 2.63
N GLY F 263 -30.08 27.34 2.79
CA GLY F 263 -30.97 27.17 3.92
C GLY F 263 -30.23 27.14 5.24
N SER F 264 -29.03 26.56 5.25
CA SER F 264 -28.20 26.56 6.46
C SER F 264 -27.75 27.97 6.80
N ASP F 265 -27.41 28.78 5.79
CA ASP F 265 -27.02 30.16 6.03
C ASP F 265 -28.17 30.96 6.62
N LEU F 266 -29.38 30.75 6.10
CA LEU F 266 -30.55 31.43 6.66
C LEU F 266 -30.85 30.95 8.07
N LYS F 267 -30.64 29.66 8.34
CA LYS F 267 -30.81 29.13 9.69
C LYS F 267 -29.84 29.78 10.67
N GLU F 268 -28.57 29.92 10.27
CA GLU F 268 -27.59 30.57 11.12
C GLU F 268 -27.91 32.05 11.31
N LEU F 269 -28.36 32.72 10.25
CA LEU F 269 -28.73 34.13 10.37
C LEU F 269 -29.92 34.31 11.31
N CYS F 270 -30.92 33.43 11.21
CA CYS F 270 -32.06 33.47 12.11
C CYS F 270 -31.64 33.21 13.55
N ARG F 271 -30.74 32.24 13.75
CA ARG F 271 -30.24 31.95 15.10
C ARG F 271 -29.50 33.14 15.69
N GLU F 272 -28.65 33.78 14.90
CA GLU F 272 -27.91 34.95 15.37
C GLU F 272 -28.85 36.11 15.69
N ALA F 273 -29.84 36.34 14.83
CA ALA F 273 -30.79 37.43 15.06
C ALA F 273 -31.63 37.16 16.31
N ALA F 274 -32.06 35.91 16.50
CA ALA F 274 -32.83 35.56 17.69
C ALA F 274 -32.00 35.72 18.95
N LEU F 275 -30.73 35.33 18.90
CA LEU F 275 -29.85 35.51 20.05
C LEU F 275 -29.65 36.99 20.36
N ASP F 276 -29.46 37.81 19.33
CA ASP F 276 -29.28 39.24 19.54
C ASP F 276 -30.54 39.88 20.11
N ALA F 277 -31.71 39.44 19.66
CA ALA F 277 -32.96 39.99 20.16
C ALA F 277 -33.22 39.56 21.60
N ALA F 278 -32.90 38.31 21.94
CA ALA F 278 -33.19 37.76 23.26
C ALA F 278 -32.02 37.87 24.23
N LYS F 279 -30.95 38.58 23.84
CA LYS F 279 -29.80 38.75 24.73
C LYS F 279 -30.19 39.41 26.05
N GLU F 280 -31.00 40.47 25.99
CA GLU F 280 -31.40 41.18 27.20
C GLU F 280 -32.26 40.30 28.10
N TYR F 281 -33.24 39.60 27.51
CA TYR F 281 -34.10 38.71 28.27
C TYR F 281 -33.31 37.57 28.90
N ILE F 282 -32.35 37.02 28.16
CA ILE F 282 -31.55 35.91 28.66
C ILE F 282 -30.62 36.37 29.77
N LYS F 283 -30.10 37.59 29.65
CA LYS F 283 -29.26 38.13 30.70
C LYS F 283 -30.11 38.31 31.96
N GLN F 284 -31.32 38.85 31.78
CA GLN F 284 -32.22 39.00 32.92
C GLN F 284 -32.54 37.65 33.56
N LYS F 285 -32.74 36.62 32.73
CA LYS F 285 -33.07 35.30 33.25
C LYS F 285 -31.89 34.68 33.98
N ARG F 286 -30.67 35.00 33.56
CA ARG F 286 -29.49 34.50 34.27
C ARG F 286 -29.40 35.06 35.68
N GLN F 287 -29.76 36.33 35.87
CA GLN F 287 -29.72 36.93 37.19
C GLN F 287 -30.80 36.35 38.11
N LEU F 288 -31.85 35.77 37.55
CA LEU F 288 -32.91 35.16 38.36
C LEU F 288 -32.67 33.67 38.53
N SER F 301 -35.63 42.21 29.89
CA SER F 301 -36.99 42.32 30.43
C SER F 301 -37.49 40.96 30.90
N LEU F 302 -38.70 40.95 31.45
CA LEU F 302 -39.31 39.71 31.93
C LEU F 302 -40.00 38.92 30.82
N LYS F 303 -40.09 39.47 29.61
CA LYS F 303 -40.75 38.82 28.50
C LYS F 303 -39.81 38.81 27.29
N ILE F 304 -40.09 37.89 26.36
CA ILE F 304 -39.29 37.81 25.15
C ILE F 304 -39.57 39.02 24.26
N ARG F 305 -38.58 39.37 23.43
CA ARG F 305 -38.68 40.54 22.57
C ARG F 305 -39.00 40.09 21.15
N PRO F 306 -40.10 40.57 20.54
CA PRO F 306 -40.39 40.23 19.14
C PRO F 306 -39.28 40.63 18.18
N LEU F 307 -39.04 39.80 17.16
CA LEU F 307 -37.96 40.05 16.22
C LEU F 307 -38.28 41.26 15.34
N LYS F 308 -37.23 42.00 14.98
CA LYS F 308 -37.32 43.19 14.15
C LYS F 308 -36.38 43.05 12.96
N THR F 309 -36.59 43.91 11.97
CA THR F 309 -35.74 43.88 10.78
C THR F 309 -34.32 44.32 11.08
N LYS F 310 -34.13 45.18 12.09
CA LYS F 310 -32.81 45.72 12.40
C LYS F 310 -31.87 44.62 12.88
N ASP F 311 -32.37 43.67 13.67
CA ASP F 311 -31.55 42.57 14.16
C ASP F 311 -31.07 41.69 13.01
N PHE F 312 -31.95 41.40 12.04
CA PHE F 312 -31.54 40.60 10.90
C PHE F 312 -30.59 41.34 9.98
N THR F 313 -30.82 42.65 9.79
CA THR F 313 -29.99 43.41 8.86
C THR F 313 -28.61 43.70 9.43
N LYS F 314 -28.48 43.79 10.76
CA LYS F 314 -27.17 44.07 11.34
C LYS F 314 -26.22 42.89 11.18
N LYS F 315 -26.75 41.65 11.24
CA LYS F 315 -25.94 40.48 10.91
C LYS F 315 -25.70 40.37 9.41
N LEU F 316 -26.47 41.07 8.59
CA LEU F 316 -26.42 40.94 7.15
C LEU F 316 -25.65 42.10 6.53
N ARG F 317 -25.37 41.95 5.23
CA ARG F 317 -24.71 42.99 4.43
C ARG F 317 -25.75 43.64 3.54
N MET F 318 -25.90 44.95 3.67
CA MET F 318 -26.92 45.68 2.93
C MET F 318 -26.54 45.82 1.45
N GLY G 5 -18.47 -29.36 6.14
CA GLY G 5 -18.61 -28.18 6.98
C GLY G 5 -18.19 -26.89 6.30
N PRO G 6 -19.10 -26.30 5.52
CA PRO G 6 -18.77 -25.07 4.79
C PRO G 6 -18.93 -23.80 5.62
N LEU G 7 -19.60 -23.87 6.77
CA LEU G 7 -19.91 -22.75 7.65
C LEU G 7 -20.72 -21.65 6.96
N SER G 8 -21.33 -21.95 5.82
CA SER G 8 -22.21 -21.04 5.12
C SER G 8 -23.45 -21.80 4.67
N GLY G 9 -24.60 -21.13 4.73
CA GLY G 9 -25.86 -21.81 4.50
C GLY G 9 -26.34 -22.62 5.67
N LYS G 10 -25.74 -22.44 6.84
CA LYS G 10 -26.14 -23.20 8.02
C LYS G 10 -27.50 -22.75 8.55
N SER G 11 -27.94 -21.55 8.18
CA SER G 11 -29.21 -21.03 8.65
C SER G 11 -30.36 -21.85 8.08
N ARG G 12 -31.48 -21.86 8.83
CA ARG G 12 -32.64 -22.66 8.43
C ARG G 12 -33.25 -22.17 7.12
N GLU G 13 -33.35 -20.84 6.96
CA GLU G 13 -33.92 -20.28 5.73
C GLU G 13 -33.03 -20.56 4.53
N SER G 14 -31.71 -20.50 4.71
CA SER G 14 -30.80 -20.85 3.63
C SER G 14 -30.93 -22.32 3.24
N LYS G 15 -31.07 -23.20 4.22
CA LYS G 15 -31.27 -24.63 3.94
C LYS G 15 -32.59 -24.86 3.21
N ALA G 16 -33.65 -24.14 3.61
CA ALA G 16 -34.93 -24.26 2.93
C ALA G 16 -34.83 -23.77 1.49
N LYS G 17 -34.10 -22.68 1.26
CA LYS G 17 -33.91 -22.19 -0.11
C LYS G 17 -33.12 -23.19 -0.94
N GLN G 18 -32.10 -23.81 -0.34
CA GLN G 18 -31.32 -24.83 -1.05
C GLN G 18 -32.18 -26.03 -1.41
N SER G 19 -33.03 -26.47 -0.49
CA SER G 19 -33.92 -27.60 -0.76
C SER G 19 -34.93 -27.25 -1.85
N LEU G 20 -35.47 -26.03 -1.82
CA LEU G 20 -36.41 -25.59 -2.85
C LEU G 20 -35.73 -25.52 -4.22
N GLN G 21 -34.50 -25.00 -4.27
CA GLN G 21 -33.78 -24.93 -5.54
C GLN G 21 -33.46 -26.32 -6.06
N TRP G 22 -33.08 -27.24 -5.17
CA TRP G 22 -32.81 -28.61 -5.60
C TRP G 22 -34.07 -29.29 -6.12
N GLU G 23 -35.21 -29.05 -5.46
CA GLU G 23 -36.48 -29.61 -5.93
C GLU G 23 -36.85 -29.06 -7.30
N LYS G 24 -36.63 -27.75 -7.52
CA LYS G 24 -36.94 -27.16 -8.81
C LYS G 24 -36.01 -27.69 -9.89
N LEU G 25 -34.73 -27.90 -9.57
CA LEU G 25 -33.79 -28.46 -10.54
C LEU G 25 -34.15 -29.91 -10.88
N VAL G 26 -34.57 -30.68 -9.88
CA VAL G 26 -34.98 -32.07 -10.12
C VAL G 26 -36.24 -32.12 -10.96
N LYS G 27 -37.18 -31.20 -10.70
CA LYS G 27 -38.39 -31.12 -11.52
C LYS G 27 -38.05 -30.74 -12.97
N ARG G 28 -37.12 -29.81 -13.14
CA ARG G 28 -36.71 -29.42 -14.49
C ARG G 28 -35.95 -30.54 -15.19
N SER G 29 -35.02 -31.19 -14.49
CA SER G 29 -34.23 -32.28 -15.04
C SER G 29 -34.46 -33.54 -14.22
N PRO G 30 -35.27 -34.50 -14.72
CA PRO G 30 -35.54 -35.71 -13.92
C PRO G 30 -34.32 -36.56 -13.65
N ALA G 31 -33.30 -36.51 -14.50
CA ALA G 31 -32.08 -37.28 -14.28
C ALA G 31 -31.22 -36.71 -13.16
N LEU G 32 -31.55 -35.52 -12.64
CA LEU G 32 -30.75 -34.87 -11.63
C LEU G 32 -30.97 -35.42 -10.23
N ALA G 33 -31.99 -36.27 -10.04
CA ALA G 33 -32.28 -36.80 -8.71
C ALA G 33 -31.23 -37.80 -8.24
N GLU G 34 -30.47 -38.39 -9.15
CA GLU G 34 -29.43 -39.35 -8.77
C GLU G 34 -28.14 -38.68 -8.30
N VAL G 35 -28.03 -37.36 -8.46
CA VAL G 35 -26.79 -36.66 -8.13
C VAL G 35 -26.76 -36.35 -6.64
N THR G 36 -25.65 -36.73 -6.00
CA THR G 36 -25.43 -36.43 -4.59
C THR G 36 -24.47 -35.26 -4.46
N LEU G 37 -24.81 -34.30 -3.62
CA LEU G 37 -24.07 -33.06 -3.49
C LEU G 37 -23.35 -32.98 -2.14
N ASP G 38 -22.16 -32.42 -2.15
CA ASP G 38 -21.46 -32.13 -0.91
C ASP G 38 -22.07 -30.91 -0.22
N ALA G 39 -21.67 -30.69 1.03
CA ALA G 39 -22.21 -29.56 1.80
C ALA G 39 -21.84 -28.23 1.17
N TYR G 40 -20.60 -28.12 0.65
CA TYR G 40 -20.19 -26.93 -0.07
C TYR G 40 -21.01 -26.74 -1.33
N GLU G 41 -21.28 -27.82 -2.06
CA GLU G 41 -22.14 -27.74 -3.25
C GLU G 41 -23.56 -27.36 -2.88
N ARG G 42 -24.05 -27.85 -1.74
CA ARG G 42 -25.35 -27.41 -1.26
C ARG G 42 -25.35 -25.92 -0.93
N THR G 43 -24.25 -25.41 -0.40
CA THR G 43 -24.13 -23.98 -0.17
C THR G 43 -24.15 -23.20 -1.49
N ILE G 44 -23.48 -23.73 -2.52
CA ILE G 44 -23.53 -23.10 -3.84
C ILE G 44 -24.93 -23.14 -4.43
N LEU G 45 -25.72 -24.15 -4.05
CA LEU G 45 -27.07 -24.32 -4.59
C LEU G 45 -27.99 -23.14 -4.26
N SER G 46 -27.65 -22.32 -3.27
CA SER G 46 -28.43 -21.13 -2.97
C SER G 46 -28.38 -20.10 -4.09
N SER G 47 -27.38 -20.16 -4.97
CA SER G 47 -27.21 -19.22 -6.06
C SER G 47 -27.87 -19.68 -7.35
N ILE G 48 -28.62 -20.78 -7.32
CA ILE G 48 -29.26 -21.31 -8.52
C ILE G 48 -30.44 -20.42 -8.89
N VAL G 49 -30.48 -19.98 -10.15
CA VAL G 49 -31.57 -19.15 -10.64
C VAL G 49 -32.49 -19.99 -11.51
N THR G 50 -33.55 -20.50 -10.90
CA THR G 50 -34.57 -21.24 -11.65
C THR G 50 -35.33 -20.27 -12.55
N PRO G 51 -35.68 -20.68 -13.78
CA PRO G 51 -36.26 -19.72 -14.74
C PRO G 51 -37.55 -19.02 -14.29
N ASP G 52 -38.28 -19.60 -13.34
CA ASP G 52 -39.48 -18.96 -12.83
C ASP G 52 -39.16 -17.71 -12.02
N GLU G 53 -37.96 -17.63 -11.47
CA GLU G 53 -37.54 -16.45 -10.73
C GLU G 53 -37.38 -15.25 -11.66
N ILE G 54 -36.92 -15.50 -12.88
CA ILE G 54 -36.75 -14.44 -13.87
C ILE G 54 -38.06 -14.21 -14.59
N ASN G 55 -38.39 -12.93 -14.83
CA ASN G 55 -39.57 -12.56 -15.60
C ASN G 55 -39.22 -11.97 -16.96
N ILE G 56 -37.93 -11.82 -17.26
CA ILE G 56 -37.49 -11.15 -18.49
C ILE G 56 -37.46 -12.16 -19.63
N THR G 57 -38.05 -11.86 -20.78
CA THR G 57 -37.90 -12.77 -21.92
C THR G 57 -36.90 -12.19 -22.89
N PHE G 58 -36.47 -12.95 -23.89
CA PHE G 58 -35.57 -12.42 -24.91
C PHE G 58 -36.29 -11.33 -25.68
N GLN G 59 -37.58 -11.53 -25.93
CA GLN G 59 -38.38 -10.53 -26.63
C GLN G 59 -38.39 -9.20 -25.90
N ASP G 60 -38.18 -9.24 -24.59
CA ASP G 60 -38.18 -8.02 -23.79
C ASP G 60 -36.91 -7.19 -23.97
N ILE G 61 -35.99 -7.61 -24.82
CA ILE G 61 -34.78 -6.88 -25.13
C ILE G 61 -34.88 -6.37 -26.56
N GLY G 62 -34.90 -5.05 -26.73
CA GLY G 62 -34.98 -4.46 -28.05
C GLY G 62 -33.66 -3.89 -28.51
N GLY G 63 -33.50 -3.72 -29.82
CA GLY G 63 -32.30 -3.12 -30.36
C GLY G 63 -31.07 -4.00 -30.33
N LEU G 64 -31.22 -5.27 -29.95
CA LEU G 64 -30.09 -6.20 -29.85
C LEU G 64 -30.38 -7.48 -30.62
N ASP G 65 -31.26 -7.40 -31.62
CA ASP G 65 -31.64 -8.59 -32.38
C ASP G 65 -30.46 -9.25 -33.11
N PRO G 66 -29.57 -8.53 -33.80
CA PRO G 66 -28.35 -9.21 -34.28
C PRO G 66 -27.50 -9.77 -33.16
N LEU G 67 -27.39 -9.04 -32.04
CA LEU G 67 -26.62 -9.53 -30.90
C LEU G 67 -27.29 -10.75 -30.28
N ILE G 68 -28.62 -10.73 -30.17
CA ILE G 68 -29.35 -11.88 -29.62
C ILE G 68 -29.19 -13.10 -30.52
N SER G 69 -29.27 -12.90 -31.83
CA SER G 69 -29.14 -14.00 -32.76
C SER G 69 -27.73 -14.58 -32.71
N ASP G 70 -26.72 -13.71 -32.70
CA ASP G 70 -25.35 -14.20 -32.62
C ASP G 70 -25.10 -14.93 -31.31
N LEU G 71 -25.63 -14.40 -30.21
CA LEU G 71 -25.49 -15.04 -28.90
C LEU G 71 -26.13 -16.42 -28.91
N HIS G 72 -27.34 -16.52 -29.49
CA HIS G 72 -27.99 -17.82 -29.63
C HIS G 72 -27.11 -18.79 -30.42
N GLU G 73 -26.82 -18.44 -31.68
CA GLU G 73 -26.14 -19.36 -32.59
C GLU G 73 -24.74 -19.73 -32.13
N SER G 74 -24.07 -18.88 -31.36
CA SER G 74 -22.70 -19.17 -30.95
C SER G 74 -22.58 -19.60 -29.49
N VAL G 75 -23.65 -19.53 -28.70
CA VAL G 75 -23.55 -19.80 -27.27
C VAL G 75 -24.57 -20.86 -26.87
N ILE G 76 -25.84 -20.61 -27.17
CA ILE G 76 -26.92 -21.40 -26.56
C ILE G 76 -27.10 -22.72 -27.28
N TYR G 77 -27.30 -22.65 -28.60
CA TYR G 77 -27.46 -23.88 -29.39
C TYR G 77 -26.24 -24.80 -29.35
N PRO G 78 -24.99 -24.32 -29.45
CA PRO G 78 -23.85 -25.24 -29.24
C PRO G 78 -23.81 -25.85 -27.84
N LEU G 79 -24.27 -25.14 -26.82
CA LEU G 79 -24.26 -25.69 -25.47
C LEU G 79 -25.46 -26.58 -25.19
N MET G 80 -26.66 -26.12 -25.51
CA MET G 80 -27.88 -26.84 -25.16
C MET G 80 -28.23 -27.96 -26.13
N MET G 81 -27.70 -27.93 -27.35
CA MET G 81 -27.96 -28.97 -28.35
C MET G 81 -26.63 -29.47 -28.89
N PRO G 82 -25.89 -30.27 -28.08
CA PRO G 82 -24.62 -30.81 -28.58
C PRO G 82 -24.80 -31.92 -29.60
N GLU G 83 -25.99 -32.49 -29.71
CA GLU G 83 -26.23 -33.56 -30.68
C GLU G 83 -26.13 -33.01 -32.09
N VAL G 84 -26.66 -31.81 -32.29
CA VAL G 84 -26.63 -31.17 -33.61
C VAL G 84 -25.22 -30.77 -33.99
N TYR G 85 -24.45 -30.26 -33.03
CA TYR G 85 -23.10 -29.76 -33.27
C TYR G 85 -22.02 -30.82 -33.07
N SER G 86 -22.39 -32.08 -32.81
CA SER G 86 -21.42 -33.10 -32.47
C SER G 86 -20.66 -33.64 -33.68
N ASN G 87 -21.02 -33.22 -34.88
CA ASN G 87 -20.35 -33.71 -36.08
C ASN G 87 -18.89 -33.27 -36.10
N SER G 88 -18.63 -32.02 -35.72
CA SER G 88 -17.28 -31.49 -35.70
C SER G 88 -16.88 -31.08 -34.29
N PRO G 89 -15.63 -31.34 -33.88
CA PRO G 89 -15.21 -30.99 -32.52
C PRO G 89 -15.04 -29.49 -32.29
N LEU G 90 -15.03 -28.68 -33.35
CA LEU G 90 -14.88 -27.24 -33.23
C LEU G 90 -16.20 -26.50 -33.09
N LEU G 91 -17.32 -27.22 -33.00
CA LEU G 91 -18.64 -26.61 -32.92
C LEU G 91 -19.16 -26.50 -31.49
N GLN G 92 -18.33 -26.78 -30.49
CA GLN G 92 -18.78 -26.75 -29.12
C GLN G 92 -18.90 -25.30 -28.62
N ALA G 93 -19.58 -25.17 -27.48
CA ALA G 93 -19.78 -23.86 -26.88
C ALA G 93 -18.47 -23.33 -26.29
N PRO G 94 -18.29 -22.01 -26.24
CA PRO G 94 -17.08 -21.46 -25.63
C PRO G 94 -17.09 -21.68 -24.12
N SER G 95 -15.87 -21.73 -23.55
CA SER G 95 -15.73 -21.90 -22.12
C SER G 95 -16.19 -20.68 -21.33
N GLY G 96 -16.24 -19.52 -21.97
CA GLY G 96 -16.68 -18.31 -21.29
C GLY G 96 -17.27 -17.32 -22.27
N VAL G 97 -18.15 -16.47 -21.74
CA VAL G 97 -18.80 -15.42 -22.52
C VAL G 97 -18.74 -14.13 -21.72
N LEU G 98 -18.29 -13.06 -22.36
CA LEU G 98 -18.21 -11.76 -21.72
C LEU G 98 -19.15 -10.78 -22.41
N LEU G 99 -20.03 -10.17 -21.63
CA LEU G 99 -20.91 -9.10 -22.10
C LEU G 99 -20.41 -7.79 -21.49
N TYR G 100 -19.88 -6.91 -22.34
CA TYR G 100 -19.27 -5.68 -21.86
C TYR G 100 -19.77 -4.50 -22.68
N GLY G 101 -19.69 -3.32 -22.08
CA GLY G 101 -20.13 -2.10 -22.71
C GLY G 101 -20.47 -1.04 -21.70
N PRO G 102 -20.97 0.11 -22.17
CA PRO G 102 -21.44 1.14 -21.24
C PRO G 102 -22.64 0.64 -20.47
N PRO G 103 -22.83 1.13 -19.24
CA PRO G 103 -23.93 0.63 -18.41
C PRO G 103 -25.29 1.00 -18.98
N GLY G 104 -26.27 0.13 -18.72
CA GLY G 104 -27.64 0.37 -19.12
C GLY G 104 -28.01 -0.10 -20.51
N CYS G 105 -27.08 -0.71 -21.24
CA CYS G 105 -27.34 -1.12 -22.62
C CYS G 105 -27.98 -2.49 -22.72
N GLY G 106 -28.03 -3.26 -21.64
CA GLY G 106 -28.79 -4.50 -21.65
C GLY G 106 -28.00 -5.77 -21.43
N LYS G 107 -26.83 -5.69 -20.80
CA LYS G 107 -26.07 -6.88 -20.48
C LYS G 107 -26.79 -7.74 -19.46
N THR G 108 -27.32 -7.12 -18.40
CA THR G 108 -28.09 -7.86 -17.42
C THR G 108 -29.42 -8.34 -17.99
N MET G 109 -29.99 -7.60 -18.95
CA MET G 109 -31.18 -8.08 -19.64
C MET G 109 -30.88 -9.34 -20.42
N LEU G 110 -29.74 -9.39 -21.12
CA LEU G 110 -29.34 -10.58 -21.83
C LEU G 110 -29.07 -11.74 -20.88
N ALA G 111 -28.47 -11.44 -19.72
CA ALA G 111 -28.24 -12.48 -18.72
C ALA G 111 -29.55 -13.03 -18.17
N LYS G 112 -30.53 -12.17 -17.92
CA LYS G 112 -31.84 -12.62 -17.46
C LYS G 112 -32.53 -13.46 -18.52
N ALA G 113 -32.43 -13.05 -19.79
CA ALA G 113 -33.02 -13.84 -20.87
C ALA G 113 -32.33 -15.19 -21.00
N LEU G 114 -31.02 -15.24 -20.78
CA LEU G 114 -30.30 -16.51 -20.77
C LEU G 114 -30.75 -17.39 -19.60
N ALA G 115 -30.99 -16.79 -18.43
CA ALA G 115 -31.47 -17.55 -17.29
C ALA G 115 -32.89 -18.07 -17.51
N LYS G 116 -33.67 -17.40 -18.33
CA LYS G 116 -35.07 -17.77 -18.51
C LYS G 116 -35.37 -18.65 -19.71
N GLU G 117 -34.61 -18.48 -20.79
CA GLU G 117 -34.92 -19.21 -22.02
C GLU G 117 -33.88 -20.21 -22.52
N SER G 118 -32.63 -20.09 -22.08
CA SER G 118 -31.59 -20.98 -22.59
C SER G 118 -31.88 -22.42 -22.23
N GLY G 119 -32.40 -22.65 -21.03
CA GLY G 119 -32.66 -24.01 -20.58
C GLY G 119 -31.45 -24.60 -19.88
N ALA G 120 -30.41 -23.81 -19.69
CA ALA G 120 -29.25 -24.28 -18.96
C ALA G 120 -29.47 -23.92 -17.51
N ASN G 121 -29.01 -24.76 -16.61
CA ASN G 121 -29.10 -24.44 -15.20
C ASN G 121 -28.27 -23.20 -15.02
N PHE G 122 -28.75 -22.24 -14.24
CA PHE G 122 -28.03 -20.97 -14.13
C PHE G 122 -27.59 -20.73 -12.71
N ILE G 123 -26.33 -20.41 -12.51
CA ILE G 123 -25.87 -20.06 -11.18
C ILE G 123 -25.46 -18.60 -11.23
N SER G 124 -26.15 -17.73 -10.50
CA SER G 124 -25.73 -16.34 -10.46
C SER G 124 -25.01 -16.17 -9.15
N ILE G 125 -23.70 -16.29 -9.19
CA ILE G 125 -22.94 -16.24 -7.94
C ILE G 125 -22.46 -14.81 -7.72
N ARG G 126 -22.32 -14.44 -6.44
CA ARG G 126 -21.85 -13.13 -6.05
C ARG G 126 -20.60 -13.28 -5.20
N MET G 127 -19.90 -12.15 -5.00
CA MET G 127 -18.65 -12.19 -4.25
C MET G 127 -18.89 -12.44 -2.77
N SER G 128 -20.07 -12.06 -2.25
CA SER G 128 -20.40 -12.34 -0.86
C SER G 128 -20.56 -13.83 -0.60
N SER G 129 -21.17 -14.55 -1.55
CA SER G 129 -21.33 -15.99 -1.43
C SER G 129 -20.04 -16.75 -1.69
N ILE G 130 -19.01 -16.08 -2.21
CA ILE G 130 -17.72 -16.71 -2.48
C ILE G 130 -16.70 -16.38 -1.41
N MET G 131 -16.59 -15.10 -1.05
CA MET G 131 -15.62 -14.69 -0.04
C MET G 131 -16.00 -15.25 1.33
N ASP G 132 -14.99 -15.66 2.09
CA ASP G 132 -15.18 -16.13 3.45
C ASP G 132 -13.94 -15.81 4.26
N LYS G 133 -14.15 -15.39 5.52
CA LYS G 133 -13.03 -15.01 6.36
C LYS G 133 -12.24 -16.23 6.83
N TRP G 134 -12.89 -17.38 6.92
CA TRP G 134 -12.22 -18.59 7.37
C TRP G 134 -11.24 -19.10 6.30
N TYR G 135 -10.18 -19.75 6.75
CA TYR G 135 -9.09 -20.13 5.85
C TYR G 135 -9.52 -21.27 4.93
N GLY G 136 -9.23 -21.11 3.64
CA GLY G 136 -9.47 -22.16 2.67
C GLY G 136 -10.91 -22.40 2.30
N GLU G 137 -11.85 -21.64 2.87
CA GLU G 137 -13.26 -21.87 2.60
C GLU G 137 -13.67 -21.34 1.23
N SER G 138 -13.11 -20.20 0.81
CA SER G 138 -13.50 -19.61 -0.46
C SER G 138 -13.03 -20.45 -1.65
N ASN G 139 -11.84 -21.03 -1.55
CA ASN G 139 -11.35 -21.91 -2.61
C ASN G 139 -12.22 -23.16 -2.71
N LYS G 140 -12.63 -23.72 -1.57
CA LYS G 140 -13.55 -24.84 -1.58
C LYS G 140 -14.92 -24.44 -2.12
N ILE G 141 -15.34 -23.19 -1.87
CA ILE G 141 -16.60 -22.70 -2.44
C ILE G 141 -16.53 -22.65 -3.96
N VAL G 142 -15.42 -22.16 -4.51
CA VAL G 142 -15.24 -22.13 -5.96
C VAL G 142 -15.17 -23.55 -6.52
N ASP G 143 -14.46 -24.45 -5.84
CA ASP G 143 -14.38 -25.84 -6.29
C ASP G 143 -15.76 -26.50 -6.29
N ALA G 144 -16.56 -26.23 -5.26
CA ALA G 144 -17.92 -26.75 -5.22
C ALA G 144 -18.79 -26.16 -6.30
N MET G 145 -18.61 -24.86 -6.60
CA MET G 145 -19.36 -24.22 -7.67
C MET G 145 -19.07 -24.88 -9.01
N PHE G 146 -17.79 -25.13 -9.30
CA PHE G 146 -17.42 -25.77 -10.55
C PHE G 146 -17.89 -27.22 -10.60
N SER G 147 -17.77 -27.95 -9.47
CA SER G 147 -18.21 -29.34 -9.46
C SER G 147 -19.73 -29.46 -9.59
N LEU G 148 -20.47 -28.53 -8.98
CA LEU G 148 -21.92 -28.52 -9.13
C LEU G 148 -22.32 -28.17 -10.55
N ALA G 149 -21.63 -27.20 -11.16
CA ALA G 149 -21.91 -26.87 -12.55
C ALA G 149 -21.61 -28.05 -13.47
N ASN G 150 -20.58 -28.84 -13.14
CA ASN G 150 -20.31 -30.06 -13.89
C ASN G 150 -21.39 -31.10 -13.66
N LYS G 151 -21.91 -31.20 -12.42
CA LYS G 151 -22.94 -32.18 -12.12
C LYS G 151 -24.26 -31.84 -12.82
N LEU G 152 -24.67 -30.58 -12.77
CA LEU G 152 -25.81 -30.11 -13.56
C LEU G 152 -25.26 -29.78 -14.95
N GLN G 153 -25.14 -30.83 -15.77
CA GLN G 153 -24.23 -30.83 -16.91
C GLN G 153 -24.41 -29.65 -17.88
N PRO G 154 -25.63 -29.31 -18.35
CA PRO G 154 -25.75 -28.00 -19.02
C PRO G 154 -25.89 -26.89 -17.99
N CYS G 155 -24.83 -26.11 -17.78
CA CYS G 155 -24.82 -25.11 -16.72
C CYS G 155 -24.19 -23.81 -17.23
N ILE G 156 -24.67 -22.71 -16.65
CA ILE G 156 -24.08 -21.39 -16.87
C ILE G 156 -23.79 -20.76 -15.51
N ILE G 157 -22.55 -20.36 -15.30
CA ILE G 157 -22.15 -19.67 -14.08
C ILE G 157 -22.06 -18.19 -14.41
N PHE G 158 -22.92 -17.39 -13.81
CA PHE G 158 -22.95 -15.95 -14.09
C PHE G 158 -22.35 -15.18 -12.92
N ILE G 159 -21.42 -14.29 -13.23
CA ILE G 159 -20.80 -13.41 -12.25
C ILE G 159 -21.04 -11.98 -12.73
N ASP G 160 -22.05 -11.32 -12.17
CA ASP G 160 -22.30 -9.93 -12.51
C ASP G 160 -21.20 -9.04 -11.94
N GLN G 161 -20.86 -7.99 -12.70
CA GLN G 161 -19.71 -7.12 -12.43
C GLN G 161 -18.45 -7.95 -12.24
N ILE G 162 -18.11 -8.70 -13.30
CA ILE G 162 -17.01 -9.66 -13.26
C ILE G 162 -15.65 -8.99 -13.21
N ASP G 163 -15.60 -7.68 -13.36
CA ASP G 163 -14.33 -6.95 -13.32
C ASP G 163 -13.71 -6.95 -11.94
N SER G 164 -14.51 -7.21 -10.90
CA SER G 164 -14.00 -7.27 -9.54
C SER G 164 -13.51 -8.68 -9.16
N PHE G 165 -14.27 -9.70 -9.56
CA PHE G 165 -13.83 -11.07 -9.32
C PHE G 165 -12.58 -11.38 -10.11
N LEU G 166 -12.56 -11.01 -11.39
CA LEU G 166 -11.45 -11.33 -12.29
C LEU G 166 -10.57 -10.11 -12.56
N ARG G 167 -10.35 -9.30 -11.53
CA ARG G 167 -9.48 -8.13 -11.68
C ARG G 167 -8.05 -8.55 -11.95
N GLU G 168 -7.28 -7.62 -12.52
CA GLU G 168 -5.90 -7.91 -12.89
C GLU G 168 -5.07 -8.21 -11.65
N ARG G 169 -4.36 -9.34 -11.69
CA ARG G 169 -3.60 -9.79 -10.53
C ARG G 169 -2.40 -8.90 -10.27
N SER G 170 -2.03 -8.79 -8.99
CA SER G 170 -0.89 -8.00 -8.58
C SER G 170 -0.34 -8.56 -7.28
N SER G 171 0.90 -8.17 -6.97
CA SER G 171 1.50 -8.59 -5.71
C SER G 171 0.85 -7.93 -4.51
N THR G 172 0.14 -6.82 -4.71
CA THR G 172 -0.59 -6.14 -3.64
C THR G 172 -1.97 -6.74 -3.39
N ASP G 173 -2.36 -7.76 -4.16
CA ASP G 173 -3.63 -8.43 -3.92
C ASP G 173 -3.59 -9.19 -2.60
N HIS G 174 -4.77 -9.35 -2.01
CA HIS G 174 -4.88 -10.14 -0.80
C HIS G 174 -4.57 -11.60 -1.11
N GLU G 175 -4.06 -12.31 -0.09
CA GLU G 175 -3.66 -13.70 -0.26
C GLU G 175 -4.84 -14.57 -0.66
N VAL G 176 -5.99 -14.38 0.00
CA VAL G 176 -7.17 -15.16 -0.31
C VAL G 176 -7.70 -14.80 -1.70
N THR G 177 -7.62 -13.53 -2.09
CA THR G 177 -8.06 -13.13 -3.42
C THR G 177 -7.21 -13.76 -4.52
N ALA G 178 -5.89 -13.73 -4.35
CA ALA G 178 -5.00 -14.33 -5.34
C ALA G 178 -5.19 -15.84 -5.41
N THR G 179 -5.31 -16.49 -4.26
CA THR G 179 -5.56 -17.93 -4.22
C THR G 179 -6.89 -18.27 -4.88
N LEU G 180 -7.92 -17.45 -4.63
CA LEU G 180 -9.25 -17.66 -5.19
C LEU G 180 -9.23 -17.52 -6.70
N LYS G 181 -8.55 -16.49 -7.20
CA LYS G 181 -8.47 -16.26 -8.64
C LYS G 181 -7.67 -17.37 -9.33
N ALA G 182 -6.60 -17.84 -8.69
CA ALA G 182 -5.83 -18.96 -9.23
C ALA G 182 -6.66 -20.23 -9.28
N GLU G 183 -7.45 -20.49 -8.23
CA GLU G 183 -8.31 -21.68 -8.23
C GLU G 183 -9.39 -21.58 -9.31
N PHE G 184 -9.95 -20.38 -9.49
CA PHE G 184 -10.94 -20.17 -10.55
C PHE G 184 -10.31 -20.39 -11.92
N MET G 185 -9.06 -19.94 -12.12
CA MET G 185 -8.36 -20.19 -13.37
C MET G 185 -8.11 -21.67 -13.58
N THR G 186 -7.71 -22.39 -12.52
CA THR G 186 -7.40 -23.81 -12.64
C THR G 186 -8.64 -24.61 -12.98
N LEU G 187 -9.77 -24.34 -12.32
CA LEU G 187 -10.98 -25.08 -12.60
C LEU G 187 -11.66 -24.64 -13.89
N TRP G 188 -11.46 -23.38 -14.29
CA TRP G 188 -12.08 -22.86 -15.51
C TRP G 188 -11.49 -23.52 -16.74
N ASP G 189 -10.16 -23.59 -16.82
CA ASP G 189 -9.48 -24.24 -17.94
C ASP G 189 -8.19 -24.84 -17.39
N GLY G 190 -8.25 -26.11 -17.02
CA GLY G 190 -7.09 -26.80 -16.46
C GLY G 190 -6.93 -28.20 -17.02
N LEU G 191 -6.37 -29.11 -16.24
CA LEU G 191 -6.22 -30.49 -16.68
C LEU G 191 -7.57 -31.16 -16.84
N LEU G 192 -8.41 -31.07 -15.82
CA LEU G 192 -9.72 -31.71 -15.83
C LEU G 192 -10.68 -30.82 -16.62
N ASN G 193 -11.04 -31.26 -17.82
CA ASN G 193 -11.96 -30.49 -18.66
C ASN G 193 -13.35 -30.48 -18.05
N ASN G 194 -13.99 -29.31 -18.08
CA ASN G 194 -15.37 -29.21 -17.62
C ASN G 194 -16.30 -29.80 -18.67
N GLY G 195 -17.54 -30.03 -18.25
CA GLY G 195 -18.56 -30.54 -19.16
C GLY G 195 -19.14 -29.43 -20.01
N ARG G 196 -20.47 -29.36 -20.07
CA ARG G 196 -21.14 -28.24 -20.75
C ARG G 196 -21.31 -27.07 -19.78
N VAL G 197 -20.17 -26.62 -19.24
CA VAL G 197 -20.11 -25.56 -18.25
C VAL G 197 -19.56 -24.32 -18.92
N MET G 198 -20.28 -23.20 -18.78
CA MET G 198 -19.90 -21.94 -19.39
C MET G 198 -19.99 -20.84 -18.35
N ILE G 199 -18.97 -19.98 -18.30
CA ILE G 199 -18.93 -18.86 -17.36
C ILE G 199 -19.26 -17.60 -18.13
N ILE G 200 -20.51 -17.14 -18.02
CA ILE G 200 -20.97 -15.92 -18.66
C ILE G 200 -20.77 -14.78 -17.68
N GLY G 201 -20.16 -13.70 -18.15
CA GLY G 201 -19.86 -12.56 -17.30
C GLY G 201 -20.31 -11.26 -17.91
N ALA G 202 -20.84 -10.38 -17.07
CA ALA G 202 -21.23 -9.03 -17.47
C ALA G 202 -20.36 -8.02 -16.72
N THR G 203 -19.88 -7.02 -17.44
CA THR G 203 -18.99 -6.03 -16.87
C THR G 203 -19.10 -4.72 -17.62
N ASN G 204 -18.62 -3.65 -16.98
CA ASN G 204 -18.49 -2.35 -17.62
C ASN G 204 -17.05 -2.00 -17.94
N ARG G 205 -16.10 -2.52 -17.17
CA ARG G 205 -14.67 -2.26 -17.35
C ARG G 205 -14.02 -3.57 -17.82
N ILE G 206 -13.99 -3.77 -19.13
CA ILE G 206 -13.33 -4.95 -19.70
C ILE G 206 -11.82 -4.88 -19.47
N ASN G 207 -11.24 -3.68 -19.49
CA ASN G 207 -9.81 -3.52 -19.27
C ASN G 207 -9.39 -3.88 -17.85
N ASP G 208 -10.32 -3.83 -16.89
CA ASP G 208 -9.99 -4.21 -15.53
C ASP G 208 -9.82 -5.72 -15.39
N ILE G 209 -10.40 -6.49 -16.31
CA ILE G 209 -10.30 -7.94 -16.26
C ILE G 209 -8.88 -8.36 -16.60
N ASP G 210 -8.39 -9.39 -15.90
CA ASP G 210 -7.05 -9.92 -16.16
C ASP G 210 -6.98 -10.53 -17.55
N ASP G 211 -5.77 -10.46 -18.14
CA ASP G 211 -5.57 -11.02 -19.47
C ASP G 211 -5.78 -12.53 -19.48
N ALA G 212 -5.33 -13.22 -18.43
CA ALA G 212 -5.56 -14.65 -18.31
C ALA G 212 -7.03 -14.98 -18.10
N PHE G 213 -7.81 -14.04 -17.56
CA PHE G 213 -9.25 -14.23 -17.40
C PHE G 213 -10.03 -13.81 -18.63
N LEU G 214 -9.54 -12.77 -19.34
CA LEU G 214 -10.11 -12.42 -20.63
C LEU G 214 -9.87 -13.52 -21.66
N ARG G 215 -8.77 -14.26 -21.51
CA ARG G 215 -8.53 -15.42 -22.35
C ARG G 215 -9.58 -16.50 -22.13
N ARG G 216 -9.96 -16.73 -20.87
CA ARG G 216 -10.99 -17.71 -20.55
C ARG G 216 -12.39 -17.23 -20.90
N LEU G 217 -12.55 -15.98 -21.33
CA LEU G 217 -13.81 -15.49 -21.89
C LEU G 217 -13.58 -15.19 -23.36
N PRO G 218 -13.49 -16.21 -24.23
CA PRO G 218 -13.11 -15.95 -25.62
C PRO G 218 -14.21 -15.34 -26.46
N LYS G 219 -15.48 -15.64 -26.16
CA LYS G 219 -16.60 -15.05 -26.87
C LYS G 219 -16.99 -13.76 -26.16
N ARG G 220 -16.73 -12.64 -26.81
CA ARG G 220 -17.03 -11.35 -26.22
C ARG G 220 -18.12 -10.63 -26.98
N PHE G 221 -19.12 -10.15 -26.25
CA PHE G 221 -20.23 -9.41 -26.83
C PHE G 221 -20.17 -7.97 -26.35
N LEU G 222 -20.15 -7.03 -27.29
CA LEU G 222 -20.12 -5.61 -26.98
C LEU G 222 -21.54 -5.07 -27.04
N VAL G 223 -22.11 -4.78 -25.87
CA VAL G 223 -23.43 -4.17 -25.78
C VAL G 223 -23.17 -2.68 -25.64
N SER G 224 -23.06 -2.00 -26.78
CA SER G 224 -22.73 -0.58 -26.82
C SER G 224 -23.99 0.26 -26.71
N LEU G 225 -23.82 1.58 -26.74
CA LEU G 225 -24.94 2.49 -26.66
C LEU G 225 -25.83 2.34 -27.90
N PRO G 226 -27.15 2.33 -27.73
CA PRO G 226 -28.03 2.06 -28.87
C PRO G 226 -28.04 3.21 -29.87
N GLY G 227 -28.24 2.86 -31.14
CA GLY G 227 -28.44 3.83 -32.20
C GLY G 227 -29.88 4.28 -32.26
N SER G 228 -30.19 5.04 -33.32
CA SER G 228 -31.54 5.58 -33.48
C SER G 228 -32.56 4.46 -33.69
N ASP G 229 -32.25 3.51 -34.58
CA ASP G 229 -33.13 2.36 -34.78
C ASP G 229 -33.16 1.46 -33.55
N GLN G 230 -32.01 1.26 -32.92
CA GLN G 230 -31.95 0.46 -31.70
C GLN G 230 -32.75 1.12 -30.58
N ARG G 231 -32.64 2.45 -30.44
CA ARG G 231 -33.42 3.14 -29.42
C ARG G 231 -34.91 3.12 -29.74
N TYR G 232 -35.26 3.16 -31.03
CA TYR G 232 -36.66 3.01 -31.42
C TYR G 232 -37.20 1.64 -31.01
N LYS G 233 -36.41 0.59 -31.24
CA LYS G 233 -36.81 -0.75 -30.82
C LYS G 233 -36.93 -0.86 -29.31
N ILE G 234 -35.98 -0.26 -28.58
CA ILE G 234 -36.02 -0.29 -27.13
C ILE G 234 -37.25 0.43 -26.59
N LEU G 235 -37.56 1.59 -27.17
CA LEU G 235 -38.76 2.33 -26.76
C LEU G 235 -40.03 1.57 -27.10
N SER G 236 -40.05 0.89 -28.25
CA SER G 236 -41.22 0.08 -28.61
C SER G 236 -41.40 -1.08 -27.63
N VAL G 237 -40.30 -1.71 -27.21
CA VAL G 237 -40.39 -2.80 -26.24
C VAL G 237 -40.86 -2.28 -24.89
N LEU G 238 -40.28 -1.16 -24.44
CA LEU G 238 -40.63 -0.62 -23.12
C LEU G 238 -42.06 -0.10 -23.09
N LEU G 239 -42.54 0.48 -24.18
CA LEU G 239 -43.89 1.02 -24.26
C LEU G 239 -44.90 -0.01 -24.72
N LYS G 240 -44.49 -1.27 -24.87
CA LYS G 240 -45.45 -2.33 -25.16
C LYS G 240 -46.36 -2.56 -23.95
N ASP G 241 -47.52 -3.17 -24.23
CA ASP G 241 -48.67 -3.33 -23.32
C ASP G 241 -48.97 -2.06 -22.54
N THR G 242 -48.78 -0.91 -23.17
CA THR G 242 -49.09 0.40 -22.60
C THR G 242 -49.88 1.19 -23.63
N LYS G 243 -50.89 1.91 -23.16
CA LYS G 243 -51.79 2.62 -24.08
C LYS G 243 -51.09 3.85 -24.64
N LEU G 244 -50.94 3.88 -25.96
CA LEU G 244 -50.39 5.03 -26.67
C LEU G 244 -51.39 5.48 -27.73
N ASP G 245 -51.58 6.79 -27.85
CA ASP G 245 -52.50 7.34 -28.83
C ASP G 245 -51.96 7.11 -30.23
N GLU G 246 -52.83 6.59 -31.12
CA GLU G 246 -52.39 6.27 -32.47
C GLU G 246 -52.06 7.53 -33.26
N ASP G 247 -52.91 8.55 -33.17
CA ASP G 247 -52.71 9.76 -33.95
C ASP G 247 -51.64 10.69 -33.35
N GLU G 248 -51.50 10.70 -32.02
CA GLU G 248 -50.66 11.70 -31.38
C GLU G 248 -49.23 11.22 -31.15
N PHE G 249 -49.03 9.94 -30.87
CA PHE G 249 -47.69 9.45 -30.55
C PHE G 249 -46.79 9.43 -31.77
N ASP G 250 -45.54 9.86 -31.58
CA ASP G 250 -44.51 9.85 -32.62
C ASP G 250 -43.26 9.24 -31.98
N LEU G 251 -43.14 7.91 -32.06
CA LEU G 251 -42.03 7.23 -31.43
C LEU G 251 -40.71 7.51 -32.15
N GLN G 252 -40.76 7.72 -33.46
CA GLN G 252 -39.53 7.93 -34.23
C GLN G 252 -38.87 9.25 -33.84
N LEU G 253 -39.67 10.29 -33.62
CA LEU G 253 -39.14 11.58 -33.20
C LEU G 253 -38.49 11.49 -31.82
N ILE G 254 -39.13 10.76 -30.90
CA ILE G 254 -38.53 10.53 -29.58
C ILE G 254 -37.23 9.75 -29.71
N ALA G 255 -37.20 8.77 -30.61
CA ALA G 255 -35.98 7.99 -30.81
C ALA G 255 -34.84 8.85 -31.33
N ASP G 256 -35.14 9.76 -32.27
CA ASP G 256 -34.11 10.69 -32.73
C ASP G 256 -33.67 11.64 -31.62
N ASN G 257 -34.61 12.16 -30.85
CA ASN G 257 -34.29 13.20 -29.88
C ASN G 257 -33.87 12.65 -28.52
N THR G 258 -33.85 11.33 -28.35
CA THR G 258 -33.21 10.72 -27.19
C THR G 258 -31.76 10.39 -27.49
N LYS G 259 -31.01 11.37 -27.97
CA LYS G 259 -29.65 11.15 -28.41
C LYS G 259 -28.73 10.86 -27.23
N GLY G 260 -27.89 9.84 -27.38
CA GLY G 260 -26.99 9.45 -26.31
C GLY G 260 -27.68 8.87 -25.10
N PHE G 261 -28.75 8.10 -25.29
CA PHE G 261 -29.52 7.51 -24.21
C PHE G 261 -29.31 6.00 -24.18
N SER G 262 -29.03 5.47 -23.00
CA SER G 262 -28.95 4.03 -22.81
C SER G 262 -30.36 3.46 -22.65
N GLY G 263 -30.46 2.13 -22.53
CA GLY G 263 -31.75 1.50 -22.34
C GLY G 263 -32.38 1.86 -21.01
N SER G 264 -31.57 1.97 -19.96
CA SER G 264 -32.08 2.39 -18.66
C SER G 264 -32.54 3.84 -18.67
N ASP G 265 -31.84 4.70 -19.41
CA ASP G 265 -32.28 6.08 -19.56
C ASP G 265 -33.63 6.16 -20.25
N LEU G 266 -33.82 5.36 -21.30
CA LEU G 266 -35.11 5.31 -21.97
C LEU G 266 -36.20 4.74 -21.07
N LYS G 267 -35.85 3.75 -20.23
CA LYS G 267 -36.82 3.21 -19.29
C LYS G 267 -37.25 4.26 -18.27
N GLU G 268 -36.29 5.04 -17.77
CA GLU G 268 -36.62 6.12 -16.83
C GLU G 268 -37.46 7.19 -17.50
N LEU G 269 -37.13 7.54 -18.75
CA LEU G 269 -37.92 8.53 -19.48
C LEU G 269 -39.35 8.05 -19.71
N CYS G 270 -39.51 6.77 -20.09
CA CYS G 270 -40.84 6.22 -20.28
C CYS G 270 -41.62 6.17 -18.98
N ARG G 271 -40.96 5.81 -17.89
CA ARG G 271 -41.63 5.78 -16.58
C ARG G 271 -42.10 7.17 -16.17
N GLU G 272 -41.24 8.18 -16.33
CA GLU G 272 -41.61 9.54 -15.96
C GLU G 272 -42.72 10.07 -16.86
N ALA G 273 -42.66 9.78 -18.17
CA ALA G 273 -43.68 10.24 -19.08
C ALA G 273 -45.03 9.58 -18.78
N ALA G 274 -45.03 8.28 -18.49
CA ALA G 274 -46.27 7.60 -18.11
C ALA G 274 -46.81 8.15 -16.79
N LEU G 275 -45.91 8.49 -15.86
CA LEU G 275 -46.34 9.04 -14.58
C LEU G 275 -47.02 10.39 -14.76
N ASP G 276 -46.39 11.30 -15.52
CA ASP G 276 -47.01 12.61 -15.72
C ASP G 276 -48.23 12.54 -16.64
N ALA G 277 -48.33 11.49 -17.46
CA ALA G 277 -49.53 11.31 -18.27
C ALA G 277 -50.69 10.80 -17.44
N ALA G 278 -50.44 9.88 -16.53
CA ALA G 278 -51.50 9.25 -15.74
C ALA G 278 -51.76 9.95 -14.42
N LYS G 279 -51.00 10.99 -14.09
CA LYS G 279 -51.15 11.70 -12.82
C LYS G 279 -52.60 12.01 -12.55
N GLU G 280 -53.33 12.44 -13.57
CA GLU G 280 -54.77 12.67 -13.40
C GLU G 280 -55.48 11.41 -12.92
N TYR G 281 -55.10 10.24 -13.47
CA TYR G 281 -55.76 9.01 -13.06
C TYR G 281 -55.40 8.65 -11.61
N ILE G 282 -54.14 8.86 -11.22
CA ILE G 282 -53.79 8.66 -9.81
C ILE G 282 -54.50 9.68 -8.90
N LYS G 283 -54.63 10.92 -9.35
CA LYS G 283 -55.33 11.91 -8.53
C LYS G 283 -56.79 11.55 -8.38
N GLN G 284 -57.38 10.91 -9.38
CA GLN G 284 -58.76 10.47 -9.29
C GLN G 284 -58.89 9.22 -8.42
N LYS G 285 -57.92 8.31 -8.51
CA LYS G 285 -57.97 7.09 -7.70
C LYS G 285 -57.71 7.38 -6.23
N ARG G 286 -56.92 8.41 -5.92
CA ARG G 286 -56.65 8.75 -4.53
C ARG G 286 -57.91 9.27 -3.84
N GLN G 287 -58.80 9.92 -4.58
CA GLN G 287 -60.08 10.34 -4.01
C GLN G 287 -60.92 9.14 -3.63
N LEU G 288 -60.89 8.09 -4.44
CA LEU G 288 -61.64 6.87 -4.16
C LEU G 288 -61.03 6.11 -2.98
N SER G 301 -59.20 10.74 -15.50
CA SER G 301 -60.29 10.03 -14.86
C SER G 301 -60.71 8.81 -15.68
N LEU G 302 -61.34 7.84 -15.00
CA LEU G 302 -61.83 6.60 -15.59
C LEU G 302 -60.64 5.86 -16.20
N LYS G 303 -60.59 5.65 -17.51
CA LYS G 303 -59.47 4.96 -18.12
C LYS G 303 -58.22 5.84 -18.11
N ILE G 304 -57.06 5.18 -18.16
CA ILE G 304 -55.79 5.90 -18.24
C ILE G 304 -55.67 6.55 -19.61
N ARG G 305 -55.26 7.81 -19.63
CA ARG G 305 -55.08 8.53 -20.88
C ARG G 305 -53.95 7.89 -21.68
N PRO G 306 -54.16 7.61 -22.97
CA PRO G 306 -53.06 7.07 -23.79
C PRO G 306 -51.91 8.04 -23.91
N LEU G 307 -50.70 7.50 -23.93
CA LEU G 307 -49.50 8.33 -23.94
C LEU G 307 -49.35 9.05 -25.27
N LYS G 308 -49.03 10.34 -25.20
CA LYS G 308 -48.83 11.12 -26.41
C LYS G 308 -47.38 11.57 -26.47
N THR G 309 -47.01 12.25 -27.54
CA THR G 309 -45.63 12.66 -27.74
C THR G 309 -45.22 13.76 -26.75
N LYS G 310 -46.15 14.67 -26.45
CA LYS G 310 -45.81 15.83 -25.60
C LYS G 310 -45.38 15.41 -24.20
N ASP G 311 -45.91 14.28 -23.71
CA ASP G 311 -45.49 13.77 -22.40
C ASP G 311 -44.02 13.36 -22.43
N PHE G 312 -43.52 12.94 -23.60
CA PHE G 312 -42.11 12.62 -23.73
C PHE G 312 -41.26 13.86 -24.02
N THR G 313 -41.82 14.81 -24.76
CA THR G 313 -41.08 16.04 -25.07
C THR G 313 -40.85 16.88 -23.82
N LYS G 314 -41.83 16.91 -22.91
CA LYS G 314 -41.70 17.72 -21.70
C LYS G 314 -40.65 17.16 -20.76
N LYS G 315 -40.37 15.86 -20.84
CA LYS G 315 -39.34 15.23 -20.03
C LYS G 315 -38.02 15.06 -20.77
N LEU G 316 -37.92 15.57 -21.99
CA LEU G 316 -36.71 15.44 -22.80
C LEU G 316 -36.02 16.79 -22.93
N ARG G 317 -34.69 16.77 -23.03
CA ARG G 317 -33.94 17.99 -23.22
C ARG G 317 -34.23 18.61 -24.59
N MET G 318 -34.14 17.79 -25.64
CA MET G 318 -34.43 18.19 -27.03
C MET G 318 -33.65 19.43 -27.48
N GLY H 5 -6.31 -39.06 10.56
CA GLY H 5 -7.66 -38.56 10.64
C GLY H 5 -7.84 -37.23 9.93
N PRO H 6 -8.05 -37.26 8.62
CA PRO H 6 -8.21 -36.03 7.85
C PRO H 6 -9.66 -35.55 7.82
N LEU H 7 -9.91 -34.45 7.13
CA LEU H 7 -11.26 -33.93 6.95
C LEU H 7 -11.47 -33.62 5.47
N SER H 8 -12.75 -33.52 5.10
CA SER H 8 -13.28 -33.31 3.76
C SER H 8 -13.05 -34.51 2.84
N GLY H 9 -12.40 -35.57 3.31
CA GLY H 9 -12.25 -36.81 2.58
C GLY H 9 -13.18 -37.92 3.01
N LYS H 10 -14.08 -37.65 3.96
CA LYS H 10 -15.00 -38.68 4.45
C LYS H 10 -16.25 -38.82 3.60
N SER H 11 -16.39 -38.01 2.55
CA SER H 11 -17.56 -38.11 1.68
C SER H 11 -17.57 -39.44 0.93
N ARG H 12 -18.77 -39.98 0.73
CA ARG H 12 -18.90 -41.25 0.02
C ARG H 12 -18.46 -41.11 -1.44
N GLU H 13 -18.83 -40.01 -2.09
CA GLU H 13 -18.37 -39.76 -3.45
C GLU H 13 -16.86 -39.59 -3.51
N SER H 14 -16.30 -38.87 -2.53
CA SER H 14 -14.85 -38.70 -2.47
C SER H 14 -14.15 -40.03 -2.23
N LYS H 15 -14.69 -40.86 -1.33
CA LYS H 15 -14.10 -42.17 -1.07
C LYS H 15 -14.16 -43.06 -2.30
N ALA H 16 -15.29 -43.02 -3.03
CA ALA H 16 -15.41 -43.80 -4.26
C ALA H 16 -14.42 -43.33 -5.31
N LYS H 17 -14.25 -42.02 -5.44
CA LYS H 17 -13.26 -41.48 -6.38
C LYS H 17 -11.84 -41.91 -6.03
N GLN H 18 -11.50 -41.84 -4.73
CA GLN H 18 -10.17 -42.26 -4.30
C GLN H 18 -9.95 -43.75 -4.55
N SER H 19 -10.97 -44.58 -4.29
CA SER H 19 -10.86 -46.01 -4.55
C SER H 19 -10.69 -46.28 -6.04
N LEU H 20 -11.43 -45.57 -6.89
CA LEU H 20 -11.32 -45.77 -8.33
C LEU H 20 -9.93 -45.37 -8.83
N GLN H 21 -9.40 -44.25 -8.32
CA GLN H 21 -8.05 -43.84 -8.71
C GLN H 21 -7.01 -44.84 -8.22
N TRP H 22 -7.21 -45.41 -7.02
CA TRP H 22 -6.29 -46.43 -6.52
C TRP H 22 -6.30 -47.68 -7.39
N GLU H 23 -7.49 -48.14 -7.80
CA GLU H 23 -7.56 -49.29 -8.69
C GLU H 23 -6.93 -48.98 -10.04
N LYS H 24 -7.11 -47.76 -10.55
CA LYS H 24 -6.45 -47.39 -11.80
C LYS H 24 -4.93 -47.41 -11.67
N LEU H 25 -4.41 -46.89 -10.55
CA LEU H 25 -2.97 -46.89 -10.33
C LEU H 25 -2.42 -48.30 -10.17
N VAL H 26 -3.17 -49.17 -9.48
CA VAL H 26 -2.75 -50.57 -9.35
C VAL H 26 -2.79 -51.26 -10.71
N LYS H 27 -3.75 -50.89 -11.54
CA LYS H 27 -3.82 -51.46 -12.87
C LYS H 27 -2.58 -51.04 -13.66
N ARG H 28 -2.21 -49.76 -13.61
CA ARG H 28 -1.02 -49.30 -14.32
C ARG H 28 0.26 -49.91 -13.75
N SER H 29 0.38 -49.97 -12.42
CA SER H 29 1.57 -50.52 -11.78
C SER H 29 1.19 -51.67 -10.87
N PRO H 30 1.48 -52.91 -11.25
CA PRO H 30 1.12 -54.07 -10.40
C PRO H 30 1.82 -54.08 -9.05
N ALA H 31 3.01 -53.49 -8.94
CA ALA H 31 3.74 -53.48 -7.68
C ALA H 31 3.11 -52.56 -6.64
N LEU H 32 2.14 -51.74 -7.04
CA LEU H 32 1.48 -50.80 -6.14
C LEU H 32 0.50 -51.47 -5.19
N ALA H 33 0.19 -52.75 -5.39
CA ALA H 33 -0.79 -53.43 -4.54
C ALA H 33 -0.29 -53.57 -3.10
N GLU H 34 1.00 -53.85 -2.93
CA GLU H 34 1.55 -54.03 -1.59
C GLU H 34 1.75 -52.71 -0.85
N VAL H 35 1.62 -51.58 -1.53
CA VAL H 35 1.81 -50.28 -0.90
C VAL H 35 0.56 -49.93 -0.10
N THR H 36 0.74 -49.58 1.17
CA THR H 36 -0.34 -49.20 2.06
C THR H 36 -0.33 -47.69 2.24
N LEU H 37 -1.50 -47.06 2.11
CA LEU H 37 -1.64 -45.62 2.15
C LEU H 37 -2.23 -45.16 3.46
N ASP H 38 -1.77 -44.01 3.96
CA ASP H 38 -2.33 -43.47 5.19
C ASP H 38 -3.60 -42.71 4.84
N ALA H 39 -4.35 -42.29 5.85
CA ALA H 39 -5.61 -41.61 5.60
C ALA H 39 -5.43 -40.30 4.85
N TYR H 40 -4.43 -39.53 5.24
CA TYR H 40 -4.14 -38.28 4.52
C TYR H 40 -3.67 -38.58 3.11
N GLU H 41 -2.87 -39.62 2.94
CA GLU H 41 -2.35 -39.97 1.62
C GLU H 41 -3.50 -40.31 0.71
N ARG H 42 -4.53 -40.94 1.26
CA ARG H 42 -5.72 -41.30 0.47
C ARG H 42 -6.55 -40.10 0.00
N THR H 43 -6.60 -39.04 0.78
CA THR H 43 -7.33 -37.82 0.36
C THR H 43 -6.61 -37.24 -0.85
N ILE H 44 -5.29 -37.28 -0.84
CA ILE H 44 -4.50 -36.81 -1.98
C ILE H 44 -4.82 -37.67 -3.19
N LEU H 45 -5.03 -38.96 -2.97
CA LEU H 45 -5.38 -39.86 -4.06
C LEU H 45 -6.56 -39.31 -4.87
N SER H 46 -7.41 -38.48 -4.27
CA SER H 46 -8.46 -37.91 -5.09
C SER H 46 -7.93 -36.95 -6.15
N SER H 47 -6.71 -36.45 -6.01
CA SER H 47 -6.11 -35.54 -6.98
C SER H 47 -5.29 -36.28 -8.04
N ILE H 48 -5.28 -37.61 -8.02
CA ILE H 48 -4.54 -38.38 -9.02
C ILE H 48 -5.22 -38.22 -10.38
N VAL H 49 -4.41 -37.95 -11.40
CA VAL H 49 -4.90 -37.80 -12.77
C VAL H 49 -4.35 -38.96 -13.60
N THR H 50 -5.25 -39.69 -14.24
CA THR H 50 -4.93 -40.83 -15.08
C THR H 50 -5.13 -40.49 -16.55
N PRO H 51 -4.48 -41.22 -17.47
CA PRO H 51 -4.62 -40.88 -18.90
C PRO H 51 -6.04 -40.97 -19.44
N ASP H 52 -6.92 -41.75 -18.80
CA ASP H 52 -8.29 -41.83 -19.29
C ASP H 52 -9.08 -40.54 -19.02
N GLU H 53 -8.60 -39.69 -18.12
CA GLU H 53 -9.21 -38.40 -17.85
C GLU H 53 -8.65 -37.28 -18.73
N ILE H 54 -7.65 -37.57 -19.55
CA ILE H 54 -7.00 -36.57 -20.40
C ILE H 54 -7.19 -36.98 -21.86
N ASN H 55 -7.71 -36.05 -22.66
CA ASN H 55 -7.91 -36.27 -24.08
C ASN H 55 -6.87 -35.56 -24.93
N ILE H 56 -5.80 -35.05 -24.33
CA ILE H 56 -4.80 -34.26 -25.01
C ILE H 56 -3.50 -35.05 -25.08
N THR H 57 -2.96 -35.20 -26.29
CA THR H 57 -1.70 -35.87 -26.53
C THR H 57 -0.64 -34.85 -26.91
N PHE H 58 0.61 -35.31 -26.98
CA PHE H 58 1.71 -34.45 -27.41
C PHE H 58 1.61 -34.06 -28.88
N GLN H 59 0.93 -34.87 -29.69
CA GLN H 59 0.72 -34.53 -31.09
C GLN H 59 -0.36 -33.48 -31.28
N ASP H 60 -1.18 -33.20 -30.25
CA ASP H 60 -2.21 -32.18 -30.33
C ASP H 60 -1.70 -30.79 -30.04
N ILE H 61 -0.43 -30.65 -29.68
CA ILE H 61 0.18 -29.35 -29.39
C ILE H 61 1.06 -28.98 -30.57
N GLY H 62 0.69 -27.91 -31.27
CA GLY H 62 1.44 -27.43 -32.41
C GLY H 62 2.31 -26.24 -32.05
N GLY H 63 3.34 -26.02 -32.87
CA GLY H 63 4.21 -24.88 -32.71
C GLY H 63 5.15 -24.94 -31.52
N LEU H 64 5.18 -26.05 -30.80
CA LEU H 64 6.03 -26.19 -29.62
C LEU H 64 6.90 -27.44 -29.73
N ASP H 65 7.18 -27.88 -30.95
CA ASP H 65 7.99 -29.08 -31.15
C ASP H 65 9.40 -28.98 -30.58
N PRO H 66 10.17 -27.89 -30.76
CA PRO H 66 11.43 -27.80 -30.01
C PRO H 66 11.24 -27.81 -28.51
N LEU H 67 10.20 -27.14 -28.01
CA LEU H 67 9.95 -27.14 -26.57
C LEU H 67 9.51 -28.52 -26.10
N ILE H 68 8.70 -29.21 -26.90
CA ILE H 68 8.27 -30.57 -26.55
C ILE H 68 9.46 -31.51 -26.52
N SER H 69 10.35 -31.41 -27.51
CA SER H 69 11.54 -32.26 -27.56
C SER H 69 12.47 -31.99 -26.39
N ASP H 70 12.70 -30.71 -26.07
CA ASP H 70 13.56 -30.36 -24.94
C ASP H 70 12.94 -30.83 -23.63
N LEU H 71 11.62 -30.67 -23.47
CA LEU H 71 10.93 -31.15 -22.29
C LEU H 71 11.08 -32.66 -22.15
N HIS H 72 10.92 -33.39 -23.26
CA HIS H 72 11.16 -34.83 -23.24
C HIS H 72 12.56 -35.15 -22.75
N GLU H 73 13.58 -34.66 -23.49
CA GLU H 73 14.96 -35.04 -23.23
C GLU H 73 15.45 -34.63 -21.84
N SER H 74 14.91 -33.54 -21.29
CA SER H 74 15.38 -33.05 -20.01
C SER H 74 14.47 -33.38 -18.83
N VAL H 75 13.28 -33.92 -19.08
CA VAL H 75 12.31 -34.13 -18.02
C VAL H 75 11.84 -35.58 -17.99
N ILE H 76 11.33 -36.06 -19.12
CA ILE H 76 10.57 -37.31 -19.12
C ILE H 76 11.51 -38.51 -19.19
N TYR H 77 12.40 -38.50 -20.17
CA TYR H 77 13.38 -39.59 -20.29
C TYR H 77 14.31 -39.72 -19.09
N PRO H 78 14.87 -38.65 -18.49
CA PRO H 78 15.62 -38.83 -17.24
C PRO H 78 14.79 -39.40 -16.10
N LEU H 79 13.49 -39.10 -16.05
CA LEU H 79 12.64 -39.55 -14.96
C LEU H 79 12.06 -40.94 -15.20
N MET H 80 11.50 -41.17 -16.39
CA MET H 80 10.85 -42.44 -16.68
C MET H 80 11.81 -43.54 -17.13
N MET H 81 13.07 -43.19 -17.44
CA MET H 81 14.08 -44.18 -17.81
C MET H 81 15.35 -43.95 -17.02
N PRO H 82 15.36 -44.32 -15.73
CA PRO H 82 16.58 -44.14 -14.93
C PRO H 82 17.70 -45.09 -15.35
N GLU H 83 17.37 -46.24 -15.94
CA GLU H 83 18.41 -47.18 -16.37
C GLU H 83 19.22 -46.63 -17.53
N VAL H 84 18.60 -45.84 -18.41
CA VAL H 84 19.31 -45.28 -19.54
C VAL H 84 20.27 -44.18 -19.09
N TYR H 85 19.87 -43.38 -18.10
CA TYR H 85 20.65 -42.26 -17.61
C TYR H 85 21.43 -42.58 -16.34
N SER H 86 21.47 -43.84 -15.93
CA SER H 86 22.15 -44.21 -14.69
C SER H 86 23.67 -44.25 -14.82
N ASN H 87 24.21 -44.09 -16.03
CA ASN H 87 25.66 -44.13 -16.20
C ASN H 87 26.36 -42.92 -15.61
N SER H 88 25.64 -41.82 -15.38
CA SER H 88 26.18 -40.64 -14.74
C SER H 88 25.20 -40.12 -13.70
N PRO H 89 25.68 -39.73 -12.52
CA PRO H 89 24.76 -39.20 -11.50
C PRO H 89 24.23 -37.81 -11.81
N LEU H 90 24.79 -37.11 -12.81
CA LEU H 90 24.34 -35.78 -13.19
C LEU H 90 23.21 -35.82 -14.22
N LEU H 91 22.78 -37.01 -14.64
CA LEU H 91 21.73 -37.15 -15.64
C LEU H 91 20.36 -37.37 -15.02
N GLN H 92 20.13 -36.79 -13.85
CA GLN H 92 18.86 -37.00 -13.17
C GLN H 92 17.79 -36.02 -13.59
N ALA H 93 16.54 -36.37 -13.34
CA ALA H 93 15.44 -35.48 -13.64
C ALA H 93 15.47 -34.28 -12.70
N PRO H 94 14.95 -33.13 -13.13
CA PRO H 94 14.91 -31.96 -12.23
C PRO H 94 13.96 -32.19 -11.07
N SER H 95 14.27 -31.54 -9.95
CA SER H 95 13.38 -31.58 -8.80
C SER H 95 12.10 -30.80 -9.06
N GLY H 96 12.14 -29.84 -9.97
CA GLY H 96 10.97 -29.06 -10.32
C GLY H 96 11.04 -28.59 -11.75
N VAL H 97 9.87 -28.34 -12.33
CA VAL H 97 9.76 -27.86 -13.71
C VAL H 97 8.74 -26.73 -13.73
N LEU H 98 9.10 -25.61 -14.35
CA LEU H 98 8.21 -24.45 -14.43
C LEU H 98 7.90 -24.16 -15.89
N LEU H 99 6.61 -24.08 -16.21
CA LEU H 99 6.14 -23.63 -17.52
C LEU H 99 5.51 -22.26 -17.33
N TYR H 100 6.17 -21.23 -17.84
CA TYR H 100 5.71 -19.86 -17.66
C TYR H 100 5.64 -19.14 -18.99
N GLY H 101 4.82 -18.11 -19.04
CA GLY H 101 4.64 -17.33 -20.25
C GLY H 101 3.29 -16.65 -20.28
N PRO H 102 2.98 -15.99 -21.39
CA PRO H 102 1.65 -15.39 -21.53
C PRO H 102 0.58 -16.46 -21.59
N PRO H 103 -0.63 -16.14 -21.12
CA PRO H 103 -1.69 -17.16 -21.07
C PRO H 103 -2.13 -17.61 -22.45
N GLY H 104 -2.54 -18.87 -22.53
CA GLY H 104 -3.08 -19.44 -23.76
C GLY H 104 -2.06 -19.99 -24.73
N CYS H 105 -0.79 -20.10 -24.34
CA CYS H 105 0.26 -20.54 -25.25
C CYS H 105 0.51 -22.04 -25.18
N GLY H 106 -0.11 -22.76 -24.24
CA GLY H 106 -0.02 -24.20 -24.23
C GLY H 106 0.66 -24.82 -23.03
N LYS H 107 0.75 -24.07 -21.92
CA LYS H 107 1.34 -24.63 -20.70
C LYS H 107 0.46 -25.73 -20.12
N THR H 108 -0.85 -25.48 -20.03
CA THR H 108 -1.77 -26.51 -19.57
C THR H 108 -1.90 -27.64 -20.58
N MET H 109 -1.78 -27.33 -21.87
CA MET H 109 -1.74 -28.39 -22.88
C MET H 109 -0.51 -29.27 -22.70
N LEU H 110 0.64 -28.66 -22.42
CA LEU H 110 1.85 -29.44 -22.15
C LEU H 110 1.68 -30.29 -20.89
N ALA H 111 1.03 -29.75 -19.87
CA ALA H 111 0.79 -30.52 -18.66
C ALA H 111 -0.15 -31.69 -18.92
N LYS H 112 -1.18 -31.48 -19.75
CA LYS H 112 -2.08 -32.57 -20.11
C LYS H 112 -1.34 -33.65 -20.90
N ALA H 113 -0.47 -33.25 -21.83
CA ALA H 113 0.31 -34.20 -22.59
C ALA H 113 1.28 -34.97 -21.70
N LEU H 114 1.84 -34.30 -20.69
CA LEU H 114 2.67 -34.98 -19.71
C LEU H 114 1.85 -35.97 -18.89
N ALA H 115 0.61 -35.62 -18.57
CA ALA H 115 -0.25 -36.52 -17.81
C ALA H 115 -0.62 -37.76 -18.62
N LYS H 116 -0.80 -37.59 -19.92
CA LYS H 116 -1.28 -38.70 -20.75
C LYS H 116 -0.16 -39.55 -21.34
N GLU H 117 1.00 -38.98 -21.65
CA GLU H 117 2.03 -39.67 -22.42
C GLU H 117 3.28 -40.03 -21.64
N SER H 118 3.64 -39.28 -20.59
CA SER H 118 4.90 -39.52 -19.91
C SER H 118 4.90 -40.86 -19.17
N GLY H 119 3.74 -41.28 -18.69
CA GLY H 119 3.62 -42.52 -17.96
C GLY H 119 3.83 -42.41 -16.46
N ALA H 120 4.27 -41.24 -15.99
CA ALA H 120 4.39 -41.03 -14.55
C ALA H 120 3.01 -40.89 -13.91
N ASN H 121 2.92 -41.32 -12.66
CA ASN H 121 1.71 -41.07 -11.89
C ASN H 121 1.56 -39.57 -11.67
N PHE H 122 0.37 -39.05 -11.98
CA PHE H 122 0.17 -37.61 -12.10
C PHE H 122 -0.74 -37.13 -10.97
N ILE H 123 -0.26 -36.14 -10.21
CA ILE H 123 -1.02 -35.54 -9.12
C ILE H 123 -1.24 -34.08 -9.47
N SER H 124 -2.43 -33.76 -9.98
CA SER H 124 -2.84 -32.39 -10.23
C SER H 124 -3.65 -31.92 -9.05
N ILE H 125 -2.98 -31.19 -8.16
CA ILE H 125 -3.62 -30.74 -6.95
C ILE H 125 -3.95 -29.27 -6.98
N ARG H 126 -5.05 -28.89 -6.34
CA ARG H 126 -5.47 -27.51 -6.30
C ARG H 126 -5.42 -26.98 -4.86
N MET H 127 -5.70 -25.69 -4.73
CA MET H 127 -5.57 -25.05 -3.43
C MET H 127 -6.72 -25.40 -2.50
N SER H 128 -7.89 -25.73 -3.05
CA SER H 128 -9.02 -26.13 -2.22
C SER H 128 -8.79 -27.49 -1.57
N SER H 129 -8.00 -28.36 -2.21
CA SER H 129 -7.70 -29.67 -1.65
C SER H 129 -6.49 -29.66 -0.72
N ILE H 130 -5.77 -28.54 -0.64
CA ILE H 130 -4.60 -28.45 0.23
C ILE H 130 -4.94 -27.61 1.45
N MET H 131 -5.43 -26.39 1.23
CA MET H 131 -5.71 -25.48 2.32
C MET H 131 -6.93 -25.96 3.11
N ASP H 132 -6.78 -26.02 4.43
CA ASP H 132 -7.83 -26.47 5.32
C ASP H 132 -7.99 -25.48 6.46
N LYS H 133 -9.23 -25.27 6.91
CA LYS H 133 -9.51 -24.35 7.99
C LYS H 133 -8.98 -24.89 9.29
N TRP H 134 -9.11 -26.19 9.50
CA TRP H 134 -8.68 -26.81 10.74
C TRP H 134 -7.17 -26.69 10.91
N TYR H 135 -6.74 -26.70 12.17
CA TYR H 135 -5.35 -26.40 12.50
C TYR H 135 -4.42 -27.55 12.14
N GLY H 136 -3.35 -27.24 11.42
CA GLY H 136 -2.33 -28.21 11.09
C GLY H 136 -2.70 -29.22 10.03
N GLU H 137 -3.89 -29.10 9.44
CA GLU H 137 -4.31 -30.09 8.45
C GLU H 137 -3.65 -29.88 7.10
N SER H 138 -3.38 -28.63 6.72
CA SER H 138 -2.78 -28.36 5.42
C SER H 138 -1.35 -28.89 5.33
N ASN H 139 -0.57 -28.73 6.41
CA ASN H 139 0.78 -29.25 6.43
C ASN H 139 0.79 -30.77 6.33
N LYS H 140 -0.13 -31.43 7.04
CA LYS H 140 -0.25 -32.88 6.92
C LYS H 140 -0.71 -33.28 5.53
N ILE H 141 -1.54 -32.47 4.89
CA ILE H 141 -1.98 -32.74 3.52
C ILE H 141 -0.80 -32.69 2.56
N VAL H 142 0.05 -31.66 2.69
CA VAL H 142 1.22 -31.56 1.82
C VAL H 142 2.23 -32.68 2.11
N ASP H 143 2.39 -33.04 3.39
CA ASP H 143 3.27 -34.14 3.76
C ASP H 143 2.76 -35.44 3.14
N ALA H 144 1.45 -35.67 3.18
CA ALA H 144 0.88 -36.87 2.56
C ALA H 144 1.01 -36.83 1.05
N MET H 145 0.91 -35.64 0.45
CA MET H 145 1.10 -35.51 -0.99
C MET H 145 2.50 -35.94 -1.39
N PHE H 146 3.51 -35.43 -0.67
CA PHE H 146 4.90 -35.81 -0.97
C PHE H 146 5.16 -37.27 -0.68
N SER H 147 4.59 -37.80 0.42
CA SER H 147 4.78 -39.21 0.74
C SER H 147 4.14 -40.12 -0.29
N LEU H 148 2.94 -39.77 -0.76
CA LEU H 148 2.27 -40.56 -1.79
C LEU H 148 3.03 -40.47 -3.12
N ALA H 149 3.56 -39.29 -3.44
CA ALA H 149 4.35 -39.14 -4.65
C ALA H 149 5.63 -39.98 -4.57
N ASN H 150 6.22 -40.06 -3.38
CA ASN H 150 7.38 -40.93 -3.20
C ASN H 150 7.00 -42.40 -3.27
N LYS H 151 5.80 -42.75 -2.80
CA LYS H 151 5.34 -44.14 -2.87
C LYS H 151 5.06 -44.55 -4.32
N LEU H 152 4.38 -43.69 -5.07
CA LEU H 152 4.21 -43.90 -6.51
C LEU H 152 5.44 -43.32 -7.18
N GLN H 153 6.52 -44.11 -7.17
CA GLN H 153 7.89 -43.59 -7.31
C GLN H 153 8.11 -42.71 -8.53
N PRO H 154 7.69 -43.07 -9.76
CA PRO H 154 7.68 -42.06 -10.82
C PRO H 154 6.43 -41.20 -10.71
N CYS H 155 6.59 -39.96 -10.23
CA CYS H 155 5.43 -39.13 -9.95
C CYS H 155 5.68 -37.70 -10.41
N ILE H 156 4.60 -37.00 -10.74
CA ILE H 156 4.61 -35.59 -11.06
C ILE H 156 3.53 -34.90 -10.25
N ILE H 157 3.92 -33.92 -9.45
CA ILE H 157 2.98 -33.12 -8.67
C ILE H 157 2.77 -31.82 -9.44
N PHE H 158 1.63 -31.70 -10.11
CA PHE H 158 1.33 -30.52 -10.91
C PHE H 158 0.43 -29.58 -10.13
N ILE H 159 0.83 -28.30 -10.09
CA ILE H 159 0.04 -27.25 -9.45
C ILE H 159 -0.14 -26.16 -10.50
N ASP H 160 -1.32 -26.09 -11.09
CA ASP H 160 -1.62 -25.02 -12.04
C ASP H 160 -1.78 -23.70 -11.30
N GLN H 161 -1.36 -22.62 -11.98
CA GLN H 161 -1.27 -21.28 -11.40
C GLN H 161 -0.45 -21.32 -10.10
N ILE H 162 0.78 -21.82 -10.22
CA ILE H 162 1.62 -22.06 -9.06
C ILE H 162 2.14 -20.78 -8.41
N ASP H 163 1.93 -19.63 -9.05
CA ASP H 163 2.35 -18.36 -8.45
C ASP H 163 1.58 -18.04 -7.18
N SER H 164 0.35 -18.55 -7.04
CA SER H 164 -0.41 -18.36 -5.82
C SER H 164 0.12 -19.21 -4.67
N PHE H 165 0.48 -20.46 -4.95
CA PHE H 165 1.00 -21.31 -3.91
C PHE H 165 2.40 -20.90 -3.51
N LEU H 166 3.25 -20.63 -4.48
CA LEU H 166 4.66 -20.31 -4.22
C LEU H 166 4.91 -18.81 -4.27
N ARG H 167 3.96 -18.00 -3.83
CA ARG H 167 4.12 -16.55 -3.86
C ARG H 167 5.24 -16.12 -2.91
N GLU H 168 5.74 -14.90 -3.14
CA GLU H 168 6.82 -14.37 -2.33
C GLU H 168 6.40 -14.26 -0.87
N ARG H 169 7.21 -14.82 0.01
CA ARG H 169 6.88 -14.86 1.43
C ARG H 169 6.93 -13.47 2.04
N SER H 170 6.02 -13.22 2.97
CA SER H 170 5.94 -11.93 3.65
C SER H 170 5.49 -12.15 5.08
N SER H 171 5.76 -11.15 5.92
CA SER H 171 5.31 -11.19 7.31
C SER H 171 3.80 -11.07 7.41
N THR H 172 3.13 -10.52 6.40
CA THR H 172 1.68 -10.40 6.39
C THR H 172 0.98 -11.66 5.93
N ASP H 173 1.72 -12.70 5.54
CA ASP H 173 1.11 -13.96 5.14
C ASP H 173 0.46 -14.64 6.34
N HIS H 174 -0.56 -15.44 6.06
CA HIS H 174 -1.23 -16.20 7.11
C HIS H 174 -0.25 -17.21 7.72
N GLU H 175 -0.39 -17.44 9.02
CA GLU H 175 0.54 -18.33 9.72
C GLU H 175 0.43 -19.76 9.20
N VAL H 176 -0.80 -20.23 8.97
CA VAL H 176 -0.99 -21.56 8.42
C VAL H 176 -0.46 -21.62 6.99
N THR H 177 -0.69 -20.56 6.21
CA THR H 177 -0.13 -20.48 4.86
C THR H 177 1.39 -20.44 4.88
N ALA H 178 1.97 -19.68 5.82
CA ALA H 178 3.43 -19.61 5.91
C ALA H 178 4.03 -20.97 6.27
N THR H 179 3.41 -21.66 7.23
CA THR H 179 3.87 -23.01 7.57
C THR H 179 3.66 -23.98 6.43
N LEU H 180 2.59 -23.79 5.65
CA LEU H 180 2.34 -24.62 4.47
C LEU H 180 3.45 -24.44 3.44
N LYS H 181 3.83 -23.19 3.16
CA LYS H 181 4.88 -22.93 2.20
C LYS H 181 6.23 -23.44 2.71
N ALA H 182 6.49 -23.30 4.01
CA ALA H 182 7.72 -23.83 4.58
C ALA H 182 7.77 -25.34 4.50
N GLU H 183 6.63 -26.01 4.74
CA GLU H 183 6.57 -27.47 4.62
C GLU H 183 6.79 -27.92 3.18
N PHE H 184 6.19 -27.20 2.23
CA PHE H 184 6.41 -27.51 0.82
C PHE H 184 7.87 -27.32 0.44
N MET H 185 8.50 -26.26 0.95
CA MET H 185 9.92 -26.03 0.70
C MET H 185 10.77 -27.15 1.29
N THR H 186 10.45 -27.59 2.51
CA THR H 186 11.25 -28.62 3.17
C THR H 186 11.11 -29.96 2.48
N LEU H 187 9.88 -30.35 2.12
CA LEU H 187 9.69 -31.64 1.46
C LEU H 187 10.15 -31.60 0.01
N TRP H 188 10.17 -30.42 -0.60
CA TRP H 188 10.64 -30.29 -1.99
C TRP H 188 12.13 -30.58 -2.08
N ASP H 189 12.93 -29.93 -1.22
CA ASP H 189 14.36 -30.15 -1.19
C ASP H 189 14.82 -29.95 0.26
N GLY H 190 14.90 -31.04 1.00
CA GLY H 190 15.29 -30.98 2.40
C GLY H 190 16.29 -32.05 2.78
N LEU H 191 16.23 -32.51 4.04
CA LEU H 191 17.14 -33.55 4.49
C LEU H 191 16.87 -34.87 3.78
N LEU H 192 15.62 -35.28 3.75
CA LEU H 192 15.24 -36.56 3.15
C LEU H 192 15.04 -36.37 1.66
N ASN H 193 15.86 -37.04 0.87
CA ASN H 193 15.80 -36.92 -0.58
C ASN H 193 14.56 -37.62 -1.12
N ASN H 194 13.84 -36.94 -2.00
CA ASN H 194 12.71 -37.56 -2.67
C ASN H 194 13.19 -38.57 -3.70
N GLY H 195 12.28 -39.42 -4.14
CA GLY H 195 12.62 -40.41 -5.16
C GLY H 195 12.58 -39.80 -6.54
N ARG H 196 11.90 -40.46 -7.47
CA ARG H 196 11.68 -39.88 -8.79
C ARG H 196 10.47 -38.97 -8.77
N VAL H 197 10.47 -37.99 -7.86
CA VAL H 197 9.37 -37.07 -7.67
C VAL H 197 9.79 -35.70 -8.18
N MET H 198 8.97 -35.15 -9.08
CA MET H 198 9.22 -33.81 -9.60
C MET H 198 7.93 -33.01 -9.52
N ILE H 199 8.05 -31.70 -9.33
CA ILE H 199 6.89 -30.83 -9.23
C ILE H 199 6.88 -29.94 -10.48
N ILE H 200 5.86 -30.10 -11.31
CA ILE H 200 5.71 -29.32 -12.54
C ILE H 200 4.74 -28.18 -12.25
N GLY H 201 5.14 -26.97 -12.57
CA GLY H 201 4.33 -25.79 -12.31
C GLY H 201 4.04 -25.02 -13.58
N ALA H 202 2.78 -24.61 -13.73
CA ALA H 202 2.35 -23.75 -14.82
C ALA H 202 1.89 -22.43 -14.24
N THR H 203 2.40 -21.32 -14.79
CA THR H 203 2.11 -20.01 -14.23
C THR H 203 2.18 -18.95 -15.32
N ASN H 204 1.57 -17.81 -15.03
CA ASN H 204 1.67 -16.64 -15.89
C ASN H 204 2.58 -15.56 -15.31
N ARG H 205 2.72 -15.51 -14.00
CA ARG H 205 3.55 -14.53 -13.30
C ARG H 205 4.70 -15.27 -12.63
N ILE H 206 5.80 -15.43 -13.37
CA ILE H 206 6.97 -16.09 -12.81
C ILE H 206 7.61 -15.22 -11.71
N ASN H 207 7.54 -13.89 -11.86
CA ASN H 207 8.10 -12.99 -10.86
C ASN H 207 7.35 -13.05 -9.53
N ASP H 208 6.10 -13.51 -9.54
CA ASP H 208 5.36 -13.68 -8.29
C ASP H 208 5.89 -14.85 -7.47
N ILE H 209 6.59 -15.80 -8.11
CA ILE H 209 7.10 -16.96 -7.39
C ILE H 209 8.27 -16.56 -6.52
N ASP H 210 8.33 -17.15 -5.32
CA ASP H 210 9.41 -16.86 -4.38
C ASP H 210 10.74 -17.36 -4.92
N ASP H 211 11.83 -16.72 -4.48
CA ASP H 211 13.16 -17.09 -4.94
C ASP H 211 13.50 -18.51 -4.51
N ALA H 212 13.18 -18.87 -3.27
CA ALA H 212 13.46 -20.21 -2.78
C ALA H 212 12.61 -21.26 -3.47
N PHE H 213 11.42 -20.87 -3.96
CA PHE H 213 10.61 -21.80 -4.74
C PHE H 213 11.03 -21.82 -6.20
N LEU H 214 11.53 -20.70 -6.72
CA LEU H 214 12.04 -20.67 -8.09
C LEU H 214 13.31 -21.50 -8.21
N ARG H 215 14.11 -21.56 -7.15
CA ARG H 215 15.30 -22.39 -7.17
C ARG H 215 14.90 -23.85 -7.16
N ARG H 216 13.75 -24.16 -6.59
CA ARG H 216 13.24 -25.52 -6.60
C ARG H 216 12.57 -25.88 -7.92
N LEU H 217 12.43 -24.92 -8.83
CA LEU H 217 12.01 -25.17 -10.20
C LEU H 217 13.13 -24.78 -11.14
N PRO H 218 14.21 -25.56 -11.21
CA PRO H 218 15.37 -25.12 -11.98
C PRO H 218 15.18 -25.24 -13.49
N LYS H 219 14.42 -26.22 -13.95
CA LYS H 219 14.15 -26.38 -15.39
C LYS H 219 12.92 -25.54 -15.72
N ARG H 220 13.13 -24.39 -16.32
CA ARG H 220 12.07 -23.45 -16.65
C ARG H 220 11.87 -23.41 -18.15
N PHE H 221 10.62 -23.56 -18.58
CA PHE H 221 10.25 -23.50 -19.99
C PHE H 221 9.41 -22.26 -20.22
N LEU H 222 9.86 -21.41 -21.14
CA LEU H 222 9.14 -20.19 -21.49
C LEU H 222 8.25 -20.50 -22.69
N VAL H 223 6.94 -20.55 -22.46
CA VAL H 223 5.96 -20.79 -23.52
C VAL H 223 5.43 -19.42 -23.89
N SER H 224 6.09 -18.78 -24.85
CA SER H 224 5.75 -17.43 -25.25
C SER H 224 4.67 -17.44 -26.33
N LEU H 225 4.29 -16.25 -26.79
CA LEU H 225 3.29 -16.13 -27.83
C LEU H 225 3.81 -16.74 -29.13
N PRO H 226 2.99 -17.49 -29.86
CA PRO H 226 3.48 -18.17 -31.06
C PRO H 226 3.82 -17.21 -32.19
N GLY H 227 4.81 -17.59 -32.98
CA GLY H 227 5.19 -16.86 -34.17
C GLY H 227 4.30 -17.23 -35.34
N SER H 228 4.73 -16.78 -36.53
CA SER H 228 3.95 -17.04 -37.74
C SER H 228 3.93 -18.54 -38.06
N ASP H 229 5.10 -19.18 -38.09
CA ASP H 229 5.16 -20.62 -38.33
C ASP H 229 4.54 -21.39 -37.16
N GLN H 230 4.75 -20.92 -35.94
CA GLN H 230 4.16 -21.58 -34.77
C GLN H 230 2.63 -21.49 -34.82
N ARG H 231 2.10 -20.32 -35.19
CA ARG H 231 0.65 -20.20 -35.33
C ARG H 231 0.12 -21.01 -36.49
N TYR H 232 0.92 -21.17 -37.55
CA TYR H 232 0.53 -22.05 -38.65
C TYR H 232 0.40 -23.49 -38.16
N LYS H 233 1.36 -23.95 -37.35
CA LYS H 233 1.28 -25.30 -36.80
C LYS H 233 0.11 -25.44 -35.83
N ILE H 234 -0.15 -24.41 -35.01
CA ILE H 234 -1.27 -24.46 -34.07
C ILE H 234 -2.60 -24.53 -34.82
N LEU H 235 -2.74 -23.74 -35.89
CA LEU H 235 -3.95 -23.80 -36.71
C LEU H 235 -4.07 -25.15 -37.41
N SER H 236 -2.94 -25.73 -37.82
CA SER H 236 -2.98 -27.03 -38.47
C SER H 236 -3.44 -28.12 -37.51
N VAL H 237 -2.95 -28.09 -36.27
CA VAL H 237 -3.35 -29.13 -35.32
C VAL H 237 -4.75 -28.86 -34.76
N LEU H 238 -5.18 -27.60 -34.76
CA LEU H 238 -6.54 -27.30 -34.31
C LEU H 238 -7.58 -27.68 -35.36
N LEU H 239 -7.23 -27.51 -36.64
CA LEU H 239 -8.13 -27.84 -37.74
C LEU H 239 -7.95 -29.28 -38.22
N LYS H 240 -7.22 -30.10 -37.47
CA LYS H 240 -7.13 -31.52 -37.78
C LYS H 240 -8.49 -32.19 -37.57
N ASP H 241 -8.68 -33.32 -38.25
CA ASP H 241 -9.94 -34.04 -38.42
C ASP H 241 -11.14 -33.11 -38.65
N THR H 242 -10.91 -32.05 -39.42
CA THR H 242 -11.94 -31.09 -39.79
C THR H 242 -11.83 -30.81 -41.28
N LYS H 243 -12.96 -30.65 -41.96
CA LYS H 243 -12.96 -30.42 -43.41
C LYS H 243 -12.38 -29.08 -43.80
N LEU H 244 -11.32 -29.08 -44.59
CA LEU H 244 -10.73 -27.83 -45.06
C LEU H 244 -10.70 -27.88 -46.58
N ASP H 245 -11.06 -26.79 -47.25
CA ASP H 245 -11.14 -26.82 -48.71
C ASP H 245 -9.78 -27.06 -49.35
N GLU H 246 -9.74 -27.95 -50.34
CA GLU H 246 -8.48 -28.27 -50.99
C GLU H 246 -7.87 -27.10 -51.73
N ASP H 247 -8.69 -26.37 -52.48
CA ASP H 247 -8.16 -25.28 -53.29
C ASP H 247 -8.35 -23.90 -52.69
N GLU H 248 -9.51 -23.67 -52.10
CA GLU H 248 -9.81 -22.33 -51.60
C GLU H 248 -9.14 -22.03 -50.27
N PHE H 249 -9.08 -23.02 -49.39
CA PHE H 249 -8.55 -22.77 -48.05
C PHE H 249 -7.04 -22.57 -48.11
N ASP H 250 -6.59 -21.45 -47.54
CA ASP H 250 -5.17 -21.10 -47.48
C ASP H 250 -4.82 -20.79 -46.03
N LEU H 251 -4.14 -21.72 -45.38
CA LEU H 251 -3.83 -21.56 -43.96
C LEU H 251 -2.72 -20.56 -43.72
N GLN H 252 -1.84 -20.35 -44.72
CA GLN H 252 -0.70 -19.46 -44.55
C GLN H 252 -1.14 -18.01 -44.37
N LEU H 253 -2.16 -17.58 -45.13
CA LEU H 253 -2.67 -16.22 -44.99
C LEU H 253 -3.27 -15.99 -43.60
N ILE H 254 -4.03 -16.97 -43.09
CA ILE H 254 -4.61 -16.85 -41.76
C ILE H 254 -3.53 -16.82 -40.70
N ALA H 255 -2.50 -17.67 -40.86
CA ALA H 255 -1.40 -17.68 -39.91
C ALA H 255 -0.63 -16.36 -39.92
N ASP H 256 -0.43 -15.78 -41.10
CA ASP H 256 0.29 -14.51 -41.20
C ASP H 256 -0.53 -13.36 -40.65
N ASN H 257 -1.85 -13.40 -40.82
CA ASN H 257 -2.71 -12.29 -40.41
C ASN H 257 -3.26 -12.45 -39.00
N THR H 258 -2.91 -13.52 -38.28
CA THR H 258 -3.33 -13.65 -36.87
C THR H 258 -2.22 -13.15 -35.98
N LYS H 259 -1.77 -11.93 -36.20
CA LYS H 259 -0.65 -11.39 -35.44
C LYS H 259 -1.05 -11.10 -33.99
N GLY H 260 -0.18 -11.47 -33.07
CA GLY H 260 -0.47 -11.34 -31.66
C GLY H 260 -1.57 -12.23 -31.15
N PHE H 261 -1.67 -13.45 -31.68
CA PHE H 261 -2.70 -14.40 -31.28
C PHE H 261 -2.06 -15.56 -30.52
N SER H 262 -2.65 -15.92 -29.39
CA SER H 262 -2.23 -17.09 -28.64
C SER H 262 -2.92 -18.33 -29.19
N GLY H 263 -2.64 -19.48 -28.57
CA GLY H 263 -3.30 -20.71 -28.98
C GLY H 263 -4.78 -20.70 -28.67
N SER H 264 -5.16 -20.11 -27.54
CA SER H 264 -6.58 -19.99 -27.19
C SER H 264 -7.31 -19.07 -28.15
N ASP H 265 -6.67 -17.98 -28.57
CA ASP H 265 -7.27 -17.08 -29.55
C ASP H 265 -7.46 -17.79 -30.89
N LEU H 266 -6.49 -18.59 -31.30
CA LEU H 266 -6.64 -19.37 -32.53
C LEU H 266 -7.74 -20.42 -32.39
N LYS H 267 -7.87 -21.03 -31.20
CA LYS H 267 -8.95 -21.98 -30.98
C LYS H 267 -10.31 -21.31 -31.08
N GLU H 268 -10.45 -20.13 -30.50
CA GLU H 268 -11.72 -19.39 -30.59
C GLU H 268 -12.00 -18.97 -32.02
N LEU H 269 -10.97 -18.54 -32.75
CA LEU H 269 -11.13 -18.15 -34.14
C LEU H 269 -11.57 -19.34 -35.00
N CYS H 270 -10.96 -20.51 -34.78
CA CYS H 270 -11.36 -21.70 -35.50
C CYS H 270 -12.78 -22.12 -35.17
N ARG H 271 -13.16 -22.02 -33.89
CA ARG H 271 -14.53 -22.35 -33.49
C ARG H 271 -15.54 -21.42 -34.15
N GLU H 272 -15.24 -20.11 -34.16
CA GLU H 272 -16.14 -19.15 -34.79
C GLU H 272 -16.23 -19.37 -36.29
N ALA H 273 -15.09 -19.67 -36.94
CA ALA H 273 -15.10 -19.92 -38.38
C ALA H 273 -15.88 -21.19 -38.71
N ALA H 274 -15.73 -22.24 -37.90
CA ALA H 274 -16.47 -23.47 -38.12
C ALA H 274 -17.97 -23.24 -37.93
N LEU H 275 -18.34 -22.47 -36.89
CA LEU H 275 -19.76 -22.15 -36.68
C LEU H 275 -20.33 -21.35 -37.84
N ASP H 276 -19.58 -20.37 -38.34
CA ASP H 276 -20.05 -19.56 -39.46
C ASP H 276 -20.18 -20.40 -40.73
N ALA H 277 -19.23 -21.31 -40.96
CA ALA H 277 -19.27 -22.14 -42.16
C ALA H 277 -20.30 -23.25 -42.08
N ALA H 278 -20.71 -23.66 -40.87
CA ALA H 278 -21.70 -24.72 -40.70
C ALA H 278 -23.03 -24.22 -40.16
N LYS H 279 -23.26 -22.90 -40.17
CA LYS H 279 -24.54 -22.37 -39.73
C LYS H 279 -25.70 -22.90 -40.57
N GLU H 280 -25.53 -22.99 -41.90
CA GLU H 280 -26.60 -23.50 -42.74
C GLU H 280 -26.82 -24.99 -42.49
N TYR H 281 -25.75 -25.74 -42.20
CA TYR H 281 -25.90 -27.15 -41.87
C TYR H 281 -26.64 -27.32 -40.55
N ILE H 282 -26.34 -26.46 -39.57
CA ILE H 282 -27.04 -26.52 -38.29
C ILE H 282 -28.51 -26.16 -38.47
N LYS H 283 -28.80 -25.18 -39.33
CA LYS H 283 -30.19 -24.83 -39.61
C LYS H 283 -30.93 -25.97 -40.29
N GLN H 284 -30.26 -26.68 -41.20
CA GLN H 284 -30.86 -27.86 -41.81
C GLN H 284 -31.10 -28.97 -40.79
N LYS H 285 -30.16 -29.15 -39.87
CA LYS H 285 -30.30 -30.19 -38.85
C LYS H 285 -31.42 -29.88 -37.87
N ARG H 286 -31.61 -28.60 -37.55
CA ARG H 286 -32.63 -28.22 -36.57
C ARG H 286 -34.04 -28.46 -37.11
N GLN H 287 -34.21 -28.39 -38.43
CA GLN H 287 -35.51 -28.70 -39.02
C GLN H 287 -35.85 -30.18 -38.86
N LEU H 288 -34.83 -31.04 -38.87
CA LEU H 288 -35.03 -32.47 -38.70
C LEU H 288 -35.43 -32.79 -37.25
N LEU H 302 -27.17 -29.33 -45.44
CA LEU H 302 -27.00 -30.65 -46.04
C LEU H 302 -25.85 -31.40 -45.37
N LYS H 303 -24.64 -31.20 -45.89
CA LYS H 303 -23.42 -31.79 -45.35
C LYS H 303 -22.52 -30.71 -44.80
N ILE H 304 -21.56 -31.14 -43.98
CA ILE H 304 -20.53 -30.23 -43.48
C ILE H 304 -19.65 -29.82 -44.66
N ARG H 305 -19.69 -28.54 -44.97
CA ARG H 305 -18.91 -28.03 -46.07
C ARG H 305 -17.45 -27.77 -45.64
N PRO H 306 -16.47 -27.94 -46.58
CA PRO H 306 -15.09 -27.63 -46.20
C PRO H 306 -14.91 -26.16 -45.85
N LEU H 307 -14.07 -25.90 -44.85
CA LEU H 307 -13.81 -24.53 -44.42
C LEU H 307 -12.97 -23.80 -45.45
N LYS H 308 -13.27 -22.52 -45.64
CA LYS H 308 -12.58 -21.69 -46.61
C LYS H 308 -11.76 -20.62 -45.91
N THR H 309 -10.88 -19.97 -46.68
CA THR H 309 -10.13 -18.83 -46.15
C THR H 309 -11.05 -17.65 -45.85
N LYS H 310 -12.11 -17.49 -46.64
CA LYS H 310 -13.03 -16.36 -46.47
C LYS H 310 -13.73 -16.40 -45.13
N ASP H 311 -14.03 -17.58 -44.62
CA ASP H 311 -14.65 -17.71 -43.30
C ASP H 311 -13.72 -17.20 -42.22
N PHE H 312 -12.42 -17.45 -42.36
CA PHE H 312 -11.46 -16.92 -41.41
C PHE H 312 -11.22 -15.43 -41.60
N THR H 313 -11.37 -14.92 -42.84
CA THR H 313 -11.22 -13.49 -43.04
C THR H 313 -12.39 -12.70 -42.47
N LYS H 314 -13.57 -13.32 -42.39
CA LYS H 314 -14.71 -12.65 -41.77
C LYS H 314 -14.43 -12.32 -40.30
N LYS H 315 -13.93 -13.30 -39.55
CA LYS H 315 -13.69 -13.08 -38.13
C LYS H 315 -12.42 -12.27 -37.89
N LEU H 316 -11.46 -12.33 -38.81
CA LEU H 316 -10.19 -11.65 -38.62
C LEU H 316 -10.28 -10.19 -39.07
N ARG H 317 -9.28 -9.41 -38.69
CA ARG H 317 -9.13 -8.03 -39.10
C ARG H 317 -7.85 -7.92 -39.92
N MET H 318 -7.97 -7.39 -41.14
CA MET H 318 -6.83 -7.28 -42.04
C MET H 318 -6.50 -5.82 -42.34
N GLY I 5 -1.30 -40.51 24.75
CA GLY I 5 -1.01 -41.07 23.44
C GLY I 5 -1.51 -40.20 22.31
N PRO I 6 -0.60 -39.74 21.45
CA PRO I 6 -1.01 -38.91 20.32
C PRO I 6 -1.80 -39.71 19.30
N LEU I 7 -2.86 -39.09 18.78
CA LEU I 7 -3.67 -39.75 17.75
C LEU I 7 -2.90 -39.86 16.45
N SER I 8 -2.11 -38.85 16.11
CA SER I 8 -1.25 -38.93 14.94
C SER I 8 -0.08 -39.87 15.19
N GLY I 9 0.46 -40.41 14.11
CA GLY I 9 1.57 -41.34 14.20
C GLY I 9 1.19 -42.74 14.64
N LYS I 10 -0.10 -43.07 14.67
CA LYS I 10 -0.56 -44.39 15.07
C LYS I 10 -0.75 -45.34 13.90
N SER I 11 -0.43 -44.91 12.68
CA SER I 11 -0.55 -45.79 11.52
C SER I 11 0.49 -46.90 11.58
N ARG I 12 0.14 -48.03 10.98
CA ARG I 12 1.01 -49.21 11.04
C ARG I 12 2.35 -48.96 10.36
N GLU I 13 2.34 -48.26 9.22
CA GLU I 13 3.59 -47.87 8.58
C GLU I 13 4.40 -46.93 9.46
N SER I 14 3.72 -46.00 10.15
CA SER I 14 4.40 -45.10 11.06
C SER I 14 5.02 -45.86 12.23
N LYS I 15 4.29 -46.82 12.79
CA LYS I 15 4.83 -47.62 13.89
C LYS I 15 6.02 -48.47 13.44
N ALA I 16 5.95 -49.03 12.23
CA ALA I 16 7.08 -49.79 11.70
C ALA I 16 8.31 -48.91 11.50
N LYS I 17 8.11 -47.70 10.96
CA LYS I 17 9.21 -46.76 10.79
C LYS I 17 9.81 -46.36 12.13
N GLN I 18 8.95 -46.11 13.13
CA GLN I 18 9.42 -45.77 14.47
C GLN I 18 10.23 -46.90 15.07
N SER I 19 9.76 -48.15 14.91
CA SER I 19 10.49 -49.30 15.43
C SER I 19 11.85 -49.44 14.75
N LEU I 20 11.88 -49.29 13.41
CA LEU I 20 13.15 -49.41 12.69
C LEU I 20 14.13 -48.33 13.09
N GLN I 21 13.66 -47.09 13.26
CA GLN I 21 14.51 -46.02 13.76
C GLN I 21 15.02 -46.33 15.16
N TRP I 22 14.19 -46.98 15.98
CA TRP I 22 14.64 -47.35 17.32
C TRP I 22 15.76 -48.40 17.26
N GLU I 23 15.62 -49.38 16.38
CA GLU I 23 16.66 -50.38 16.23
C GLU I 23 17.94 -49.70 15.80
N LYS I 24 17.85 -48.80 14.83
CA LYS I 24 19.03 -48.08 14.34
C LYS I 24 19.69 -47.27 15.44
N LEU I 25 18.88 -46.63 16.30
CA LEU I 25 19.43 -45.82 17.39
C LEU I 25 20.13 -46.69 18.43
N VAL I 26 19.52 -47.82 18.81
CA VAL I 26 20.16 -48.70 19.78
C VAL I 26 21.43 -49.34 19.18
N LYS I 27 21.42 -49.63 17.88
CA LYS I 27 22.63 -50.14 17.25
C LYS I 27 23.74 -49.10 17.24
N ARG I 28 23.40 -47.83 17.00
CA ARG I 28 24.41 -46.77 17.05
C ARG I 28 24.90 -46.58 18.47
N SER I 29 23.97 -46.47 19.41
CA SER I 29 24.33 -46.27 20.82
C SER I 29 23.77 -47.42 21.65
N PRO I 30 24.61 -48.36 22.08
CA PRO I 30 24.09 -49.52 22.84
C PRO I 30 23.49 -49.18 24.19
N ALA I 31 23.80 -48.00 24.75
CA ALA I 31 23.25 -47.61 26.05
C ALA I 31 21.78 -47.23 25.99
N LEU I 32 21.20 -47.11 24.78
CA LEU I 32 19.81 -46.69 24.63
C LEU I 32 18.81 -47.82 24.86
N ALA I 33 19.28 -49.05 25.09
CA ALA I 33 18.37 -50.18 25.29
C ALA I 33 17.54 -50.01 26.56
N GLU I 34 18.16 -49.50 27.62
CA GLU I 34 17.46 -49.30 28.89
C GLU I 34 16.61 -48.04 28.90
N VAL I 35 16.69 -47.21 27.86
CA VAL I 35 15.90 -45.99 27.79
C VAL I 35 14.50 -46.33 27.32
N THR I 36 13.49 -45.84 28.05
CA THR I 36 12.09 -46.08 27.72
C THR I 36 11.47 -44.79 27.21
N LEU I 37 10.56 -44.92 26.24
CA LEU I 37 9.93 -43.78 25.59
C LEU I 37 8.42 -43.81 25.80
N ASP I 38 7.84 -42.63 25.88
CA ASP I 38 6.38 -42.49 25.94
C ASP I 38 5.80 -42.61 24.53
N ALA I 39 4.47 -42.57 24.45
CA ALA I 39 3.80 -42.65 23.15
C ALA I 39 4.11 -41.43 22.30
N TYR I 40 4.11 -40.24 22.92
CA TYR I 40 4.46 -39.02 22.19
C TYR I 40 5.92 -39.03 21.76
N GLU I 41 6.81 -39.51 22.64
CA GLU I 41 8.22 -39.64 22.26
C GLU I 41 8.40 -40.66 21.15
N ARG I 42 7.63 -41.75 21.19
CA ARG I 42 7.67 -42.73 20.12
C ARG I 42 7.18 -42.13 18.80
N THR I 43 6.17 -41.27 18.86
CA THR I 43 5.72 -40.56 17.66
C THR I 43 6.81 -39.64 17.12
N ILE I 44 7.52 -38.94 18.01
CA ILE I 44 8.64 -38.10 17.61
C ILE I 44 9.76 -38.93 16.99
N LEU I 45 9.91 -40.18 17.44
CA LEU I 45 10.97 -41.06 16.95
C LEU I 45 10.90 -41.31 15.44
N SER I 46 9.74 -41.11 14.82
CA SER I 46 9.64 -41.24 13.37
C SER I 46 10.41 -40.17 12.61
N SER I 47 10.77 -39.06 13.28
CA SER I 47 11.54 -38.00 12.66
C SER I 47 13.05 -38.18 12.84
N ILE I 48 13.48 -39.30 13.42
CA ILE I 48 14.91 -39.55 13.60
C ILE I 48 15.55 -39.83 12.26
N VAL I 49 16.63 -39.11 11.95
CA VAL I 49 17.36 -39.28 10.71
C VAL I 49 18.70 -39.93 11.03
N THR I 50 18.89 -41.15 10.56
CA THR I 50 20.13 -41.89 10.70
C THR I 50 21.06 -41.58 9.54
N PRO I 51 22.37 -41.78 9.70
CA PRO I 51 23.30 -41.51 8.59
C PRO I 51 23.07 -42.38 7.35
N ASP I 52 22.33 -43.46 7.47
CA ASP I 52 22.06 -44.33 6.34
C ASP I 52 21.16 -43.64 5.33
N GLU I 53 20.24 -42.82 5.82
CA GLU I 53 19.30 -42.13 4.94
C GLU I 53 19.90 -40.90 4.25
N ILE I 54 21.11 -40.51 4.63
CA ILE I 54 21.77 -39.33 4.06
C ILE I 54 22.93 -39.78 3.20
N ASN I 55 22.95 -39.32 1.95
CA ASN I 55 24.03 -39.60 1.01
C ASN I 55 25.00 -38.43 0.87
N ILE I 56 24.94 -37.45 1.76
CA ILE I 56 25.70 -36.21 1.64
C ILE I 56 26.83 -36.22 2.68
N THR I 57 28.05 -36.06 2.20
CA THR I 57 29.25 -36.01 3.02
C THR I 57 29.72 -34.55 3.13
N PHE I 58 30.43 -34.24 4.22
CA PHE I 58 31.03 -32.92 4.36
C PHE I 58 32.00 -32.61 3.21
N GLN I 59 32.59 -33.64 2.60
CA GLN I 59 33.43 -33.44 1.43
C GLN I 59 32.61 -33.16 0.17
N ASP I 60 31.29 -33.34 0.21
CA ASP I 60 30.43 -33.06 -0.92
C ASP I 60 29.92 -31.62 -0.93
N ILE I 61 30.41 -30.77 -0.04
CA ILE I 61 30.07 -29.36 0.01
C ILE I 61 31.30 -28.56 -0.38
N GLY I 62 31.19 -27.79 -1.46
CA GLY I 62 32.30 -26.97 -1.91
C GLY I 62 32.10 -25.50 -1.59
N GLY I 63 33.20 -24.75 -1.55
CA GLY I 63 33.12 -23.32 -1.34
C GLY I 63 32.74 -22.90 0.05
N LEU I 64 32.70 -23.81 1.02
CA LEU I 64 32.32 -23.51 2.39
C LEU I 64 33.32 -24.09 3.37
N ASP I 65 34.57 -24.26 2.94
CA ASP I 65 35.60 -24.84 3.81
C ASP I 65 35.87 -24.01 5.06
N PRO I 66 36.02 -22.68 5.01
CA PRO I 66 36.07 -21.93 6.29
C PRO I 66 34.80 -22.06 7.11
N LEU I 67 33.64 -22.06 6.44
CA LEU I 67 32.38 -22.23 7.16
C LEU I 67 32.28 -23.63 7.77
N ILE I 68 32.70 -24.66 7.03
CA ILE I 68 32.66 -26.02 7.55
C ILE I 68 33.61 -26.16 8.74
N SER I 69 34.82 -25.59 8.63
CA SER I 69 35.78 -25.67 9.73
C SER I 69 35.28 -24.92 10.97
N ASP I 70 34.72 -23.73 10.79
CA ASP I 70 34.16 -22.99 11.93
C ASP I 70 32.99 -23.73 12.54
N LEU I 71 32.11 -24.29 11.71
CA LEU I 71 30.98 -25.08 12.20
C LEU I 71 31.46 -26.27 13.01
N HIS I 72 32.48 -26.97 12.51
CA HIS I 72 33.07 -28.08 13.25
C HIS I 72 33.58 -27.62 14.61
N GLU I 73 34.54 -26.69 14.61
CA GLU I 73 35.23 -26.29 15.84
C GLU I 73 34.30 -25.64 16.86
N SER I 74 33.22 -25.00 16.42
CA SER I 74 32.34 -24.32 17.35
C SER I 74 31.04 -25.06 17.64
N VAL I 75 30.75 -26.15 16.92
CA VAL I 75 29.48 -26.83 17.08
C VAL I 75 29.69 -28.31 17.37
N ILE I 76 30.42 -29.00 16.49
CA ILE I 76 30.42 -30.45 16.50
C ILE I 76 31.34 -31.00 17.58
N TYR I 77 32.59 -30.53 17.59
CA TYR I 77 33.53 -30.97 18.61
C TYR I 77 33.12 -30.59 20.04
N PRO I 78 32.60 -29.38 20.33
CA PRO I 78 32.03 -29.17 21.67
C PRO I 78 30.86 -30.10 22.00
N LEU I 79 30.03 -30.43 21.01
CA LEU I 79 28.87 -31.29 21.27
C LEU I 79 29.28 -32.75 21.40
N MET I 80 30.19 -33.22 20.54
CA MET I 80 30.53 -34.64 20.49
C MET I 80 31.74 -35.01 21.33
N MET I 81 32.52 -34.04 21.78
CA MET I 81 33.70 -34.30 22.61
C MET I 81 33.64 -33.42 23.86
N PRO I 82 32.77 -33.75 24.82
CA PRO I 82 32.74 -32.97 26.06
C PRO I 82 33.96 -33.19 26.94
N GLU I 83 34.64 -34.33 26.78
CA GLU I 83 35.84 -34.60 27.58
C GLU I 83 36.97 -33.65 27.20
N VAL I 84 37.12 -33.34 25.92
CA VAL I 84 38.14 -32.42 25.47
C VAL I 84 37.84 -31.00 25.96
N TYR I 85 36.57 -30.60 25.90
CA TYR I 85 36.16 -29.24 26.20
C TYR I 85 35.77 -29.03 27.65
N SER I 86 35.91 -30.06 28.50
CA SER I 86 35.51 -29.95 29.90
C SER I 86 36.50 -29.16 30.75
N ASN I 87 37.66 -28.79 30.19
CA ASN I 87 38.65 -28.03 30.96
C ASN I 87 38.13 -26.65 31.34
N SER I 88 37.43 -25.98 30.42
CA SER I 88 36.88 -24.67 30.69
C SER I 88 35.36 -24.70 30.64
N PRO I 89 34.68 -23.99 31.54
CA PRO I 89 33.20 -24.03 31.56
C PRO I 89 32.54 -23.31 30.40
N LEU I 90 33.26 -22.49 29.65
CA LEU I 90 32.70 -21.72 28.55
C LEU I 90 32.95 -22.36 27.19
N LEU I 91 33.37 -23.62 27.16
CA LEU I 91 33.65 -24.33 25.92
C LEU I 91 32.50 -25.23 25.48
N GLN I 92 31.31 -25.06 26.06
CA GLN I 92 30.19 -25.93 25.74
C GLN I 92 29.63 -25.62 24.35
N ALA I 93 28.83 -26.56 23.85
CA ALA I 93 28.18 -26.40 22.56
C ALA I 93 27.10 -25.33 22.64
N PRO I 94 26.81 -24.66 21.53
CA PRO I 94 25.75 -23.65 21.54
C PRO I 94 24.38 -24.28 21.77
N SER I 95 23.50 -23.51 22.40
CA SER I 95 22.12 -23.95 22.58
C SER I 95 21.37 -24.01 21.26
N GLY I 96 21.80 -23.26 20.26
CA GLY I 96 21.19 -23.32 18.95
C GLY I 96 22.14 -22.84 17.88
N VAL I 97 21.87 -23.25 16.64
CA VAL I 97 22.67 -22.87 15.50
C VAL I 97 21.73 -22.50 14.36
N LEU I 98 21.97 -21.34 13.74
CA LEU I 98 21.16 -20.89 12.62
C LEU I 98 22.03 -20.80 11.37
N LEU I 99 21.62 -21.50 10.31
CA LEU I 99 22.23 -21.37 9.00
C LEU I 99 21.29 -20.55 8.13
N TYR I 100 21.69 -19.33 7.82
CA TYR I 100 20.83 -18.41 7.08
C TYR I 100 21.58 -17.84 5.89
N GLY I 101 20.81 -17.40 4.90
CA GLY I 101 21.36 -16.86 3.69
C GLY I 101 20.41 -17.03 2.51
N PRO I 102 20.85 -16.64 1.32
CA PRO I 102 20.03 -16.84 0.14
C PRO I 102 19.87 -18.33 -0.15
N PRO I 103 18.75 -18.72 -0.76
CA PRO I 103 18.49 -20.14 -1.00
C PRO I 103 19.47 -20.74 -2.01
N GLY I 104 19.73 -22.04 -1.85
CA GLY I 104 20.58 -22.78 -2.76
C GLY I 104 22.06 -22.70 -2.47
N CYS I 105 22.47 -22.07 -1.38
CA CYS I 105 23.88 -21.88 -1.08
C CYS I 105 24.49 -23.02 -0.28
N GLY I 106 23.68 -23.95 0.23
CA GLY I 106 24.22 -25.13 0.88
C GLY I 106 23.87 -25.29 2.35
N LYS I 107 22.84 -24.58 2.81
CA LYS I 107 22.40 -24.73 4.19
C LYS I 107 21.85 -26.12 4.45
N THR I 108 20.99 -26.62 3.55
CA THR I 108 20.51 -27.99 3.65
C THR I 108 21.62 -29.00 3.40
N MET I 109 22.59 -28.64 2.56
CA MET I 109 23.77 -29.48 2.38
C MET I 109 24.55 -29.61 3.68
N LEU I 110 24.73 -28.50 4.39
CA LEU I 110 25.40 -28.53 5.68
C LEU I 110 24.61 -29.32 6.71
N ALA I 111 23.28 -29.19 6.68
CA ALA I 111 22.43 -29.95 7.59
C ALA I 111 22.52 -31.45 7.31
N LYS I 112 22.55 -31.84 6.04
CA LYS I 112 22.72 -33.25 5.69
C LYS I 112 24.09 -33.76 6.12
N ALA I 113 25.13 -32.94 5.94
CA ALA I 113 26.46 -33.34 6.39
C ALA I 113 26.51 -33.49 7.90
N LEU I 114 25.80 -32.63 8.63
CA LEU I 114 25.68 -32.79 10.08
C LEU I 114 24.93 -34.06 10.44
N ALA I 115 23.89 -34.39 9.67
CA ALA I 115 23.12 -35.60 9.93
C ALA I 115 23.94 -36.86 9.69
N LYS I 116 24.86 -36.82 8.73
CA LYS I 116 25.63 -38.01 8.40
C LYS I 116 26.94 -38.15 9.18
N GLU I 117 27.64 -37.04 9.41
CA GLU I 117 28.95 -37.12 10.03
C GLU I 117 29.18 -36.50 11.41
N SER I 118 28.22 -35.76 11.95
CA SER I 118 28.40 -35.24 13.31
C SER I 118 28.48 -36.39 14.30
N GLY I 119 27.66 -37.41 14.10
CA GLY I 119 27.63 -38.54 15.01
C GLY I 119 26.57 -38.32 16.07
N ALA I 120 25.97 -37.13 16.08
CA ALA I 120 24.88 -36.86 17.00
C ALA I 120 23.62 -37.48 16.50
N ASN I 121 22.75 -37.90 17.41
CA ASN I 121 21.46 -38.41 16.98
C ASN I 121 20.77 -37.22 16.34
N PHE I 122 20.08 -37.43 15.23
CA PHE I 122 19.51 -36.29 14.53
C PHE I 122 18.01 -36.37 14.40
N ILE I 123 17.31 -35.30 14.78
CA ILE I 123 15.87 -35.28 14.60
C ILE I 123 15.57 -34.20 13.58
N SER I 124 14.99 -34.58 12.44
CA SER I 124 14.61 -33.58 11.45
C SER I 124 13.13 -33.47 11.56
N ILE I 125 12.67 -32.53 12.37
CA ILE I 125 11.25 -32.39 12.62
C ILE I 125 10.64 -31.46 11.57
N ARG I 126 9.36 -31.66 11.31
CA ARG I 126 8.61 -30.82 10.39
C ARG I 126 7.31 -30.38 11.05
N MET I 127 6.73 -29.30 10.52
CA MET I 127 5.54 -28.73 11.13
C MET I 127 4.33 -29.65 11.02
N SER I 128 4.28 -30.51 10.00
CA SER I 128 3.21 -31.49 9.91
C SER I 128 3.28 -32.51 11.03
N SER I 129 4.48 -32.78 11.54
CA SER I 129 4.66 -33.70 12.65
C SER I 129 4.54 -33.02 14.01
N ILE I 130 4.37 -31.70 14.04
CA ILE I 130 4.27 -30.94 15.29
C ILE I 130 2.84 -30.48 15.55
N MET I 131 2.30 -29.71 14.61
CA MET I 131 0.95 -29.17 14.75
C MET I 131 -0.17 -30.20 14.60
N ASP I 132 -1.03 -30.31 15.61
CA ASP I 132 -2.14 -31.24 15.56
C ASP I 132 -3.44 -30.48 15.78
N LYS I 133 -4.50 -30.89 15.08
CA LYS I 133 -5.78 -30.22 15.24
C LYS I 133 -6.39 -30.44 16.61
N TRP I 134 -6.02 -31.53 17.28
CA TRP I 134 -6.53 -31.79 18.62
C TRP I 134 -5.87 -30.86 19.63
N TYR I 135 -6.65 -30.48 20.64
CA TYR I 135 -6.25 -29.44 21.58
C TYR I 135 -5.21 -29.98 22.56
N GLY I 136 -4.09 -29.26 22.68
CA GLY I 136 -3.03 -29.61 23.60
C GLY I 136 -2.06 -30.66 23.10
N GLU I 137 -2.26 -31.21 21.91
CA GLU I 137 -1.38 -32.26 21.41
C GLU I 137 -0.04 -31.74 20.91
N SER I 138 -0.02 -30.54 20.31
CA SER I 138 1.22 -30.01 19.75
C SER I 138 2.22 -29.66 20.84
N ASN I 139 1.75 -29.10 21.95
CA ASN I 139 2.63 -28.80 23.07
C ASN I 139 3.25 -30.07 23.64
N LYS I 140 2.44 -31.13 23.78
CA LYS I 140 2.96 -32.42 24.22
C LYS I 140 3.94 -33.00 23.20
N ILE I 141 3.70 -32.77 21.91
CA ILE I 141 4.61 -33.25 20.87
C ILE I 141 5.97 -32.57 20.99
N VAL I 142 5.98 -31.25 21.21
CA VAL I 142 7.24 -30.54 21.40
C VAL I 142 7.93 -30.96 22.68
N ASP I 143 7.17 -31.14 23.76
CA ASP I 143 7.75 -31.59 25.03
C ASP I 143 8.38 -32.97 24.89
N ALA I 144 7.71 -33.87 24.16
CA ALA I 144 8.28 -35.18 23.91
C ALA I 144 9.49 -35.12 22.99
N MET I 145 9.49 -34.20 22.02
CA MET I 145 10.67 -34.02 21.17
C MET I 145 11.88 -33.60 21.98
N PHE I 146 11.69 -32.63 22.89
CA PHE I 146 12.79 -32.19 23.74
C PHE I 146 13.21 -33.28 24.71
N SER I 147 12.25 -34.03 25.26
CA SER I 147 12.60 -35.11 26.19
C SER I 147 13.35 -36.24 25.48
N LEU I 148 12.95 -36.57 24.26
CA LEU I 148 13.66 -37.58 23.48
C LEU I 148 15.06 -37.11 23.11
N ALA I 149 15.20 -35.84 22.73
CA ALA I 149 16.52 -35.30 22.46
C ALA I 149 17.39 -35.30 23.71
N ASN I 150 16.78 -35.12 24.89
CA ASN I 150 17.52 -35.23 26.13
C ASN I 150 17.92 -36.67 26.41
N LYS I 151 17.06 -37.63 26.07
CA LYS I 151 17.35 -39.04 26.32
C LYS I 151 18.49 -39.54 25.44
N LEU I 152 18.45 -39.26 24.13
CA LEU I 152 19.58 -39.50 23.21
C LEU I 152 20.42 -38.29 23.51
N GLN I 153 21.39 -38.40 24.38
CA GLN I 153 22.07 -37.22 24.95
C GLN I 153 22.82 -36.38 23.92
N PRO I 154 23.68 -36.93 23.03
CA PRO I 154 24.14 -36.09 21.92
C PRO I 154 23.08 -36.02 20.82
N CYS I 155 22.39 -34.90 20.71
CA CYS I 155 21.26 -34.80 19.80
C CYS I 155 21.28 -33.45 19.09
N ILE I 156 20.77 -33.46 17.86
CA ILE I 156 20.56 -32.25 17.08
C ILE I 156 19.12 -32.25 16.58
N ILE I 157 18.38 -31.19 16.86
CA ILE I 157 17.02 -31.02 16.39
C ILE I 157 17.07 -30.06 15.21
N PHE I 158 16.82 -30.55 14.01
CA PHE I 158 16.85 -29.74 12.80
C PHE I 158 15.44 -29.40 12.35
N ILE I 159 15.17 -28.11 12.19
CA ILE I 159 13.90 -27.62 11.69
C ILE I 159 14.21 -26.80 10.45
N ASP I 160 14.02 -27.40 9.27
CA ASP I 160 14.22 -26.67 8.02
C ASP I 160 13.13 -25.62 7.84
N GLN I 161 13.52 -24.49 7.25
CA GLN I 161 12.67 -23.31 7.11
C GLN I 161 12.12 -22.88 8.48
N ILE I 162 13.04 -22.64 9.41
CA ILE I 162 12.69 -22.39 10.80
C ILE I 162 12.03 -21.04 11.03
N ASP I 163 12.04 -20.16 10.02
CA ASP I 163 11.40 -18.85 10.18
C ASP I 163 9.89 -18.96 10.32
N SER I 164 9.28 -20.01 9.77
CA SER I 164 7.85 -20.21 9.94
C SER I 164 7.53 -20.70 11.36
N PHE I 165 8.32 -21.63 11.88
CA PHE I 165 8.11 -22.12 13.24
C PHE I 165 8.41 -21.03 14.26
N LEU I 166 9.53 -20.33 14.10
CA LEU I 166 9.98 -19.33 15.07
C LEU I 166 9.67 -17.91 14.62
N ARG I 167 8.52 -17.70 13.97
CA ARG I 167 8.14 -16.39 13.50
C ARG I 167 7.88 -15.45 14.68
N GLU I 168 7.80 -14.15 14.37
CA GLU I 168 7.60 -13.14 15.40
C GLU I 168 6.22 -13.32 16.05
N ARG I 169 6.22 -13.40 17.37
CA ARG I 169 4.98 -13.61 18.12
C ARG I 169 4.13 -12.35 18.07
N SER I 170 2.81 -12.55 18.04
CA SER I 170 1.87 -11.44 17.97
C SER I 170 0.54 -11.89 18.56
N SER I 171 -0.31 -10.91 18.85
CA SER I 171 -1.66 -11.23 19.31
C SER I 171 -2.51 -11.83 18.20
N THR I 172 -2.20 -11.51 16.95
CA THR I 172 -2.91 -12.09 15.81
C THR I 172 -2.50 -13.53 15.53
N ASP I 173 -1.49 -14.03 16.25
CA ASP I 173 -1.07 -15.42 16.08
C ASP I 173 -2.10 -16.36 16.65
N HIS I 174 -2.21 -17.54 16.05
CA HIS I 174 -3.17 -18.52 16.53
C HIS I 174 -2.82 -18.95 17.95
N GLU I 175 -3.83 -19.40 18.69
CA GLU I 175 -3.64 -19.84 20.06
C GLU I 175 -2.63 -20.98 20.16
N VAL I 176 -2.80 -22.01 19.32
CA VAL I 176 -1.93 -23.17 19.42
C VAL I 176 -0.53 -22.83 18.93
N THR I 177 -0.42 -21.95 17.93
CA THR I 177 0.90 -21.52 17.48
C THR I 177 1.63 -20.73 18.56
N ALA I 178 0.94 -19.80 19.22
CA ALA I 178 1.56 -19.00 20.28
C ALA I 178 1.96 -19.89 21.45
N THR I 179 1.09 -20.81 21.83
CA THR I 179 1.41 -21.76 22.90
C THR I 179 2.58 -22.65 22.51
N LEU I 180 2.64 -23.06 21.24
CA LEU I 180 3.71 -23.90 20.74
C LEU I 180 5.05 -23.18 20.81
N LYS I 181 5.07 -21.91 20.38
CA LYS I 181 6.29 -21.13 20.41
C LYS I 181 6.73 -20.84 21.85
N ALA I 182 5.77 -20.57 22.74
CA ALA I 182 6.10 -20.37 24.14
C ALA I 182 6.69 -21.63 24.77
N GLU I 183 6.11 -22.79 24.47
CA GLU I 183 6.63 -24.04 24.99
C GLU I 183 8.02 -24.33 24.42
N PHE I 184 8.23 -24.00 23.15
CA PHE I 184 9.55 -24.19 22.54
C PHE I 184 10.60 -23.30 23.20
N MET I 185 10.24 -22.05 23.52
CA MET I 185 11.21 -21.19 24.20
C MET I 185 11.42 -21.63 25.65
N THR I 186 10.40 -22.18 26.27
CA THR I 186 10.54 -22.70 27.64
C THR I 186 11.48 -23.90 27.69
N LEU I 187 11.30 -24.84 26.78
CA LEU I 187 12.16 -26.03 26.77
C LEU I 187 13.54 -25.73 26.22
N TRP I 188 13.65 -24.73 25.33
CA TRP I 188 14.93 -24.39 24.72
C TRP I 188 15.86 -23.78 25.75
N ASP I 189 15.38 -22.80 26.51
CA ASP I 189 16.17 -22.15 27.56
C ASP I 189 15.21 -21.87 28.73
N GLY I 190 15.17 -22.80 29.68
CA GLY I 190 14.30 -22.65 30.84
C GLY I 190 14.97 -23.08 32.13
N LEU I 191 14.16 -23.42 33.14
CA LEU I 191 14.72 -23.92 34.39
C LEU I 191 15.40 -25.27 34.19
N LEU I 192 14.70 -26.21 33.57
CA LEU I 192 15.25 -27.54 33.32
C LEU I 192 16.26 -27.44 32.18
N ASN I 193 17.55 -27.43 32.54
CA ASN I 193 18.59 -27.33 31.53
C ASN I 193 18.65 -28.58 30.67
N ASN I 194 18.75 -28.37 29.36
CA ASN I 194 18.90 -29.49 28.45
C ASN I 194 20.29 -30.08 28.57
N GLY I 195 20.44 -31.30 28.06
CA GLY I 195 21.73 -31.96 28.04
C GLY I 195 22.57 -31.46 26.87
N ARG I 196 23.18 -32.37 26.13
CA ARG I 196 23.87 -31.98 24.90
C ARG I 196 22.87 -31.89 23.76
N VAL I 197 21.85 -31.06 23.92
CA VAL I 197 20.78 -30.90 22.94
C VAL I 197 20.95 -29.57 22.25
N MET I 198 21.01 -29.61 20.92
CA MET I 198 21.17 -28.40 20.12
C MET I 198 20.10 -28.35 19.04
N ILE I 199 19.51 -27.20 18.83
CA ILE I 199 18.50 -27.01 17.81
C ILE I 199 19.16 -26.23 16.66
N ILE I 200 19.34 -26.90 15.52
CA ILE I 200 19.96 -26.31 14.34
C ILE I 200 18.86 -25.92 13.36
N GLY I 201 18.88 -24.67 12.93
CA GLY I 201 17.86 -24.15 12.03
C GLY I 201 18.47 -23.66 10.73
N ALA I 202 17.76 -23.94 9.63
CA ALA I 202 18.11 -23.43 8.31
C ALA I 202 16.96 -22.55 7.83
N THR I 203 17.28 -21.34 7.37
CA THR I 203 16.25 -20.40 6.98
C THR I 203 16.77 -19.46 5.90
N ASN I 204 15.83 -18.85 5.19
CA ASN I 204 16.14 -17.81 4.22
C ASN I 204 15.85 -16.41 4.75
N ARG I 205 14.88 -16.28 5.65
CA ARG I 205 14.46 -15.00 6.21
C ARG I 205 14.83 -15.00 7.70
N ILE I 206 16.04 -14.56 8.00
CA ILE I 206 16.48 -14.46 9.39
C ILE I 206 15.70 -13.38 10.13
N ASN I 207 15.33 -12.30 9.43
CA ASN I 207 14.59 -11.21 10.06
C ASN I 207 13.18 -11.63 10.47
N ASP I 208 12.63 -12.67 9.87
CA ASP I 208 11.31 -13.16 10.24
C ASP I 208 11.32 -13.94 11.55
N ILE I 209 12.49 -14.34 12.05
CA ILE I 209 12.59 -15.09 13.29
C ILE I 209 12.40 -14.14 14.46
N ASP I 210 11.67 -14.59 15.48
CA ASP I 210 11.47 -13.80 16.68
C ASP I 210 12.79 -13.56 17.40
N ASP I 211 12.93 -12.39 18.02
CA ASP I 211 14.17 -12.05 18.71
C ASP I 211 14.43 -12.97 19.87
N ALA I 212 13.39 -13.33 20.60
CA ALA I 212 13.56 -14.30 21.68
C ALA I 212 13.97 -15.66 21.14
N PHE I 213 13.50 -16.02 19.95
CA PHE I 213 13.96 -17.25 19.30
C PHE I 213 15.37 -17.09 18.76
N LEU I 214 15.67 -15.91 18.20
CA LEU I 214 17.01 -15.69 17.63
C LEU I 214 18.07 -15.66 18.71
N ARG I 215 17.72 -15.24 19.92
CA ARG I 215 18.66 -15.30 21.03
C ARG I 215 18.96 -16.75 21.41
N ARG I 216 18.05 -17.67 21.10
CA ARG I 216 18.30 -19.08 21.35
C ARG I 216 19.10 -19.74 20.23
N LEU I 217 19.39 -19.00 19.15
CA LEU I 217 20.31 -19.44 18.12
C LEU I 217 21.51 -18.49 18.10
N PRO I 218 22.42 -18.59 19.07
CA PRO I 218 23.48 -17.58 19.16
C PRO I 218 24.58 -17.77 18.15
N LYS I 219 24.87 -19.00 17.73
CA LYS I 219 25.88 -19.27 16.72
C LYS I 219 25.21 -19.29 15.35
N ARG I 220 25.42 -18.22 14.59
CA ARG I 220 24.76 -18.05 13.30
C ARG I 220 25.81 -18.08 12.19
N PHE I 221 25.55 -18.89 11.17
CA PHE I 221 26.41 -19.00 10.00
C PHE I 221 25.69 -18.40 8.79
N LEU I 222 26.33 -17.44 8.14
CA LEU I 222 25.77 -16.82 6.93
C LEU I 222 26.28 -17.59 5.72
N VAL I 223 25.42 -18.41 5.15
CA VAL I 223 25.75 -19.15 3.92
C VAL I 223 25.32 -18.27 2.76
N SER I 224 26.19 -17.34 2.39
CA SER I 224 25.90 -16.37 1.35
C SER I 224 26.11 -16.98 -0.03
N LEU I 225 25.92 -16.15 -1.05
CA LEU I 225 26.12 -16.61 -2.42
C LEU I 225 27.59 -16.91 -2.66
N PRO I 226 27.92 -17.93 -3.44
CA PRO I 226 29.33 -18.29 -3.64
C PRO I 226 30.08 -17.25 -4.46
N GLY I 227 31.35 -17.06 -4.11
CA GLY I 227 32.25 -16.25 -4.89
C GLY I 227 32.82 -17.04 -6.06
N SER I 228 33.73 -16.39 -6.79
CA SER I 228 34.32 -17.03 -7.97
C SER I 228 35.13 -18.26 -7.59
N ASP I 229 35.95 -18.16 -6.54
CA ASP I 229 36.67 -19.32 -6.05
C ASP I 229 35.71 -20.33 -5.43
N GLN I 230 34.70 -19.84 -4.70
CA GLN I 230 33.69 -20.73 -4.14
C GLN I 230 32.89 -21.42 -5.24
N ARG I 231 32.57 -20.69 -6.31
CA ARG I 231 31.89 -21.33 -7.44
C ARG I 231 32.77 -22.36 -8.11
N TYR I 232 34.08 -22.08 -8.21
CA TYR I 232 35.02 -23.06 -8.73
C TYR I 232 35.02 -24.34 -7.90
N LYS I 233 35.04 -24.18 -6.57
CA LYS I 233 35.04 -25.34 -5.68
C LYS I 233 33.73 -26.11 -5.77
N ILE I 234 32.59 -25.40 -5.85
CA ILE I 234 31.29 -26.07 -5.96
C ILE I 234 31.19 -26.82 -7.28
N LEU I 235 31.65 -26.22 -8.36
CA LEU I 235 31.63 -26.90 -9.66
C LEU I 235 32.56 -28.10 -9.67
N SER I 236 33.72 -28.00 -9.00
CA SER I 236 34.62 -29.14 -8.90
C SER I 236 34.00 -30.29 -8.12
N VAL I 237 33.27 -29.96 -7.04
CA VAL I 237 32.61 -31.00 -6.25
C VAL I 237 31.47 -31.63 -7.05
N LEU I 238 30.67 -30.79 -7.73
CA LEU I 238 29.52 -31.30 -8.48
C LEU I 238 29.97 -32.16 -9.66
N LEU I 239 31.05 -31.77 -10.33
CA LEU I 239 31.56 -32.50 -11.47
C LEU I 239 32.54 -33.61 -11.08
N LYS I 240 32.57 -33.99 -9.80
CA LYS I 240 33.36 -35.13 -9.38
C LYS I 240 32.75 -36.42 -9.93
N ASP I 241 33.56 -37.48 -9.94
CA ASP I 241 33.31 -38.78 -10.58
C ASP I 241 32.66 -38.63 -11.95
N THR I 242 33.09 -37.62 -12.70
CA THR I 242 32.59 -37.34 -14.04
C THR I 242 33.77 -37.07 -14.96
N LYS I 243 33.60 -37.36 -16.24
CA LYS I 243 34.68 -37.23 -17.22
C LYS I 243 34.76 -35.80 -17.71
N LEU I 244 35.93 -35.17 -17.50
CA LEU I 244 36.22 -33.84 -18.00
C LEU I 244 37.38 -33.92 -18.98
N ASP I 245 37.22 -33.26 -20.13
CA ASP I 245 38.27 -33.27 -21.14
C ASP I 245 39.42 -32.38 -20.69
N GLU I 246 40.63 -32.96 -20.59
CA GLU I 246 41.77 -32.20 -20.11
C GLU I 246 42.15 -31.08 -21.08
N ASP I 247 42.11 -31.36 -22.38
CA ASP I 247 42.53 -30.37 -23.37
C ASP I 247 41.49 -29.26 -23.55
N GLU I 248 40.20 -29.64 -23.61
CA GLU I 248 39.17 -28.70 -24.02
C GLU I 248 38.40 -28.07 -22.87
N PHE I 249 38.41 -28.67 -21.68
CA PHE I 249 37.60 -28.20 -20.57
C PHE I 249 38.47 -27.54 -19.51
N ASP I 250 38.12 -26.31 -19.15
CA ASP I 250 38.65 -25.64 -17.98
C ASP I 250 37.49 -25.18 -17.12
N LEU I 251 37.75 -25.02 -15.82
CA LEU I 251 36.67 -24.75 -14.88
C LEU I 251 36.67 -23.31 -14.38
N GLN I 252 37.82 -22.63 -14.43
CA GLN I 252 37.89 -21.24 -13.99
C GLN I 252 37.05 -20.32 -14.86
N LEU I 253 36.97 -20.61 -16.17
CA LEU I 253 36.18 -19.77 -17.07
C LEU I 253 34.69 -19.83 -16.70
N ILE I 254 34.16 -21.04 -16.52
CA ILE I 254 32.77 -21.19 -16.13
C ILE I 254 32.53 -20.63 -14.72
N ALA I 255 33.52 -20.77 -13.84
CA ALA I 255 33.39 -20.20 -12.51
C ALA I 255 33.33 -18.67 -12.57
N ASP I 256 34.07 -18.06 -13.49
CA ASP I 256 34.07 -16.61 -13.60
C ASP I 256 32.80 -16.09 -14.27
N ASN I 257 32.19 -16.86 -15.17
CA ASN I 257 30.98 -16.39 -15.84
C ASN I 257 29.69 -16.91 -15.20
N THR I 258 29.77 -17.68 -14.12
CA THR I 258 28.58 -18.04 -13.36
C THR I 258 28.35 -17.05 -12.21
N LYS I 259 28.35 -15.76 -12.53
CA LYS I 259 28.19 -14.75 -11.50
C LYS I 259 26.74 -14.68 -11.04
N GLY I 260 26.56 -14.58 -9.73
CA GLY I 260 25.23 -14.60 -9.16
C GLY I 260 24.58 -15.97 -9.08
N PHE I 261 25.34 -17.03 -9.36
CA PHE I 261 24.82 -18.39 -9.35
C PHE I 261 24.95 -18.98 -7.95
N SER I 262 23.86 -19.56 -7.44
CA SER I 262 23.92 -20.31 -6.21
C SER I 262 24.38 -21.74 -6.51
N GLY I 263 24.50 -22.56 -5.46
CA GLY I 263 24.88 -23.94 -5.65
C GLY I 263 23.85 -24.74 -6.43
N SER I 264 22.56 -24.44 -6.21
CA SER I 264 21.50 -25.11 -6.95
C SER I 264 21.52 -24.70 -8.42
N ASP I 265 21.82 -23.43 -8.70
CA ASP I 265 21.94 -22.97 -10.09
C ASP I 265 23.08 -23.68 -10.79
N LEU I 266 24.23 -23.82 -10.11
CA LEU I 266 25.35 -24.54 -10.70
C LEU I 266 25.02 -26.02 -10.88
N LYS I 267 24.27 -26.61 -9.95
CA LYS I 267 23.84 -28.00 -10.08
C LYS I 267 22.95 -28.19 -11.30
N GLU I 268 22.00 -27.27 -11.51
CA GLU I 268 21.14 -27.34 -12.69
C GLU I 268 21.93 -27.14 -13.97
N LEU I 269 22.89 -26.20 -13.97
CA LEU I 269 23.72 -25.98 -15.15
C LEU I 269 24.55 -27.22 -15.47
N CYS I 270 25.13 -27.84 -14.44
CA CYS I 270 25.92 -29.06 -14.66
C CYS I 270 25.05 -30.20 -15.16
N ARG I 271 23.84 -30.34 -14.61
CA ARG I 271 22.92 -31.38 -15.07
C ARG I 271 22.53 -31.18 -16.54
N GLU I 272 22.23 -29.94 -16.92
CA GLU I 272 21.88 -29.64 -18.30
C GLU I 272 23.06 -29.87 -19.23
N ALA I 273 24.26 -29.48 -18.82
CA ALA I 273 25.45 -29.70 -19.65
C ALA I 273 25.74 -31.18 -19.81
N ALA I 274 25.60 -31.96 -18.73
CA ALA I 274 25.82 -33.40 -18.83
C ALA I 274 24.77 -34.05 -19.73
N LEU I 275 23.52 -33.62 -19.63
CA LEU I 275 22.47 -34.15 -20.51
C LEU I 275 22.76 -33.82 -21.97
N ASP I 276 23.20 -32.58 -22.24
CA ASP I 276 23.52 -32.20 -23.62
C ASP I 276 24.71 -32.99 -24.15
N ALA I 277 25.71 -33.24 -23.30
CA ALA I 277 26.87 -34.02 -23.72
C ALA I 277 26.50 -35.47 -23.98
N ALA I 278 25.64 -36.05 -23.15
CA ALA I 278 25.25 -37.44 -23.26
C ALA I 278 24.00 -37.64 -24.11
N LYS I 279 23.55 -36.60 -24.80
CA LYS I 279 22.41 -36.73 -25.72
C LYS I 279 22.67 -37.79 -26.79
N GLU I 280 23.87 -37.76 -27.39
CA GLU I 280 24.21 -38.79 -28.39
C GLU I 280 24.23 -40.18 -27.75
N TYR I 281 24.79 -40.28 -26.54
CA TYR I 281 24.89 -41.58 -25.88
C TYR I 281 23.51 -42.15 -25.54
N ILE I 282 22.60 -41.34 -25.00
CA ILE I 282 21.33 -41.95 -24.62
C ILE I 282 20.42 -42.09 -25.83
N LYS I 283 20.67 -41.33 -26.91
CA LYS I 283 19.99 -41.62 -28.17
C LYS I 283 20.43 -42.97 -28.72
N GLN I 284 21.71 -43.31 -28.57
CA GLN I 284 22.17 -44.65 -28.92
C GLN I 284 21.55 -45.70 -28.00
N LYS I 285 21.43 -45.38 -26.71
CA LYS I 285 20.97 -46.37 -25.73
C LYS I 285 19.47 -46.66 -25.87
N ARG I 286 18.67 -45.67 -26.25
CA ARG I 286 17.24 -45.91 -26.47
C ARG I 286 17.02 -46.86 -27.64
N GLN I 287 17.86 -46.77 -28.68
CA GLN I 287 17.78 -47.73 -29.78
C GLN I 287 18.09 -49.14 -29.31
N LEU I 288 19.07 -49.27 -28.41
CA LEU I 288 19.34 -50.58 -27.81
C LEU I 288 18.19 -51.04 -26.94
N ILE I 289 17.60 -50.13 -26.16
CA ILE I 289 16.50 -50.47 -25.28
C ILE I 289 15.17 -50.15 -25.94
N LEU I 302 29.13 -44.51 -27.60
CA LEU I 302 29.81 -45.62 -26.97
C LEU I 302 30.02 -45.35 -25.48
N LYS I 303 30.36 -44.10 -25.16
CA LYS I 303 30.57 -43.68 -23.78
C LYS I 303 29.99 -42.28 -23.60
N ILE I 304 29.91 -41.86 -22.33
CA ILE I 304 29.61 -40.48 -22.04
C ILE I 304 30.75 -39.61 -22.54
N ARG I 305 30.44 -38.65 -23.40
CA ARG I 305 31.46 -37.74 -23.90
C ARG I 305 31.98 -36.89 -22.75
N PRO I 306 33.30 -36.74 -22.59
CA PRO I 306 33.83 -35.86 -21.55
C PRO I 306 33.30 -34.45 -21.69
N LEU I 307 32.92 -33.86 -20.56
CA LEU I 307 32.32 -32.53 -20.57
C LEU I 307 33.37 -31.50 -20.97
N LYS I 308 33.10 -30.76 -22.03
CA LYS I 308 34.01 -29.73 -22.53
C LYS I 308 33.50 -28.35 -22.12
N THR I 309 34.27 -27.33 -22.50
CA THR I 309 33.89 -25.96 -22.18
C THR I 309 32.64 -25.54 -22.92
N LYS I 310 32.50 -25.96 -24.18
CA LYS I 310 31.39 -25.50 -25.02
C LYS I 310 30.04 -25.91 -24.46
N ASP I 311 29.98 -27.10 -23.84
CA ASP I 311 28.74 -27.58 -23.25
C ASP I 311 28.25 -26.69 -22.12
N PHE I 312 29.16 -25.95 -21.48
CA PHE I 312 28.78 -24.97 -20.47
C PHE I 312 28.63 -23.57 -21.03
N THR I 313 29.38 -23.24 -22.10
CA THR I 313 29.23 -21.92 -22.71
C THR I 313 27.86 -21.76 -23.36
N LYS I 314 27.36 -22.81 -24.02
CA LYS I 314 26.10 -22.68 -24.74
C LYS I 314 24.91 -22.57 -23.80
N LYS I 315 25.09 -22.90 -22.52
CA LYS I 315 24.01 -22.71 -21.55
C LYS I 315 24.11 -21.36 -20.85
N LEU I 316 25.31 -20.81 -20.72
CA LEU I 316 25.50 -19.53 -20.03
C LEU I 316 25.27 -18.36 -20.98
N ARG I 317 25.40 -17.15 -20.46
CA ARG I 317 25.17 -15.96 -21.27
C ARG I 317 26.44 -15.38 -21.86
N MET I 318 27.38 -14.95 -21.01
CA MET I 318 28.64 -14.33 -21.43
C MET I 318 28.52 -13.24 -22.49
N SER J 8 -3.29 -37.25 33.40
CA SER J 8 -3.08 -38.67 33.11
C SER J 8 -1.82 -38.88 32.26
N GLY J 9 -0.68 -38.98 32.93
CA GLY J 9 0.56 -39.21 32.22
C GLY J 9 0.61 -40.58 31.55
N LYS J 10 0.16 -41.61 32.27
CA LYS J 10 0.11 -42.99 31.78
C LYS J 10 1.49 -43.48 31.34
N SER J 11 2.52 -43.10 32.09
CA SER J 11 3.89 -43.51 31.82
C SER J 11 4.54 -43.97 33.10
N ARG J 12 5.26 -45.09 33.04
CA ARG J 12 5.93 -45.63 34.22
C ARG J 12 7.08 -44.71 34.64
N GLU J 13 7.79 -44.13 33.68
CA GLU J 13 8.82 -43.15 33.99
C GLU J 13 8.23 -41.93 34.68
N SER J 14 7.05 -41.51 34.24
CA SER J 14 6.37 -40.39 34.90
C SER J 14 6.02 -40.72 36.34
N LYS J 15 5.53 -41.94 36.58
CA LYS J 15 5.19 -42.35 37.94
C LYS J 15 6.43 -42.43 38.82
N ALA J 16 7.53 -42.95 38.29
CA ALA J 16 8.77 -43.00 39.05
C ALA J 16 9.29 -41.59 39.37
N LYS J 17 9.18 -40.68 38.40
CA LYS J 17 9.59 -39.30 38.62
C LYS J 17 8.73 -38.64 39.69
N GLN J 18 7.42 -38.89 39.67
CA GLN J 18 6.54 -38.32 40.69
C GLN J 18 6.85 -38.89 42.07
N SER J 19 7.14 -40.19 42.15
CA SER J 19 7.51 -40.79 43.42
C SER J 19 8.82 -40.19 43.95
N LEU J 20 9.80 -40.00 43.07
CA LEU J 20 11.06 -39.39 43.49
C LEU J 20 10.87 -37.95 43.94
N GLN J 21 10.04 -37.19 43.23
CA GLN J 21 9.77 -35.80 43.62
C GLN J 21 9.07 -35.73 44.96
N TRP J 22 8.10 -36.62 45.20
CA TRP J 22 7.43 -36.64 46.50
C TRP J 22 8.37 -37.07 47.61
N GLU J 23 9.28 -38.00 47.33
CA GLU J 23 10.27 -38.40 48.32
C GLU J 23 11.18 -37.24 48.68
N LYS J 24 11.63 -36.48 47.69
CA LYS J 24 12.46 -35.30 47.97
C LYS J 24 11.68 -34.24 48.72
N LEU J 25 10.39 -34.07 48.38
CA LEU J 25 9.57 -33.08 49.07
C LEU J 25 9.35 -33.44 50.54
N VAL J 26 9.09 -34.72 50.83
CA VAL J 26 8.89 -35.11 52.23
C VAL J 26 10.23 -35.17 52.96
N LYS J 27 11.34 -35.30 52.22
CA LYS J 27 12.65 -35.19 52.86
C LYS J 27 12.95 -33.75 53.24
N ARG J 28 12.59 -32.79 52.38
CA ARG J 28 12.82 -31.38 52.67
C ARG J 28 12.02 -30.93 53.89
N SER J 29 10.77 -31.34 53.99
CA SER J 29 9.91 -31.02 55.13
C SER J 29 9.29 -32.30 55.65
N PRO J 30 9.58 -32.69 56.89
CA PRO J 30 8.94 -33.90 57.44
C PRO J 30 7.43 -33.78 57.63
N ALA J 31 6.88 -32.57 57.65
CA ALA J 31 5.45 -32.37 57.85
C ALA J 31 4.63 -32.75 56.62
N LEU J 32 5.28 -33.15 55.52
CA LEU J 32 4.57 -33.57 54.32
C LEU J 32 4.25 -35.05 54.27
N ALA J 33 4.68 -35.84 55.26
CA ALA J 33 4.50 -37.29 55.18
C ALA J 33 3.04 -37.71 55.27
N GLU J 34 2.27 -37.12 56.18
CA GLU J 34 0.85 -37.49 56.31
C GLU J 34 -0.03 -36.87 55.22
N VAL J 35 0.48 -35.92 54.44
CA VAL J 35 -0.32 -35.24 53.44
C VAL J 35 -0.52 -36.15 52.23
N THR J 36 -1.77 -36.38 51.86
CA THR J 36 -2.12 -37.23 50.73
C THR J 36 -2.43 -36.38 49.50
N LEU J 37 -2.45 -37.03 48.34
CA LEU J 37 -2.66 -36.38 47.06
C LEU J 37 -3.66 -37.15 46.23
N ASP J 38 -4.33 -36.43 45.32
CA ASP J 38 -5.21 -37.05 44.35
C ASP J 38 -4.39 -37.54 43.16
N ALA J 39 -5.08 -38.07 42.15
CA ALA J 39 -4.38 -38.50 40.94
C ALA J 39 -3.86 -37.31 40.15
N TYR J 40 -4.71 -36.29 39.96
CA TYR J 40 -4.31 -35.11 39.20
C TYR J 40 -3.19 -34.35 39.91
N GLU J 41 -3.25 -34.30 41.25
CA GLU J 41 -2.15 -33.72 42.01
C GLU J 41 -0.87 -34.52 41.81
N ARG J 42 -0.99 -35.83 41.66
CA ARG J 42 0.19 -36.64 41.36
C ARG J 42 0.77 -36.30 39.99
N THR J 43 -0.09 -36.08 38.99
CA THR J 43 0.41 -35.64 37.68
C THR J 43 1.08 -34.26 37.77
N ILE J 44 0.52 -33.37 38.60
CA ILE J 44 1.16 -32.07 38.80
C ILE J 44 2.52 -32.22 39.49
N LEU J 45 2.64 -33.22 40.37
CA LEU J 45 3.87 -33.42 41.15
C LEU J 45 5.10 -33.68 40.28
N SER J 46 4.91 -34.10 39.03
CA SER J 46 6.04 -34.31 38.13
C SER J 46 6.71 -33.00 37.70
N SER J 47 6.05 -31.86 37.90
CA SER J 47 6.60 -30.56 37.55
C SER J 47 7.32 -29.90 38.72
N ILE J 48 7.48 -30.60 39.85
CA ILE J 48 8.18 -30.04 41.00
C ILE J 48 9.67 -29.93 40.67
N VAL J 49 10.24 -28.76 40.90
CA VAL J 49 11.66 -28.51 40.65
C VAL J 49 12.35 -28.41 42.00
N THR J 50 13.23 -29.35 42.28
CA THR J 50 14.02 -29.34 43.50
C THR J 50 15.25 -28.44 43.33
N PRO J 51 15.81 -27.93 44.43
CA PRO J 51 17.03 -27.11 44.32
C PRO J 51 18.22 -27.85 43.71
N ASP J 52 18.27 -29.18 43.84
CA ASP J 52 19.38 -29.93 43.29
C ASP J 52 19.38 -29.95 41.76
N GLU J 53 18.18 -29.90 41.15
CA GLU J 53 18.11 -29.85 39.69
C GLU J 53 18.70 -28.55 39.16
N ILE J 54 18.46 -27.44 39.85
CA ILE J 54 18.98 -26.14 39.42
C ILE J 54 20.43 -26.01 39.84
N ASN J 55 21.27 -25.58 38.90
CA ASN J 55 22.67 -25.29 39.17
C ASN J 55 22.96 -23.80 39.22
N ILE J 56 21.93 -22.97 39.34
CA ILE J 56 22.06 -21.52 39.27
C ILE J 56 21.83 -20.94 40.66
N THR J 57 22.79 -20.17 41.14
CA THR J 57 22.76 -19.50 42.43
C THR J 57 22.59 -18.01 42.20
N PHE J 58 21.98 -17.31 43.17
CA PHE J 58 21.78 -15.86 43.08
C PHE J 58 23.08 -15.09 42.87
N GLN J 59 24.21 -15.69 43.23
CA GLN J 59 25.49 -15.04 43.01
C GLN J 59 25.94 -15.22 41.56
N ASP J 60 25.30 -16.12 40.84
CA ASP J 60 25.63 -16.36 39.43
C ASP J 60 24.88 -15.43 38.49
N ILE J 61 24.17 -14.44 39.02
CA ILE J 61 23.49 -13.44 38.20
C ILE J 61 24.17 -12.10 38.46
N GLY J 62 24.67 -11.48 37.39
CA GLY J 62 25.33 -10.20 37.51
C GLY J 62 24.50 -9.06 36.95
N GLY J 63 24.77 -7.84 37.40
CA GLY J 63 24.09 -6.67 36.89
C GLY J 63 22.68 -6.49 37.36
N LEU J 64 22.21 -7.31 38.30
CA LEU J 64 20.85 -7.22 38.81
C LEU J 64 20.81 -7.15 40.33
N ASP J 65 21.90 -6.69 40.96
CA ASP J 65 21.97 -6.64 42.41
C ASP J 65 20.89 -5.76 43.05
N PRO J 66 20.59 -4.55 42.56
CA PRO J 66 19.39 -3.86 43.09
C PRO J 66 18.11 -4.62 42.82
N LEU J 67 17.99 -5.24 41.64
CA LEU J 67 16.80 -6.03 41.34
C LEU J 67 16.72 -7.26 42.21
N ILE J 68 17.86 -7.92 42.44
CA ILE J 68 17.87 -9.10 43.30
C ILE J 68 17.53 -8.72 44.74
N SER J 69 18.07 -7.61 45.23
CA SER J 69 17.77 -7.18 46.60
C SER J 69 16.30 -6.79 46.76
N ASP J 70 15.75 -6.07 45.78
CA ASP J 70 14.33 -5.73 45.83
C ASP J 70 13.46 -6.97 45.75
N LEU J 71 13.83 -7.92 44.88
CA LEU J 71 13.10 -9.17 44.76
C LEU J 71 13.11 -9.93 46.07
N HIS J 72 14.27 -10.01 46.72
CA HIS J 72 14.38 -10.64 48.02
C HIS J 72 13.44 -9.96 49.02
N GLU J 73 13.67 -8.66 49.27
CA GLU J 73 12.98 -7.95 50.35
C GLU J 73 11.46 -7.89 50.15
N SER J 74 10.99 -7.88 48.90
CA SER J 74 9.56 -7.75 48.66
C SER J 74 8.90 -9.07 48.25
N VAL J 75 9.67 -10.14 48.04
CA VAL J 75 9.15 -11.35 47.44
C VAL J 75 9.49 -12.57 48.29
N ILE J 76 10.77 -12.76 48.59
CA ILE J 76 11.22 -14.02 49.17
C ILE J 76 11.05 -14.01 50.68
N TYR J 77 11.59 -12.99 51.33
CA TYR J 77 11.50 -12.89 52.79
C TYR J 77 10.07 -12.79 53.30
N PRO J 78 9.15 -12.00 52.70
CA PRO J 78 7.75 -12.09 53.14
C PRO J 78 7.14 -13.48 52.95
N LEU J 79 7.51 -14.19 51.88
CA LEU J 79 6.92 -15.49 51.62
C LEU J 79 7.50 -16.57 52.51
N MET J 80 8.83 -16.60 52.67
CA MET J 80 9.50 -17.68 53.38
C MET J 80 9.71 -17.40 54.86
N MET J 81 9.47 -16.18 55.31
CA MET J 81 9.65 -15.80 56.71
C MET J 81 8.41 -15.06 57.19
N PRO J 82 7.30 -15.79 57.41
CA PRO J 82 6.07 -15.11 57.86
C PRO J 82 6.15 -14.64 59.31
N GLU J 83 7.06 -15.17 60.12
CA GLU J 83 7.16 -14.75 61.51
C GLU J 83 7.64 -13.30 61.62
N VAL J 84 8.59 -12.90 60.77
CA VAL J 84 9.11 -11.53 60.81
C VAL J 84 8.06 -10.55 60.31
N TYR J 85 7.33 -10.91 59.25
CA TYR J 85 6.40 -10.01 58.60
C TYR J 85 4.97 -10.14 59.12
N SER J 86 4.74 -10.98 60.12
CA SER J 86 3.39 -11.20 60.63
C SER J 86 2.91 -10.13 61.58
N ASN J 87 3.76 -9.15 61.94
CA ASN J 87 3.33 -8.08 62.84
C ASN J 87 2.26 -7.22 62.20
N SER J 88 2.38 -6.93 60.90
CA SER J 88 1.40 -6.14 60.19
C SER J 88 0.79 -6.97 59.06
N PRO J 89 -0.53 -6.86 58.84
CA PRO J 89 -1.17 -7.65 57.77
C PRO J 89 -0.83 -7.20 56.37
N LEU J 90 -0.25 -6.01 56.20
CA LEU J 90 0.09 -5.49 54.89
C LEU J 90 1.48 -5.92 54.42
N LEU J 91 2.16 -6.78 55.18
CA LEU J 91 3.52 -7.20 54.88
C LEU J 91 3.58 -8.57 54.23
N GLN J 92 2.45 -9.10 53.78
CA GLN J 92 2.43 -10.43 53.18
C GLN J 92 3.05 -10.42 51.79
N ALA J 93 3.42 -11.61 51.32
CA ALA J 93 4.00 -11.75 50.00
C ALA J 93 2.94 -11.48 48.93
N PRO J 94 3.34 -10.96 47.76
CA PRO J 94 2.37 -10.71 46.71
C PRO J 94 1.79 -12.00 46.15
N SER J 95 0.57 -11.91 45.64
CA SER J 95 -0.09 -13.07 45.04
C SER J 95 0.61 -13.51 43.77
N GLY J 96 1.20 -12.58 43.02
CA GLY J 96 1.91 -12.91 41.81
C GLY J 96 3.13 -12.02 41.63
N VAL J 97 4.11 -12.57 40.92
CA VAL J 97 5.34 -11.87 40.60
C VAL J 97 5.57 -11.99 39.09
N LEU J 98 5.86 -10.88 38.44
CA LEU J 98 6.11 -10.86 37.00
C LEU J 98 7.52 -10.36 36.73
N LEU J 99 8.28 -11.14 35.96
CA LEU J 99 9.60 -10.75 35.48
C LEU J 99 9.49 -10.56 33.98
N TYR J 100 9.51 -9.31 33.53
CA TYR J 100 9.30 -8.99 32.13
C TYR J 100 10.44 -8.11 31.63
N GLY J 101 10.73 -8.23 30.34
CA GLY J 101 11.77 -7.46 29.71
C GLY J 101 12.21 -8.07 28.38
N PRO J 102 13.22 -7.47 27.75
CA PRO J 102 13.76 -8.05 26.52
C PRO J 102 14.42 -9.39 26.80
N PRO J 103 14.45 -10.28 25.82
CA PRO J 103 15.00 -11.63 26.06
C PRO J 103 16.49 -11.61 26.36
N GLY J 104 16.91 -12.56 27.19
CA GLY J 104 18.31 -12.74 27.52
C GLY J 104 18.83 -11.91 28.66
N CYS J 105 17.99 -11.13 29.33
CA CYS J 105 18.45 -10.24 30.38
C CYS J 105 18.52 -10.90 31.75
N GLY J 106 18.00 -12.13 31.88
CA GLY J 106 18.17 -12.86 33.12
C GLY J 106 16.89 -13.17 33.88
N LYS J 107 15.75 -13.12 33.19
CA LYS J 107 14.49 -13.48 33.84
C LYS J 107 14.48 -14.95 34.23
N THR J 108 14.91 -15.82 33.31
CA THR J 108 15.01 -17.24 33.64
C THR J 108 16.14 -17.51 34.64
N MET J 109 17.20 -16.69 34.60
CA MET J 109 18.24 -16.79 35.61
C MET J 109 17.69 -16.47 37.00
N LEU J 110 16.87 -15.43 37.09
CA LEU J 110 16.23 -15.09 38.36
C LEU J 110 15.27 -16.18 38.80
N ALA J 111 14.54 -16.79 37.84
CA ALA J 111 13.63 -17.87 38.18
C ALA J 111 14.39 -19.09 38.70
N LYS J 112 15.52 -19.42 38.08
CA LYS J 112 16.34 -20.54 38.56
C LYS J 112 16.93 -20.26 39.93
N ALA J 113 17.37 -19.01 40.16
CA ALA J 113 17.87 -18.65 41.49
C ALA J 113 16.76 -18.70 42.53
N LEU J 114 15.53 -18.36 42.13
CA LEU J 114 14.39 -18.51 43.01
C LEU J 114 14.11 -19.97 43.32
N ALA J 115 14.26 -20.84 42.32
CA ALA J 115 14.04 -22.27 42.53
C ALA J 115 15.11 -22.87 43.42
N LYS J 116 16.31 -22.32 43.44
CA LYS J 116 17.38 -22.96 44.21
C LYS J 116 17.68 -22.33 45.56
N GLU J 117 17.50 -21.02 45.71
CA GLU J 117 17.92 -20.38 46.94
C GLU J 117 16.79 -19.82 47.79
N SER J 118 15.60 -19.65 47.24
CA SER J 118 14.47 -19.15 48.01
C SER J 118 14.04 -20.16 49.07
N GLY J 119 14.09 -21.44 48.73
CA GLY J 119 13.69 -22.48 49.67
C GLY J 119 12.23 -22.83 49.60
N ALA J 120 11.46 -22.10 48.80
CA ALA J 120 10.05 -22.43 48.61
C ALA J 120 9.92 -23.64 47.73
N ASN J 121 8.87 -24.42 47.94
CA ASN J 121 8.64 -25.55 47.05
C ASN J 121 8.37 -24.92 45.70
N PHE J 122 8.94 -25.47 44.64
CA PHE J 122 8.82 -24.81 43.35
C PHE J 122 8.16 -25.68 42.31
N ILE J 123 7.13 -25.16 41.64
CA ILE J 123 6.53 -25.91 40.56
C ILE J 123 6.83 -25.11 39.31
N SER J 124 7.57 -25.67 38.38
CA SER J 124 7.82 -24.98 37.12
C SER J 124 6.95 -25.69 36.16
N ILE J 125 5.66 -25.40 36.20
CA ILE J 125 4.73 -26.14 35.35
C ILE J 125 4.89 -25.68 33.91
N ARG J 126 4.93 -26.64 33.00
CA ARG J 126 4.90 -26.36 31.57
C ARG J 126 3.50 -26.58 31.04
N MET J 127 3.23 -26.01 29.86
CA MET J 127 1.87 -26.00 29.35
C MET J 127 1.47 -27.34 28.75
N SER J 128 2.44 -28.17 28.35
CA SER J 128 2.13 -29.50 27.84
C SER J 128 1.51 -30.38 28.92
N SER J 129 1.80 -30.08 30.19
CA SER J 129 1.19 -30.78 31.31
C SER J 129 -0.08 -30.09 31.81
N ILE J 130 -0.52 -29.02 31.16
CA ILE J 130 -1.70 -28.28 31.61
C ILE J 130 -2.89 -28.59 30.72
N MET J 131 -2.78 -28.28 29.43
CA MET J 131 -3.85 -28.59 28.49
C MET J 131 -3.86 -30.08 28.16
N ASP J 132 -5.05 -30.66 28.12
CA ASP J 132 -5.25 -32.04 27.73
C ASP J 132 -6.37 -32.11 26.69
N LYS J 133 -6.28 -33.09 25.80
CA LYS J 133 -7.25 -33.20 24.72
C LYS J 133 -8.61 -33.68 25.24
N TRP J 134 -8.64 -34.36 26.38
CA TRP J 134 -9.89 -34.87 26.92
C TRP J 134 -10.69 -33.74 27.55
N TYR J 135 -12.01 -33.90 27.53
CA TYR J 135 -12.92 -32.91 28.11
C TYR J 135 -12.74 -32.81 29.62
N GLY J 136 -12.83 -31.58 30.13
CA GLY J 136 -12.82 -31.33 31.57
C GLY J 136 -11.56 -31.77 32.27
N GLU J 137 -10.41 -31.76 31.58
CA GLU J 137 -9.17 -32.24 32.16
C GLU J 137 -8.19 -31.12 32.49
N SER J 138 -8.12 -30.09 31.65
CA SER J 138 -7.20 -28.97 31.90
C SER J 138 -7.61 -28.20 33.16
N ASN J 139 -8.91 -28.00 33.37
CA ASN J 139 -9.37 -27.32 34.57
C ASN J 139 -9.08 -28.14 35.82
N LYS J 140 -9.27 -29.47 35.75
CA LYS J 140 -8.91 -30.32 36.88
C LYS J 140 -7.40 -30.29 37.13
N ILE J 141 -6.60 -30.21 36.05
CA ILE J 141 -5.16 -30.12 36.19
C ILE J 141 -4.76 -28.83 36.91
N VAL J 142 -5.37 -27.71 36.53
CA VAL J 142 -5.03 -26.43 37.15
C VAL J 142 -5.53 -26.38 38.60
N ASP J 143 -6.71 -26.94 38.86
CA ASP J 143 -7.22 -27.00 40.23
C ASP J 143 -6.33 -27.86 41.11
N ALA J 144 -5.84 -28.99 40.58
CA ALA J 144 -4.92 -29.82 41.32
C ALA J 144 -3.58 -29.12 41.55
N MET J 145 -3.15 -28.33 40.57
CA MET J 145 -1.93 -27.54 40.72
C MET J 145 -2.06 -26.56 41.88
N PHE J 146 -3.19 -25.84 41.92
CA PHE J 146 -3.41 -24.88 43.00
C PHE J 146 -3.57 -25.58 44.35
N SER J 147 -4.26 -26.71 44.37
CA SER J 147 -4.44 -27.46 45.61
C SER J 147 -3.12 -28.00 46.13
N LEU J 148 -2.27 -28.52 45.24
CA LEU J 148 -0.96 -28.99 45.65
C LEU J 148 -0.08 -27.85 46.15
N ALA J 149 -0.14 -26.69 45.48
CA ALA J 149 0.60 -25.53 45.96
C ALA J 149 0.09 -25.07 47.31
N ASN J 150 -1.20 -25.27 47.59
CA ASN J 150 -1.72 -24.98 48.92
C ASN J 150 -1.22 -26.00 49.94
N LYS J 151 -1.10 -27.26 49.53
CA LYS J 151 -0.66 -28.31 50.45
C LYS J 151 0.80 -28.12 50.85
N LEU J 152 1.68 -27.83 49.88
CA LEU J 152 3.05 -27.42 50.18
C LEU J 152 3.01 -25.93 50.42
N GLN J 153 2.77 -25.55 51.68
CA GLN J 153 2.28 -24.20 51.99
C GLN J 153 3.21 -23.08 51.50
N PRO J 154 4.54 -23.11 51.70
CA PRO J 154 5.38 -22.18 50.93
C PRO J 154 5.63 -22.72 49.54
N CYS J 155 4.96 -22.15 48.53
CA CYS J 155 5.05 -22.68 47.18
C CYS J 155 5.17 -21.55 46.17
N ILE J 156 5.82 -21.85 45.04
CA ILE J 156 5.91 -20.95 43.90
C ILE J 156 5.49 -21.71 42.66
N ILE J 157 4.46 -21.21 41.97
CA ILE J 157 4.01 -21.77 40.70
C ILE J 157 4.62 -20.91 39.60
N PHE J 158 5.68 -21.40 38.98
CA PHE J 158 6.34 -20.67 37.90
C PHE J 158 5.82 -21.14 36.56
N ILE J 159 5.42 -20.19 35.72
CA ILE J 159 4.98 -20.45 34.36
C ILE J 159 5.86 -19.62 33.44
N ASP J 160 6.87 -20.25 32.84
CA ASP J 160 7.70 -19.57 31.87
C ASP J 160 6.89 -19.24 30.62
N GLN J 161 7.19 -18.09 30.03
CA GLN J 161 6.45 -17.55 28.88
C GLN J 161 4.96 -17.44 29.21
N ILE J 162 4.67 -16.72 30.29
CA ILE J 162 3.31 -16.65 30.83
C ILE J 162 2.37 -15.81 29.97
N ASP J 163 2.90 -15.11 28.96
CA ASP J 163 2.04 -14.32 28.07
C ASP J 163 1.14 -15.21 27.24
N SER J 164 1.59 -16.43 26.91
CA SER J 164 0.74 -17.35 26.16
C SER J 164 -0.36 -17.94 27.04
N PHE J 165 -0.02 -18.28 28.28
CA PHE J 165 -1.02 -18.80 29.22
C PHE J 165 -2.05 -17.73 29.56
N LEU J 166 -1.58 -16.54 29.90
CA LEU J 166 -2.44 -15.46 30.40
C LEU J 166 -2.74 -14.44 29.31
N ARG J 167 -2.90 -14.88 28.07
CA ARG J 167 -3.12 -13.96 26.96
C ARG J 167 -4.50 -13.30 27.09
N GLU J 168 -4.68 -12.23 26.32
CA GLU J 168 -5.94 -11.51 26.37
C GLU J 168 -7.07 -12.42 25.97
N ARG J 169 -8.11 -12.44 26.78
CA ARG J 169 -9.28 -13.27 26.51
C ARG J 169 -10.10 -12.69 25.36
N SER J 170 -10.56 -13.56 24.48
CA SER J 170 -11.31 -13.15 23.31
C SER J 170 -12.20 -14.29 22.85
N SER J 171 -13.16 -13.96 21.99
CA SER J 171 -14.03 -14.99 21.42
C SER J 171 -13.27 -15.91 20.48
N THR J 172 -12.17 -15.44 19.90
CA THR J 172 -11.34 -16.27 19.04
C THR J 172 -10.56 -17.33 19.83
N ASP J 173 -10.44 -17.19 21.14
CA ASP J 173 -9.80 -18.20 21.96
C ASP J 173 -10.66 -19.46 22.01
N HIS J 174 -10.01 -20.58 22.29
CA HIS J 174 -10.73 -21.86 22.37
C HIS J 174 -11.64 -21.87 23.59
N GLU J 175 -12.71 -22.67 23.48
CA GLU J 175 -13.63 -22.85 24.61
C GLU J 175 -12.91 -23.41 25.82
N VAL J 176 -12.09 -24.45 25.62
CA VAL J 176 -11.33 -25.04 26.72
C VAL J 176 -10.30 -24.05 27.24
N THR J 177 -9.71 -23.24 26.34
CA THR J 177 -8.72 -22.26 26.77
C THR J 177 -9.36 -21.14 27.59
N ALA J 178 -10.52 -20.65 27.17
CA ALA J 178 -11.22 -19.63 27.94
C ALA J 178 -11.66 -20.18 29.29
N THR J 179 -12.16 -21.41 29.31
CA THR J 179 -12.52 -22.05 30.57
C THR J 179 -11.32 -22.21 31.49
N LEU J 180 -10.17 -22.60 30.92
CA LEU J 180 -8.94 -22.76 31.70
C LEU J 180 -8.47 -21.44 32.28
N LYS J 181 -8.51 -20.37 31.47
CA LYS J 181 -8.06 -19.07 31.96
C LYS J 181 -8.99 -18.51 33.03
N ALA J 182 -10.30 -18.71 32.85
CA ALA J 182 -11.25 -18.30 33.89
C ALA J 182 -11.04 -19.10 35.17
N GLU J 183 -10.76 -20.39 35.05
CA GLU J 183 -10.48 -21.20 36.23
C GLU J 183 -9.20 -20.74 36.92
N PHE J 184 -8.17 -20.40 36.13
CA PHE J 184 -6.92 -19.90 36.71
C PHE J 184 -7.14 -18.59 37.45
N MET J 185 -7.96 -17.69 36.89
CA MET J 185 -8.30 -16.47 37.61
C MET J 185 -9.13 -16.78 38.85
N THR J 186 -9.93 -17.86 38.81
CA THR J 186 -10.79 -18.19 39.94
C THR J 186 -9.98 -18.67 41.14
N LEU J 187 -9.05 -19.62 40.94
CA LEU J 187 -8.26 -20.04 42.10
C LEU J 187 -6.99 -19.22 42.30
N TRP J 188 -6.69 -18.27 41.43
CA TRP J 188 -5.54 -17.39 41.69
C TRP J 188 -5.87 -16.38 42.77
N ASP J 189 -6.86 -15.51 42.51
CA ASP J 189 -7.34 -14.53 43.47
C ASP J 189 -8.85 -14.63 43.47
N GLY J 190 -9.38 -15.55 44.26
CA GLY J 190 -10.82 -15.80 44.27
C GLY J 190 -11.42 -15.90 45.65
N LEU J 191 -12.61 -16.49 45.72
CA LEU J 191 -13.34 -16.57 46.98
C LEU J 191 -12.61 -17.46 47.99
N LEU J 192 -12.06 -18.58 47.53
CA LEU J 192 -11.27 -19.46 48.38
C LEU J 192 -9.85 -18.91 48.44
N ASN J 193 -9.47 -18.38 49.60
CA ASN J 193 -8.15 -17.78 49.75
C ASN J 193 -7.06 -18.84 49.70
N ASN J 194 -5.98 -18.53 49.01
CA ASN J 194 -4.83 -19.41 48.97
C ASN J 194 -3.98 -19.23 50.23
N GLY J 195 -3.04 -20.14 50.41
CA GLY J 195 -2.10 -20.02 51.51
C GLY J 195 -0.96 -19.09 51.16
N ARG J 196 0.28 -19.53 51.38
CA ARG J 196 1.44 -18.80 50.89
C ARG J 196 1.80 -19.22 49.47
N VAL J 197 0.80 -19.16 48.60
CA VAL J 197 0.91 -19.62 47.22
C VAL J 197 1.17 -18.41 46.33
N MET J 198 2.20 -18.52 45.50
CA MET J 198 2.71 -17.42 44.69
C MET J 198 2.92 -17.88 43.27
N ILE J 199 2.42 -17.13 42.30
CA ILE J 199 2.57 -17.48 40.89
C ILE J 199 3.55 -16.49 40.26
N ILE J 200 4.72 -16.98 39.89
CA ILE J 200 5.77 -16.15 39.31
C ILE J 200 5.78 -16.39 37.80
N GLY J 201 5.80 -15.31 37.04
CA GLY J 201 5.78 -15.40 35.60
C GLY J 201 6.94 -14.65 34.96
N ALA J 202 7.52 -15.27 33.93
CA ALA J 202 8.56 -14.65 33.12
C ALA J 202 8.05 -14.54 31.69
N THR J 203 8.21 -13.35 31.10
CA THR J 203 7.68 -13.12 29.77
C THR J 203 8.48 -12.03 29.07
N ASN J 204 8.38 -12.01 27.74
CA ASN J 204 8.93 -10.94 26.92
C ASN J 204 7.87 -9.94 26.49
N ARG J 205 6.61 -10.35 26.41
CA ARG J 205 5.50 -9.52 25.97
C ARG J 205 4.54 -9.35 27.14
N ILE J 206 4.78 -8.32 27.95
CA ILE J 206 3.92 -8.05 29.10
C ILE J 206 2.54 -7.57 28.63
N ASN J 207 2.51 -6.83 27.50
CA ASN J 207 1.24 -6.33 26.98
C ASN J 207 0.33 -7.44 26.47
N ASP J 208 0.89 -8.61 26.14
CA ASP J 208 0.06 -9.74 25.75
C ASP J 208 -0.72 -10.32 26.92
N ILE J 209 -0.26 -10.08 28.15
CA ILE J 209 -0.95 -10.61 29.32
C ILE J 209 -2.26 -9.86 29.54
N ASP J 210 -3.29 -10.60 29.93
CA ASP J 210 -4.59 -10.01 30.22
C ASP J 210 -4.50 -9.05 31.41
N ASP J 211 -5.32 -8.00 31.36
CA ASP J 211 -5.33 -7.01 32.43
C ASP J 211 -5.80 -7.64 33.75
N ALA J 212 -6.78 -8.53 33.69
CA ALA J 212 -7.19 -9.27 34.88
C ALA J 212 -6.10 -10.21 35.36
N PHE J 213 -5.32 -10.77 34.43
CA PHE J 213 -4.17 -11.57 34.82
C PHE J 213 -3.02 -10.70 35.30
N LEU J 214 -2.89 -9.50 34.73
CA LEU J 214 -1.83 -8.59 35.14
C LEU J 214 -2.08 -8.06 36.56
N ARG J 215 -3.34 -7.86 36.93
CA ARG J 215 -3.64 -7.43 38.29
C ARG J 215 -3.37 -8.52 39.30
N ARG J 216 -3.32 -9.77 38.86
CA ARG J 216 -2.91 -10.87 39.72
C ARG J 216 -1.40 -11.01 39.83
N LEU J 217 -0.65 -10.24 39.04
CA LEU J 217 0.80 -10.12 39.17
C LEU J 217 1.15 -8.68 39.52
N PRO J 218 0.92 -8.26 40.77
CA PRO J 218 1.11 -6.84 41.10
C PRO J 218 2.57 -6.44 41.25
N LYS J 219 3.41 -7.36 41.72
CA LYS J 219 4.83 -7.12 41.88
C LYS J 219 5.52 -7.46 40.58
N ARG J 220 5.85 -6.44 39.79
CA ARG J 220 6.45 -6.61 38.47
C ARG J 220 7.88 -6.09 38.48
N PHE J 221 8.82 -6.94 38.04
CA PHE J 221 10.22 -6.58 37.93
C PHE J 221 10.58 -6.45 36.46
N LEU J 222 11.13 -5.31 36.08
CA LEU J 222 11.56 -5.07 34.70
C LEU J 222 13.03 -5.44 34.59
N VAL J 223 13.32 -6.56 33.95
CA VAL J 223 14.69 -6.98 33.68
C VAL J 223 15.03 -6.46 32.29
N SER J 224 15.49 -5.21 32.25
CA SER J 224 15.78 -4.54 30.98
C SER J 224 17.17 -4.90 30.51
N LEU J 225 17.56 -4.32 29.36
CA LEU J 225 18.88 -4.57 28.81
C LEU J 225 19.95 -3.99 29.71
N PRO J 226 21.07 -4.70 29.89
CA PRO J 226 22.09 -4.23 30.84
C PRO J 226 22.82 -3.00 30.35
N GLY J 227 23.21 -2.15 31.30
CA GLY J 227 24.05 -1.01 31.02
C GLY J 227 25.51 -1.39 31.01
N SER J 228 26.38 -0.37 30.95
CA SER J 228 27.81 -0.61 30.89
C SER J 228 28.33 -1.27 32.16
N ASP J 229 27.94 -0.73 33.32
CA ASP J 229 28.31 -1.35 34.58
C ASP J 229 27.62 -2.70 34.76
N GLN J 230 26.36 -2.79 34.34
CA GLN J 230 25.64 -4.06 34.42
C GLN J 230 26.29 -5.12 33.52
N ARG J 231 26.70 -4.71 32.32
CA ARG J 231 27.40 -5.65 31.44
C ARG J 231 28.77 -6.03 31.97
N TYR J 232 29.44 -5.09 32.67
CA TYR J 232 30.70 -5.44 33.32
C TYR J 232 30.47 -6.50 34.40
N LYS J 233 29.41 -6.35 35.20
CA LYS J 233 29.10 -7.35 36.22
C LYS J 233 28.73 -8.69 35.58
N ILE J 234 27.97 -8.66 34.48
CA ILE J 234 27.57 -9.89 33.80
C ILE J 234 28.80 -10.60 33.22
N LEU J 235 29.72 -9.85 32.62
CA LEU J 235 30.93 -10.44 32.08
C LEU J 235 31.84 -10.98 33.19
N SER J 236 31.90 -10.29 34.33
CA SER J 236 32.68 -10.79 35.45
C SER J 236 32.09 -12.09 35.99
N VAL J 237 30.76 -12.17 36.04
CA VAL J 237 30.11 -13.40 36.50
C VAL J 237 30.34 -14.54 35.50
N LEU J 238 30.22 -14.25 34.21
CA LEU J 238 30.36 -15.29 33.19
C LEU J 238 31.81 -15.79 33.08
N LEU J 239 32.78 -14.93 33.40
CA LEU J 239 34.19 -15.29 33.32
C LEU J 239 34.76 -15.71 34.66
N LYS J 240 33.92 -15.99 35.65
CA LYS J 240 34.40 -16.53 36.91
C LYS J 240 34.94 -17.93 36.72
N ASP J 241 35.87 -18.32 37.60
CA ASP J 241 36.68 -19.54 37.55
C ASP J 241 37.22 -19.83 36.15
N THR J 242 37.52 -18.77 35.39
CA THR J 242 38.13 -18.86 34.08
C THR J 242 39.36 -17.96 34.06
N LYS J 243 40.48 -18.49 33.58
CA LYS J 243 41.74 -17.75 33.65
C LYS J 243 41.75 -16.61 32.65
N LEU J 244 42.08 -15.42 33.14
CA LEU J 244 42.22 -14.21 32.33
C LEU J 244 43.58 -13.58 32.58
N ASP J 245 44.16 -12.99 31.54
CA ASP J 245 45.45 -12.34 31.68
C ASP J 245 45.33 -11.10 32.56
N GLU J 246 46.34 -10.86 33.39
CA GLU J 246 46.31 -9.71 34.28
C GLU J 246 46.52 -8.41 33.52
N ASP J 247 47.47 -8.39 32.60
CA ASP J 247 47.84 -7.15 31.91
C ASP J 247 47.10 -6.98 30.58
N GLU J 248 46.99 -8.04 29.78
CA GLU J 248 46.40 -7.90 28.45
C GLU J 248 44.89 -7.73 28.52
N PHE J 249 44.22 -8.51 29.36
CA PHE J 249 42.76 -8.49 29.42
C PHE J 249 42.26 -7.20 30.04
N ASP J 250 41.20 -6.64 29.45
CA ASP J 250 40.59 -5.40 29.93
C ASP J 250 39.08 -5.58 29.88
N LEU J 251 38.47 -5.87 31.04
CA LEU J 251 37.04 -6.13 31.09
C LEU J 251 36.22 -4.87 30.85
N GLN J 252 36.72 -3.71 31.26
CA GLN J 252 35.97 -2.47 31.10
C GLN J 252 35.78 -2.11 29.63
N LEU J 253 36.81 -2.30 28.82
CA LEU J 253 36.70 -1.99 27.39
C LEU J 253 35.71 -2.91 26.70
N ILE J 254 35.73 -4.20 27.05
CA ILE J 254 34.78 -5.14 26.46
C ILE J 254 33.36 -4.82 26.92
N ALA J 255 33.18 -4.44 28.18
CA ALA J 255 31.86 -4.07 28.67
C ALA J 255 31.34 -2.81 27.98
N ASP J 256 32.21 -1.83 27.78
CA ASP J 256 31.80 -0.60 27.09
C ASP J 256 31.51 -0.85 25.62
N ASN J 257 32.24 -1.77 24.99
CA ASN J 257 32.12 -2.01 23.56
C ASN J 257 30.96 -2.93 23.19
N THR J 258 30.37 -3.63 24.15
CA THR J 258 29.25 -4.52 23.89
C THR J 258 27.92 -3.76 24.01
N LYS J 259 27.79 -2.67 23.28
CA LYS J 259 26.61 -1.82 23.39
C LYS J 259 25.39 -2.53 22.82
N GLY J 260 24.31 -2.57 23.58
CA GLY J 260 23.11 -3.27 23.19
C GLY J 260 23.12 -4.75 23.44
N PHE J 261 24.20 -5.30 24.01
CA PHE J 261 24.27 -6.73 24.26
C PHE J 261 23.42 -7.12 25.45
N SER J 262 22.80 -8.29 25.38
CA SER J 262 22.08 -8.87 26.49
C SER J 262 22.99 -9.83 27.24
N GLY J 263 22.45 -10.49 28.27
CA GLY J 263 23.22 -11.48 28.99
C GLY J 263 23.52 -12.71 28.15
N SER J 264 22.56 -13.14 27.32
CA SER J 264 22.80 -14.27 26.43
C SER J 264 23.80 -13.93 25.34
N ASP J 265 23.76 -12.69 24.84
CA ASP J 265 24.74 -12.25 23.86
C ASP J 265 26.14 -12.23 24.46
N LEU J 266 26.27 -11.76 25.71
CA LEU J 266 27.56 -11.78 26.38
C LEU J 266 28.01 -13.21 26.66
N LYS J 267 27.08 -14.11 26.99
CA LYS J 267 27.43 -15.51 27.18
C LYS J 267 27.98 -16.13 25.90
N GLU J 268 27.31 -15.87 24.77
CA GLU J 268 27.78 -16.38 23.49
C GLU J 268 29.13 -15.77 23.12
N LEU J 269 29.32 -14.48 23.39
CA LEU J 269 30.59 -13.83 23.10
C LEU J 269 31.72 -14.42 23.94
N CYS J 270 31.45 -14.68 25.23
CA CYS J 270 32.43 -15.31 26.09
C CYS J 270 32.76 -16.73 25.62
N ARG J 271 31.74 -17.48 25.19
CA ARG J 271 31.96 -18.82 24.69
C ARG J 271 32.81 -18.81 23.42
N GLU J 272 32.52 -17.90 22.49
CA GLU J 272 33.31 -17.81 21.27
C GLU J 272 34.73 -17.34 21.55
N ALA J 273 34.90 -16.40 22.48
CA ALA J 273 36.23 -15.93 22.84
C ALA J 273 37.05 -17.05 23.48
N ALA J 274 36.42 -17.82 24.36
CA ALA J 274 37.11 -18.97 24.95
C ALA J 274 37.47 -20.00 23.88
N LEU J 275 36.57 -20.21 22.91
CA LEU J 275 36.84 -21.16 21.83
C LEU J 275 38.06 -20.73 21.01
N ASP J 276 38.11 -19.45 20.61
CA ASP J 276 39.24 -19.01 19.80
C ASP J 276 40.51 -18.87 20.63
N ALA J 277 40.38 -18.70 21.94
CA ALA J 277 41.55 -18.67 22.81
C ALA J 277 42.13 -20.07 23.02
N ALA J 278 41.27 -21.08 23.12
CA ALA J 278 41.70 -22.44 23.40
C ALA J 278 41.71 -23.33 22.17
N LYS J 279 41.59 -22.74 20.97
CA LYS J 279 41.70 -23.51 19.74
C LYS J 279 42.99 -24.32 19.69
N GLU J 280 44.12 -23.70 20.05
CA GLU J 280 45.40 -24.40 20.02
C GLU J 280 45.42 -25.57 21.00
N TYR J 281 44.96 -25.34 22.23
CA TYR J 281 44.96 -26.40 23.24
C TYR J 281 44.02 -27.53 22.86
N ILE J 282 42.86 -27.20 22.28
CA ILE J 282 41.90 -28.22 21.87
C ILE J 282 42.46 -29.02 20.70
N LYS J 283 43.18 -28.35 19.80
CA LYS J 283 43.79 -29.08 18.70
C LYS J 283 44.82 -30.04 19.25
N GLN J 284 45.65 -29.57 20.19
CA GLN J 284 46.65 -30.45 20.79
C GLN J 284 45.99 -31.63 21.50
N LYS J 285 44.87 -31.39 22.18
CA LYS J 285 44.19 -32.44 22.92
C LYS J 285 43.57 -33.47 21.98
N ARG J 286 43.05 -33.01 20.83
CA ARG J 286 42.43 -33.92 19.87
C ARG J 286 43.46 -34.87 19.27
N GLN J 287 44.67 -34.38 19.04
CA GLN J 287 45.75 -35.25 18.56
C GLN J 287 46.14 -36.28 19.62
N LEU J 288 46.16 -35.87 20.89
CA LEU J 288 46.44 -36.81 21.97
C LEU J 288 45.33 -37.85 22.08
N ILE J 289 44.07 -37.43 21.99
CA ILE J 289 42.95 -38.35 22.09
C ILE J 289 42.56 -38.87 20.71
N LYS J 303 49.18 -26.27 28.51
CA LYS J 303 48.07 -25.88 29.36
C LYS J 303 47.09 -24.97 28.61
N ILE J 304 45.99 -24.62 29.28
CA ILE J 304 45.01 -23.71 28.67
C ILE J 304 45.60 -22.30 28.62
N ARG J 305 45.15 -21.52 27.64
CA ARG J 305 45.70 -20.17 27.56
C ARG J 305 44.75 -19.18 28.22
N PRO J 306 45.25 -18.32 29.11
CA PRO J 306 44.39 -17.30 29.71
C PRO J 306 43.82 -16.35 28.65
N LEU J 307 42.56 -15.99 28.83
CA LEU J 307 41.88 -15.18 27.83
C LEU J 307 42.38 -13.73 27.85
N LYS J 308 42.38 -13.11 26.67
CA LYS J 308 42.94 -11.78 26.49
C LYS J 308 41.87 -10.84 25.93
N THR J 309 42.24 -9.56 25.88
CA THR J 309 41.34 -8.55 25.30
C THR J 309 41.11 -8.80 23.82
N LYS J 310 42.17 -9.17 23.09
CA LYS J 310 42.07 -9.35 21.65
C LYS J 310 41.11 -10.47 21.27
N ASP J 311 40.97 -11.48 22.13
CA ASP J 311 40.03 -12.57 21.85
C ASP J 311 38.59 -12.06 21.81
N PHE J 312 38.23 -11.19 22.76
CA PHE J 312 36.89 -10.61 22.76
C PHE J 312 36.72 -9.56 21.67
N THR J 313 37.74 -8.71 21.48
CA THR J 313 37.59 -7.60 20.53
C THR J 313 37.62 -8.08 19.08
N LYS J 314 38.20 -9.24 18.81
CA LYS J 314 38.17 -9.78 17.45
C LYS J 314 36.78 -10.25 17.06
N LYS J 315 35.90 -10.50 18.03
CA LYS J 315 34.53 -10.90 17.77
C LYS J 315 33.54 -9.75 17.92
N LEU J 316 34.01 -8.54 18.19
CA LEU J 316 33.16 -7.38 18.41
C LEU J 316 33.29 -6.40 17.26
N ARG J 317 32.37 -5.43 17.25
CA ARG J 317 32.31 -4.49 16.13
C ARG J 317 33.42 -3.44 16.20
N MET J 318 33.92 -3.15 17.40
CA MET J 318 35.00 -2.18 17.62
C MET J 318 34.68 -0.80 17.04
N SER K 11 -12.31 -40.03 46.33
CA SER K 11 -11.07 -39.63 47.01
C SER K 11 -11.30 -39.53 48.51
N ARG K 12 -10.28 -39.94 49.29
CA ARG K 12 -10.38 -39.85 50.74
C ARG K 12 -10.44 -38.40 51.21
N GLU K 13 -9.62 -37.54 50.61
CA GLU K 13 -9.66 -36.12 50.94
C GLU K 13 -11.01 -35.51 50.57
N SER K 14 -11.54 -35.87 49.40
CA SER K 14 -12.85 -35.37 48.98
C SER K 14 -13.95 -35.85 49.93
N LYS K 15 -13.89 -37.13 50.32
CA LYS K 15 -14.90 -37.67 51.24
C LYS K 15 -14.83 -37.00 52.60
N ALA K 16 -13.61 -36.78 53.11
CA ALA K 16 -13.46 -36.10 54.40
C ALA K 16 -13.97 -34.66 54.34
N LYS K 17 -13.65 -33.97 53.25
CA LYS K 17 -14.16 -32.60 53.06
C LYS K 17 -15.68 -32.58 52.98
N GLN K 18 -16.26 -33.55 52.26
CA GLN K 18 -17.71 -33.62 52.14
C GLN K 18 -18.36 -33.86 53.50
N SER K 19 -17.78 -34.78 54.30
CA SER K 19 -18.32 -35.04 55.63
C SER K 19 -18.22 -33.81 56.53
N LEU K 20 -17.08 -33.11 56.49
CA LEU K 20 -16.90 -31.92 57.32
C LEU K 20 -17.88 -30.82 56.93
N GLN K 21 -18.06 -30.59 55.63
CA GLN K 21 -18.97 -29.52 55.22
C GLN K 21 -20.42 -29.92 55.46
N TRP K 22 -20.74 -31.21 55.34
CA TRP K 22 -22.10 -31.65 55.65
C TRP K 22 -22.42 -31.48 57.13
N GLU K 23 -21.48 -31.82 58.02
CA GLU K 23 -21.76 -31.60 59.44
C GLU K 23 -21.78 -30.11 59.78
N LYS K 24 -20.98 -29.29 59.08
CA LYS K 24 -21.08 -27.85 59.27
C LYS K 24 -22.45 -27.32 58.85
N LEU K 25 -22.97 -27.80 57.72
CA LEU K 25 -24.30 -27.38 57.26
C LEU K 25 -25.39 -27.86 58.21
N VAL K 26 -25.23 -29.08 58.75
CA VAL K 26 -26.20 -29.61 59.71
C VAL K 26 -26.19 -28.78 60.98
N LYS K 27 -25.01 -28.39 61.45
CA LYS K 27 -24.92 -27.52 62.62
C LYS K 27 -25.54 -26.15 62.33
N ARG K 28 -25.32 -25.62 61.13
CA ARG K 28 -25.93 -24.33 60.76
C ARG K 28 -27.45 -24.44 60.69
N SER K 29 -27.97 -25.52 60.12
CA SER K 29 -29.42 -25.71 60.00
C SER K 29 -29.78 -27.16 60.27
N PRO K 30 -30.45 -27.46 61.38
CA PRO K 30 -30.80 -28.85 61.69
C PRO K 30 -31.83 -29.46 60.74
N ALA K 31 -32.55 -28.63 59.97
CA ALA K 31 -33.58 -29.16 59.07
C ALA K 31 -33.00 -29.94 57.90
N LEU K 32 -31.70 -29.78 57.62
CA LEU K 32 -31.07 -30.49 56.51
C LEU K 32 -30.71 -31.93 56.86
N ALA K 33 -30.71 -32.29 58.14
CA ALA K 33 -30.31 -33.64 58.54
C ALA K 33 -31.35 -34.70 58.22
N GLU K 34 -32.57 -34.31 57.83
CA GLU K 34 -33.64 -35.27 57.57
C GLU K 34 -33.79 -35.65 56.11
N VAL K 35 -33.07 -34.98 55.20
CA VAL K 35 -33.23 -35.20 53.76
C VAL K 35 -32.02 -35.97 53.24
N THR K 36 -32.27 -36.90 52.33
CA THR K 36 -31.22 -37.74 51.78
C THR K 36 -30.34 -36.94 50.81
N LEU K 37 -29.24 -37.57 50.40
CA LEU K 37 -28.28 -36.95 49.51
C LEU K 37 -27.88 -37.93 48.41
N ASP K 38 -27.37 -37.39 47.32
CA ASP K 38 -26.90 -38.16 46.17
C ASP K 38 -25.39 -38.04 46.14
N ALA K 39 -24.73 -39.03 45.52
CA ALA K 39 -23.27 -39.01 45.42
C ALA K 39 -22.81 -37.81 44.58
N TYR K 40 -23.51 -37.53 43.48
CA TYR K 40 -23.23 -36.32 42.72
C TYR K 40 -23.54 -35.07 43.55
N GLU K 41 -24.62 -35.12 44.34
CA GLU K 41 -24.89 -34.04 45.29
C GLU K 41 -23.79 -33.90 46.32
N ARG K 42 -23.16 -35.02 46.72
CA ARG K 42 -22.02 -34.93 47.63
C ARG K 42 -20.82 -34.30 46.95
N THR K 43 -20.58 -34.62 45.68
CA THR K 43 -19.48 -33.98 44.95
C THR K 43 -19.71 -32.48 44.82
N ILE K 44 -20.97 -32.06 44.69
CA ILE K 44 -21.27 -30.63 44.70
C ILE K 44 -21.08 -30.06 46.11
N LEU K 45 -21.50 -30.81 47.13
CA LEU K 45 -21.37 -30.38 48.51
C LEU K 45 -19.91 -30.19 48.91
N SER K 46 -19.00 -30.85 48.20
CA SER K 46 -17.58 -30.60 48.39
C SER K 46 -17.19 -29.17 48.04
N SER K 47 -18.01 -28.45 47.26
CA SER K 47 -17.77 -27.07 46.90
C SER K 47 -18.59 -26.08 47.71
N ILE K 48 -19.18 -26.53 48.83
CA ILE K 48 -19.86 -25.63 49.75
C ILE K 48 -18.86 -24.65 50.34
N VAL K 49 -19.31 -23.43 50.58
CA VAL K 49 -18.51 -22.43 51.30
C VAL K 49 -19.25 -22.07 52.59
N THR K 50 -18.64 -22.38 53.72
CA THR K 50 -19.15 -21.97 55.02
C THR K 50 -18.53 -20.63 55.42
N PRO K 51 -19.22 -19.85 56.26
CA PRO K 51 -18.68 -18.52 56.63
C PRO K 51 -17.37 -18.57 57.40
N ASP K 52 -17.03 -19.69 58.03
CA ASP K 52 -15.78 -19.76 58.78
C ASP K 52 -14.55 -19.82 57.87
N GLU K 53 -14.72 -20.19 56.60
CA GLU K 53 -13.62 -20.20 55.66
C GLU K 53 -13.34 -18.84 55.04
N ILE K 54 -14.19 -17.84 55.31
CA ILE K 54 -14.05 -16.50 54.74
C ILE K 54 -13.72 -15.54 55.86
N ASN K 55 -12.61 -14.82 55.72
CA ASN K 55 -12.19 -13.81 56.68
C ASN K 55 -12.60 -12.40 56.29
N ILE K 56 -13.25 -12.23 55.15
CA ILE K 56 -13.60 -10.91 54.63
C ILE K 56 -15.01 -10.57 55.04
N THR K 57 -15.16 -9.45 55.75
CA THR K 57 -16.44 -8.94 56.21
C THR K 57 -16.91 -7.83 55.27
N PHE K 58 -18.21 -7.53 55.33
CA PHE K 58 -18.76 -6.42 54.54
C PHE K 58 -18.13 -5.09 54.92
N GLN K 59 -17.68 -4.95 56.17
CA GLN K 59 -17.00 -3.73 56.59
C GLN K 59 -15.58 -3.63 56.04
N ASP K 60 -15.02 -4.72 55.53
CA ASP K 60 -13.69 -4.70 54.93
C ASP K 60 -13.71 -4.18 53.50
N ILE K 61 -14.87 -3.92 52.92
CA ILE K 61 -14.99 -3.38 51.57
C ILE K 61 -15.24 -1.88 51.69
N GLY K 62 -14.33 -1.09 51.11
CA GLY K 62 -14.48 0.35 51.13
C GLY K 62 -14.86 0.90 49.77
N GLY K 63 -15.47 2.09 49.75
CA GLY K 63 -15.80 2.74 48.49
C GLY K 63 -16.98 2.16 47.76
N LEU K 64 -17.71 1.24 48.38
CA LEU K 64 -18.86 0.59 47.74
C LEU K 64 -20.08 0.65 48.63
N ASP K 65 -20.15 1.65 49.52
CA ASP K 65 -21.26 1.73 50.48
C ASP K 65 -22.62 1.87 49.81
N PRO K 66 -22.84 2.75 48.80
CA PRO K 66 -24.11 2.67 48.08
C PRO K 66 -24.32 1.33 47.38
N LEU K 67 -23.24 0.76 46.81
CA LEU K 67 -23.35 -0.54 46.17
C LEU K 67 -23.65 -1.64 47.17
N ILE K 68 -23.00 -1.59 48.35
CA ILE K 68 -23.26 -2.59 49.39
C ILE K 68 -24.69 -2.47 49.89
N SER K 69 -25.18 -1.24 50.10
CA SER K 69 -26.55 -1.05 50.57
C SER K 69 -27.57 -1.53 49.52
N ASP K 70 -27.32 -1.22 48.24
CA ASP K 70 -28.21 -1.69 47.18
C ASP K 70 -28.21 -3.21 47.10
N LEU K 71 -27.01 -3.82 47.19
CA LEU K 71 -26.90 -5.27 47.15
C LEU K 71 -27.65 -5.91 48.31
N HIS K 72 -27.50 -5.36 49.51
CA HIS K 72 -28.21 -5.83 50.69
C HIS K 72 -29.72 -5.76 50.45
N GLU K 73 -30.24 -4.55 50.26
CA GLU K 73 -31.68 -4.33 50.19
C GLU K 73 -32.34 -5.00 48.98
N SER K 74 -31.59 -5.33 47.94
CA SER K 74 -32.17 -5.95 46.76
C SER K 74 -31.85 -7.43 46.62
N VAL K 75 -30.96 -7.98 47.45
CA VAL K 75 -30.55 -9.36 47.28
C VAL K 75 -30.75 -10.13 48.58
N ILE K 76 -30.16 -9.64 49.67
CA ILE K 76 -30.05 -10.43 50.89
C ILE K 76 -31.37 -10.40 51.67
N TYR K 77 -31.86 -9.20 51.95
CA TYR K 77 -33.13 -9.06 52.65
C TYR K 77 -34.33 -9.69 51.93
N PRO K 78 -34.50 -9.57 50.61
CA PRO K 78 -35.55 -10.37 49.95
C PRO K 78 -35.32 -11.88 50.02
N LEU K 79 -34.09 -12.33 50.25
CA LEU K 79 -33.78 -13.75 50.33
C LEU K 79 -33.72 -14.26 51.78
N MET K 80 -32.98 -13.57 52.64
CA MET K 80 -32.82 -14.04 54.02
C MET K 80 -34.01 -13.70 54.90
N MET K 81 -34.89 -12.79 54.48
CA MET K 81 -36.07 -12.41 55.24
C MET K 81 -37.30 -12.51 54.36
N PRO K 82 -37.79 -13.74 54.10
CA PRO K 82 -39.02 -13.87 53.31
C PRO K 82 -40.26 -13.50 54.10
N GLU K 83 -40.21 -13.58 55.42
CA GLU K 83 -41.37 -13.20 56.24
C GLU K 83 -41.65 -11.71 56.16
N VAL K 84 -40.58 -10.90 56.08
CA VAL K 84 -40.75 -9.46 55.97
C VAL K 84 -41.30 -9.08 54.59
N TYR K 85 -40.77 -9.70 53.53
CA TYR K 85 -41.10 -9.34 52.17
C TYR K 85 -42.24 -10.16 51.59
N SER K 86 -42.88 -11.03 52.38
CA SER K 86 -43.97 -11.86 51.89
C SER K 86 -45.28 -11.10 51.76
N ASN K 87 -45.35 -9.86 52.24
CA ASN K 87 -46.57 -9.06 52.09
C ASN K 87 -46.82 -8.70 50.64
N SER K 88 -45.76 -8.64 49.82
CA SER K 88 -45.87 -8.36 48.40
C SER K 88 -45.21 -9.47 47.62
N PRO K 89 -45.90 -10.13 46.68
CA PRO K 89 -45.24 -11.19 45.89
C PRO K 89 -44.11 -10.67 45.01
N LEU K 90 -44.17 -9.41 44.59
CA LEU K 90 -43.10 -8.86 43.76
C LEU K 90 -41.81 -8.65 44.54
N LEU K 91 -41.92 -8.44 45.85
CA LEU K 91 -40.74 -8.25 46.71
C LEU K 91 -40.11 -9.61 46.97
N GLN K 92 -39.33 -10.06 46.00
CA GLN K 92 -38.68 -11.36 46.11
C GLN K 92 -37.26 -11.27 45.59
N ALA K 93 -36.41 -12.20 45.99
CA ALA K 93 -35.03 -12.24 45.55
C ALA K 93 -34.95 -12.56 44.06
N PRO K 94 -33.96 -11.98 43.36
CA PRO K 94 -33.82 -12.27 41.93
C PRO K 94 -33.36 -13.70 41.68
N SER K 95 -33.62 -14.16 40.45
CA SER K 95 -33.15 -15.48 40.06
C SER K 95 -31.64 -15.53 39.96
N GLY K 96 -31.02 -14.48 39.45
CA GLY K 96 -29.58 -14.42 39.32
C GLY K 96 -29.09 -13.01 39.52
N VAL K 97 -27.86 -12.88 40.03
CA VAL K 97 -27.24 -11.60 40.31
C VAL K 97 -25.85 -11.59 39.68
N LEU K 98 -25.56 -10.54 38.91
CA LEU K 98 -24.29 -10.42 38.21
C LEU K 98 -23.51 -9.23 38.77
N LEU K 99 -22.25 -9.47 39.13
CA LEU K 99 -21.32 -8.42 39.53
C LEU K 99 -20.29 -8.27 38.42
N TYR K 100 -20.39 -7.18 37.65
CA TYR K 100 -19.52 -6.98 36.50
C TYR K 100 -18.82 -5.64 36.61
N GLY K 101 -17.58 -5.59 36.13
CA GLY K 101 -16.77 -4.41 36.16
C GLY K 101 -15.32 -4.68 35.86
N PRO K 102 -14.46 -3.67 35.95
CA PRO K 102 -13.04 -3.88 35.74
C PRO K 102 -12.46 -4.77 36.83
N PRO K 103 -11.38 -5.49 36.52
CA PRO K 103 -10.76 -6.35 37.54
C PRO K 103 -10.19 -5.55 38.69
N GLY K 104 -10.23 -6.15 39.88
CA GLY K 104 -9.69 -5.54 41.07
C GLY K 104 -10.59 -4.55 41.77
N CYS K 105 -11.82 -4.35 41.28
CA CYS K 105 -12.71 -3.35 41.86
C CYS K 105 -13.47 -3.85 43.09
N GLY K 106 -13.45 -5.15 43.36
CA GLY K 106 -14.04 -5.66 44.57
C GLY K 106 -15.22 -6.60 44.38
N LYS K 107 -15.36 -7.17 43.18
CA LYS K 107 -16.43 -8.14 42.94
C LYS K 107 -16.22 -9.40 43.78
N THR K 108 -14.98 -9.90 43.84
CA THR K 108 -14.70 -11.07 44.65
C THR K 108 -14.80 -10.76 46.14
N MET K 109 -14.45 -9.54 46.55
CA MET K 109 -14.67 -9.13 47.92
C MET K 109 -16.15 -9.07 48.27
N LEU K 110 -16.97 -8.59 47.32
CA LEU K 110 -18.42 -8.61 47.53
C LEU K 110 -18.95 -10.03 47.65
N ALA K 111 -18.42 -10.95 46.83
CA ALA K 111 -18.84 -12.35 46.91
C ALA K 111 -18.41 -12.98 48.23
N LYS K 112 -17.20 -12.65 48.72
CA LYS K 112 -16.74 -13.13 50.01
C LYS K 112 -17.61 -12.61 51.14
N ALA K 113 -18.00 -11.34 51.07
CA ALA K 113 -18.89 -10.77 52.07
C ALA K 113 -20.27 -11.41 52.02
N LEU K 114 -20.74 -11.75 50.82
CA LEU K 114 -22.00 -12.48 50.70
C LEU K 114 -21.90 -13.86 51.30
N ALA K 115 -20.75 -14.52 51.13
CA ALA K 115 -20.55 -15.84 51.72
C ALA K 115 -20.50 -15.77 53.24
N LYS K 116 -19.88 -14.74 53.78
CA LYS K 116 -19.69 -14.65 55.24
C LYS K 116 -20.92 -14.09 55.95
N GLU K 117 -21.27 -12.83 55.63
CA GLU K 117 -22.18 -12.08 56.48
C GLU K 117 -23.66 -12.34 56.18
N SER K 118 -23.99 -12.74 54.95
CA SER K 118 -25.40 -12.86 54.57
C SER K 118 -26.08 -14.01 55.31
N GLY K 119 -25.36 -15.10 55.54
CA GLY K 119 -25.92 -16.25 56.21
C GLY K 119 -26.55 -17.28 55.29
N ALA K 120 -26.67 -16.98 54.00
CA ALA K 120 -27.19 -17.95 53.05
C ALA K 120 -26.18 -19.06 52.82
N ASN K 121 -26.70 -20.25 52.50
CA ASN K 121 -25.83 -21.36 52.15
C ASN K 121 -25.13 -21.07 50.84
N PHE K 122 -23.82 -21.28 50.80
CA PHE K 122 -22.98 -20.79 49.72
C PHE K 122 -22.32 -21.94 48.99
N ILE K 123 -22.42 -21.93 47.66
CA ILE K 123 -21.73 -22.89 46.79
C ILE K 123 -20.90 -22.07 45.81
N SER K 124 -19.58 -22.14 45.96
CA SER K 124 -18.66 -21.50 45.01
C SER K 124 -18.18 -22.59 44.05
N ILE K 125 -19.06 -22.97 43.13
CA ILE K 125 -18.75 -24.04 42.21
C ILE K 125 -17.73 -23.57 41.18
N ARG K 126 -16.92 -24.52 40.70
CA ARG K 126 -15.89 -24.25 39.71
C ARG K 126 -16.05 -25.23 38.55
N MET K 127 -15.55 -24.84 37.39
CA MET K 127 -15.69 -25.70 36.21
C MET K 127 -14.90 -26.98 36.34
N SER K 128 -13.86 -27.00 37.18
CA SER K 128 -13.15 -28.25 37.39
C SER K 128 -14.07 -29.33 37.92
N SER K 129 -14.96 -28.97 38.86
CA SER K 129 -15.90 -29.94 39.41
C SER K 129 -17.02 -30.25 38.44
N ILE K 130 -17.53 -29.22 37.74
CA ILE K 130 -18.68 -29.41 36.87
C ILE K 130 -18.32 -30.24 35.65
N MET K 131 -17.22 -29.90 35.00
CA MET K 131 -16.90 -30.45 33.68
C MET K 131 -16.17 -31.78 33.84
N ASP K 132 -16.71 -32.83 33.23
CA ASP K 132 -16.16 -34.17 33.33
C ASP K 132 -16.08 -34.80 31.93
N LYS K 133 -15.09 -35.67 31.75
CA LYS K 133 -14.82 -36.22 30.43
C LYS K 133 -15.89 -37.22 29.99
N TRP K 134 -16.50 -37.94 30.93
CA TRP K 134 -17.43 -39.00 30.57
C TRP K 134 -18.73 -38.43 30.01
N TYR K 135 -19.38 -39.22 29.14
CA TYR K 135 -20.61 -38.79 28.50
C TYR K 135 -21.76 -38.78 29.50
N GLY K 136 -22.54 -37.71 29.47
CA GLY K 136 -23.70 -37.59 30.32
C GLY K 136 -23.42 -37.34 31.78
N GLU K 137 -22.16 -37.12 32.16
CA GLU K 137 -21.83 -36.94 33.56
C GLU K 137 -22.01 -35.48 33.98
N SER K 138 -21.42 -34.54 33.22
CA SER K 138 -21.40 -33.15 33.60
C SER K 138 -22.80 -32.59 33.80
N ASN K 139 -23.75 -33.05 32.97
CA ASN K 139 -25.16 -32.75 33.20
C ASN K 139 -25.63 -33.29 34.54
N LYS K 140 -25.13 -34.47 34.96
CA LYS K 140 -25.57 -35.01 36.24
C LYS K 140 -25.02 -34.22 37.43
N ILE K 141 -23.76 -33.81 37.39
CA ILE K 141 -23.30 -32.99 38.53
C ILE K 141 -23.97 -31.62 38.52
N VAL K 142 -24.28 -31.07 37.34
CA VAL K 142 -25.02 -29.81 37.30
C VAL K 142 -26.44 -29.98 37.86
N ASP K 143 -27.10 -31.09 37.51
CA ASP K 143 -28.41 -31.40 38.03
C ASP K 143 -28.36 -31.54 39.55
N ALA K 144 -27.33 -32.22 40.06
CA ALA K 144 -27.16 -32.37 41.49
C ALA K 144 -26.85 -31.05 42.17
N MET K 145 -26.14 -30.16 41.47
CA MET K 145 -25.86 -28.83 42.00
C MET K 145 -27.16 -28.06 42.23
N PHE K 146 -28.03 -28.05 41.22
CA PHE K 146 -29.30 -27.34 41.39
C PHE K 146 -30.22 -28.04 42.39
N SER K 147 -30.18 -29.38 42.43
CA SER K 147 -30.98 -30.11 43.40
C SER K 147 -30.52 -29.83 44.82
N LEU K 148 -29.22 -29.75 45.05
CA LEU K 148 -28.71 -29.41 46.38
C LEU K 148 -28.98 -27.95 46.72
N ALA K 149 -28.93 -27.07 45.72
CA ALA K 149 -29.30 -25.68 45.95
C ALA K 149 -30.75 -25.56 46.36
N ASN K 150 -31.61 -26.40 45.81
CA ASN K 150 -32.99 -26.46 46.28
C ASN K 150 -33.10 -27.14 47.64
N LYS K 151 -32.15 -28.04 47.96
CA LYS K 151 -32.20 -28.76 49.23
C LYS K 151 -31.96 -27.84 50.41
N LEU K 152 -30.89 -27.03 50.36
CA LEU K 152 -30.66 -25.96 51.32
C LEU K 152 -31.39 -24.74 50.77
N GLN K 153 -32.57 -24.45 51.31
CA GLN K 153 -33.45 -23.45 50.70
C GLN K 153 -32.82 -22.06 50.61
N PRO K 154 -32.23 -21.47 51.67
CA PRO K 154 -31.55 -20.18 51.42
C PRO K 154 -30.14 -20.39 50.85
N CYS K 155 -30.08 -20.63 49.55
CA CYS K 155 -28.82 -20.97 48.88
C CYS K 155 -28.40 -19.88 47.90
N ILE K 156 -27.10 -19.65 47.84
CA ILE K 156 -26.48 -18.82 46.81
C ILE K 156 -25.38 -19.64 46.15
N ILE K 157 -25.50 -19.85 44.84
CA ILE K 157 -24.49 -20.54 44.07
C ILE K 157 -23.64 -19.49 43.37
N PHE K 158 -22.33 -19.53 43.62
CA PHE K 158 -21.41 -18.55 43.09
C PHE K 158 -20.57 -19.18 41.99
N ILE K 159 -20.52 -18.52 40.84
CA ILE K 159 -19.67 -18.95 39.72
C ILE K 159 -18.75 -17.78 39.42
N ASP K 160 -17.54 -17.82 39.97
CA ASP K 160 -16.55 -16.80 39.66
C ASP K 160 -16.10 -16.95 38.22
N GLN K 161 -15.93 -15.81 37.54
CA GLN K 161 -15.63 -15.75 36.12
C GLN K 161 -16.70 -16.48 35.31
N ILE K 162 -17.94 -15.98 35.42
CA ILE K 162 -19.08 -16.63 34.80
C ILE K 162 -19.13 -16.46 33.30
N ASP K 163 -18.25 -15.62 32.73
CA ASP K 163 -18.27 -15.38 31.29
C ASP K 163 -17.88 -16.63 30.51
N SER K 164 -16.97 -17.44 31.05
CA SER K 164 -16.57 -18.68 30.37
C SER K 164 -17.68 -19.73 30.46
N PHE K 165 -18.35 -19.82 31.59
CA PHE K 165 -19.42 -20.80 31.76
C PHE K 165 -20.67 -20.39 30.99
N LEU K 166 -20.90 -19.09 30.87
CA LEU K 166 -22.08 -18.55 30.19
C LEU K 166 -21.72 -17.95 28.84
N ARG K 167 -20.72 -18.53 28.19
CA ARG K 167 -20.24 -18.00 26.91
C ARG K 167 -21.26 -18.03 25.79
N GLU K 168 -21.12 -17.12 24.84
CA GLU K 168 -22.01 -17.11 23.68
C GLU K 168 -21.78 -18.35 22.83
N ARG K 169 -22.88 -18.95 22.37
CA ARG K 169 -22.79 -20.20 21.64
C ARG K 169 -22.24 -20.01 20.24
N SER K 170 -21.67 -21.08 19.71
CA SER K 170 -21.13 -21.11 18.35
C SER K 170 -21.10 -22.55 17.88
N SER K 171 -20.82 -22.73 16.58
CA SER K 171 -20.68 -24.07 16.05
C SER K 171 -19.42 -24.75 16.57
N THR K 172 -18.40 -23.98 16.95
CA THR K 172 -17.18 -24.53 17.52
C THR K 172 -17.37 -25.05 18.94
N ASP K 173 -18.51 -24.76 19.57
CA ASP K 173 -18.76 -25.24 20.92
C ASP K 173 -18.92 -26.76 20.92
N HIS K 174 -18.38 -27.40 21.95
CA HIS K 174 -18.47 -28.86 22.06
C HIS K 174 -19.90 -29.29 22.34
N GLU K 175 -20.20 -30.55 22.01
CA GLU K 175 -21.54 -31.09 22.26
C GLU K 175 -21.84 -31.14 23.75
N VAL K 176 -20.84 -31.52 24.55
CA VAL K 176 -21.02 -31.55 26.01
C VAL K 176 -21.29 -30.14 26.52
N THR K 177 -20.61 -29.14 25.97
CA THR K 177 -20.82 -27.75 26.41
C THR K 177 -22.22 -27.27 26.07
N ALA K 178 -22.70 -27.57 24.86
CA ALA K 178 -24.03 -27.14 24.47
C ALA K 178 -25.10 -27.80 25.32
N THR K 179 -24.97 -29.12 25.52
CA THR K 179 -25.91 -29.84 26.36
C THR K 179 -25.87 -29.32 27.79
N LEU K 180 -24.67 -29.03 28.30
CA LEU K 180 -24.49 -28.53 29.65
C LEU K 180 -25.14 -27.15 29.82
N LYS K 181 -24.96 -26.28 28.84
CA LYS K 181 -25.47 -24.92 29.00
C LYS K 181 -26.98 -24.87 28.83
N ALA K 182 -27.55 -25.66 27.92
CA ALA K 182 -29.01 -25.75 27.83
C ALA K 182 -29.60 -26.40 29.08
N GLU K 183 -28.90 -27.38 29.65
CA GLU K 183 -29.36 -28.02 30.88
C GLU K 183 -29.33 -26.98 31.98
N PHE K 184 -28.26 -26.21 32.05
CA PHE K 184 -28.17 -25.12 33.01
C PHE K 184 -29.32 -24.14 32.85
N MET K 185 -29.69 -23.80 31.61
CA MET K 185 -30.86 -22.94 31.43
C MET K 185 -32.13 -23.61 31.95
N THR K 186 -32.24 -24.93 31.74
CA THR K 186 -33.45 -25.65 32.16
C THR K 186 -33.64 -25.60 33.66
N LEU K 187 -32.58 -25.75 34.44
CA LEU K 187 -32.78 -25.57 35.89
C LEU K 187 -32.77 -24.12 36.33
N TRP K 188 -32.10 -23.22 35.61
CA TRP K 188 -32.07 -21.82 36.04
C TRP K 188 -33.46 -21.21 36.00
N ASP K 189 -34.21 -21.47 34.93
CA ASP K 189 -35.62 -21.06 34.85
C ASP K 189 -36.33 -22.01 33.89
N GLY K 190 -37.04 -22.99 34.45
CA GLY K 190 -37.75 -23.96 33.64
C GLY K 190 -39.09 -24.37 34.20
N LEU K 191 -39.50 -25.63 33.94
CA LEU K 191 -40.76 -26.12 34.48
C LEU K 191 -40.73 -26.22 36.00
N LEU K 192 -39.62 -26.71 36.54
CA LEU K 192 -39.46 -26.80 37.99
C LEU K 192 -39.01 -25.45 38.54
N ASN K 193 -39.71 -24.97 39.56
CA ASN K 193 -39.44 -23.66 40.14
C ASN K 193 -38.55 -23.82 41.36
N ASN K 194 -37.38 -23.17 41.34
CA ASN K 194 -36.52 -23.14 42.50
C ASN K 194 -37.10 -22.23 43.58
N GLY K 195 -36.62 -22.42 44.81
CA GLY K 195 -37.08 -21.60 45.91
C GLY K 195 -36.23 -20.36 46.09
N ARG K 196 -35.53 -20.27 47.22
CA ARG K 196 -34.64 -19.13 47.49
C ARG K 196 -33.27 -19.47 46.93
N VAL K 197 -33.21 -19.76 45.64
CA VAL K 197 -31.97 -20.16 44.96
C VAL K 197 -31.54 -19.03 44.05
N MET K 198 -30.30 -18.58 44.23
CA MET K 198 -29.72 -17.53 43.41
C MET K 198 -28.47 -18.04 42.72
N ILE K 199 -28.32 -17.72 41.45
CA ILE K 199 -27.11 -18.04 40.69
C ILE K 199 -26.36 -16.72 40.58
N ILE K 200 -25.43 -16.50 41.50
CA ILE K 200 -24.69 -15.25 41.57
C ILE K 200 -23.36 -15.42 40.83
N GLY K 201 -23.09 -14.52 39.90
CA GLY K 201 -21.88 -14.58 39.09
C GLY K 201 -21.10 -13.29 39.17
N ALA K 202 -19.77 -13.42 39.26
CA ALA K 202 -18.87 -12.28 39.19
C ALA K 202 -17.99 -12.44 37.96
N THR K 203 -17.92 -11.39 37.14
CA THR K 203 -17.16 -11.46 35.90
C THR K 203 -16.67 -10.08 35.54
N ASN K 204 -15.73 -10.03 34.60
CA ASN K 204 -15.21 -8.78 34.08
C ASN K 204 -15.42 -8.61 32.59
N ARG K 205 -15.99 -9.61 31.92
CA ARG K 205 -16.38 -9.53 30.52
C ARG K 205 -17.87 -9.83 30.43
N ILE K 206 -18.70 -8.79 30.61
CA ILE K 206 -20.15 -8.96 30.54
C ILE K 206 -20.58 -9.29 29.11
N ASN K 207 -19.87 -8.76 28.12
CA ASN K 207 -20.26 -8.99 26.72
C ASN K 207 -20.09 -10.45 26.32
N ASP K 208 -19.18 -11.18 26.98
CA ASP K 208 -19.00 -12.58 26.66
C ASP K 208 -20.13 -13.46 27.15
N ILE K 209 -20.98 -12.93 28.04
CA ILE K 209 -22.09 -13.73 28.58
C ILE K 209 -23.18 -13.88 27.52
N ASP K 210 -23.73 -15.09 27.42
CA ASP K 210 -24.80 -15.36 26.46
C ASP K 210 -26.04 -14.56 26.80
N ASP K 211 -26.75 -14.11 25.76
CA ASP K 211 -27.92 -13.26 25.95
C ASP K 211 -29.04 -13.99 26.69
N ALA K 212 -29.30 -15.25 26.31
CA ALA K 212 -30.27 -16.05 27.05
C ALA K 212 -29.80 -16.33 28.46
N PHE K 213 -28.48 -16.41 28.67
CA PHE K 213 -27.93 -16.48 30.01
C PHE K 213 -27.92 -15.13 30.70
N LEU K 214 -27.75 -14.04 29.95
CA LEU K 214 -27.75 -12.71 30.55
C LEU K 214 -29.14 -12.34 31.06
N ARG K 215 -30.19 -12.81 30.39
CA ARG K 215 -31.55 -12.54 30.84
C ARG K 215 -31.86 -13.22 32.17
N ARG K 216 -31.09 -14.25 32.54
CA ARG K 216 -31.28 -14.95 33.80
C ARG K 216 -30.58 -14.27 34.96
N LEU K 217 -29.92 -13.13 34.73
CA LEU K 217 -29.32 -12.31 35.77
C LEU K 217 -29.89 -10.90 35.66
N PRO K 218 -31.12 -10.68 36.14
CA PRO K 218 -31.73 -9.36 35.98
C PRO K 218 -31.10 -8.29 36.86
N LYS K 219 -30.77 -8.64 38.10
CA LYS K 219 -30.15 -7.68 39.02
C LYS K 219 -28.65 -7.66 38.78
N ARG K 220 -28.16 -6.59 38.16
CA ARG K 220 -26.75 -6.47 37.80
C ARG K 220 -26.13 -5.31 38.56
N PHE K 221 -24.98 -5.56 39.17
CA PHE K 221 -24.25 -4.55 39.94
C PHE K 221 -22.96 -4.21 39.21
N LEU K 222 -22.76 -2.92 38.96
CA LEU K 222 -21.54 -2.43 38.32
C LEU K 222 -20.53 -2.06 39.40
N VAL K 223 -19.46 -2.84 39.51
CA VAL K 223 -18.34 -2.51 40.39
C VAL K 223 -17.28 -1.89 39.49
N SER K 224 -17.36 -0.57 39.32
CA SER K 224 -16.47 0.14 38.42
C SER K 224 -15.21 0.58 39.15
N LEU K 225 -14.34 1.28 38.41
CA LEU K 225 -13.10 1.77 39.01
C LEU K 225 -13.41 2.85 40.05
N PRO K 226 -12.74 2.83 41.19
CA PRO K 226 -13.09 3.74 42.28
C PRO K 226 -12.75 5.19 41.94
N GLY K 227 -13.56 6.10 42.48
CA GLY K 227 -13.29 7.52 42.41
C GLY K 227 -12.36 7.97 43.51
N SER K 228 -12.22 9.29 43.63
CA SER K 228 -11.30 9.85 44.62
C SER K 228 -11.77 9.55 46.04
N ASP K 229 -13.05 9.82 46.34
CA ASP K 229 -13.59 9.47 47.65
C ASP K 229 -13.63 7.95 47.84
N GLN K 230 -13.96 7.22 46.78
CA GLN K 230 -13.97 5.76 46.85
C GLN K 230 -12.56 5.21 47.13
N ARG K 231 -11.55 5.81 46.49
CA ARG K 231 -10.18 5.37 46.74
C ARG K 231 -9.72 5.76 48.14
N TYR K 232 -10.19 6.90 48.65
CA TYR K 232 -9.91 7.25 50.03
C TYR K 232 -10.50 6.22 50.98
N LYS K 233 -11.73 5.78 50.72
CA LYS K 233 -12.36 4.77 51.55
C LYS K 233 -11.64 3.43 51.45
N ILE K 234 -11.20 3.06 50.24
CA ILE K 234 -10.48 1.81 50.05
C ILE K 234 -9.14 1.85 50.78
N LEU K 235 -8.43 2.97 50.69
CA LEU K 235 -7.17 3.13 51.42
C LEU K 235 -7.39 3.10 52.93
N SER K 236 -8.49 3.69 53.40
CA SER K 236 -8.78 3.69 54.83
C SER K 236 -9.07 2.29 55.34
N VAL K 237 -9.85 1.51 54.58
CA VAL K 237 -10.16 0.17 55.05
C VAL K 237 -8.97 -0.78 54.83
N LEU K 238 -8.08 -0.46 53.90
CA LEU K 238 -6.87 -1.27 53.72
C LEU K 238 -5.83 -0.96 54.78
N LEU K 239 -5.72 0.31 55.18
CA LEU K 239 -4.74 0.72 56.19
C LEU K 239 -5.31 0.67 57.61
N LYS K 240 -6.44 0.00 57.80
CA LYS K 240 -6.97 -0.17 59.14
C LYS K 240 -6.05 -1.09 59.96
N ASP K 241 -6.16 -0.95 61.29
CA ASP K 241 -5.28 -1.57 62.30
C ASP K 241 -3.81 -1.54 61.91
N THR K 242 -3.38 -0.45 61.30
CA THR K 242 -1.99 -0.24 60.91
C THR K 242 -1.52 1.09 61.46
N LYS K 243 -0.29 1.12 61.96
CA LYS K 243 0.26 2.32 62.60
C LYS K 243 0.59 3.35 61.53
N LEU K 244 -0.11 4.48 61.55
CA LEU K 244 0.12 5.59 60.64
C LEU K 244 0.48 6.82 61.45
N ASP K 245 1.24 7.73 60.83
CA ASP K 245 1.61 8.97 61.49
C ASP K 245 0.38 9.86 61.67
N GLU K 246 0.31 10.52 62.83
CA GLU K 246 -0.86 11.33 63.14
C GLU K 246 -0.89 12.63 62.35
N ASP K 247 0.27 13.13 61.92
CA ASP K 247 0.36 14.40 61.22
C ASP K 247 1.00 14.29 59.85
N GLU K 248 2.05 13.48 59.69
CA GLU K 248 2.74 13.39 58.42
C GLU K 248 1.91 12.64 57.37
N PHE K 249 1.06 11.73 57.80
CA PHE K 249 0.25 10.95 56.87
C PHE K 249 -0.86 11.81 56.28
N ASP K 250 -1.04 11.71 54.96
CA ASP K 250 -2.07 12.47 54.23
C ASP K 250 -2.79 11.48 53.32
N LEU K 251 -3.90 10.92 53.80
CA LEU K 251 -4.64 9.93 53.03
C LEU K 251 -5.28 10.56 51.80
N GLN K 252 -5.72 11.81 51.90
CA GLN K 252 -6.35 12.48 50.78
C GLN K 252 -5.37 12.68 49.62
N LEU K 253 -4.11 13.01 49.94
CA LEU K 253 -3.11 13.18 48.89
C LEU K 253 -2.84 11.87 48.15
N ILE K 254 -2.74 10.76 48.89
CA ILE K 254 -2.51 9.46 48.26
C ILE K 254 -3.73 9.05 47.44
N ALA K 255 -4.93 9.37 47.93
CA ALA K 255 -6.14 9.07 47.16
C ALA K 255 -6.20 9.88 45.87
N ASP K 256 -5.77 11.14 45.92
CA ASP K 256 -5.80 11.98 44.72
C ASP K 256 -4.73 11.57 43.72
N ASN K 257 -3.53 11.20 44.20
CA ASN K 257 -2.44 10.86 43.29
C ASN K 257 -2.57 9.47 42.68
N THR K 258 -3.44 8.63 43.22
CA THR K 258 -3.65 7.28 42.67
C THR K 258 -4.74 7.27 41.61
N LYS K 259 -4.59 8.10 40.58
CA LYS K 259 -5.60 8.18 39.54
C LYS K 259 -5.62 6.91 38.70
N GLY K 260 -6.83 6.41 38.44
CA GLY K 260 -6.98 5.17 37.69
C GLY K 260 -6.46 3.95 38.40
N PHE K 261 -6.62 3.89 39.72
CA PHE K 261 -6.14 2.76 40.52
C PHE K 261 -7.33 1.90 40.97
N SER K 262 -7.23 0.60 40.72
CA SER K 262 -8.23 -0.33 41.22
C SER K 262 -7.94 -0.66 42.69
N GLY K 263 -8.81 -1.48 43.28
CA GLY K 263 -8.60 -1.89 44.66
C GLY K 263 -7.36 -2.76 44.84
N SER K 264 -7.11 -3.64 43.86
CA SER K 264 -5.92 -4.48 43.92
C SER K 264 -4.65 -3.64 43.77
N ASP K 265 -4.68 -2.63 42.90
CA ASP K 265 -3.54 -1.73 42.74
C ASP K 265 -3.28 -0.94 44.03
N LEU K 266 -4.35 -0.49 44.68
CA LEU K 266 -4.19 0.20 45.96
C LEU K 266 -3.67 -0.74 47.04
N LYS K 267 -4.11 -2.01 47.03
CA LYS K 267 -3.57 -3.00 47.96
C LYS K 267 -2.08 -3.20 47.75
N GLU K 268 -1.66 -3.31 46.48
CA GLU K 268 -0.24 -3.48 46.19
C GLU K 268 0.56 -2.26 46.58
N LEU K 269 0.01 -1.06 46.34
CA LEU K 269 0.70 0.17 46.75
C LEU K 269 0.84 0.26 48.27
N CYS K 270 -0.22 -0.11 49.00
CA CYS K 270 -0.15 -0.12 50.46
C CYS K 270 0.88 -1.13 50.95
N ARG K 271 0.92 -2.31 50.32
CA ARG K 271 1.89 -3.32 50.71
C ARG K 271 3.32 -2.84 50.45
N GLU K 272 3.57 -2.24 49.30
CA GLU K 272 4.90 -1.74 48.99
C GLU K 272 5.32 -0.63 49.93
N ALA K 273 4.39 0.28 50.26
CA ALA K 273 4.69 1.35 51.20
C ALA K 273 4.97 0.78 52.59
N ALA K 274 4.22 -0.24 53.01
CA ALA K 274 4.44 -0.85 54.31
C ALA K 274 5.80 -1.53 54.38
N LEU K 275 6.17 -2.25 53.32
CA LEU K 275 7.51 -2.85 53.25
C LEU K 275 8.60 -1.80 53.29
N ASP K 276 8.43 -0.71 52.52
CA ASP K 276 9.45 0.33 52.49
C ASP K 276 9.61 1.01 53.84
N ALA K 277 8.49 1.22 54.55
CA ALA K 277 8.57 1.88 55.86
C ALA K 277 9.08 0.94 56.95
N ALA K 278 8.79 -0.36 56.86
CA ALA K 278 9.19 -1.31 57.89
C ALA K 278 10.44 -2.10 57.51
N LYS K 279 11.14 -1.69 56.44
CA LYS K 279 12.38 -2.36 56.06
C LYS K 279 13.41 -2.33 57.18
N GLU K 280 13.51 -1.22 57.91
CA GLU K 280 14.49 -1.13 58.99
C GLU K 280 14.16 -2.12 60.12
N TYR K 281 12.89 -2.20 60.50
CA TYR K 281 12.48 -3.14 61.54
C TYR K 281 12.66 -4.58 61.09
N ILE K 282 12.40 -4.86 59.81
CA ILE K 282 12.54 -6.22 59.30
C ILE K 282 14.02 -6.62 59.24
N LYS K 283 14.89 -5.69 58.86
CA LYS K 283 16.33 -5.99 58.87
C LYS K 283 16.85 -6.14 60.29
N GLN K 284 16.30 -5.40 61.24
CA GLN K 284 16.66 -5.60 62.64
C GLN K 284 16.22 -6.98 63.13
N LYS K 285 15.01 -7.41 62.74
CA LYS K 285 14.53 -8.72 63.13
C LYS K 285 15.34 -9.84 62.48
N ARG K 286 15.77 -9.64 61.23
CA ARG K 286 16.58 -10.64 60.55
C ARG K 286 17.95 -10.80 61.19
N GLN K 287 18.51 -9.71 61.73
CA GLN K 287 19.79 -9.80 62.42
C GLN K 287 19.65 -10.58 63.73
N LEU K 288 18.48 -10.48 64.37
CA LEU K 288 18.20 -11.23 65.59
C LEU K 288 18.07 -12.73 65.30
N LEU K 302 14.15 -0.96 65.08
CA LEU K 302 13.87 -1.38 66.43
C LEU K 302 12.37 -1.49 66.69
N LYS K 303 11.65 -0.43 66.32
CA LYS K 303 10.20 -0.38 66.46
C LYS K 303 9.55 -0.27 65.08
N ILE K 304 8.23 -0.45 65.06
CA ILE K 304 7.48 -0.30 63.82
C ILE K 304 7.39 1.19 63.50
N ARG K 305 7.82 1.57 62.31
CA ARG K 305 7.76 2.96 61.88
C ARG K 305 6.36 3.28 61.39
N PRO K 306 5.70 4.31 61.93
CA PRO K 306 4.37 4.67 61.42
C PRO K 306 4.42 5.11 59.97
N LEU K 307 3.38 4.74 59.21
CA LEU K 307 3.36 5.03 57.78
C LEU K 307 3.16 6.53 57.55
N LYS K 308 3.90 7.05 56.58
CA LYS K 308 3.86 8.47 56.24
C LYS K 308 3.50 8.63 54.77
N THR K 309 3.22 9.88 54.40
CA THR K 309 2.90 10.21 53.01
C THR K 309 4.10 10.00 52.09
N LYS K 310 5.32 10.14 52.63
CA LYS K 310 6.53 9.99 51.82
C LYS K 310 6.65 8.58 51.26
N ASP K 311 6.32 7.57 52.08
CA ASP K 311 6.42 6.18 51.63
C ASP K 311 5.46 5.89 50.47
N PHE K 312 4.24 6.43 50.54
CA PHE K 312 3.27 6.18 49.48
C PHE K 312 3.61 6.99 48.23
N THR K 313 4.03 8.25 48.40
CA THR K 313 4.35 9.09 47.25
C THR K 313 5.65 8.68 46.58
N LYS K 314 6.51 7.93 47.28
CA LYS K 314 7.72 7.41 46.65
C LYS K 314 7.38 6.41 45.55
N LYS K 315 6.39 5.55 45.80
CA LYS K 315 5.95 4.58 44.81
C LYS K 315 4.99 5.16 43.78
N LEU K 316 4.58 6.41 43.94
CA LEU K 316 3.61 7.03 43.06
C LEU K 316 4.28 8.01 42.11
N ARG K 317 3.56 8.36 41.04
CA ARG K 317 4.04 9.35 40.09
C ARG K 317 3.97 10.76 40.64
N MET K 318 3.03 11.01 41.56
CA MET K 318 2.83 12.32 42.20
C MET K 318 2.58 13.43 41.17
N UNK L 1 -0.65 25.23 -13.22
CA UNK L 1 0.59 24.83 -13.87
C UNK L 1 0.71 23.32 -13.92
N UNK L 2 1.87 22.82 -14.34
CA UNK L 2 2.08 21.38 -14.45
C UNK L 2 2.07 20.69 -13.11
N UNK L 3 1.57 19.45 -13.07
CA UNK L 3 1.46 18.75 -11.78
C UNK L 3 1.94 17.31 -11.80
N UNK L 4 2.32 16.78 -10.65
CA UNK L 4 2.74 15.38 -10.53
C UNK L 4 2.14 14.83 -9.25
N UNK L 5 2.04 13.51 -9.12
CA UNK L 5 1.37 12.97 -7.94
C UNK L 5 2.00 11.77 -7.24
N UNK L 6 1.61 11.53 -5.99
CA UNK L 6 2.15 10.43 -5.20
C UNK L 6 0.99 9.67 -4.55
N UNK L 7 1.21 8.43 -4.11
CA UNK L 7 0.11 7.62 -3.55
C UNK L 7 0.36 6.86 -2.24
N UNK L 8 -0.71 6.44 -1.55
CA UNK L 8 -0.60 5.71 -0.27
C UNK L 8 -1.51 4.46 -0.24
N UNK L 9 -1.31 3.54 0.72
CA UNK L 9 -2.08 2.27 0.72
C UNK L 9 -2.79 1.79 2.01
N UNK L 10 -3.73 0.84 1.88
CA UNK L 10 -4.49 0.30 3.04
C UNK L 10 -4.53 -1.25 3.08
N UNK L 11 -4.89 -1.86 4.22
CA UNK L 11 -4.85 -3.34 4.34
C UNK L 11 -6.05 -4.13 4.96
N UNK L 12 -6.18 -5.43 4.66
CA UNK L 12 -7.29 -6.28 5.18
C UNK L 12 -6.85 -7.65 5.76
N UNK L 13 -7.69 -8.35 6.54
CA UNK L 13 -7.26 -9.60 7.22
C UNK L 13 -8.17 -10.88 7.22
N UNK L 14 -7.61 -12.06 7.53
CA UNK L 14 -8.37 -13.35 7.54
C UNK L 14 -8.17 -14.26 8.78
N UNK L 15 -8.99 -15.30 8.97
CA UNK L 15 -8.93 -16.14 10.20
C UNK L 15 -8.88 -17.69 10.07
N UNK L 16 -8.46 -18.41 11.13
CA UNK L 16 -8.36 -19.91 11.11
C UNK L 16 -8.90 -20.59 12.38
N UNK L 17 -9.11 -21.92 12.34
CA UNK L 17 -9.73 -22.63 13.49
C UNK L 17 -9.05 -23.92 14.00
N UNK L 18 -9.33 -24.32 15.25
CA UNK L 18 -8.77 -25.57 15.82
C UNK L 18 -9.82 -26.37 16.60
N UNK L 19 -9.62 -27.68 16.78
CA UNK L 19 -10.65 -28.51 17.44
C UNK L 19 -10.23 -29.37 18.64
N UNK L 20 -11.01 -29.35 19.71
CA UNK L 20 -10.75 -30.22 20.88
C UNK L 20 -11.27 -31.62 20.67
N UNK L 21 -10.91 -32.54 21.56
CA UNK L 21 -11.32 -33.93 21.39
C UNK L 21 -12.48 -34.38 22.26
N UNK L 22 -13.47 -35.00 21.64
CA UNK L 22 -14.61 -35.51 22.40
C UNK L 22 -14.14 -36.62 23.31
N UNK L 23 -14.70 -36.68 24.50
CA UNK L 23 -14.32 -37.73 25.43
C UNK L 23 -15.49 -38.63 25.74
N UNK L 24 -15.28 -39.95 25.68
CA UNK L 24 -16.35 -40.91 25.93
C UNK L 24 -17.72 -40.45 25.42
PG ATP M . 10.16 18.70 -41.87
O1G ATP M . 9.34 17.44 -41.72
O2G ATP M . 11.41 18.72 -41.02
O3G ATP M . 9.38 19.98 -41.82
PB ATP M . 11.27 17.26 -44.01
O1B ATP M . 12.27 17.63 -45.07
O2B ATP M . 11.73 16.38 -42.86
O3B ATP M . 10.69 18.63 -43.39
PA ATP M . 10.09 15.73 -46.05
O1A ATP M . 10.46 16.69 -47.14
O2A ATP M . 10.93 14.51 -45.80
O3A ATP M . 9.98 16.58 -44.68
O5' ATP M . 8.59 15.25 -46.35
C5' ATP M . 8.34 14.17 -47.26
C4' ATP M . 7.43 14.62 -48.39
O4' ATP M . 8.06 15.62 -49.21
C3' ATP M . 7.08 13.46 -49.29
O3' ATP M . 5.66 13.35 -49.42
C2' ATP M . 7.70 13.77 -50.63
O2' ATP M . 6.71 13.69 -51.65
C1' ATP M . 8.27 15.16 -50.55
N9 ATP M . 9.73 15.16 -50.78
C8 ATP M . 10.60 15.85 -50.02
N7 ATP M . 11.88 15.68 -50.42
C5 ATP M . 11.85 14.84 -51.47
C6 ATP M . 12.86 14.25 -52.36
N6 ATP M . 14.17 14.55 -52.16
N1 ATP M . 12.44 13.42 -53.34
C2 ATP M . 11.15 13.15 -53.51
N3 ATP M . 10.16 13.65 -52.74
C4 ATP M . 10.43 14.50 -51.72
MG MG N . 9.27 15.79 -41.16
PG ATP O . 28.93 16.09 -21.54
O1G ATP O . 28.91 16.41 -20.07
O2G ATP O . 28.03 16.98 -22.35
O3G ATP O . 28.80 14.62 -21.85
PB ATP O . 31.75 15.76 -21.52
O1B ATP O . 32.77 16.84 -21.30
O2B ATP O . 31.39 14.85 -20.38
O3B ATP O . 30.40 16.47 -22.05
PA ATP O . 32.54 13.30 -22.70
O1A ATP O . 31.23 12.56 -22.72
O2A ATP O . 33.54 13.04 -21.61
O3A ATP O . 32.23 14.89 -22.79
O5' ATP O . 33.28 13.01 -24.10
C5' ATP O . 32.65 12.18 -25.09
C4' ATP O . 33.68 11.64 -26.09
O4' ATP O . 34.57 12.68 -26.50
C3' ATP O . 34.51 10.53 -25.48
O3' ATP O . 34.13 9.27 -26.03
C2' ATP O . 35.94 10.85 -25.87
O2' ATP O . 36.45 9.87 -26.78
C1' ATP O . 35.92 12.22 -26.52
N9 ATP O . 36.73 13.11 -25.67
C8 ATP O . 36.23 14.13 -24.95
N7 ATP O . 37.20 14.77 -24.26
C5 ATP O . 38.36 14.15 -24.53
C6 ATP O . 39.77 14.33 -24.12
N6 ATP O . 40.11 15.32 -23.27
N1 ATP O . 40.68 13.47 -24.63
C2 ATP O . 40.33 12.49 -25.48
N3 ATP O . 39.07 12.28 -25.90
C4 ATP O . 38.06 13.06 -25.47
MG MG P . 28.83 13.55 -19.98
PG ATP Q . 24.01 24.61 5.13
O1G ATP Q . 22.72 25.00 5.78
O2G ATP Q . 23.98 24.71 3.64
O3G ATP Q . 24.59 23.32 5.67
PB ATP Q . 25.65 25.89 7.06
O1B ATP Q . 25.69 27.37 7.35
O2B ATP Q . 24.85 25.04 7.97
O3B ATP Q . 25.09 25.73 5.56
PA ATP Q . 27.83 24.20 7.83
O1A ATP Q . 27.39 22.87 7.26
O2A ATP Q . 27.64 24.49 9.29
O3A ATP Q . 27.16 25.37 6.95
O5' ATP Q . 29.39 24.35 7.53
C5' ATP Q . 30.04 23.44 6.64
C4' ATP Q . 31.55 23.56 6.78
O4' ATP Q . 31.91 24.93 6.89
C3' ATP Q . 32.07 22.85 8.01
O3' ATP Q . 32.73 21.65 7.65
C2' ATP Q . 33.04 23.82 8.65
O2' ATP Q . 34.38 23.31 8.57
C1' ATP Q . 32.93 25.12 7.88
N9 ATP Q . 32.49 26.19 8.79
C8 ATP Q . 31.30 26.81 8.69
N7 ATP Q . 31.16 27.76 9.64
C5 ATP Q . 32.27 27.75 10.38
C6 ATP Q . 32.75 28.50 11.55
N6 ATP Q . 31.98 29.45 12.12
N1 ATP Q . 33.97 28.20 12.04
C2 ATP Q . 34.74 27.25 11.47
N3 ATP Q . 34.36 26.52 10.40
C4 ATP Q . 33.15 26.73 9.82
MG MG R . 23.74 22.41 6.84
PG ATP S . -1.83 29.23 15.39
O1G ATP S . -0.56 29.33 14.61
O2G ATP S . -1.91 28.06 16.35
O3G ATP S . -3.04 29.40 14.53
PB ATP S . -3.07 31.07 17.14
O1B ATP S . -3.67 32.19 16.37
O2B ATP S . -3.92 29.91 17.53
O3B ATP S . -1.78 30.51 16.34
PA ATP S . -2.07 30.91 19.77
O1A ATP S . -1.43 29.61 19.36
O2A ATP S . -3.30 30.91 20.64
O3A ATP S . -2.41 31.74 18.45
O5' ATP S . -0.96 31.83 20.49
C5' ATP S . 0.25 31.26 20.97
C4' ATP S . 0.86 32.14 22.05
O4' ATP S . 0.76 33.52 21.69
C3' ATP S . 0.13 31.98 23.37
O3' ATP S . 0.85 31.12 24.25
C2' ATP S . 0.04 33.38 23.95
O2' ATP S . 1.01 33.56 24.99
C1' ATP S . 0.34 34.33 22.80
N9 ATP S . -0.93 34.99 22.44
C8 ATP S . -1.54 34.87 21.25
N7 ATP S . -2.69 35.59 21.21
C5 ATP S . -2.82 36.19 22.40
C6 ATP S . -3.83 37.08 23.02
N6 ATP S . -4.91 37.47 22.32
N1 ATP S . -3.61 37.49 24.29
C2 ATP S . -2.52 37.09 24.98
N3 ATP S . -1.57 36.28 24.48
C4 ATP S . -1.67 35.80 23.22
MG MG T . -2.91 27.02 17.24
PG ATP U . -25.23 18.78 2.92
O1G ATP U . -24.02 19.58 3.31
O2G ATP U . -25.75 17.83 3.98
O3G ATP U . -25.13 18.15 1.56
PB ATP U . -27.94 19.48 2.86
O1B ATP U . -28.09 18.03 2.50
O2B ATP U . -28.70 20.47 2.02
O3B ATP U . -26.39 19.88 2.79
PA ATP U . -29.65 20.44 4.91
O1A ATP U . -30.82 19.55 4.62
O2A ATP U . -29.61 21.84 4.37
O3A ATP U . -28.31 19.69 4.42
O5' ATP U . -29.53 20.57 6.50
C5' ATP U . -28.82 21.68 7.06
C4' ATP U . -29.72 22.73 7.70
O4' ATP U . -30.20 23.68 6.74
C3' ATP U . -30.96 22.14 8.36
O3' ATP U . -30.77 22.04 9.77
C2' ATP U . -32.08 23.10 8.05
O2' ATP U . -32.52 23.76 9.24
C1' ATP U . -31.51 24.12 7.08
N9 ATP U . -32.35 24.13 5.85
C8 ATP U . -31.91 23.75 4.64
N7 ATP U . -32.89 23.85 3.70
C5 ATP U . -33.98 24.30 4.33
C6 ATP U . -35.36 24.62 3.92
N6 ATP U . -35.73 24.46 2.63
N1 ATP U . -36.21 25.07 4.87
C2 ATP U . -35.82 25.21 6.15
N3 ATP U . -34.59 24.95 6.58
C4 ATP U . -33.63 24.50 5.75
MG MG V . -26.70 16.19 4.54
PG ATP W . -25.10 -2.60 -15.77
O1G ATP W . -24.03 -3.62 -16.06
O2G ATP W . -24.55 -1.32 -15.20
O3G ATP W . -26.29 -3.14 -15.03
PB ATP W . -26.55 -3.14 -18.15
O1B ATP W . -26.43 -4.53 -17.62
O2B ATP W . -26.14 -2.86 -19.56
O3B ATP W . -25.69 -2.16 -17.20
PA ATP W . -29.31 -3.53 -17.60
O1A ATP W . -29.29 -3.77 -16.12
O2A ATP W . -29.37 -4.70 -18.54
O3A ATP W . -28.06 -2.59 -17.97
O5' ATP W . -30.58 -2.60 -17.93
C5' ATP W . -31.44 -2.23 -16.87
C4' ATP W . -32.76 -1.68 -17.39
O4' ATP W . -32.56 -0.99 -18.62
C3' ATP W . -33.78 -2.77 -17.64
O3' ATP W . -34.74 -2.82 -16.58
C2' ATP W . -34.44 -2.40 -18.94
O2' ATP W . -35.77 -1.93 -18.70
C1' ATP W . -33.62 -1.29 -19.55
N9 ATP W . -32.99 -1.78 -20.79
C8 ATP W . -31.66 -1.85 -20.98
N7 ATP W . -31.37 -2.34 -22.21
C5 ATP W . -32.54 -2.59 -22.83
C6 ATP W . -32.93 -3.12 -24.14
N6 ATP W . -31.98 -3.47 -25.04
N1 ATP W . -34.24 -3.23 -24.41
C2 ATP W . -35.18 -2.87 -23.50
N3 ATP W . -34.89 -2.38 -22.29
C4 ATP W . -33.60 -2.21 -21.89
MG MG X . -25.95 -5.63 -14.62
PG ATP Y . -3.16 -20.51 -18.82
O1G ATP Y . -1.94 -20.73 -17.95
O2G ATP Y . -3.77 -19.15 -18.66
O3G ATP Y . -4.15 -21.65 -18.79
PB ATP Y . -2.08 -21.82 -21.08
O1B ATP Y . -0.87 -21.43 -21.88
O2B ATP Y . -1.91 -22.91 -20.08
O3B ATP Y . -2.60 -20.50 -20.32
PA ATP Y . -3.87 -23.62 -22.35
O1A ATP Y . -4.91 -23.88 -21.30
O2A ATP Y . -2.75 -24.61 -22.55
O3A ATP Y . -3.27 -22.15 -22.11
O5' ATP Y . -4.63 -23.48 -23.75
C5' ATP Y . -6.06 -23.56 -23.78
C4' ATP Y . -6.56 -23.87 -25.18
O4' ATP Y . -5.77 -23.20 -26.15
C3' ATP Y . -6.49 -25.35 -25.49
O3' ATP Y . -7.78 -25.95 -25.42
C2' ATP Y . -5.94 -25.45 -26.89
O2' ATP Y . -6.96 -25.87 -27.80
C1' ATP Y . -5.46 -24.05 -27.26
N9 ATP Y . -4.00 -24.09 -27.44
C8 ATP Y . -3.12 -23.42 -26.67
N7 ATP Y . -1.85 -23.64 -27.07
C5 ATP Y . -1.90 -24.49 -28.10
C6 ATP Y . -0.90 -25.14 -28.97
N6 ATP Y . 0.41 -24.90 -28.81
N1 ATP Y . -1.36 -25.96 -29.94
C2 ATP Y . -2.67 -26.19 -30.12
N3 ATP Y . -3.64 -25.63 -29.36
C4 ATP Y . -3.32 -24.78 -28.35
MG MG Z . -4.09 -23.42 -17.37
PG ATP AA . 17.18 -23.66 0.70
O1G ATP AA . 16.25 -23.09 -0.33
O2G ATP AA . 17.54 -22.65 1.74
O3G ATP AA . 16.81 -25.02 1.23
PB ATP AA . 19.95 -24.20 0.59
O1B ATP AA . 20.68 -22.89 0.73
O2B ATP AA . 19.70 -25.02 1.81
O3B ATP AA . 18.54 -23.93 -0.13
PA ATP AA . 20.65 -26.65 -0.64
O1A ATP AA . 19.20 -27.06 -0.55
O2A ATP AA . 21.66 -27.26 0.29
O3A ATP AA . 20.74 -25.06 -0.50
O5' ATP AA . 21.16 -26.91 -2.14
C5' ATP AA . 20.35 -27.57 -3.11
C4' ATP AA . 21.24 -28.22 -4.16
O4' ATP AA . 22.28 -27.33 -4.54
C3' ATP AA . 21.91 -29.48 -3.62
O3' ATP AA . 21.34 -30.64 -4.23
C2' ATP AA . 23.37 -29.37 -4.01
O2' ATP AA . 23.71 -30.35 -4.98
C1' ATP AA . 23.55 -27.97 -4.59
N9 ATP AA . 24.50 -27.23 -3.74
C8 ATP AA . 24.15 -26.18 -2.97
N7 ATP AA . 25.22 -25.70 -2.29
C5 ATP AA . 26.28 -26.45 -2.62
C6 ATP AA . 27.70 -26.47 -2.26
N6 ATP AA . 28.20 -25.56 -1.39
N1 ATP AA . 28.49 -27.42 -2.82
C2 ATP AA . 27.99 -28.31 -3.70
N3 ATP AA . 26.71 -28.35 -4.07
C4 ATP AA . 25.81 -27.46 -3.58
MG MG BA . 16.96 -26.37 2.29
PG ATP CA . 13.94 -15.42 27.80
O1G ATP CA . 12.70 -15.01 28.54
O2G ATP CA . 13.86 -15.23 26.31
O3G ATP CA . 14.50 -16.77 28.21
PB ATP CA . 15.75 -14.38 29.70
O1B ATP CA . 15.97 -12.95 30.08
O2B ATP CA . 14.92 -15.24 30.61
O3B ATP CA . 15.08 -14.37 28.24
PA ATP CA . 17.90 -16.15 30.38
O1A ATP CA . 17.44 -17.52 29.96
O2A ATP CA . 17.77 -15.72 31.82
O3A ATP CA . 17.19 -15.07 29.42
O5' ATP CA . 19.45 -16.02 29.98
C5' ATP CA . 20.05 -17.00 29.14
C4' ATP CA . 21.56 -17.07 29.36
O4' ATP CA . 22.11 -15.75 29.38
C3' ATP CA . 21.93 -17.72 30.67
O3' ATP CA . 22.41 -19.05 30.46
C2' ATP CA . 23.02 -16.86 31.27
O2' ATP CA . 24.27 -17.54 31.22
C1' ATP CA . 23.07 -15.60 30.42
N9 ATP CA . 22.66 -14.46 31.27
C8 ATP CA . 21.51 -13.78 31.11
N7 ATP CA . 21.39 -12.80 32.03
C5 ATP CA . 22.48 -12.85 32.81
C6 ATP CA . 22.97 -12.10 33.98
N6 ATP CA . 22.24 -11.07 34.48
N1 ATP CA . 24.16 -12.46 34.51
C2 ATP CA . 24.87 -13.48 34.00
N3 ATP CA . 24.48 -14.21 32.95
C4 ATP CA . 23.32 -13.95 32.31
MG MG DA . 13.88 -17.91 29.74
PG ATP EA . -11.38 -10.14 39.39
O1G ATP EA . -12.73 -10.50 38.80
O2G ATP EA . -10.29 -10.00 38.36
O3G ATP EA . -10.98 -10.96 40.60
PB ATP EA . -12.23 -8.31 41.38
O1B ATP EA . -12.83 -6.94 41.27
O2B ATP EA . -13.15 -9.44 41.74
O3B ATP EA . -11.55 -8.65 39.96
PA ATP EA . -10.98 -8.65 43.92
O1A ATP EA . -10.39 -10.02 44.04
O2A ATP EA . -12.33 -8.36 44.50
O3A ATP EA . -10.96 -8.24 42.35
O5' ATP EA . -9.93 -7.62 44.57
C5' ATP EA . -8.57 -8.02 44.73
C4' ATP EA . -7.94 -7.32 45.92
O4' ATP EA . -8.16 -5.90 45.83
C3' ATP EA . -8.54 -7.76 47.23
O3' ATP EA . -7.67 -8.69 47.90
C2' ATP EA . -8.70 -6.50 48.05
O2' ATP EA . -7.73 -6.45 49.10
C1' ATP EA . -8.50 -5.35 47.10
N9 ATP EA . -9.77 -4.62 46.96
C8 ATP EA . -10.52 -4.58 45.84
N7 ATP EA . -11.62 -3.84 46.01
C5 ATP EA . -11.60 -3.38 47.27
C6 ATP EA . -12.50 -2.54 48.08
N6 ATP EA . -13.63 -2.03 47.56
N1 ATP EA . -12.12 -2.28 49.36
C2 ATP EA . -10.99 -2.79 49.87
N3 ATP EA . -10.13 -3.56 49.19
C4 ATP EA . -10.39 -3.89 47.90
MG MG FA . -12.40 -11.92 41.30
#